data_7UFT
#
_entry.id   7UFT
#
_cell.length_a   1.00
_cell.length_b   1.00
_cell.length_c   1.00
_cell.angle_alpha   90.00
_cell.angle_beta   90.00
_cell.angle_gamma   90.00
#
_symmetry.space_group_name_H-M   'P 1'
#
loop_
_entity.id
_entity.type
_entity.pdbx_description
1 polymer Alpha-mannosidase
2 non-polymer 'ZINC ION'
#
_entity_poly.entity_id   1
_entity_poly.type   'polypeptide(L)'
_entity_poly.pdbx_seq_one_letter_code
;MGSSHHHHHHSSGLVPRGSHMASMLLKVNREIDRCKRVMRERVWPHIHQVLAQCTVGAVKNPGEPEMPAAFITRAVSGQV
IFQPLAVGEPWGTSWGTTWIRVEGQLPETLPEGRAIELVFNLGWLEWPVGGHIEAMAYRADGTVIKALHPRNHWMPLVSA
DGVKDRVVNPDGSFVVYVEGAYNPNVPSFTVTELGTKPTGKADERYEFSSIDIAALDQDMFDYWADLDVVTGSLENMNDA
DPRYWKLAKAMQRSINLWDEKDYNTLALARKALDKVMHNPANASAMTLTAMGHSHIDSAWLWPVRETERKVGRTVSNALA
LMDIDPDFTYVMSAAQHFAWLEERHPDLFERVKARIAEGRFIPVGGMWVESDGTMPCGESLIRQISYGKRYFKEKLGVVP
NGIWLPDSFGYTGAWPQIAKRSGYSWFLTQKLCWNDTTRLPHHSFMWEGVDGSQIFTHFPPADKYDSDMSANDMAYVQSN
YKDKDLSDRGILLFGYGDGGGGPIREMTMREHRFESFEGMPKVEYGTPDDFFSKAETEMKAEAGSEMPRWKGEFYFELHR
KTLTSQQEMKRGCRKEESMLRTVEYLGVVASLESADYVYPTERIDRIWKTLLLSQFHDILPGSAIEWAHRVAREEYARDL
KALSDIARDAIAAIAVANPDVARIAKARISQFADVDPWRPASLVSCGEPVEVNRREDGSATLDNGLLCVHVAADGTVDSM
IDLKSGREMVAKDHVMGRYEILKDEPGVFDAWDVERDAFLCATALADGHIVSIETTADGSAVIVTKNSYRDDEISTTITL
RPGKSQLDFHADVEWNVPEKLLKVDIPMALSASRAQYECQYGLIERPIVKNTEGEEAMFESCSHRFVRIHDSSYGIGVAN
GSTYGSDVSSLRDRDDALAGTMVRMSLVAAPTAPDPRTDIGHHEFDWTVLPCASVAPLVAAAGEINAPTIENMPDIAAPI
TLEPIEGTPVIDWIKLADDGSGDIVARLYEAAGAKAKAMLHVGGTLDGWTVRETNTLEQDESYPDEPAGLIGGKQQAEGA
ELALNPFQLTTLRLSRA
;
_entity_poly.pdbx_strand_id   A,B,C,D
#
loop_
_chem_comp.id
_chem_comp.type
_chem_comp.name
_chem_comp.formula
ZN non-polymer 'ZINC ION' 'Zn 2'
#
# COMPACT_ATOMS: atom_id res chain seq x y z
N LEU A 26 -12.17 12.22 -0.15
CA LEU A 26 -11.73 13.45 -0.79
C LEU A 26 -12.85 14.06 -1.62
N LYS A 27 -12.74 15.36 -1.89
CA LYS A 27 -13.82 16.07 -2.57
C LYS A 27 -14.02 15.55 -4.00
N VAL A 28 -12.94 15.19 -4.66
CA VAL A 28 -13.04 14.80 -6.06
C VAL A 28 -13.80 13.48 -6.21
N ASN A 29 -13.47 12.49 -5.38
CA ASN A 29 -14.16 11.20 -5.47
C ASN A 29 -15.66 11.36 -5.26
N ARG A 30 -16.06 12.28 -4.37
CA ARG A 30 -17.48 12.55 -4.19
C ARG A 30 -18.03 13.39 -5.34
N GLU A 31 -17.15 14.09 -6.06
CA GLU A 31 -17.61 14.79 -7.26
C GLU A 31 -17.74 13.86 -8.45
N ILE A 32 -17.10 12.70 -8.41
CA ILE A 32 -17.29 11.73 -9.49
C ILE A 32 -18.67 11.12 -9.43
N ASP A 33 -19.15 10.83 -8.21
CA ASP A 33 -20.48 10.26 -8.07
C ASP A 33 -21.55 11.21 -8.56
N ARG A 34 -21.42 12.49 -8.26
CA ARG A 34 -22.37 13.47 -8.76
C ARG A 34 -22.38 13.51 -10.28
N CYS A 35 -21.20 13.41 -10.90
CA CYS A 35 -21.14 13.45 -12.35
C CYS A 35 -21.75 12.21 -12.96
N LYS A 36 -21.50 11.05 -12.36
CA LYS A 36 -22.09 9.82 -12.89
C LYS A 36 -23.60 9.84 -12.76
N ARG A 37 -24.11 10.34 -11.64
CA ARG A 37 -25.57 10.39 -11.51
C ARG A 37 -26.16 11.43 -12.45
N VAL A 38 -25.44 12.52 -12.72
CA VAL A 38 -25.89 13.48 -13.72
C VAL A 38 -25.99 12.82 -15.08
N MET A 39 -24.95 12.07 -15.46
CA MET A 39 -25.02 11.30 -16.70
C MET A 39 -26.23 10.39 -16.72
N ARG A 40 -26.47 9.67 -15.64
CA ARG A 40 -27.49 8.63 -15.65
C ARG A 40 -28.91 9.18 -15.63
N GLU A 41 -29.15 10.34 -15.01
CA GLU A 41 -30.51 10.82 -14.85
C GLU A 41 -30.80 12.15 -15.54
N ARG A 42 -29.85 13.07 -15.56
CA ARG A 42 -30.13 14.38 -16.13
C ARG A 42 -29.70 14.52 -17.57
N VAL A 43 -28.96 13.55 -18.12
CA VAL A 43 -28.44 13.68 -19.47
C VAL A 43 -28.94 12.53 -20.33
N TRP A 44 -28.88 11.32 -19.80
CA TRP A 44 -29.23 10.15 -20.60
C TRP A 44 -30.68 10.13 -21.05
N PRO A 45 -31.68 10.36 -20.19
CA PRO A 45 -33.06 10.29 -20.69
C PRO A 45 -33.37 11.30 -21.77
N HIS A 46 -32.75 12.46 -21.76
CA HIS A 46 -33.03 13.47 -22.78
C HIS A 46 -32.20 13.24 -24.04
N ILE A 47 -32.23 12.02 -24.56
CA ILE A 47 -31.54 11.71 -25.81
C ILE A 47 -32.57 11.24 -26.82
N HIS A 48 -33.40 10.30 -26.41
CA HIS A 48 -34.49 9.79 -27.23
C HIS A 48 -35.77 10.49 -26.80
N GLN A 49 -36.21 11.46 -27.60
CA GLN A 49 -37.43 12.19 -27.35
C GLN A 49 -38.60 11.42 -27.94
N VAL A 50 -39.48 10.89 -27.09
CA VAL A 50 -40.56 10.03 -27.55
C VAL A 50 -41.61 10.87 -28.27
N LEU A 51 -42.03 10.40 -29.45
CA LEU A 51 -42.99 11.11 -30.28
C LEU A 51 -44.37 10.44 -30.25
N ALA A 52 -44.44 9.15 -30.57
CA ALA A 52 -45.70 8.43 -30.60
C ALA A 52 -45.42 6.96 -30.41
N GLN A 53 -46.44 6.23 -29.95
CA GLN A 53 -46.31 4.80 -29.74
C GLN A 53 -47.13 4.02 -30.77
N CYS A 54 -46.76 2.76 -30.95
CA CYS A 54 -47.24 1.95 -32.07
C CYS A 54 -48.16 0.85 -31.58
N THR A 55 -49.15 0.53 -32.39
CA THR A 55 -49.99 -0.63 -32.13
C THR A 55 -49.22 -1.91 -32.41
N VAL A 56 -49.52 -2.96 -31.66
CA VAL A 56 -48.75 -4.20 -31.70
C VAL A 56 -49.70 -5.38 -31.65
N GLY A 57 -49.37 -6.43 -32.39
CA GLY A 57 -50.05 -7.71 -32.29
C GLY A 57 -49.05 -8.84 -32.49
N ALA A 58 -49.21 -9.94 -31.77
CA ALA A 58 -48.19 -10.98 -31.75
C ALA A 58 -48.82 -12.37 -31.86
N VAL A 59 -48.01 -13.30 -32.36
CA VAL A 59 -48.35 -14.72 -32.40
C VAL A 59 -47.20 -15.50 -31.79
N LYS A 60 -47.53 -16.41 -30.87
CA LYS A 60 -46.56 -17.13 -30.09
C LYS A 60 -46.39 -18.56 -30.60
N ASN A 61 -45.20 -19.12 -30.40
CA ASN A 61 -44.95 -20.48 -30.82
C ASN A 61 -43.88 -21.12 -29.94
N PRO A 62 -44.25 -22.09 -29.11
CA PRO A 62 -43.27 -22.72 -28.23
C PRO A 62 -42.53 -23.89 -28.86
N GLY A 63 -42.84 -24.25 -30.09
CA GLY A 63 -42.19 -25.36 -30.74
C GLY A 63 -40.84 -24.98 -31.32
N GLU A 64 -40.39 -25.80 -32.25
CA GLU A 64 -39.16 -25.50 -32.94
C GLU A 64 -39.41 -24.45 -34.02
N PRO A 65 -38.51 -23.49 -34.21
CA PRO A 65 -38.80 -22.39 -35.13
C PRO A 65 -38.67 -22.81 -36.58
N GLU A 66 -39.34 -22.07 -37.45
CA GLU A 66 -39.25 -22.29 -38.88
C GLU A 66 -38.46 -21.16 -39.52
N MET A 67 -38.13 -21.33 -40.79
CA MET A 67 -37.33 -20.34 -41.50
C MET A 67 -38.12 -19.05 -41.65
N PRO A 68 -37.52 -17.89 -41.41
CA PRO A 68 -38.27 -16.63 -41.50
C PRO A 68 -38.89 -16.39 -42.86
N ALA A 69 -38.16 -16.67 -43.94
CA ALA A 69 -38.67 -16.37 -45.27
C ALA A 69 -39.98 -17.11 -45.53
N ALA A 70 -40.09 -18.35 -45.05
CA ALA A 70 -41.31 -19.11 -45.25
C ALA A 70 -42.45 -18.63 -44.37
N PHE A 71 -42.16 -17.88 -43.31
CA PHE A 71 -43.21 -17.32 -42.46
C PHE A 71 -43.71 -15.98 -42.96
N ILE A 72 -42.81 -15.11 -43.40
CA ILE A 72 -43.24 -13.78 -43.84
C ILE A 72 -44.23 -13.89 -44.99
N THR A 73 -43.84 -14.54 -46.09
CA THR A 73 -44.75 -14.69 -47.22
C THR A 73 -46.05 -15.36 -46.82
N ARG A 74 -46.01 -16.21 -45.79
CA ARG A 74 -47.23 -16.78 -45.25
C ARG A 74 -47.93 -15.84 -44.29
N ALA A 75 -47.26 -14.78 -43.84
CA ALA A 75 -47.82 -13.82 -42.90
C ALA A 75 -48.25 -12.54 -43.59
N VAL A 76 -48.06 -12.46 -44.90
CA VAL A 76 -48.47 -11.30 -45.68
C VAL A 76 -49.82 -11.52 -46.33
N SER A 77 -50.16 -12.77 -46.66
CA SER A 77 -51.41 -12.98 -47.41
C SER A 77 -52.63 -12.96 -46.49
N GLY A 78 -52.83 -14.01 -45.71
CA GLY A 78 -53.85 -13.93 -44.68
C GLY A 78 -53.67 -14.83 -43.47
N GLN A 79 -52.67 -15.68 -43.50
CA GLN A 79 -52.72 -16.93 -42.75
C GLN A 79 -52.24 -16.80 -41.31
N VAL A 80 -52.23 -15.59 -40.76
CA VAL A 80 -51.90 -15.36 -39.36
C VAL A 80 -52.87 -14.34 -38.81
N ILE A 81 -53.14 -14.43 -37.51
CA ILE A 81 -54.22 -13.63 -36.93
C ILE A 81 -53.68 -12.47 -36.10
N PHE A 82 -52.57 -12.67 -35.38
CA PHE A 82 -51.89 -11.61 -34.64
C PHE A 82 -52.79 -11.01 -33.56
N GLN A 83 -53.19 -11.85 -32.60
CA GLN A 83 -54.00 -11.37 -31.50
C GLN A 83 -53.17 -10.41 -30.64
N PRO A 84 -53.71 -9.23 -30.29
CA PRO A 84 -52.90 -8.19 -29.63
C PRO A 84 -52.22 -8.68 -28.36
N LEU A 85 -51.16 -7.97 -28.00
CA LEU A 85 -50.36 -8.29 -26.82
C LEU A 85 -50.99 -7.71 -25.56
N ALA A 86 -50.43 -8.10 -24.42
CA ALA A 86 -50.87 -7.60 -23.13
C ALA A 86 -49.72 -6.85 -22.48
N VAL A 87 -49.95 -5.61 -22.11
CA VAL A 87 -48.91 -4.77 -21.51
C VAL A 87 -48.64 -5.24 -20.10
N GLY A 88 -47.42 -5.72 -19.85
CA GLY A 88 -47.03 -6.16 -18.54
C GLY A 88 -47.09 -7.66 -18.31
N GLU A 89 -46.98 -8.46 -19.35
CA GLU A 89 -46.95 -9.91 -19.22
C GLU A 89 -45.86 -10.49 -20.11
N PRO A 90 -45.34 -11.65 -19.76
CA PRO A 90 -44.31 -12.27 -20.60
C PRO A 90 -44.84 -12.57 -21.99
N TRP A 91 -44.08 -12.15 -22.99
CA TRP A 91 -44.49 -12.26 -24.39
C TRP A 91 -44.00 -13.54 -25.04
N GLY A 92 -43.75 -14.59 -24.26
CA GLY A 92 -43.35 -15.85 -24.86
C GLY A 92 -43.17 -16.91 -23.80
N THR A 93 -42.71 -18.06 -24.26
CA THR A 93 -42.31 -19.16 -23.39
C THR A 93 -40.85 -19.50 -23.64
N SER A 94 -40.29 -20.30 -22.74
CA SER A 94 -38.86 -20.59 -22.80
C SER A 94 -38.51 -21.36 -24.07
N TRP A 95 -37.44 -20.93 -24.72
CA TRP A 95 -36.97 -21.54 -25.97
C TRP A 95 -38.06 -21.50 -27.04
N GLY A 96 -38.83 -20.41 -27.06
CA GLY A 96 -39.89 -20.23 -28.03
C GLY A 96 -39.65 -19.00 -28.88
N THR A 97 -40.50 -18.82 -29.88
CA THR A 97 -40.40 -17.71 -30.80
C THR A 97 -41.73 -16.99 -30.89
N THR A 98 -41.69 -15.66 -30.80
CA THR A 98 -42.89 -14.83 -30.92
C THR A 98 -42.69 -13.87 -32.07
N TRP A 99 -43.64 -13.83 -32.99
CA TRP A 99 -43.59 -12.91 -34.11
C TRP A 99 -44.52 -11.75 -33.82
N ILE A 100 -44.03 -10.54 -34.03
CA ILE A 100 -44.74 -9.32 -33.66
C ILE A 100 -44.86 -8.43 -34.88
N ARG A 101 -46.08 -8.00 -35.19
CA ARG A 101 -46.31 -7.07 -36.27
C ARG A 101 -46.53 -5.69 -35.68
N VAL A 102 -45.62 -4.77 -36.00
CA VAL A 102 -45.65 -3.41 -35.49
C VAL A 102 -46.10 -2.48 -36.61
N GLU A 103 -47.03 -1.59 -36.30
CA GLU A 103 -47.49 -0.58 -37.24
C GLU A 103 -47.50 0.78 -36.56
N GLY A 104 -46.83 1.74 -37.18
CA GLY A 104 -46.80 3.10 -36.66
C GLY A 104 -47.38 4.09 -37.63
N GLN A 105 -47.25 5.37 -37.34
CA GLN A 105 -47.81 6.41 -38.19
C GLN A 105 -46.81 7.45 -38.67
N LEU A 106 -45.71 7.65 -37.95
CA LEU A 106 -44.70 8.65 -38.31
C LEU A 106 -45.36 10.01 -38.50
N PRO A 107 -45.80 10.66 -37.43
CA PRO A 107 -46.58 11.89 -37.58
C PRO A 107 -45.73 13.02 -38.14
N GLU A 108 -46.43 14.09 -38.52
CA GLU A 108 -45.77 15.29 -39.00
C GLU A 108 -45.22 16.07 -37.81
N THR A 109 -44.75 17.28 -38.07
CA THR A 109 -44.11 18.11 -37.04
C THR A 109 -42.98 17.34 -36.35
N LEU A 110 -42.21 16.60 -37.12
CA LEU A 110 -41.03 15.94 -36.59
C LEU A 110 -39.88 16.94 -36.48
N PRO A 111 -39.06 16.85 -35.43
CA PRO A 111 -37.98 17.81 -35.25
C PRO A 111 -37.06 17.85 -36.46
N GLU A 112 -36.49 19.03 -36.69
CA GLU A 112 -35.71 19.27 -37.89
C GLU A 112 -34.29 18.75 -37.73
N GLY A 113 -33.75 18.18 -38.81
CA GLY A 113 -32.40 17.68 -38.80
C GLY A 113 -32.10 16.62 -37.76
N ARG A 114 -33.12 15.93 -37.26
CA ARG A 114 -32.95 14.90 -36.26
C ARG A 114 -33.39 13.56 -36.81
N ALA A 115 -32.74 12.49 -36.38
CA ALA A 115 -33.08 11.16 -36.85
C ALA A 115 -34.27 10.60 -36.09
N ILE A 116 -35.02 9.72 -36.75
CA ILE A 116 -36.20 9.09 -36.18
C ILE A 116 -35.95 7.59 -36.15
N GLU A 117 -36.21 6.96 -35.01
CA GLU A 117 -35.93 5.54 -34.88
C GLU A 117 -36.91 4.90 -33.90
N LEU A 118 -37.20 3.63 -34.14
CA LEU A 118 -38.02 2.87 -33.23
C LEU A 118 -37.19 2.44 -32.03
N VAL A 119 -37.86 2.27 -30.89
CA VAL A 119 -37.23 1.85 -29.65
C VAL A 119 -38.03 0.68 -29.09
N PHE A 120 -37.35 -0.45 -28.90
CA PHE A 120 -37.93 -1.71 -28.46
C PHE A 120 -37.44 -1.96 -27.03
N ASN A 121 -38.32 -1.79 -26.07
CA ASN A 121 -38.00 -2.08 -24.68
C ASN A 121 -38.89 -3.21 -24.19
N LEU A 122 -38.43 -4.44 -24.46
CA LEU A 122 -39.18 -5.65 -24.21
C LEU A 122 -38.85 -6.29 -22.88
N GLY A 123 -38.55 -5.50 -21.86
CA GLY A 123 -38.21 -6.06 -20.56
C GLY A 123 -36.78 -6.54 -20.46
N TRP A 124 -35.83 -5.73 -20.93
CA TRP A 124 -34.45 -6.16 -20.98
C TRP A 124 -33.80 -6.08 -19.61
N LEU A 125 -32.86 -6.97 -19.38
CA LEU A 125 -31.87 -6.78 -18.33
C LEU A 125 -30.63 -6.14 -18.95
N GLU A 126 -29.54 -6.11 -18.18
CA GLU A 126 -28.32 -5.49 -18.67
C GLU A 126 -27.11 -6.41 -18.59
N TRP A 127 -27.07 -7.33 -17.62
CA TRP A 127 -25.83 -8.04 -17.35
C TRP A 127 -25.46 -8.95 -18.52
N PRO A 128 -26.25 -9.96 -18.87
CA PRO A 128 -25.86 -10.81 -20.01
C PRO A 128 -26.46 -10.27 -21.30
N VAL A 129 -25.60 -10.04 -22.29
CA VAL A 129 -26.07 -9.47 -23.54
C VAL A 129 -26.50 -10.60 -24.47
N GLY A 130 -25.62 -11.56 -24.70
CA GLY A 130 -25.96 -12.71 -25.50
C GLY A 130 -26.65 -13.83 -24.76
N GLY A 131 -26.99 -13.64 -23.50
CA GLY A 131 -27.56 -14.72 -22.71
C GLY A 131 -29.07 -14.84 -22.79
N HIS A 132 -29.79 -13.78 -22.42
CA HIS A 132 -31.25 -13.82 -22.39
C HIS A 132 -31.80 -13.28 -23.70
N ILE A 133 -33.09 -12.91 -23.68
CA ILE A 133 -33.90 -12.74 -24.88
C ILE A 133 -33.24 -11.87 -25.95
N GLU A 134 -33.54 -12.17 -27.21
CA GLU A 134 -33.07 -11.38 -28.34
C GLU A 134 -34.20 -11.22 -29.34
N ALA A 135 -33.92 -10.53 -30.44
CA ALA A 135 -34.91 -10.30 -31.47
C ALA A 135 -34.25 -9.87 -32.75
N MET A 136 -35.02 -9.90 -33.83
CA MET A 136 -34.53 -9.52 -35.15
C MET A 136 -35.68 -8.94 -35.96
N ALA A 137 -35.48 -7.74 -36.50
CA ALA A 137 -36.53 -7.02 -37.21
C ALA A 137 -36.36 -7.19 -38.71
N TYR A 138 -37.47 -7.52 -39.39
CA TYR A 138 -37.46 -7.75 -40.83
C TYR A 138 -38.35 -6.74 -41.53
N ARG A 139 -38.09 -6.54 -42.82
CA ARG A 139 -38.98 -5.77 -43.67
C ARG A 139 -40.06 -6.68 -44.25
N ALA A 140 -41.10 -6.06 -44.80
CA ALA A 140 -42.22 -6.86 -45.32
C ALA A 140 -41.95 -7.34 -46.73
N ASP A 141 -40.75 -7.88 -46.94
CA ASP A 141 -40.44 -8.70 -48.08
C ASP A 141 -39.54 -9.89 -47.73
N GLY A 142 -38.94 -9.90 -46.54
CA GLY A 142 -38.06 -10.97 -46.13
C GLY A 142 -36.63 -10.52 -45.93
N THR A 143 -36.43 -9.21 -45.81
CA THR A 143 -35.10 -8.62 -45.72
C THR A 143 -34.86 -8.12 -44.31
N VAL A 144 -33.64 -8.31 -43.82
CA VAL A 144 -33.29 -7.93 -42.45
C VAL A 144 -33.03 -6.43 -42.39
N ILE A 145 -33.46 -5.81 -41.29
CA ILE A 145 -33.16 -4.41 -41.04
C ILE A 145 -32.02 -4.31 -40.02
N LYS A 146 -32.26 -4.81 -38.81
CA LYS A 146 -31.27 -4.76 -37.76
C LYS A 146 -31.75 -5.67 -36.63
N ALA A 147 -30.79 -6.12 -35.82
CA ALA A 147 -31.10 -6.99 -34.69
C ALA A 147 -31.29 -6.18 -33.42
N LEU A 148 -31.91 -6.81 -32.44
CA LEU A 148 -32.27 -6.16 -31.18
C LEU A 148 -31.64 -6.94 -30.04
N HIS A 149 -30.85 -6.27 -29.22
CA HIS A 149 -30.12 -6.89 -28.13
C HIS A 149 -30.33 -6.06 -26.86
N PRO A 150 -29.93 -6.58 -25.70
CA PRO A 150 -30.19 -5.84 -24.45
C PRO A 150 -29.69 -4.41 -24.45
N ARG A 151 -28.44 -4.16 -24.81
CA ARG A 151 -27.92 -2.79 -24.78
C ARG A 151 -27.99 -2.10 -26.14
N ASN A 152 -28.44 -2.79 -27.17
CA ASN A 152 -28.54 -2.24 -28.52
C ASN A 152 -29.93 -2.54 -29.03
N HIS A 153 -30.90 -1.69 -28.68
CA HIS A 153 -32.30 -1.93 -29.05
C HIS A 153 -32.88 -0.65 -29.64
N TRP A 154 -32.72 -0.49 -30.96
CA TRP A 154 -33.19 0.67 -31.68
C TRP A 154 -33.05 0.37 -33.16
N MET A 155 -33.97 0.89 -33.96
CA MET A 155 -33.95 0.59 -35.39
C MET A 155 -34.11 1.88 -36.19
N PRO A 156 -33.24 2.16 -37.13
CA PRO A 156 -33.35 3.41 -37.88
C PRO A 156 -34.57 3.48 -38.79
N LEU A 157 -35.39 4.51 -38.62
CA LEU A 157 -36.44 4.82 -39.58
C LEU A 157 -35.98 5.88 -40.58
N VAL A 158 -35.62 7.06 -40.08
CA VAL A 158 -35.13 8.16 -40.89
C VAL A 158 -33.79 8.61 -40.31
N SER A 159 -32.85 8.96 -41.18
CA SER A 159 -31.46 9.12 -40.81
C SER A 159 -31.03 10.57 -40.68
N ALA A 160 -31.89 11.44 -40.14
CA ALA A 160 -31.51 12.81 -39.80
C ALA A 160 -31.06 13.60 -41.01
N ASP A 161 -31.43 13.13 -42.20
CA ASP A 161 -31.03 13.80 -43.43
C ASP A 161 -32.15 13.83 -44.45
N GLY A 162 -33.39 13.55 -44.06
CA GLY A 162 -34.50 13.59 -44.99
C GLY A 162 -34.63 12.39 -45.89
N VAL A 163 -33.87 11.33 -45.66
CA VAL A 163 -33.99 10.09 -46.43
C VAL A 163 -34.53 9.01 -45.51
N LYS A 164 -35.55 8.31 -45.97
CA LYS A 164 -36.27 7.32 -45.20
C LYS A 164 -35.84 5.92 -45.61
N ASP A 165 -36.07 4.96 -44.73
CA ASP A 165 -35.84 3.58 -45.09
C ASP A 165 -36.89 3.13 -46.11
N ARG A 166 -36.64 1.98 -46.73
CA ARG A 166 -37.54 1.52 -47.77
C ARG A 166 -38.89 1.13 -47.20
N VAL A 167 -38.95 0.78 -45.91
CA VAL A 167 -40.22 0.41 -45.29
C VAL A 167 -40.81 1.70 -44.73
N VAL A 168 -41.35 2.52 -45.64
CA VAL A 168 -42.15 3.70 -45.35
C VAL A 168 -43.01 3.93 -46.57
N ASN A 169 -44.31 4.08 -46.38
CA ASN A 169 -45.21 4.34 -47.49
C ASN A 169 -45.02 5.77 -47.97
N PRO A 170 -45.71 6.18 -49.05
CA PRO A 170 -45.71 7.61 -49.40
C PRO A 170 -46.12 8.52 -48.26
N ASP A 171 -47.07 8.11 -47.44
CA ASP A 171 -47.38 8.81 -46.20
C ASP A 171 -46.52 8.23 -45.08
N GLY A 172 -46.85 8.54 -43.84
CA GLY A 172 -46.03 8.04 -42.75
C GLY A 172 -46.30 6.62 -42.33
N SER A 173 -47.12 5.87 -43.06
CA SER A 173 -47.44 4.51 -42.63
C SER A 173 -46.26 3.58 -42.85
N PHE A 174 -46.09 2.63 -41.95
CA PHE A 174 -45.05 1.62 -42.10
C PHE A 174 -45.47 0.36 -41.33
N VAL A 175 -44.74 -0.72 -41.56
CA VAL A 175 -45.07 -2.02 -41.01
C VAL A 175 -43.80 -2.86 -40.87
N VAL A 176 -43.58 -3.40 -39.68
CA VAL A 176 -42.35 -4.13 -39.35
C VAL A 176 -42.74 -5.46 -38.75
N TYR A 177 -42.00 -6.51 -39.09
CA TYR A 177 -42.14 -7.80 -38.44
C TYR A 177 -40.91 -8.07 -37.60
N VAL A 178 -41.12 -8.54 -36.38
CA VAL A 178 -40.04 -8.76 -35.42
C VAL A 178 -40.14 -10.20 -34.93
N GLU A 179 -39.07 -10.96 -35.14
CA GLU A 179 -38.97 -12.32 -34.64
C GLU A 179 -38.19 -12.29 -33.34
N GLY A 180 -38.85 -12.59 -32.23
CA GLY A 180 -38.27 -12.47 -30.91
C GLY A 180 -38.06 -13.84 -30.28
N ALA A 181 -36.82 -14.08 -29.86
CA ALA A 181 -36.42 -15.33 -29.25
C ALA A 181 -36.39 -15.16 -27.74
N TYR A 182 -37.25 -15.91 -27.06
CA TYR A 182 -37.43 -15.84 -25.61
C TYR A 182 -36.49 -16.83 -24.91
N ASN A 183 -35.20 -16.65 -25.16
CA ASN A 183 -34.20 -17.56 -24.62
C ASN A 183 -34.04 -17.33 -23.12
N PRO A 184 -34.08 -18.37 -22.30
CA PRO A 184 -33.87 -18.18 -20.86
C PRO A 184 -32.42 -17.88 -20.55
N ASN A 185 -32.21 -17.25 -19.39
CA ASN A 185 -30.88 -17.01 -18.89
C ASN A 185 -30.39 -18.20 -18.10
N VAL A 186 -29.41 -18.91 -18.63
CA VAL A 186 -28.90 -20.14 -18.04
C VAL A 186 -27.68 -19.79 -17.19
N PRO A 187 -27.70 -20.05 -15.89
CA PRO A 187 -26.51 -19.81 -15.07
C PRO A 187 -25.34 -20.68 -15.48
N SER A 188 -24.11 -20.24 -15.20
CA SER A 188 -22.94 -20.98 -15.65
C SER A 188 -22.80 -22.30 -14.91
N PHE A 189 -22.62 -22.23 -13.59
CA PHE A 189 -22.51 -23.42 -12.75
C PHE A 189 -23.60 -23.37 -11.69
N THR A 190 -24.72 -24.01 -11.97
CA THR A 190 -25.85 -24.10 -11.06
C THR A 190 -26.81 -25.14 -11.61
N VAL A 191 -27.31 -26.02 -10.74
CA VAL A 191 -28.25 -27.04 -11.19
C VAL A 191 -29.50 -26.35 -11.69
N THR A 192 -29.96 -26.75 -12.87
CA THR A 192 -31.11 -26.12 -13.48
C THR A 192 -31.77 -27.11 -14.43
N GLU A 193 -33.02 -26.82 -14.77
CA GLU A 193 -33.78 -27.62 -15.71
C GLU A 193 -34.00 -26.88 -17.02
N LEU A 194 -33.28 -25.77 -17.23
CA LEU A 194 -33.58 -24.91 -18.36
C LEU A 194 -32.88 -25.37 -19.62
N GLY A 195 -31.71 -25.98 -19.49
CA GLY A 195 -30.94 -26.38 -20.64
C GLY A 195 -31.25 -27.78 -21.15
N THR A 196 -32.52 -28.18 -21.11
CA THR A 196 -32.90 -29.53 -21.53
C THR A 196 -33.77 -29.51 -22.78
N LYS A 197 -34.86 -28.76 -22.79
CA LYS A 197 -35.83 -28.82 -23.87
C LYS A 197 -36.80 -27.66 -23.71
N PRO A 198 -37.51 -27.28 -24.76
CA PRO A 198 -38.56 -26.27 -24.61
C PRO A 198 -39.58 -26.66 -23.55
N THR A 199 -39.74 -25.81 -22.54
CA THR A 199 -40.65 -26.11 -21.44
C THR A 199 -42.08 -25.73 -21.76
N GLY A 200 -42.29 -24.63 -22.48
CA GLY A 200 -43.62 -24.11 -22.71
C GLY A 200 -44.10 -23.16 -21.64
N LYS A 201 -43.26 -22.82 -20.67
CA LYS A 201 -43.60 -21.90 -19.60
C LYS A 201 -42.62 -20.75 -19.58
N ALA A 202 -43.07 -19.60 -19.07
CA ALA A 202 -42.21 -18.41 -18.98
C ALA A 202 -41.62 -18.38 -17.59
N ASP A 203 -40.38 -18.87 -17.47
CA ASP A 203 -39.73 -18.92 -16.17
C ASP A 203 -39.28 -17.54 -15.72
N GLU A 204 -38.43 -16.88 -16.51
CA GLU A 204 -38.02 -15.52 -16.23
C GLU A 204 -38.98 -14.56 -16.93
N ARG A 205 -39.62 -13.71 -16.15
CA ARG A 205 -40.64 -12.81 -16.66
C ARG A 205 -39.99 -11.61 -17.35
N TYR A 206 -40.36 -11.38 -18.59
CA TYR A 206 -39.93 -10.22 -19.35
C TYR A 206 -41.16 -9.56 -19.95
N GLU A 207 -41.34 -8.28 -19.65
CA GLU A 207 -42.57 -7.59 -19.99
C GLU A 207 -42.57 -7.13 -21.44
N PHE A 208 -43.63 -6.47 -21.85
CA PHE A 208 -43.67 -5.92 -23.20
C PHE A 208 -43.34 -4.42 -23.23
N SER A 209 -44.12 -3.61 -22.52
CA SER A 209 -43.76 -2.22 -22.22
C SER A 209 -43.56 -1.35 -23.46
N SER A 210 -44.53 -1.32 -24.37
CA SER A 210 -44.77 -0.14 -25.22
C SER A 210 -43.57 0.21 -26.12
N ILE A 211 -43.35 -0.61 -27.14
CA ILE A 211 -42.52 -0.21 -28.27
C ILE A 211 -42.95 1.18 -28.74
N ASP A 212 -41.98 2.03 -29.08
CA ASP A 212 -42.35 3.42 -29.40
C ASP A 212 -41.43 4.00 -30.46
N ILE A 213 -41.66 5.27 -30.80
CA ILE A 213 -40.93 6.00 -31.82
C ILE A 213 -40.25 7.20 -31.15
N ALA A 214 -39.01 7.48 -31.53
CA ALA A 214 -38.26 8.52 -30.85
C ALA A 214 -37.40 9.29 -31.82
N ALA A 215 -37.18 10.56 -31.50
CA ALA A 215 -36.22 11.41 -32.21
C ALA A 215 -34.92 11.44 -31.43
N LEU A 216 -33.81 11.36 -32.15
CA LEU A 216 -32.49 11.30 -31.55
C LEU A 216 -31.83 12.67 -31.58
N ASP A 217 -31.29 13.07 -30.44
CA ASP A 217 -30.56 14.33 -30.30
C ASP A 217 -29.08 14.05 -30.32
N GLN A 218 -28.39 14.50 -31.37
CA GLN A 218 -26.97 14.18 -31.50
C GLN A 218 -26.12 15.00 -30.56
N ASP A 219 -26.56 16.21 -30.21
CA ASP A 219 -25.73 17.06 -29.37
C ASP A 219 -25.72 16.58 -27.93
N MET A 220 -26.89 16.27 -27.38
CA MET A 220 -26.93 15.66 -26.05
C MET A 220 -26.16 14.35 -26.04
N PHE A 221 -26.17 13.63 -27.16
CA PHE A 221 -25.50 12.33 -27.21
C PHE A 221 -23.99 12.51 -27.22
N ASP A 222 -23.50 13.52 -27.97
CA ASP A 222 -22.09 13.86 -27.90
C ASP A 222 -21.69 14.32 -26.51
N TYR A 223 -22.55 15.09 -25.85
CA TYR A 223 -22.23 15.55 -24.51
C TYR A 223 -22.13 14.40 -23.53
N TRP A 224 -23.06 13.45 -23.62
CA TRP A 224 -22.99 12.27 -22.77
C TRP A 224 -21.72 11.49 -23.04
N ALA A 225 -21.34 11.36 -24.31
CA ALA A 225 -20.12 10.63 -24.64
C ALA A 225 -18.90 11.32 -24.04
N ASP A 226 -18.84 12.65 -24.14
CA ASP A 226 -17.71 13.38 -23.57
C ASP A 226 -17.65 13.22 -22.06
N LEU A 227 -18.79 13.34 -21.39
CA LEU A 227 -18.82 13.12 -19.96
C LEU A 227 -18.33 11.72 -19.62
N ASP A 228 -18.81 10.71 -20.34
CA ASP A 228 -18.40 9.33 -20.08
C ASP A 228 -16.90 9.17 -20.23
N VAL A 229 -16.34 9.73 -21.30
CA VAL A 229 -14.89 9.63 -21.51
C VAL A 229 -14.14 10.29 -20.36
N VAL A 230 -14.59 11.46 -19.94
CA VAL A 230 -13.86 12.22 -18.94
C VAL A 230 -13.98 11.55 -17.57
N THR A 231 -15.20 11.22 -17.15
CA THR A 231 -15.39 10.70 -15.81
C THR A 231 -14.78 9.32 -15.61
N GLY A 232 -14.61 8.55 -16.68
CA GLY A 232 -13.97 7.25 -16.54
C GLY A 232 -12.47 7.32 -16.45
N SER A 233 -11.89 8.46 -16.77
CA SER A 233 -10.44 8.64 -16.68
C SER A 233 -10.01 9.08 -15.29
N LEU A 234 -10.93 9.49 -14.43
CA LEU A 234 -10.55 9.92 -13.10
C LEU A 234 -10.34 8.75 -12.16
N GLU A 235 -11.01 7.63 -12.43
CA GLU A 235 -10.79 6.43 -11.64
C GLU A 235 -9.44 5.78 -11.90
N ASN A 236 -8.79 6.12 -13.00
CA ASN A 236 -7.60 5.40 -13.42
C ASN A 236 -6.33 6.25 -13.42
N MET A 237 -6.46 7.56 -13.29
CA MET A 237 -5.28 8.40 -13.16
C MET A 237 -4.88 8.48 -11.69
N ASN A 238 -3.69 9.05 -11.46
CA ASN A 238 -3.21 9.30 -10.12
C ASN A 238 -3.23 10.80 -9.86
N ASP A 239 -3.44 11.16 -8.60
CA ASP A 239 -3.47 12.57 -8.23
C ASP A 239 -2.06 13.14 -8.09
N ALA A 240 -1.26 12.94 -9.11
CA ALA A 240 0.08 13.51 -9.14
C ALA A 240 0.34 14.31 -10.40
N ASP A 241 -0.21 13.91 -11.52
CA ASP A 241 -0.10 14.72 -12.70
C ASP A 241 -1.13 15.84 -12.60
N PRO A 242 -0.82 17.06 -13.03
CA PRO A 242 -1.83 18.11 -13.00
C PRO A 242 -3.01 17.85 -13.93
N ARG A 243 -2.95 16.83 -14.79
CA ARG A 243 -4.11 16.55 -15.62
C ARG A 243 -5.27 15.99 -14.80
N TYR A 244 -4.96 15.21 -13.77
CA TYR A 244 -6.02 14.70 -12.90
C TYR A 244 -6.84 15.83 -12.32
N TRP A 245 -6.21 16.96 -12.02
CA TRP A 245 -6.90 18.07 -11.39
C TRP A 245 -7.49 19.03 -12.41
N LYS A 246 -6.83 19.20 -13.56
CA LYS A 246 -7.38 20.05 -14.59
C LYS A 246 -8.59 19.40 -15.25
N LEU A 247 -8.68 18.07 -15.19
CA LEU A 247 -9.87 17.38 -15.64
C LEU A 247 -11.00 17.52 -14.63
N ALA A 248 -10.72 17.18 -13.37
CA ALA A 248 -11.77 17.16 -12.36
C ALA A 248 -12.31 18.55 -12.09
N LYS A 249 -11.63 19.58 -12.57
CA LYS A 249 -12.17 20.92 -12.46
C LYS A 249 -13.13 21.22 -13.59
N ALA A 250 -12.79 20.81 -14.81
CA ALA A 250 -13.67 21.05 -15.94
C ALA A 250 -14.94 20.21 -15.84
N MET A 251 -14.82 18.97 -15.37
CA MET A 251 -16.00 18.16 -15.13
C MET A 251 -16.94 18.84 -14.15
N GLN A 252 -16.39 19.52 -13.15
CA GLN A 252 -17.23 20.18 -12.16
C GLN A 252 -17.84 21.45 -12.74
N ARG A 253 -17.09 22.19 -13.53
CA ARG A 253 -17.61 23.43 -14.08
C ARG A 253 -18.74 23.17 -15.08
N SER A 254 -18.69 22.03 -15.77
CA SER A 254 -19.69 21.75 -16.78
C SER A 254 -21.02 21.38 -16.16
N ILE A 255 -21.03 20.36 -15.29
CA ILE A 255 -22.28 19.91 -14.69
C ILE A 255 -22.89 20.95 -13.78
N ASN A 256 -22.13 21.96 -13.38
CA ASN A 256 -22.67 23.11 -12.68
C ASN A 256 -23.32 24.12 -13.61
N LEU A 257 -23.32 23.84 -14.91
CA LEU A 257 -23.79 24.81 -15.90
C LEU A 257 -24.92 24.27 -16.75
N TRP A 258 -25.22 22.99 -16.68
CA TRP A 258 -26.23 22.36 -17.51
C TRP A 258 -27.52 22.24 -16.73
N ASP A 259 -28.54 22.97 -17.18
CA ASP A 259 -29.85 22.95 -16.54
C ASP A 259 -30.86 22.34 -17.51
N GLU A 260 -31.36 21.16 -17.18
CA GLU A 260 -32.20 20.42 -18.11
C GLU A 260 -33.54 21.08 -18.37
N LYS A 261 -33.81 22.23 -17.77
CA LYS A 261 -35.02 23.00 -18.03
C LYS A 261 -34.74 24.24 -18.87
N ASP A 262 -33.56 24.34 -19.46
CA ASP A 262 -33.23 25.44 -20.35
C ASP A 262 -32.22 24.92 -21.36
N TYR A 263 -32.72 24.55 -22.55
CA TYR A 263 -31.88 23.87 -23.54
C TYR A 263 -30.70 24.73 -23.96
N ASN A 264 -30.84 26.06 -23.92
CA ASN A 264 -29.77 26.93 -24.39
C ASN A 264 -28.53 26.80 -23.54
N THR A 265 -28.64 26.23 -22.35
CA THR A 265 -27.47 26.04 -21.51
C THR A 265 -26.60 24.88 -21.97
N LEU A 266 -27.15 23.97 -22.78
CA LEU A 266 -26.35 22.85 -23.26
C LEU A 266 -25.12 23.33 -24.00
N ALA A 267 -25.28 24.27 -24.93
CA ALA A 267 -24.14 24.79 -25.65
C ALA A 267 -23.14 25.45 -24.72
N LEU A 268 -23.58 25.96 -23.58
CA LEU A 268 -22.64 26.53 -22.62
C LEU A 268 -21.88 25.44 -21.88
N ALA A 269 -22.51 24.29 -21.64
CA ALA A 269 -21.88 23.26 -20.84
C ALA A 269 -20.80 22.53 -21.63
N ARG A 270 -21.01 22.36 -22.93
CA ARG A 270 -20.02 21.64 -23.74
C ARG A 270 -18.74 22.46 -23.89
N LYS A 271 -18.86 23.78 -23.96
CA LYS A 271 -17.68 24.61 -24.14
C LYS A 271 -16.77 24.54 -22.93
N ALA A 272 -17.33 24.31 -21.74
CA ALA A 272 -16.48 24.15 -20.57
C ALA A 272 -15.71 22.85 -20.61
N LEU A 273 -16.34 21.79 -21.11
CA LEU A 273 -15.68 20.50 -21.24
C LEU A 273 -15.08 20.36 -22.64
N ASP A 274 -14.33 21.39 -23.02
CA ASP A 274 -13.55 21.40 -24.26
C ASP A 274 -12.14 21.89 -24.06
N LYS A 275 -11.87 22.69 -23.03
CA LYS A 275 -10.53 23.14 -22.75
C LYS A 275 -9.60 21.99 -22.36
N VAL A 276 -10.14 20.78 -22.21
CA VAL A 276 -9.34 19.63 -21.80
C VAL A 276 -9.49 18.45 -22.74
N MET A 277 -10.40 18.50 -23.71
CA MET A 277 -10.60 17.35 -24.59
C MET A 277 -9.57 17.30 -25.69
N HIS A 278 -8.97 18.44 -26.05
CA HIS A 278 -7.99 18.49 -27.13
C HIS A 278 -6.62 18.74 -26.53
N ASN A 279 -5.96 17.65 -26.12
CA ASN A 279 -4.63 17.71 -25.57
C ASN A 279 -3.85 16.57 -26.19
N PRO A 280 -2.78 16.84 -26.93
CA PRO A 280 -2.09 15.78 -27.66
C PRO A 280 -1.48 14.76 -26.71
N ALA A 281 -1.57 13.49 -27.10
CA ALA A 281 -1.07 12.40 -26.28
C ALA A 281 0.41 12.58 -25.96
N ASN A 282 0.86 11.89 -24.92
CA ASN A 282 2.24 11.96 -24.50
C ASN A 282 3.17 11.46 -25.60
N ALA A 283 4.46 11.71 -25.40
CA ALA A 283 5.43 11.36 -26.44
C ALA A 283 5.65 9.85 -26.52
N SER A 284 5.68 9.16 -25.38
CA SER A 284 6.04 7.76 -25.35
C SER A 284 4.83 6.83 -25.28
N ALA A 285 3.62 7.37 -25.43
CA ALA A 285 2.43 6.56 -25.28
C ALA A 285 2.37 5.45 -26.33
N MET A 286 1.78 4.33 -25.95
CA MET A 286 1.64 3.21 -26.87
C MET A 286 0.67 3.56 -27.99
N THR A 287 0.56 2.65 -28.94
CA THR A 287 -0.40 2.77 -30.04
C THR A 287 -1.17 1.47 -30.17
N LEU A 288 -2.49 1.56 -30.09
CA LEU A 288 -3.36 0.40 -30.13
C LEU A 288 -4.13 0.38 -31.44
N THR A 289 -4.27 -0.81 -31.99
CA THR A 289 -5.02 -1.04 -33.22
C THR A 289 -6.32 -1.74 -32.87
N ALA A 290 -7.42 -1.00 -32.97
CA ALA A 290 -8.72 -1.47 -32.54
C ALA A 290 -9.48 -2.02 -33.72
N MET A 291 -10.18 -3.13 -33.51
CA MET A 291 -11.07 -3.69 -34.51
C MET A 291 -12.27 -4.28 -33.80
N GLY A 292 -13.45 -4.18 -34.42
CA GLY A 292 -14.65 -4.71 -33.84
C GLY A 292 -14.67 -6.22 -33.95
N HIS A 293 -15.01 -6.90 -32.86
CA HIS A 293 -14.92 -8.35 -32.81
C HIS A 293 -15.89 -8.88 -31.77
N SER A 294 -16.74 -9.82 -32.17
CA SER A 294 -17.66 -10.48 -31.27
C SER A 294 -17.45 -11.98 -31.38
N HIS A 295 -17.17 -12.62 -30.24
CA HIS A 295 -16.91 -14.05 -30.19
C HIS A 295 -18.22 -14.77 -29.98
N ILE A 296 -18.51 -15.75 -30.83
CA ILE A 296 -19.73 -16.54 -30.73
C ILE A 296 -19.34 -17.98 -30.45
N ASP A 297 -19.65 -18.47 -29.27
CA ASP A 297 -19.43 -19.87 -28.94
C ASP A 297 -20.49 -20.71 -29.66
N SER A 298 -20.05 -21.49 -30.65
CA SER A 298 -20.95 -22.23 -31.53
C SER A 298 -21.98 -23.07 -30.79
N ALA A 299 -21.66 -23.55 -29.60
CA ALA A 299 -22.65 -24.22 -28.78
C ALA A 299 -22.21 -24.22 -27.33
N TRP A 300 -22.88 -23.42 -26.50
CA TRP A 300 -22.60 -23.38 -25.07
C TRP A 300 -23.72 -22.61 -24.41
N LEU A 301 -24.42 -23.21 -23.45
CA LEU A 301 -25.57 -22.63 -22.78
C LEU A 301 -26.75 -22.38 -23.71
N TRP A 302 -26.78 -22.99 -24.89
CA TRP A 302 -27.93 -22.95 -25.78
C TRP A 302 -27.80 -24.08 -26.79
N PRO A 303 -28.89 -24.54 -27.38
CA PRO A 303 -28.80 -25.58 -28.40
C PRO A 303 -28.11 -25.08 -29.66
N VAL A 304 -27.60 -26.01 -30.48
CA VAL A 304 -26.90 -25.60 -31.69
C VAL A 304 -27.87 -25.05 -32.72
N ARG A 305 -29.17 -25.31 -32.55
CA ARG A 305 -30.15 -24.75 -33.47
C ARG A 305 -30.35 -23.26 -33.23
N GLU A 306 -29.73 -22.72 -32.19
CA GLU A 306 -29.85 -21.30 -31.89
C GLU A 306 -28.67 -20.50 -32.40
N THR A 307 -27.50 -21.13 -32.53
CA THR A 307 -26.30 -20.39 -32.92
C THR A 307 -26.46 -19.76 -34.30
N GLU A 308 -27.22 -20.41 -35.18
CA GLU A 308 -27.42 -19.85 -36.52
C GLU A 308 -28.05 -18.48 -36.46
N ARG A 309 -29.13 -18.35 -35.69
CA ARG A 309 -29.77 -17.06 -35.53
C ARG A 309 -28.85 -16.06 -34.85
N LYS A 310 -28.01 -16.54 -33.92
CA LYS A 310 -27.08 -15.64 -33.25
C LYS A 310 -26.08 -15.06 -34.23
N VAL A 311 -25.56 -15.89 -35.13
CA VAL A 311 -24.65 -15.39 -36.16
C VAL A 311 -25.37 -14.38 -37.04
N GLY A 312 -26.60 -14.68 -37.44
CA GLY A 312 -27.35 -13.74 -38.25
C GLY A 312 -27.51 -12.39 -37.57
N ARG A 313 -27.94 -12.40 -36.31
CA ARG A 313 -28.15 -11.16 -35.58
C ARG A 313 -26.86 -10.36 -35.46
N THR A 314 -25.79 -11.02 -35.05
CA THR A 314 -24.53 -10.31 -34.88
C THR A 314 -24.07 -9.68 -36.19
N VAL A 315 -24.13 -10.42 -37.28
CA VAL A 315 -23.67 -9.86 -38.54
C VAL A 315 -24.54 -8.67 -38.94
N SER A 316 -25.86 -8.78 -38.77
CA SER A 316 -26.71 -7.64 -39.11
C SER A 316 -26.38 -6.42 -38.27
N ASN A 317 -26.06 -6.64 -37.00
CA ASN A 317 -25.62 -5.53 -36.15
C ASN A 317 -24.34 -4.91 -36.68
N ALA A 318 -23.44 -5.75 -37.23
CA ALA A 318 -22.16 -5.25 -37.68
C ALA A 318 -22.31 -4.30 -38.86
N LEU A 319 -23.23 -4.60 -39.77
CA LEU A 319 -23.42 -3.75 -40.94
C LEU A 319 -24.21 -2.50 -40.65
N ALA A 320 -25.06 -2.51 -39.62
CA ALA A 320 -25.78 -1.32 -39.21
C ALA A 320 -24.89 -0.34 -38.48
N LEU A 321 -23.65 -0.71 -38.20
CA LEU A 321 -22.68 0.17 -37.58
C LEU A 321 -21.65 0.67 -38.58
N MET A 322 -21.67 0.15 -39.80
CA MET A 322 -20.80 0.65 -40.85
C MET A 322 -21.42 1.82 -41.60
N ASP A 323 -22.58 2.30 -41.18
CA ASP A 323 -23.14 3.53 -41.70
C ASP A 323 -23.40 4.56 -40.64
N ILE A 324 -22.89 4.34 -39.42
CA ILE A 324 -22.83 5.39 -38.41
C ILE A 324 -21.54 6.17 -38.56
N ASP A 325 -20.48 5.51 -39.00
CA ASP A 325 -19.22 6.17 -39.28
C ASP A 325 -18.37 5.34 -40.22
N PRO A 326 -17.63 5.97 -41.10
CA PRO A 326 -16.65 5.24 -41.92
C PRO A 326 -15.47 4.81 -41.07
N ASP A 327 -14.44 4.27 -41.73
CA ASP A 327 -13.20 3.83 -41.12
C ASP A 327 -13.39 2.97 -39.88
N PHE A 328 -14.49 2.23 -39.81
CA PHE A 328 -14.72 1.26 -38.74
C PHE A 328 -14.53 -0.13 -39.32
N THR A 329 -13.72 -0.95 -38.65
CA THR A 329 -13.36 -2.27 -39.15
C THR A 329 -13.91 -3.34 -38.22
N TYR A 330 -14.24 -4.50 -38.79
CA TYR A 330 -14.86 -5.60 -38.06
C TYR A 330 -14.30 -6.91 -38.58
N VAL A 331 -13.94 -7.81 -37.66
CA VAL A 331 -13.34 -9.10 -38.01
C VAL A 331 -14.33 -10.20 -37.68
N MET A 332 -14.19 -11.33 -38.35
CA MET A 332 -15.08 -12.47 -38.11
C MET A 332 -14.39 -13.76 -38.52
N SER A 333 -14.41 -14.75 -37.64
CA SER A 333 -13.75 -16.03 -37.84
C SER A 333 -14.77 -17.13 -38.16
N ALA A 334 -14.30 -18.39 -38.14
CA ALA A 334 -15.16 -19.57 -38.11
C ALA A 334 -16.03 -19.67 -39.37
N ALA A 335 -15.37 -20.03 -40.47
CA ALA A 335 -16.03 -20.24 -41.75
C ALA A 335 -17.34 -21.01 -41.65
N GLN A 336 -17.48 -21.88 -40.66
CA GLN A 336 -18.78 -22.53 -40.45
C GLN A 336 -19.87 -21.50 -40.19
N HIS A 337 -19.54 -20.42 -39.49
CA HIS A 337 -20.52 -19.37 -39.26
C HIS A 337 -20.91 -18.69 -40.56
N PHE A 338 -19.94 -18.47 -41.44
CA PHE A 338 -20.26 -17.91 -42.75
C PHE A 338 -21.19 -18.83 -43.53
N ALA A 339 -20.94 -20.14 -43.46
CA ALA A 339 -21.82 -21.08 -44.15
C ALA A 339 -23.22 -21.04 -43.58
N TRP A 340 -23.35 -21.03 -42.26
CA TRP A 340 -24.67 -20.94 -41.64
C TRP A 340 -25.39 -19.67 -42.06
N LEU A 341 -24.65 -18.56 -42.14
CA LEU A 341 -25.24 -17.31 -42.60
C LEU A 341 -25.68 -17.38 -44.05
N GLU A 342 -24.94 -18.11 -44.89
CA GLU A 342 -25.26 -18.16 -46.31
C GLU A 342 -26.63 -18.79 -46.56
N GLU A 343 -27.00 -19.76 -45.73
CA GLU A 343 -28.21 -20.54 -45.93
C GLU A 343 -29.44 -19.86 -45.37
N ARG A 344 -29.31 -19.08 -44.30
CA ARG A 344 -30.45 -18.52 -43.59
C ARG A 344 -30.81 -17.11 -44.01
N HIS A 345 -29.84 -16.29 -44.39
CA HIS A 345 -30.07 -14.91 -44.77
C HIS A 345 -29.34 -14.62 -46.08
N PRO A 346 -29.89 -15.06 -47.21
CA PRO A 346 -29.23 -14.82 -48.50
C PRO A 346 -28.98 -13.35 -48.78
N ASP A 347 -29.89 -12.46 -48.39
CA ASP A 347 -29.68 -11.04 -48.64
C ASP A 347 -28.55 -10.48 -47.79
N LEU A 348 -28.44 -10.94 -46.54
CA LEU A 348 -27.39 -10.48 -45.66
C LEU A 348 -26.02 -11.00 -46.06
N PHE A 349 -25.96 -11.93 -47.02
CA PHE A 349 -24.66 -12.41 -47.48
C PHE A 349 -24.08 -11.46 -48.51
N GLU A 350 -24.91 -10.94 -49.40
CA GLU A 350 -24.40 -10.07 -50.45
C GLU A 350 -24.02 -8.69 -49.91
N ARG A 351 -24.53 -8.32 -48.73
CA ARG A 351 -24.08 -7.09 -48.10
C ARG A 351 -22.72 -7.28 -47.47
N VAL A 352 -22.43 -8.48 -46.96
CA VAL A 352 -21.10 -8.74 -46.42
C VAL A 352 -20.06 -8.67 -47.52
N LYS A 353 -20.28 -9.39 -48.63
CA LYS A 353 -19.31 -9.41 -49.71
C LYS A 353 -19.03 -8.02 -50.26
N ALA A 354 -20.02 -7.12 -50.17
CA ALA A 354 -19.79 -5.76 -50.62
C ALA A 354 -18.81 -5.04 -49.71
N ARG A 355 -18.79 -5.39 -48.42
CA ARG A 355 -17.83 -4.80 -47.52
C ARG A 355 -16.47 -5.48 -47.58
N ILE A 356 -16.44 -6.78 -47.87
CA ILE A 356 -15.18 -7.50 -47.96
C ILE A 356 -14.30 -6.88 -49.04
N ALA A 357 -14.86 -6.63 -50.22
CA ALA A 357 -14.09 -6.02 -51.29
C ALA A 357 -13.68 -4.59 -50.94
N GLU A 358 -14.46 -3.94 -50.09
CA GLU A 358 -14.10 -2.59 -49.66
C GLU A 358 -12.88 -2.60 -48.75
N GLY A 359 -12.83 -3.53 -47.82
CA GLY A 359 -11.70 -3.68 -46.92
C GLY A 359 -12.00 -3.40 -45.46
N ARG A 360 -13.25 -3.17 -45.10
CA ARG A 360 -13.58 -2.89 -43.70
C ARG A 360 -14.06 -4.13 -42.96
N PHE A 361 -14.49 -5.16 -43.69
CA PHE A 361 -14.93 -6.42 -43.11
C PHE A 361 -13.85 -7.44 -43.40
N ILE A 362 -13.30 -8.07 -42.37
CA ILE A 362 -12.15 -8.93 -42.52
C ILE A 362 -12.49 -10.31 -41.97
N PRO A 363 -12.47 -11.37 -42.80
CA PRO A 363 -12.50 -12.73 -42.28
C PRO A 363 -11.08 -13.18 -41.95
N VAL A 364 -10.92 -13.75 -40.75
CA VAL A 364 -9.59 -14.06 -40.22
C VAL A 364 -9.51 -15.55 -39.91
N GLY A 365 -8.28 -16.05 -39.89
CA GLY A 365 -8.00 -17.37 -39.38
C GLY A 365 -8.78 -18.47 -40.06
N GLY A 366 -8.43 -18.79 -41.30
CA GLY A 366 -9.20 -19.77 -42.03
C GLY A 366 -9.25 -21.11 -41.32
N MET A 367 -10.39 -21.39 -40.70
CA MET A 367 -10.64 -22.65 -40.04
C MET A 367 -12.14 -22.88 -40.02
N TRP A 368 -12.54 -24.14 -39.92
CA TRP A 368 -13.97 -24.42 -39.95
C TRP A 368 -14.66 -23.87 -38.71
N VAL A 369 -14.16 -24.24 -37.52
CA VAL A 369 -14.60 -23.65 -36.27
C VAL A 369 -13.36 -23.40 -35.41
N GLU A 370 -13.54 -22.59 -34.37
CA GLU A 370 -12.46 -22.37 -33.42
C GLU A 370 -12.33 -23.62 -32.54
N SER A 371 -11.60 -24.60 -33.06
CA SER A 371 -11.53 -25.92 -32.45
C SER A 371 -10.85 -25.85 -31.09
N ASP A 372 -10.81 -26.98 -30.42
CA ASP A 372 -10.00 -27.10 -29.22
C ASP A 372 -8.53 -27.07 -29.59
N GLY A 373 -7.69 -26.71 -28.62
CA GLY A 373 -6.29 -26.51 -28.92
C GLY A 373 -5.38 -27.66 -28.60
N THR A 374 -5.87 -28.68 -27.88
CA THR A 374 -4.96 -29.74 -27.46
C THR A 374 -5.49 -31.15 -27.72
N MET A 375 -6.80 -31.34 -27.70
CA MET A 375 -7.34 -32.70 -27.77
C MET A 375 -7.35 -33.29 -29.17
N PRO A 376 -7.84 -32.60 -30.21
CA PRO A 376 -7.90 -33.24 -31.54
C PRO A 376 -6.54 -33.72 -32.00
N CYS A 377 -6.56 -34.73 -32.86
CA CYS A 377 -5.30 -35.24 -33.37
C CYS A 377 -4.75 -34.31 -34.44
N GLY A 378 -3.65 -34.73 -35.06
CA GLY A 378 -3.04 -33.91 -36.09
C GLY A 378 -3.91 -33.79 -37.33
N GLU A 379 -4.53 -34.89 -37.74
CA GLU A 379 -5.34 -34.87 -38.94
C GLU A 379 -6.57 -34.01 -38.75
N SER A 380 -7.12 -33.97 -37.54
CA SER A 380 -8.23 -33.07 -37.29
C SER A 380 -7.85 -31.62 -37.56
N LEU A 381 -6.71 -31.18 -37.01
CA LEU A 381 -6.31 -29.79 -37.19
C LEU A 381 -6.00 -29.50 -38.65
N ILE A 382 -5.30 -30.42 -39.32
CA ILE A 382 -4.98 -30.19 -40.73
C ILE A 382 -6.25 -30.09 -41.55
N ARG A 383 -7.24 -30.96 -41.28
CA ARG A 383 -8.47 -30.92 -42.05
C ARG A 383 -9.28 -29.68 -41.75
N GLN A 384 -9.23 -29.20 -40.52
CA GLN A 384 -9.91 -27.95 -40.20
C GLN A 384 -9.33 -26.80 -41.01
N ILE A 385 -8.00 -26.67 -40.98
CA ILE A 385 -7.34 -25.62 -41.75
C ILE A 385 -7.69 -25.75 -43.23
N SER A 386 -7.68 -26.97 -43.76
CA SER A 386 -7.90 -27.15 -45.18
C SER A 386 -9.32 -26.77 -45.58
N TYR A 387 -10.32 -27.30 -44.87
CA TYR A 387 -11.70 -26.97 -45.20
C TYR A 387 -11.96 -25.48 -45.06
N GLY A 388 -11.37 -24.85 -44.04
CA GLY A 388 -11.54 -23.42 -43.89
C GLY A 388 -10.94 -22.63 -45.04
N LYS A 389 -9.68 -22.91 -45.36
CA LYS A 389 -9.04 -22.22 -46.48
C LYS A 389 -9.81 -22.44 -47.77
N ARG A 390 -10.40 -23.62 -47.93
CA ARG A 390 -11.16 -23.90 -49.15
C ARG A 390 -12.44 -23.10 -49.18
N TYR A 391 -13.12 -22.97 -48.04
CA TYR A 391 -14.34 -22.16 -48.04
C TYR A 391 -14.04 -20.69 -48.26
N PHE A 392 -13.00 -20.16 -47.62
CA PHE A 392 -12.66 -18.76 -47.77
C PHE A 392 -12.20 -18.40 -49.18
N LYS A 393 -11.98 -19.38 -50.04
CA LYS A 393 -11.45 -19.09 -51.37
C LYS A 393 -12.56 -19.03 -52.41
N GLU A 394 -13.37 -20.07 -52.50
CA GLU A 394 -14.43 -20.11 -53.48
C GLU A 394 -15.55 -19.13 -53.20
N LYS A 395 -15.84 -18.84 -51.93
CA LYS A 395 -16.95 -17.96 -51.56
C LYS A 395 -16.52 -16.50 -51.44
N LEU A 396 -15.61 -16.21 -50.52
CA LEU A 396 -15.24 -14.84 -50.23
C LEU A 396 -14.02 -14.36 -51.02
N GLY A 397 -13.13 -15.27 -51.42
CA GLY A 397 -11.97 -14.87 -52.18
C GLY A 397 -10.85 -14.28 -51.37
N VAL A 398 -10.68 -14.72 -50.13
CA VAL A 398 -9.64 -14.20 -49.26
C VAL A 398 -8.69 -15.33 -48.90
N VAL A 399 -7.46 -14.96 -48.56
CA VAL A 399 -6.46 -15.90 -48.08
C VAL A 399 -5.89 -15.35 -46.77
N PRO A 400 -6.30 -15.89 -45.62
CA PRO A 400 -5.79 -15.36 -44.36
C PRO A 400 -4.33 -15.71 -44.16
N ASN A 401 -3.68 -15.01 -43.22
CA ASN A 401 -2.25 -15.14 -43.00
C ASN A 401 -1.92 -15.53 -41.57
N GLY A 402 -2.93 -15.74 -40.74
CA GLY A 402 -2.68 -16.07 -39.35
C GLY A 402 -3.84 -16.84 -38.76
N ILE A 403 -3.59 -17.46 -37.62
CA ILE A 403 -4.56 -18.32 -36.96
C ILE A 403 -5.17 -17.55 -35.81
N TRP A 404 -6.50 -17.49 -35.79
CA TRP A 404 -7.26 -16.71 -34.82
C TRP A 404 -7.90 -17.68 -33.84
N LEU A 405 -7.39 -17.71 -32.61
CA LEU A 405 -7.84 -18.65 -31.58
C LEU A 405 -7.76 -17.99 -30.22
N PRO A 406 -8.65 -17.07 -29.93
CA PRO A 406 -8.57 -16.33 -28.66
C PRO A 406 -9.04 -17.15 -27.46
N ASP A 407 -9.93 -18.10 -27.67
CA ASP A 407 -10.57 -18.84 -26.59
C ASP A 407 -10.29 -20.32 -26.76
N SER A 408 -9.47 -20.88 -25.88
CA SER A 408 -9.13 -22.31 -25.94
C SER A 408 -8.42 -22.70 -24.65
N PHE A 409 -8.57 -23.96 -24.26
CA PHE A 409 -8.04 -24.46 -23.00
C PHE A 409 -6.62 -25.00 -23.16
N GLY A 410 -5.73 -24.18 -23.71
CA GLY A 410 -4.35 -24.56 -23.88
C GLY A 410 -4.06 -24.88 -25.33
N TYR A 411 -2.79 -25.03 -25.64
CA TYR A 411 -2.39 -25.25 -27.02
C TYR A 411 -1.36 -26.36 -27.07
N THR A 412 -1.45 -27.17 -28.12
CA THR A 412 -0.85 -28.50 -28.10
C THR A 412 0.67 -28.45 -28.09
N GLY A 413 1.25 -27.46 -28.76
CA GLY A 413 2.69 -27.41 -28.93
C GLY A 413 3.17 -27.94 -30.26
N ALA A 414 2.33 -28.67 -30.99
CA ALA A 414 2.58 -28.99 -32.39
C ALA A 414 2.00 -27.94 -33.32
N TRP A 415 1.35 -26.92 -32.76
CA TRP A 415 0.74 -25.87 -33.58
C TRP A 415 1.73 -25.10 -34.43
N PRO A 416 2.91 -24.68 -33.95
CA PRO A 416 3.77 -23.86 -34.81
C PRO A 416 4.15 -24.53 -36.10
N GLN A 417 4.48 -25.82 -36.08
CA GLN A 417 4.89 -26.49 -37.32
C GLN A 417 3.73 -26.58 -38.29
N ILE A 418 2.56 -27.00 -37.81
CA ILE A 418 1.40 -27.12 -38.69
C ILE A 418 1.05 -25.77 -39.29
N ALA A 419 1.08 -24.71 -38.47
CA ALA A 419 0.77 -23.39 -38.97
C ALA A 419 1.76 -22.94 -40.03
N LYS A 420 3.07 -23.10 -39.76
CA LYS A 420 4.05 -22.63 -40.72
C LYS A 420 4.00 -23.43 -42.01
N ARG A 421 3.78 -24.75 -41.92
CA ARG A 421 3.72 -25.56 -43.12
C ARG A 421 2.38 -25.46 -43.81
N SER A 422 1.42 -24.75 -43.23
CA SER A 422 0.14 -24.50 -43.87
C SER A 422 0.05 -23.11 -44.48
N GLY A 423 1.14 -22.37 -44.56
CA GLY A 423 1.15 -21.06 -45.17
C GLY A 423 0.89 -19.90 -44.24
N TYR A 424 0.83 -20.13 -42.94
CA TYR A 424 0.49 -19.07 -42.02
C TYR A 424 1.73 -18.30 -41.57
N SER A 425 1.50 -17.11 -41.04
CA SER A 425 2.58 -16.21 -40.67
C SER A 425 2.57 -15.77 -39.22
N TRP A 426 1.42 -15.69 -38.58
CA TRP A 426 1.33 -15.29 -37.19
C TRP A 426 0.24 -16.08 -36.48
N PHE A 427 0.08 -15.81 -35.19
CA PHE A 427 -0.80 -16.59 -34.33
C PHE A 427 -1.34 -15.67 -33.25
N LEU A 428 -2.57 -15.91 -32.80
CA LEU A 428 -3.24 -15.04 -31.83
C LEU A 428 -3.90 -15.88 -30.75
N THR A 429 -3.68 -15.50 -29.49
CA THR A 429 -4.30 -16.15 -28.34
C THR A 429 -4.50 -15.13 -27.25
N GLN A 430 -5.50 -15.37 -26.38
CA GLN A 430 -5.62 -14.60 -25.16
C GLN A 430 -6.01 -15.42 -23.94
N LYS A 431 -6.50 -16.65 -24.12
CA LYS A 431 -7.11 -17.35 -23.00
C LYS A 431 -6.10 -17.73 -21.94
N LEU A 432 -4.80 -17.62 -22.21
CA LEU A 432 -3.83 -18.16 -21.28
C LEU A 432 -3.61 -17.22 -20.10
N CYS A 433 -4.45 -16.20 -19.95
CA CYS A 433 -4.36 -15.29 -18.81
C CYS A 433 -4.99 -15.85 -17.55
N TRP A 434 -5.90 -16.80 -17.67
CA TRP A 434 -6.64 -17.31 -16.51
C TRP A 434 -5.85 -18.31 -15.69
N ASN A 435 -4.57 -18.52 -16.00
CA ASN A 435 -3.76 -19.46 -15.24
C ASN A 435 -3.83 -19.14 -13.76
N ASP A 436 -3.88 -20.19 -12.94
CA ASP A 436 -4.14 -19.98 -11.52
C ASP A 436 -2.88 -19.60 -10.76
N THR A 437 -1.71 -19.96 -11.29
CA THR A 437 -0.47 -19.74 -10.57
C THR A 437 0.46 -18.75 -11.25
N THR A 438 0.85 -19.02 -12.49
CA THR A 438 1.94 -18.28 -13.11
C THR A 438 1.44 -17.38 -14.22
N ARG A 439 2.12 -16.26 -14.42
CA ARG A 439 1.89 -15.37 -15.54
C ARG A 439 3.04 -15.54 -16.52
N LEU A 440 2.72 -15.59 -17.81
CA LEU A 440 3.76 -15.73 -18.82
C LEU A 440 4.61 -14.47 -18.86
N PRO A 441 5.87 -14.55 -19.29
CA PRO A 441 6.73 -13.38 -19.23
C PRO A 441 6.38 -12.30 -20.22
N HIS A 442 6.01 -12.65 -21.45
CA HIS A 442 5.88 -11.68 -22.53
C HIS A 442 4.53 -11.82 -23.22
N HIS A 443 4.12 -10.74 -23.88
CA HIS A 443 2.89 -10.72 -24.66
C HIS A 443 3.12 -10.96 -26.14
N SER A 444 4.19 -10.40 -26.69
CA SER A 444 4.60 -10.64 -28.07
C SER A 444 5.89 -11.45 -28.04
N PHE A 445 5.93 -12.56 -28.77
CA PHE A 445 7.10 -13.41 -28.67
C PHE A 445 7.15 -14.36 -29.86
N MET A 446 8.21 -15.15 -29.93
CA MET A 446 8.41 -16.16 -30.96
C MET A 446 8.19 -17.52 -30.33
N TRP A 447 7.18 -18.23 -30.81
CA TRP A 447 6.80 -19.53 -30.27
C TRP A 447 7.38 -20.62 -31.15
N GLU A 448 8.23 -21.45 -30.57
CA GLU A 448 8.89 -22.54 -31.28
C GLU A 448 8.36 -23.86 -30.76
N GLY A 449 7.95 -24.73 -31.68
CA GLY A 449 7.37 -26.00 -31.31
C GLY A 449 8.43 -27.05 -31.01
N VAL A 450 8.00 -28.30 -31.04
CA VAL A 450 8.94 -29.39 -30.81
C VAL A 450 9.82 -29.61 -32.02
N ASP A 451 9.28 -29.36 -33.22
CA ASP A 451 10.08 -29.54 -34.43
C ASP A 451 11.22 -28.53 -34.50
N GLY A 452 10.91 -27.26 -34.31
CA GLY A 452 11.91 -26.23 -34.41
C GLY A 452 11.43 -25.03 -35.19
N SER A 453 10.31 -25.18 -35.89
CA SER A 453 9.72 -24.06 -36.58
C SER A 453 9.12 -23.09 -35.60
N GLN A 454 9.17 -21.80 -35.94
CA GLN A 454 8.74 -20.74 -35.04
C GLN A 454 7.69 -19.87 -35.71
N ILE A 455 6.79 -19.34 -34.89
CA ILE A 455 5.68 -18.52 -35.35
C ILE A 455 5.58 -17.32 -34.43
N PHE A 456 5.24 -16.16 -34.96
CA PHE A 456 5.11 -14.98 -34.13
C PHE A 456 3.76 -14.98 -33.45
N THR A 457 3.73 -14.84 -32.13
CA THR A 457 2.51 -14.94 -31.35
C THR A 457 2.33 -13.67 -30.53
N HIS A 458 1.09 -13.29 -30.30
CA HIS A 458 0.74 -12.08 -29.57
C HIS A 458 -0.48 -12.33 -28.69
N PHE A 459 -0.41 -11.85 -27.44
CA PHE A 459 -1.62 -11.81 -26.64
C PHE A 459 -2.17 -10.40 -26.63
N PRO A 460 -3.46 -10.19 -26.80
CA PRO A 460 -4.02 -8.85 -26.58
C PRO A 460 -3.86 -8.45 -25.13
N PRO A 461 -3.18 -7.34 -24.86
CA PRO A 461 -2.85 -7.00 -23.47
C PRO A 461 -4.05 -6.71 -22.61
N ALA A 462 -5.23 -6.49 -23.19
CA ALA A 462 -6.42 -6.24 -22.40
C ALA A 462 -6.86 -7.46 -21.61
N ASP A 463 -6.22 -8.60 -21.82
CA ASP A 463 -6.50 -9.84 -21.10
C ASP A 463 -7.93 -10.31 -21.30
N LYS A 464 -8.57 -9.89 -22.40
CA LYS A 464 -9.91 -10.30 -22.73
C LYS A 464 -10.21 -9.86 -24.16
N TYR A 465 -11.02 -10.65 -24.86
CA TYR A 465 -11.39 -10.32 -26.23
C TYR A 465 -12.60 -9.40 -26.29
N ASP A 466 -13.48 -9.45 -25.31
CA ASP A 466 -14.68 -8.62 -25.27
C ASP A 466 -14.43 -7.42 -24.37
N SER A 467 -13.97 -6.33 -24.96
CA SER A 467 -13.81 -5.09 -24.25
C SER A 467 -14.93 -4.15 -24.66
N ASP A 468 -15.13 -3.08 -23.89
CA ASP A 468 -16.15 -2.09 -24.19
C ASP A 468 -15.57 -0.74 -24.52
N MET A 469 -14.28 -0.68 -24.85
CA MET A 469 -13.61 0.57 -25.20
C MET A 469 -13.78 1.61 -24.11
N SER A 470 -13.61 1.20 -22.86
CA SER A 470 -13.71 2.10 -21.73
C SER A 470 -12.36 2.69 -21.40
N ALA A 471 -12.37 3.69 -20.51
CA ALA A 471 -11.11 4.22 -20.03
C ALA A 471 -10.39 3.20 -19.15
N ASN A 472 -11.14 2.38 -18.42
CA ASN A 472 -10.53 1.33 -17.64
C ASN A 472 -9.68 0.42 -18.52
N ASP A 473 -10.18 0.10 -19.71
CA ASP A 473 -9.46 -0.81 -20.58
C ASP A 473 -8.22 -0.16 -21.16
N MET A 474 -8.28 1.14 -21.48
CA MET A 474 -7.07 1.83 -21.92
C MET A 474 -6.01 1.83 -20.83
N ALA A 475 -6.40 2.27 -19.63
CA ALA A 475 -5.47 2.27 -18.52
C ALA A 475 -4.87 0.89 -18.29
N TYR A 476 -5.70 -0.14 -18.35
CA TYR A 476 -5.20 -1.49 -18.10
C TYR A 476 -4.24 -1.94 -19.20
N VAL A 477 -4.62 -1.71 -20.46
CA VAL A 477 -3.78 -2.13 -21.58
C VAL A 477 -2.41 -1.50 -21.46
N GLN A 478 -2.34 -0.20 -21.19
CA GLN A 478 -1.04 0.43 -21.16
C GLN A 478 -0.25 0.08 -19.91
N SER A 479 -0.93 -0.21 -18.80
CA SER A 479 -0.26 -0.48 -17.55
C SER A 479 -0.03 -1.95 -17.30
N ASN A 480 -0.47 -2.82 -18.20
CA ASN A 480 -0.25 -4.25 -18.07
C ASN A 480 0.66 -4.83 -19.14
N TYR A 481 0.76 -4.18 -20.30
CA TYR A 481 1.56 -4.68 -21.41
C TYR A 481 2.96 -5.03 -20.94
N LYS A 482 3.38 -6.26 -21.20
CA LYS A 482 4.57 -6.84 -20.59
C LYS A 482 5.83 -6.63 -21.40
N ASP A 483 5.78 -5.86 -22.50
CA ASP A 483 6.97 -5.62 -23.30
C ASP A 483 7.05 -4.16 -23.71
N LYS A 484 6.81 -3.26 -22.77
CA LYS A 484 6.76 -1.83 -23.09
C LYS A 484 8.11 -1.23 -23.41
N ASP A 485 9.20 -1.98 -23.25
CA ASP A 485 10.52 -1.39 -23.47
C ASP A 485 10.97 -1.51 -24.91
N LEU A 486 10.39 -2.42 -25.68
CA LEU A 486 10.88 -2.68 -27.03
C LEU A 486 9.80 -2.92 -28.07
N SER A 487 8.53 -2.79 -27.71
CA SER A 487 7.44 -3.07 -28.63
C SER A 487 6.54 -1.87 -28.91
N ASP A 488 6.08 -1.20 -27.86
CA ASP A 488 5.13 -0.07 -27.86
C ASP A 488 4.10 -0.17 -28.97
N ARG A 489 3.53 -1.37 -29.16
CA ARG A 489 2.51 -1.60 -30.16
C ARG A 489 1.70 -2.81 -29.74
N GLY A 490 0.37 -2.66 -29.74
CA GLY A 490 -0.48 -3.74 -29.30
C GLY A 490 -1.79 -3.72 -30.07
N ILE A 491 -2.56 -4.76 -29.85
CA ILE A 491 -3.86 -4.92 -30.49
C ILE A 491 -4.94 -4.72 -29.43
N LEU A 492 -6.14 -4.39 -29.88
CA LEU A 492 -7.24 -4.14 -28.97
C LEU A 492 -8.55 -4.53 -29.62
N LEU A 493 -9.20 -5.56 -29.09
CA LEU A 493 -10.47 -6.04 -29.61
C LEU A 493 -11.58 -5.51 -28.71
N PHE A 494 -12.71 -5.15 -29.30
CA PHE A 494 -13.84 -4.67 -28.52
C PHE A 494 -15.14 -5.12 -29.14
N GLY A 495 -16.18 -5.17 -28.30
CA GLY A 495 -17.47 -5.68 -28.69
C GLY A 495 -18.05 -6.56 -27.61
N TYR A 496 -19.33 -6.87 -27.68
CA TYR A 496 -19.95 -7.78 -26.72
C TYR A 496 -19.88 -9.19 -27.28
N GLY A 497 -19.16 -10.06 -26.58
CA GLY A 497 -18.85 -11.38 -27.10
C GLY A 497 -19.40 -12.49 -26.24
N ASP A 498 -19.03 -13.72 -26.63
CA ASP A 498 -19.35 -14.97 -25.96
C ASP A 498 -20.78 -15.40 -26.22
N GLY A 499 -21.61 -14.49 -26.72
CA GLY A 499 -22.96 -14.84 -27.12
C GLY A 499 -23.43 -14.06 -28.33
N GLY A 500 -22.54 -13.31 -28.94
CA GLY A 500 -22.93 -12.42 -30.03
C GLY A 500 -23.28 -11.04 -29.52
N GLY A 501 -23.83 -10.23 -30.41
CA GLY A 501 -24.20 -8.88 -30.08
C GLY A 501 -23.32 -7.85 -30.74
N GLY A 502 -22.02 -8.12 -30.79
CA GLY A 502 -21.09 -7.24 -31.44
C GLY A 502 -20.87 -5.96 -30.67
N PRO A 503 -20.30 -4.95 -31.33
CA PRO A 503 -20.13 -3.65 -30.69
C PRO A 503 -21.36 -2.78 -30.88
N ILE A 504 -21.51 -1.82 -29.99
CA ILE A 504 -22.63 -0.89 -30.01
C ILE A 504 -22.10 0.49 -30.39
N ARG A 505 -23.01 1.33 -30.89
CA ARG A 505 -22.59 2.64 -31.41
C ARG A 505 -22.04 3.54 -30.32
N GLU A 506 -22.23 3.20 -29.05
CA GLU A 506 -21.60 3.97 -27.99
C GLU A 506 -20.10 3.72 -27.93
N MET A 507 -19.67 2.52 -28.32
CA MET A 507 -18.24 2.23 -28.31
C MET A 507 -17.49 3.00 -29.39
N THR A 508 -18.10 3.13 -30.57
CA THR A 508 -17.41 3.78 -31.68
C THR A 508 -17.25 5.27 -31.44
N MET A 509 -18.21 5.89 -30.76
CA MET A 509 -18.14 7.34 -30.61
C MET A 509 -17.35 7.72 -29.38
N ARG A 510 -16.99 6.74 -28.55
CA ARG A 510 -15.98 6.98 -27.52
C ARG A 510 -14.62 6.49 -27.95
N GLU A 511 -14.46 6.11 -29.22
CA GLU A 511 -13.13 5.82 -29.74
C GLU A 511 -12.49 7.08 -30.29
N HIS A 512 -13.29 7.93 -30.95
CA HIS A 512 -12.77 9.18 -31.48
C HIS A 512 -12.31 10.12 -30.38
N ARG A 513 -12.77 9.92 -29.16
CA ARG A 513 -12.28 10.72 -28.04
C ARG A 513 -10.92 10.26 -27.57
N PHE A 514 -10.61 8.97 -27.70
CA PHE A 514 -9.36 8.41 -27.23
C PHE A 514 -8.30 8.38 -28.33
N GLU A 515 -8.55 9.08 -29.43
CA GLU A 515 -7.58 9.10 -30.53
C GLU A 515 -6.26 9.69 -30.07
N SER A 516 -6.29 10.86 -29.43
CA SER A 516 -5.08 11.41 -28.82
C SER A 516 -5.19 11.50 -27.31
N PHE A 517 -6.11 12.33 -26.79
CA PHE A 517 -6.46 12.37 -25.38
C PHE A 517 -5.28 12.20 -24.43
N GLU A 518 -4.37 13.18 -24.39
CA GLU A 518 -3.23 13.13 -23.49
C GLU A 518 -3.57 12.49 -22.15
N GLY A 519 -2.78 11.51 -21.76
CA GLY A 519 -3.01 10.74 -20.56
C GLY A 519 -3.31 9.28 -20.79
N MET A 520 -3.55 8.88 -22.03
CA MET A 520 -3.98 7.54 -22.37
C MET A 520 -3.34 7.13 -23.69
N PRO A 521 -3.35 5.83 -24.02
CA PRO A 521 -2.70 5.40 -25.25
C PRO A 521 -3.40 5.94 -26.48
N LYS A 522 -2.63 6.12 -27.55
CA LYS A 522 -3.20 6.42 -28.84
C LYS A 522 -3.94 5.20 -29.37
N VAL A 523 -5.06 5.44 -30.04
CA VAL A 523 -5.92 4.37 -30.52
C VAL A 523 -6.32 4.68 -31.94
N GLU A 524 -6.30 3.67 -32.81
CA GLU A 524 -6.75 3.86 -34.18
C GLU A 524 -7.24 2.54 -34.73
N TYR A 525 -8.11 2.62 -35.72
CA TYR A 525 -8.62 1.41 -36.36
C TYR A 525 -7.55 0.79 -37.24
N GLY A 526 -7.72 -0.48 -37.55
CA GLY A 526 -6.78 -1.16 -38.41
C GLY A 526 -7.19 -2.59 -38.63
N THR A 527 -6.47 -3.25 -39.53
CA THR A 527 -6.72 -4.64 -39.87
C THR A 527 -5.66 -5.51 -39.21
N PRO A 528 -5.98 -6.76 -38.88
CA PRO A 528 -5.00 -7.59 -38.17
C PRO A 528 -3.73 -7.86 -38.95
N ASP A 529 -3.83 -8.06 -40.26
CA ASP A 529 -2.65 -8.43 -41.04
C ASP A 529 -1.59 -7.33 -41.01
N ASP A 530 -2.02 -6.08 -41.18
CA ASP A 530 -1.07 -4.98 -41.21
C ASP A 530 -0.44 -4.76 -39.83
N PHE A 531 -1.27 -4.80 -38.78
CA PHE A 531 -0.72 -4.69 -37.43
C PHE A 531 0.33 -5.75 -37.20
N PHE A 532 0.01 -7.00 -37.53
CA PHE A 532 0.95 -8.08 -37.23
C PHE A 532 2.23 -7.92 -38.04
N SER A 533 2.12 -7.63 -39.33
CA SER A 533 3.29 -7.41 -40.15
C SER A 533 4.21 -6.35 -39.53
N LYS A 534 3.68 -5.14 -39.33
CA LYS A 534 4.55 -4.06 -38.87
C LYS A 534 5.06 -4.30 -37.45
N ALA A 535 4.22 -4.85 -36.57
CA ALA A 535 4.65 -5.09 -35.20
C ALA A 535 5.79 -6.09 -35.15
N GLU A 536 5.64 -7.21 -35.86
CA GLU A 536 6.71 -8.19 -35.87
C GLU A 536 7.99 -7.59 -36.45
N THR A 537 7.89 -6.89 -37.58
CA THR A 537 9.11 -6.42 -38.24
C THR A 537 9.83 -5.38 -37.39
N GLU A 538 9.07 -4.51 -36.71
CA GLU A 538 9.73 -3.48 -35.92
C GLU A 538 10.29 -4.05 -34.62
N MET A 539 9.57 -4.98 -33.99
CA MET A 539 10.11 -5.63 -32.79
C MET A 539 11.38 -6.41 -33.12
N LYS A 540 11.40 -7.07 -34.27
CA LYS A 540 12.62 -7.75 -34.71
C LYS A 540 13.76 -6.76 -34.90
N ALA A 541 13.57 -5.78 -35.78
CA ALA A 541 14.64 -4.84 -36.10
C ALA A 541 15.05 -4.00 -34.90
N GLU A 542 14.26 -3.99 -33.83
CA GLU A 542 14.62 -3.25 -32.64
C GLU A 542 15.33 -4.10 -31.59
N ALA A 543 14.75 -5.22 -31.21
CA ALA A 543 15.29 -6.02 -30.12
C ALA A 543 16.67 -6.59 -30.48
N GLY A 544 16.79 -7.14 -31.68
CA GLY A 544 18.01 -7.83 -32.07
C GLY A 544 17.86 -9.31 -31.78
N SER A 545 18.97 -9.96 -31.44
CA SER A 545 18.92 -11.36 -31.05
C SER A 545 18.65 -11.48 -29.55
N GLU A 546 17.63 -10.74 -29.13
CA GLU A 546 17.13 -10.70 -27.77
C GLU A 546 15.62 -10.89 -27.79
N MET A 547 15.09 -11.25 -28.94
CA MET A 547 13.67 -11.41 -29.15
C MET A 547 13.13 -12.47 -28.21
N PRO A 548 12.09 -12.19 -27.44
CA PRO A 548 11.55 -13.20 -26.53
C PRO A 548 11.14 -14.46 -27.27
N ARG A 549 11.30 -15.59 -26.61
CA ARG A 549 11.11 -16.89 -27.25
C ARG A 549 10.53 -17.85 -26.23
N TRP A 550 9.64 -18.72 -26.69
CA TRP A 550 9.03 -19.75 -25.87
C TRP A 550 9.04 -21.06 -26.64
N LYS A 551 9.72 -22.07 -26.10
CA LYS A 551 9.78 -23.38 -26.73
C LYS A 551 8.99 -24.37 -25.91
N GLY A 552 8.10 -25.11 -26.57
CA GLY A 552 7.30 -26.10 -25.89
C GLY A 552 5.82 -25.90 -26.11
N GLU A 553 5.02 -26.33 -25.14
CA GLU A 553 3.58 -26.23 -25.21
C GLU A 553 3.08 -25.18 -24.23
N PHE A 554 1.86 -24.72 -24.45
CA PHE A 554 1.22 -23.79 -23.53
C PHE A 554 0.30 -24.59 -22.63
N TYR A 555 0.81 -25.02 -21.48
CA TYR A 555 0.00 -25.77 -20.54
C TYR A 555 -0.96 -24.82 -19.85
N PHE A 556 -2.25 -25.14 -19.88
CA PHE A 556 -3.27 -24.30 -19.28
C PHE A 556 -3.45 -24.69 -17.82
N GLU A 557 -3.07 -23.80 -16.91
CA GLU A 557 -3.13 -24.07 -15.49
C GLU A 557 -4.52 -23.83 -14.94
N LEU A 558 -5.53 -24.47 -15.52
CA LEU A 558 -6.92 -24.30 -15.11
C LEU A 558 -7.76 -25.27 -15.93
N HIS A 559 -8.93 -25.60 -15.40
CA HIS A 559 -9.90 -26.45 -16.08
C HIS A 559 -9.28 -27.80 -16.44
N ARG A 560 -8.85 -28.52 -15.41
CA ARG A 560 -8.20 -29.80 -15.65
C ARG A 560 -9.22 -30.88 -15.99
N LYS A 561 -10.45 -30.74 -15.51
CA LYS A 561 -11.45 -31.78 -15.72
C LYS A 561 -12.02 -31.77 -17.13
N THR A 562 -11.62 -30.83 -17.97
CA THR A 562 -12.13 -30.80 -19.33
C THR A 562 -11.59 -31.95 -20.17
N LEU A 563 -10.57 -32.64 -19.67
CA LEU A 563 -10.07 -33.82 -20.38
C LEU A 563 -10.97 -35.02 -20.19
N THR A 564 -11.85 -35.01 -19.19
CA THR A 564 -12.71 -36.16 -18.92
C THR A 564 -14.12 -35.78 -18.52
N SER A 565 -14.62 -34.62 -18.95
CA SER A 565 -15.89 -34.15 -18.42
C SER A 565 -17.05 -34.98 -18.95
N GLN A 566 -17.21 -35.06 -20.27
CA GLN A 566 -18.25 -35.87 -20.90
C GLN A 566 -17.56 -36.93 -21.73
N GLN A 567 -17.50 -38.15 -21.19
CA GLN A 567 -16.65 -39.16 -21.80
C GLN A 567 -17.12 -39.57 -23.18
N GLU A 568 -18.43 -39.59 -23.42
CA GLU A 568 -18.95 -40.05 -24.70
C GLU A 568 -18.57 -39.10 -25.84
N MET A 569 -18.22 -37.86 -25.50
CA MET A 569 -17.73 -36.94 -26.52
C MET A 569 -16.28 -37.24 -26.86
N LYS A 570 -15.46 -37.52 -25.85
CA LYS A 570 -14.06 -37.85 -26.10
C LYS A 570 -13.94 -39.19 -26.82
N ARG A 571 -14.73 -40.17 -26.41
CA ARG A 571 -14.70 -41.46 -27.09
C ARG A 571 -15.22 -41.32 -28.51
N GLY A 572 -16.18 -40.42 -28.73
CA GLY A 572 -16.71 -40.25 -30.07
C GLY A 572 -15.76 -39.55 -31.00
N CYS A 573 -14.98 -38.59 -30.49
CA CYS A 573 -14.05 -37.87 -31.35
C CYS A 573 -12.97 -38.78 -31.89
N ARG A 574 -12.50 -39.72 -31.08
CA ARG A 574 -11.45 -40.62 -31.54
C ARG A 574 -11.98 -41.74 -32.41
N LYS A 575 -13.06 -42.39 -31.98
CA LYS A 575 -13.56 -43.54 -32.73
C LYS A 575 -13.98 -43.16 -34.14
N GLU A 576 -14.61 -42.00 -34.30
CA GLU A 576 -15.00 -41.56 -35.64
C GLU A 576 -13.77 -41.23 -36.47
N GLU A 577 -12.82 -40.51 -35.89
CA GLU A 577 -11.64 -40.12 -36.64
C GLU A 577 -10.65 -41.26 -36.86
N SER A 578 -10.56 -42.19 -35.92
CA SER A 578 -9.66 -43.32 -36.11
C SER A 578 -10.18 -44.26 -37.18
N MET A 579 -11.45 -44.14 -37.55
CA MET A 579 -11.98 -44.99 -38.61
C MET A 579 -12.18 -44.25 -39.91
N LEU A 580 -12.23 -42.93 -39.88
CA LEU A 580 -12.12 -42.18 -41.13
C LEU A 580 -10.82 -42.53 -41.83
N ARG A 581 -9.77 -42.82 -41.07
CA ARG A 581 -8.51 -43.23 -41.67
C ARG A 581 -8.67 -44.51 -42.47
N THR A 582 -9.30 -45.51 -41.88
CA THR A 582 -9.54 -46.76 -42.60
C THR A 582 -10.40 -46.53 -43.83
N VAL A 583 -11.49 -45.78 -43.68
CA VAL A 583 -12.41 -45.59 -44.79
C VAL A 583 -11.73 -44.86 -45.94
N GLU A 584 -10.89 -43.89 -45.64
CA GLU A 584 -10.21 -43.16 -46.69
C GLU A 584 -9.11 -44.01 -47.33
N TYR A 585 -8.45 -44.85 -46.55
CA TYR A 585 -7.44 -45.74 -47.11
C TYR A 585 -8.08 -46.75 -48.05
N LEU A 586 -9.25 -47.28 -47.67
CA LEU A 586 -9.91 -48.24 -48.53
C LEU A 586 -10.34 -47.61 -49.85
N GLY A 587 -10.71 -46.34 -49.82
CA GLY A 587 -11.04 -45.65 -51.06
C GLY A 587 -9.85 -45.56 -52.00
N VAL A 588 -8.65 -45.52 -51.45
CA VAL A 588 -7.45 -45.54 -52.28
C VAL A 588 -7.22 -46.92 -52.85
N VAL A 589 -7.31 -47.95 -52.00
CA VAL A 589 -7.05 -49.31 -52.45
C VAL A 589 -8.11 -49.75 -53.45
N ALA A 590 -9.35 -49.36 -53.23
CA ALA A 590 -10.41 -49.77 -54.14
C ALA A 590 -10.41 -48.98 -55.44
N SER A 591 -9.90 -47.75 -55.43
CA SER A 591 -9.83 -46.96 -56.65
C SER A 591 -8.62 -47.29 -57.50
N LEU A 592 -7.77 -48.21 -57.04
CA LEU A 592 -6.69 -48.72 -57.85
C LEU A 592 -6.95 -50.12 -58.37
N GLU A 593 -7.75 -50.90 -57.66
CA GLU A 593 -8.05 -52.26 -58.06
C GLU A 593 -9.19 -52.34 -59.08
N SER A 594 -10.38 -51.87 -58.70
CA SER A 594 -11.55 -51.98 -59.56
C SER A 594 -11.59 -50.80 -60.52
N ALA A 595 -11.81 -51.10 -61.80
CA ALA A 595 -11.73 -50.08 -62.82
C ALA A 595 -12.91 -49.12 -62.81
N ASP A 596 -14.02 -49.47 -62.16
CA ASP A 596 -15.19 -48.59 -62.05
C ASP A 596 -15.69 -48.64 -60.61
N TYR A 597 -15.37 -47.58 -59.86
CA TYR A 597 -15.82 -47.44 -58.49
C TYR A 597 -15.76 -45.97 -58.13
N VAL A 598 -16.92 -45.40 -57.86
CA VAL A 598 -17.03 -43.96 -57.59
C VAL A 598 -16.83 -43.73 -56.10
N TYR A 599 -15.78 -42.99 -55.77
CA TYR A 599 -15.47 -42.69 -54.39
C TYR A 599 -16.42 -41.60 -53.90
N PRO A 600 -17.18 -41.84 -52.84
CA PRO A 600 -18.21 -40.87 -52.44
C PRO A 600 -17.65 -39.63 -51.78
N THR A 601 -17.22 -38.65 -52.57
CA THR A 601 -16.59 -37.46 -52.01
C THR A 601 -17.55 -36.68 -51.11
N GLU A 602 -18.79 -36.49 -51.55
CA GLU A 602 -19.68 -35.58 -50.84
C GLU A 602 -20.10 -36.13 -49.48
N ARG A 603 -20.39 -37.43 -49.41
CA ARG A 603 -20.74 -38.01 -48.12
C ARG A 603 -19.59 -37.85 -47.13
N ILE A 604 -18.37 -38.11 -47.59
CA ILE A 604 -17.21 -37.99 -46.71
C ILE A 604 -17.01 -36.54 -46.29
N ASP A 605 -17.22 -35.60 -47.21
CA ASP A 605 -17.09 -34.19 -46.85
C ASP A 605 -18.10 -33.79 -45.80
N ARG A 606 -19.35 -34.24 -45.96
CA ARG A 606 -20.37 -33.94 -44.97
C ARG A 606 -20.02 -34.53 -43.61
N ILE A 607 -19.52 -35.77 -43.60
CA ILE A 607 -19.15 -36.40 -42.34
C ILE A 607 -18.01 -35.64 -41.69
N TRP A 608 -17.03 -35.21 -42.49
CA TRP A 608 -15.90 -34.48 -41.93
C TRP A 608 -16.32 -33.15 -41.35
N LYS A 609 -17.19 -32.42 -42.06
CA LYS A 609 -17.66 -31.15 -41.52
C LYS A 609 -18.46 -31.34 -40.25
N THR A 610 -19.32 -32.35 -40.21
CA THR A 610 -20.07 -32.65 -39.00
C THR A 610 -19.12 -32.96 -37.85
N LEU A 611 -18.04 -33.67 -38.13
CA LEU A 611 -17.08 -33.98 -37.09
C LEU A 611 -16.40 -32.72 -36.59
N LEU A 612 -15.87 -31.91 -37.50
CA LEU A 612 -15.16 -30.70 -37.10
C LEU A 612 -16.05 -29.72 -36.37
N LEU A 613 -17.36 -29.84 -36.53
CA LEU A 613 -18.24 -28.98 -35.74
C LEU A 613 -18.34 -29.42 -34.29
N SER A 614 -18.14 -30.70 -33.99
CA SER A 614 -18.24 -31.19 -32.63
C SER A 614 -16.90 -31.17 -31.91
N GLN A 615 -15.94 -30.42 -32.44
CA GLN A 615 -14.66 -30.21 -31.77
C GLN A 615 -14.49 -28.76 -31.34
N PHE A 616 -15.58 -27.99 -31.29
CA PHE A 616 -15.53 -26.63 -30.80
C PHE A 616 -15.00 -26.59 -29.38
N HIS A 617 -14.58 -25.42 -28.94
CA HIS A 617 -13.92 -25.28 -27.65
C HIS A 617 -14.90 -25.27 -26.49
N ASP A 618 -16.10 -25.80 -26.70
CA ASP A 618 -17.13 -25.81 -25.65
C ASP A 618 -17.82 -27.16 -25.56
N ILE A 619 -17.63 -28.01 -26.57
CA ILE A 619 -18.38 -29.24 -26.68
C ILE A 619 -17.46 -30.46 -26.69
N LEU A 620 -16.22 -30.29 -27.13
CA LEU A 620 -15.24 -31.35 -26.89
C LEU A 620 -14.81 -31.39 -25.42
N PRO A 621 -14.54 -30.25 -24.76
CA PRO A 621 -14.33 -30.31 -23.31
C PRO A 621 -15.56 -30.75 -22.55
N GLY A 622 -16.73 -30.68 -23.17
CA GLY A 622 -17.94 -31.10 -22.52
C GLY A 622 -18.33 -30.19 -21.38
N SER A 623 -18.61 -28.93 -21.68
CA SER A 623 -19.01 -27.95 -20.68
C SER A 623 -20.20 -27.14 -21.16
N ALA A 624 -21.09 -27.78 -21.91
CA ALA A 624 -22.29 -27.14 -22.41
C ALA A 624 -23.52 -27.78 -21.76
N ILE A 625 -24.69 -27.25 -22.08
CA ILE A 625 -25.93 -27.69 -21.45
C ILE A 625 -26.26 -29.10 -21.90
N GLU A 626 -27.21 -29.73 -21.21
CA GLU A 626 -27.58 -31.11 -21.52
C GLU A 626 -28.09 -31.24 -22.95
N TRP A 627 -28.73 -30.20 -23.45
CA TRP A 627 -29.31 -30.27 -24.79
C TRP A 627 -28.23 -30.41 -25.87
N ALA A 628 -27.13 -29.66 -25.74
CA ALA A 628 -26.12 -29.65 -26.79
C ALA A 628 -25.44 -31.00 -26.91
N HIS A 629 -25.06 -31.60 -25.77
CA HIS A 629 -24.39 -32.89 -25.81
C HIS A 629 -25.32 -33.98 -26.33
N ARG A 630 -26.60 -33.92 -25.94
CA ARG A 630 -27.55 -34.93 -26.42
C ARG A 630 -27.60 -34.96 -27.94
N VAL A 631 -27.67 -33.79 -28.57
CA VAL A 631 -27.66 -33.74 -30.04
C VAL A 631 -26.32 -34.21 -30.57
N ALA A 632 -25.22 -33.70 -29.99
CA ALA A 632 -23.91 -34.07 -30.51
C ALA A 632 -23.61 -35.54 -30.29
N ARG A 633 -24.18 -36.13 -29.24
CA ARG A 633 -23.93 -37.54 -28.97
C ARG A 633 -24.58 -38.42 -30.03
N GLU A 634 -25.85 -38.17 -30.35
CA GLU A 634 -26.52 -38.99 -31.34
C GLU A 634 -26.00 -38.75 -32.74
N GLU A 635 -25.22 -37.70 -32.95
CA GLU A 635 -24.58 -37.53 -34.25
C GLU A 635 -23.43 -38.49 -34.42
N TYR A 636 -22.67 -38.74 -33.35
CA TYR A 636 -21.60 -39.72 -33.41
C TYR A 636 -22.14 -41.11 -33.72
N ALA A 637 -23.29 -41.44 -33.15
CA ALA A 637 -23.90 -42.74 -33.42
C ALA A 637 -24.29 -42.85 -34.89
N ARG A 638 -24.83 -41.77 -35.46
CA ARG A 638 -25.32 -41.85 -36.83
C ARG A 638 -24.18 -41.92 -37.83
N ASP A 639 -23.13 -41.13 -37.61
CA ASP A 639 -22.04 -41.09 -38.58
C ASP A 639 -21.12 -42.29 -38.44
N LEU A 640 -21.03 -42.86 -37.24
CA LEU A 640 -20.32 -44.13 -37.09
C LEU A 640 -20.99 -45.21 -37.93
N LYS A 641 -22.32 -45.29 -37.87
CA LYS A 641 -23.04 -46.28 -38.66
C LYS A 641 -22.88 -46.02 -40.15
N ALA A 642 -23.09 -44.79 -40.59
CA ALA A 642 -22.93 -44.46 -42.00
C ALA A 642 -21.52 -44.70 -42.50
N LEU A 643 -20.51 -44.50 -41.65
CA LEU A 643 -19.14 -44.76 -42.08
C LEU A 643 -18.91 -46.23 -42.34
N SER A 644 -19.38 -47.10 -41.45
CA SER A 644 -19.21 -48.52 -41.71
C SER A 644 -20.28 -49.05 -42.64
N ASP A 645 -20.55 -48.32 -43.69
CA ASP A 645 -21.23 -48.82 -44.87
C ASP A 645 -20.50 -48.41 -46.12
N ILE A 646 -19.88 -47.24 -46.12
CA ILE A 646 -18.87 -46.91 -47.11
C ILE A 646 -17.73 -47.91 -47.09
N ALA A 647 -17.30 -48.34 -45.90
CA ALA A 647 -16.22 -49.31 -45.80
C ALA A 647 -16.62 -50.62 -46.46
N ARG A 648 -17.73 -51.22 -46.03
CA ARG A 648 -18.08 -52.54 -46.53
C ARG A 648 -18.47 -52.47 -48.00
N ASP A 649 -18.89 -51.29 -48.48
CA ASP A 649 -19.23 -51.16 -49.89
C ASP A 649 -17.98 -51.00 -50.73
N ALA A 650 -16.92 -50.44 -50.15
CA ALA A 650 -15.65 -50.38 -50.86
C ALA A 650 -14.95 -51.73 -50.84
N ILE A 651 -15.02 -52.44 -49.72
CA ILE A 651 -14.37 -53.75 -49.62
C ILE A 651 -15.00 -54.72 -50.61
N ALA A 652 -16.29 -54.53 -50.91
CA ALA A 652 -16.94 -55.36 -51.91
C ALA A 652 -16.27 -55.21 -53.27
N ALA A 653 -15.69 -54.03 -53.53
CA ALA A 653 -15.03 -53.81 -54.81
C ALA A 653 -13.68 -54.52 -54.86
N ILE A 654 -12.90 -54.43 -53.79
CA ILE A 654 -11.63 -55.15 -53.75
C ILE A 654 -11.86 -56.64 -53.77
N ALA A 655 -12.99 -57.10 -53.25
CA ALA A 655 -13.27 -58.53 -53.18
C ALA A 655 -13.47 -59.11 -54.58
N VAL A 656 -13.98 -58.31 -55.51
CA VAL A 656 -14.17 -58.81 -56.86
C VAL A 656 -12.95 -58.59 -57.73
N ALA A 657 -12.05 -57.67 -57.34
CA ALA A 657 -10.88 -57.42 -58.15
C ALA A 657 -9.80 -58.47 -57.91
N ASN A 658 -9.66 -58.94 -56.67
CA ASN A 658 -8.72 -60.00 -56.32
C ASN A 658 -9.56 -61.17 -55.80
N PRO A 659 -10.17 -61.93 -56.70
CA PRO A 659 -11.26 -62.83 -56.31
C PRO A 659 -10.84 -64.12 -55.62
N ASP A 660 -9.55 -64.42 -55.49
CA ASP A 660 -9.20 -65.71 -54.90
C ASP A 660 -7.97 -65.67 -54.01
N VAL A 661 -7.56 -64.51 -53.52
CA VAL A 661 -6.34 -64.43 -52.72
C VAL A 661 -6.53 -64.98 -51.31
N ALA A 662 -7.38 -64.33 -50.51
CA ALA A 662 -7.73 -64.76 -49.16
C ALA A 662 -8.70 -63.76 -48.59
N ARG A 663 -9.51 -64.20 -47.64
CA ARG A 663 -10.39 -63.29 -46.91
C ARG A 663 -10.33 -63.68 -45.45
N ILE A 664 -10.24 -62.69 -44.58
CA ILE A 664 -10.21 -62.92 -43.14
C ILE A 664 -11.29 -62.07 -42.48
N ALA A 665 -11.97 -62.67 -41.51
CA ALA A 665 -12.95 -61.95 -40.71
C ALA A 665 -12.24 -61.30 -39.54
N LYS A 666 -12.80 -60.20 -39.08
CA LYS A 666 -12.21 -59.46 -37.96
C LYS A 666 -10.78 -59.03 -38.26
N ALA A 667 -10.62 -58.16 -39.25
CA ALA A 667 -9.32 -57.60 -39.55
C ALA A 667 -9.21 -56.18 -39.01
N ARG A 668 -7.98 -55.70 -38.88
CA ARG A 668 -7.74 -54.34 -38.39
C ARG A 668 -6.55 -53.74 -39.12
N ILE A 669 -6.82 -52.78 -40.01
CA ILE A 669 -5.77 -52.05 -40.70
C ILE A 669 -5.23 -51.01 -39.74
N SER A 670 -4.07 -51.29 -39.17
CA SER A 670 -3.42 -50.42 -38.21
C SER A 670 -2.10 -49.96 -38.79
N GLN A 671 -1.98 -48.67 -39.04
CA GLN A 671 -0.75 -48.12 -39.59
C GLN A 671 0.43 -48.34 -38.65
N PHE A 672 1.58 -48.63 -39.25
CA PHE A 672 2.82 -48.89 -38.53
C PHE A 672 2.69 -50.05 -37.54
N ALA A 673 2.55 -51.25 -38.07
CA ALA A 673 2.73 -52.43 -37.25
C ALA A 673 4.21 -52.76 -37.14
N ASP A 674 4.51 -53.94 -36.58
CA ASP A 674 5.89 -54.34 -36.34
C ASP A 674 6.53 -55.02 -37.53
N VAL A 675 5.74 -55.55 -38.46
CA VAL A 675 6.24 -56.26 -39.63
C VAL A 675 5.69 -55.69 -40.93
N ASP A 676 4.39 -55.48 -41.01
CA ASP A 676 3.75 -54.99 -42.22
C ASP A 676 2.86 -53.81 -41.87
N PRO A 677 3.19 -52.63 -42.37
CA PRO A 677 2.57 -51.41 -41.85
C PRO A 677 1.06 -51.34 -42.03
N TRP A 678 0.56 -51.49 -43.26
CA TRP A 678 -0.86 -51.33 -43.49
C TRP A 678 -1.53 -52.62 -43.93
N ARG A 679 -0.89 -53.75 -43.74
CA ARG A 679 -1.55 -55.02 -44.02
C ARG A 679 -2.66 -55.26 -43.02
N PRO A 680 -3.82 -55.73 -43.45
CA PRO A 680 -4.94 -55.99 -42.53
C PRO A 680 -4.74 -57.25 -41.68
N ALA A 681 -4.05 -57.08 -40.56
CA ALA A 681 -3.87 -58.16 -39.60
C ALA A 681 -5.21 -58.58 -39.01
N SER A 682 -5.25 -59.80 -38.49
CA SER A 682 -6.48 -60.39 -37.95
C SER A 682 -6.46 -60.37 -36.43
N LEU A 683 -7.52 -60.92 -35.84
CA LEU A 683 -7.61 -60.97 -34.39
C LEU A 683 -7.20 -62.33 -33.83
N VAL A 684 -7.31 -63.39 -34.61
CA VAL A 684 -6.78 -64.68 -34.19
C VAL A 684 -5.28 -64.55 -34.01
N SER A 685 -4.81 -64.86 -32.80
CA SER A 685 -3.41 -64.57 -32.47
C SER A 685 -2.45 -65.49 -33.20
N CYS A 686 -2.74 -66.80 -33.26
CA CYS A 686 -1.89 -67.79 -33.92
C CYS A 686 -0.51 -67.88 -33.24
N GLY A 687 -0.50 -68.29 -31.98
CA GLY A 687 0.71 -68.72 -31.31
C GLY A 687 0.47 -70.04 -30.62
N GLU A 688 1.38 -70.44 -29.72
CA GLU A 688 1.12 -71.61 -28.90
C GLU A 688 0.28 -71.22 -27.67
N PRO A 689 -0.50 -72.15 -27.12
CA PRO A 689 -1.43 -71.79 -26.05
C PRO A 689 -0.75 -71.12 -24.87
N VAL A 690 -1.56 -70.52 -24.02
CA VAL A 690 -1.08 -69.80 -22.85
C VAL A 690 -1.40 -70.63 -21.61
N GLU A 691 -0.35 -71.11 -20.94
CA GLU A 691 -0.56 -71.98 -19.79
C GLU A 691 -1.06 -71.19 -18.59
N VAL A 692 -2.11 -71.69 -17.96
CA VAL A 692 -2.74 -71.05 -16.82
C VAL A 692 -2.57 -71.96 -15.61
N ASN A 693 -2.17 -71.39 -14.49
CA ASN A 693 -1.88 -72.16 -13.29
C ASN A 693 -2.69 -71.59 -12.13
N ARG A 694 -3.93 -72.04 -11.99
CA ARG A 694 -4.75 -71.64 -10.86
C ARG A 694 -4.14 -72.15 -9.56
N ARG A 695 -4.16 -71.30 -8.54
CA ARG A 695 -3.68 -71.67 -7.22
C ARG A 695 -4.86 -71.76 -6.26
N GLU A 696 -4.61 -72.40 -5.11
CA GLU A 696 -5.69 -72.75 -4.20
C GLU A 696 -6.20 -71.54 -3.42
N ASP A 697 -5.38 -70.51 -3.24
CA ASP A 697 -5.81 -69.37 -2.45
C ASP A 697 -6.64 -68.37 -3.24
N GLY A 698 -6.90 -68.64 -4.51
CA GLY A 698 -7.60 -67.71 -5.37
C GLY A 698 -6.75 -67.04 -6.41
N SER A 699 -5.44 -66.95 -6.18
CA SER A 699 -4.56 -66.33 -7.16
C SER A 699 -4.44 -67.22 -8.40
N ALA A 700 -3.90 -66.64 -9.46
CA ALA A 700 -3.68 -67.34 -10.71
C ALA A 700 -2.36 -66.88 -11.31
N THR A 701 -1.88 -67.61 -12.31
CA THR A 701 -0.60 -67.31 -12.94
C THR A 701 -0.74 -67.52 -14.44
N LEU A 702 -0.82 -66.41 -15.18
CA LEU A 702 -0.82 -66.43 -16.63
C LEU A 702 0.64 -66.37 -17.10
N ASP A 703 0.96 -67.13 -18.13
CA ASP A 703 2.35 -67.24 -18.58
C ASP A 703 2.35 -67.65 -20.05
N ASN A 704 2.54 -66.69 -20.94
CA ASN A 704 2.75 -67.01 -22.34
C ASN A 704 4.26 -67.09 -22.59
N GLY A 705 4.67 -67.15 -23.84
CA GLY A 705 6.10 -67.24 -24.07
C GLY A 705 6.89 -66.04 -23.60
N LEU A 706 6.26 -64.87 -23.51
CA LEU A 706 6.97 -63.63 -23.38
C LEU A 706 6.72 -62.89 -22.08
N LEU A 707 5.66 -63.23 -21.35
CA LEU A 707 5.37 -62.59 -20.08
C LEU A 707 4.96 -63.64 -19.06
N CYS A 708 5.19 -63.32 -17.78
CA CYS A 708 4.75 -64.16 -16.68
C CYS A 708 3.98 -63.27 -15.72
N VAL A 709 2.66 -63.25 -15.87
CA VAL A 709 1.78 -62.39 -15.08
C VAL A 709 1.23 -63.20 -13.92
N HIS A 710 1.19 -62.60 -12.74
CA HIS A 710 0.66 -63.25 -11.55
C HIS A 710 -0.44 -62.37 -10.96
N VAL A 711 -1.69 -62.81 -11.11
CA VAL A 711 -2.84 -62.06 -10.66
C VAL A 711 -3.21 -62.49 -9.25
N ALA A 712 -3.43 -61.52 -8.38
CA ALA A 712 -3.69 -61.80 -6.97
C ALA A 712 -5.14 -62.22 -6.80
N ALA A 713 -5.57 -62.39 -5.54
CA ALA A 713 -6.91 -62.90 -5.28
C ALA A 713 -7.97 -61.89 -5.65
N ASP A 714 -7.61 -60.61 -5.68
CA ASP A 714 -8.58 -59.53 -5.88
C ASP A 714 -8.08 -58.69 -7.05
N GLY A 715 -8.41 -59.11 -8.27
CA GLY A 715 -7.90 -58.48 -9.47
C GLY A 715 -6.41 -58.18 -9.31
N THR A 716 -6.02 -56.98 -9.76
CA THR A 716 -4.80 -56.33 -9.29
C THR A 716 -3.57 -57.22 -9.46
N VAL A 717 -3.17 -57.38 -10.72
CA VAL A 717 -1.87 -57.96 -11.02
C VAL A 717 -0.84 -57.37 -10.07
N ASP A 718 -0.09 -58.25 -9.39
CA ASP A 718 0.86 -57.81 -8.38
C ASP A 718 2.30 -58.16 -8.70
N SER A 719 2.57 -58.78 -9.84
CA SER A 719 3.94 -58.99 -10.32
C SER A 719 3.86 -59.33 -11.80
N MET A 720 4.74 -58.75 -12.58
CA MET A 720 4.81 -59.03 -14.01
C MET A 720 6.27 -59.13 -14.39
N ILE A 721 6.65 -60.28 -14.94
CA ILE A 721 8.04 -60.55 -15.31
C ILE A 721 8.18 -60.39 -16.80
N ASP A 722 9.23 -59.72 -17.23
CA ASP A 722 9.59 -59.63 -18.64
C ASP A 722 10.56 -60.76 -18.96
N LEU A 723 10.02 -61.91 -19.34
CA LEU A 723 10.85 -63.12 -19.47
C LEU A 723 11.97 -62.96 -20.48
N LYS A 724 11.88 -61.98 -21.37
CA LYS A 724 12.97 -61.77 -22.33
C LYS A 724 14.20 -61.20 -21.64
N SER A 725 14.05 -60.11 -20.91
CA SER A 725 15.15 -59.47 -20.21
C SER A 725 15.30 -59.94 -18.77
N GLY A 726 14.20 -60.28 -18.11
CA GLY A 726 14.28 -60.74 -16.74
C GLY A 726 14.21 -59.62 -15.74
N ARG A 727 13.29 -58.68 -15.95
CA ARG A 727 13.11 -57.55 -15.07
C ARG A 727 11.68 -57.50 -14.57
N GLU A 728 11.52 -57.28 -13.27
CA GLU A 728 10.21 -57.01 -12.72
C GLU A 728 9.62 -55.77 -13.35
N MET A 729 8.30 -55.77 -13.56
CA MET A 729 7.64 -54.64 -14.20
C MET A 729 6.66 -53.91 -13.30
N VAL A 730 6.47 -54.37 -12.07
CA VAL A 730 5.51 -53.78 -11.15
C VAL A 730 6.26 -53.28 -9.93
N ALA A 731 6.03 -52.02 -9.56
CA ALA A 731 6.73 -51.44 -8.42
C ALA A 731 6.38 -52.20 -7.14
N LYS A 732 7.40 -52.52 -6.36
CA LYS A 732 7.22 -53.40 -5.22
C LYS A 732 6.22 -52.83 -4.22
N ASP A 733 5.52 -53.73 -3.55
CA ASP A 733 4.51 -53.39 -2.54
C ASP A 733 3.37 -52.56 -3.13
N HIS A 734 3.17 -52.67 -4.43
CA HIS A 734 2.05 -52.05 -5.10
C HIS A 734 1.44 -53.06 -6.06
N VAL A 735 0.20 -52.81 -6.46
CA VAL A 735 -0.55 -53.71 -7.31
C VAL A 735 -1.08 -52.93 -8.50
N MET A 736 -1.07 -53.54 -9.67
CA MET A 736 -1.47 -52.89 -10.90
C MET A 736 -2.95 -53.18 -11.16
N GLY A 737 -3.75 -52.14 -11.24
CA GLY A 737 -5.17 -52.29 -11.48
C GLY A 737 -6.06 -51.83 -10.34
N ARG A 738 -5.50 -51.29 -9.27
CA ARG A 738 -6.30 -50.80 -8.16
C ARG A 738 -7.11 -49.59 -8.61
N TYR A 739 -8.39 -49.59 -8.29
CA TYR A 739 -9.27 -48.49 -8.64
C TYR A 739 -9.36 -47.52 -7.47
N GLU A 740 -9.26 -46.23 -7.77
CA GLU A 740 -9.55 -45.18 -6.80
C GLU A 740 -10.81 -44.46 -7.21
N ILE A 741 -11.45 -43.81 -6.25
CA ILE A 741 -12.60 -42.95 -6.50
C ILE A 741 -12.41 -41.68 -5.70
N LEU A 742 -12.20 -40.57 -6.38
CA LEU A 742 -11.95 -39.28 -5.76
C LEU A 742 -13.27 -38.58 -5.45
N LYS A 743 -13.19 -37.60 -4.56
CA LYS A 743 -14.34 -36.83 -4.13
C LYS A 743 -14.11 -35.39 -4.57
N ASP A 744 -14.60 -35.04 -5.75
CA ASP A 744 -14.34 -33.72 -6.33
C ASP A 744 -15.61 -32.89 -6.30
N GLU A 745 -15.61 -31.86 -5.46
CA GLU A 745 -16.71 -30.90 -5.36
C GLU A 745 -16.08 -29.52 -5.37
N PRO A 746 -15.83 -28.96 -6.56
CA PRO A 746 -14.99 -27.76 -6.65
C PRO A 746 -15.72 -26.51 -6.17
N GLY A 747 -14.96 -25.43 -6.10
CA GLY A 747 -15.51 -24.14 -5.73
C GLY A 747 -16.40 -23.58 -6.81
N VAL A 748 -15.82 -23.29 -7.98
CA VAL A 748 -16.58 -22.80 -9.12
C VAL A 748 -16.25 -23.67 -10.32
N PHE A 749 -17.05 -23.53 -11.38
CA PHE A 749 -16.84 -24.22 -12.65
C PHE A 749 -16.83 -25.73 -12.44
N ASP A 750 -18.00 -26.24 -12.01
CA ASP A 750 -18.09 -27.63 -11.57
C ASP A 750 -17.67 -28.60 -12.68
N ALA A 751 -18.18 -28.42 -13.88
CA ALA A 751 -17.86 -29.30 -14.98
C ALA A 751 -16.50 -29.01 -15.61
N TRP A 752 -15.77 -28.02 -15.10
CA TRP A 752 -14.56 -27.55 -15.76
C TRP A 752 -13.29 -28.07 -15.11
N ASP A 753 -13.12 -27.84 -13.81
CA ASP A 753 -11.81 -28.00 -13.19
C ASP A 753 -11.85 -28.95 -12.00
N VAL A 754 -10.66 -29.36 -11.58
CA VAL A 754 -10.45 -30.28 -10.47
C VAL A 754 -9.72 -29.53 -9.36
N GLU A 755 -10.22 -29.66 -8.14
CA GLU A 755 -9.47 -29.21 -6.98
C GLU A 755 -8.22 -30.06 -6.83
N ARG A 756 -7.15 -29.46 -6.29
CA ARG A 756 -6.07 -30.31 -5.82
C ARG A 756 -6.49 -31.11 -4.60
N ASP A 757 -7.45 -30.60 -3.84
CA ASP A 757 -7.93 -31.29 -2.64
C ASP A 757 -8.38 -32.70 -2.96
N ALA A 758 -8.99 -32.91 -4.13
CA ALA A 758 -9.46 -34.24 -4.50
C ALA A 758 -8.32 -35.25 -4.47
N PHE A 759 -7.12 -34.85 -4.90
CA PHE A 759 -6.01 -35.79 -4.95
C PHE A 759 -5.62 -36.26 -3.56
N LEU A 760 -6.12 -35.62 -2.52
CA LEU A 760 -5.85 -36.02 -1.16
C LEU A 760 -6.89 -36.97 -0.60
N CYS A 761 -8.08 -37.04 -1.19
CA CYS A 761 -9.21 -37.73 -0.58
C CYS A 761 -9.46 -39.11 -1.18
N ALA A 762 -8.68 -39.50 -2.19
CA ALA A 762 -8.99 -40.72 -2.93
C ALA A 762 -8.90 -41.94 -2.03
N THR A 763 -9.81 -42.89 -2.26
CA THR A 763 -9.88 -44.13 -1.50
C THR A 763 -9.88 -45.30 -2.46
N ALA A 764 -8.97 -46.25 -2.25
CA ALA A 764 -8.88 -47.42 -3.10
C ALA A 764 -10.03 -48.37 -2.83
N LEU A 765 -10.35 -49.19 -3.82
CA LEU A 765 -11.40 -50.19 -3.71
C LEU A 765 -10.75 -51.54 -3.43
N ALA A 766 -10.32 -51.72 -2.18
CA ALA A 766 -9.57 -52.92 -1.82
C ALA A 766 -10.41 -54.18 -1.92
N ASP A 767 -11.71 -54.10 -1.68
CA ASP A 767 -12.58 -55.24 -1.85
C ASP A 767 -12.63 -55.63 -3.32
N GLY A 768 -12.82 -56.91 -3.58
CA GLY A 768 -12.88 -57.41 -4.94
C GLY A 768 -12.54 -58.88 -4.97
N HIS A 769 -12.66 -59.46 -6.16
CA HIS A 769 -12.39 -60.88 -6.32
C HIS A 769 -12.33 -61.23 -7.79
N ILE A 770 -11.75 -62.38 -8.07
CA ILE A 770 -11.77 -62.94 -9.41
C ILE A 770 -13.08 -63.69 -9.60
N VAL A 771 -13.83 -63.33 -10.63
CA VAL A 771 -15.09 -63.99 -10.90
C VAL A 771 -14.83 -65.25 -11.69
N SER A 772 -13.99 -65.15 -12.72
CA SER A 772 -13.79 -66.26 -13.62
C SER A 772 -12.37 -66.31 -14.13
N ILE A 773 -11.88 -67.52 -14.40
CA ILE A 773 -10.60 -67.74 -15.05
C ILE A 773 -10.88 -68.71 -16.19
N GLU A 774 -10.47 -68.35 -17.41
CA GLU A 774 -10.74 -69.23 -18.52
C GLU A 774 -9.72 -69.05 -19.62
N THR A 775 -9.82 -69.90 -20.64
CA THR A 775 -9.07 -69.77 -21.87
C THR A 775 -10.08 -69.80 -23.01
N THR A 776 -9.63 -69.37 -24.19
CA THR A 776 -10.51 -69.27 -25.33
C THR A 776 -10.02 -70.16 -26.46
N ALA A 777 -10.68 -70.03 -27.61
CA ALA A 777 -10.40 -70.91 -28.73
C ALA A 777 -9.02 -70.63 -29.33
N ASP A 778 -8.68 -69.36 -29.49
CA ASP A 778 -7.38 -69.02 -30.07
C ASP A 778 -6.24 -69.52 -29.20
N GLY A 779 -6.38 -69.42 -27.88
CA GLY A 779 -5.34 -69.87 -26.99
C GLY A 779 -4.99 -68.84 -25.95
N SER A 780 -5.62 -67.68 -26.03
CA SER A 780 -5.39 -66.62 -25.06
C SER A 780 -6.05 -66.98 -23.74
N ALA A 781 -5.58 -66.36 -22.67
CA ALA A 781 -6.13 -66.57 -21.33
C ALA A 781 -6.83 -65.31 -20.88
N VAL A 782 -7.98 -65.47 -20.22
CA VAL A 782 -8.78 -64.35 -19.77
C VAL A 782 -9.10 -64.52 -18.29
N ILE A 783 -9.13 -63.40 -17.57
CA ILE A 783 -9.52 -63.37 -16.17
C ILE A 783 -10.57 -62.28 -16.03
N VAL A 784 -11.69 -62.61 -15.39
CA VAL A 784 -12.82 -61.72 -15.25
C VAL A 784 -13.00 -61.39 -13.77
N THR A 785 -13.06 -60.10 -13.48
CA THR A 785 -13.03 -59.54 -12.14
C THR A 785 -14.28 -58.70 -11.93
N LYS A 786 -14.65 -58.47 -10.68
CA LYS A 786 -15.75 -57.59 -10.33
C LYS A 786 -15.33 -56.66 -9.20
N ASN A 787 -15.89 -55.47 -9.18
CA ASN A 787 -15.59 -54.46 -8.18
C ASN A 787 -16.78 -53.53 -8.04
N SER A 788 -16.98 -52.99 -6.83
CA SER A 788 -18.17 -52.19 -6.56
C SER A 788 -17.86 -51.12 -5.53
N TYR A 789 -18.51 -49.97 -5.67
CA TYR A 789 -18.44 -48.93 -4.66
C TYR A 789 -19.85 -48.37 -4.44
N ARG A 790 -20.59 -49.02 -3.55
CA ARG A 790 -21.76 -48.46 -2.89
C ARG A 790 -22.99 -48.28 -3.78
N ASP A 791 -22.81 -48.18 -5.09
CA ASP A 791 -23.93 -48.35 -6.01
C ASP A 791 -23.52 -48.99 -7.33
N ASP A 792 -22.30 -48.71 -7.77
CA ASP A 792 -21.91 -49.02 -9.14
C ASP A 792 -20.90 -50.15 -9.19
N GLU A 793 -20.70 -50.68 -10.38
CA GLU A 793 -20.00 -51.93 -10.59
C GLU A 793 -18.95 -51.77 -11.67
N ILE A 794 -17.77 -52.34 -11.44
CA ILE A 794 -16.69 -52.33 -12.41
C ILE A 794 -16.28 -53.77 -12.63
N SER A 795 -16.41 -54.25 -13.86
CA SER A 795 -16.03 -55.61 -14.22
C SER A 795 -14.92 -55.53 -15.26
N THR A 796 -13.74 -56.02 -14.90
CA THR A 796 -12.56 -55.94 -15.73
C THR A 796 -12.29 -57.29 -16.38
N THR A 797 -11.65 -57.27 -17.54
CA THR A 797 -11.21 -58.48 -18.21
C THR A 797 -9.75 -58.32 -18.61
N ILE A 798 -8.89 -59.15 -18.03
CA ILE A 798 -7.46 -59.12 -18.28
C ILE A 798 -7.14 -60.27 -19.21
N THR A 799 -6.49 -59.97 -20.33
CA THR A 799 -6.25 -60.92 -21.38
C THR A 799 -4.76 -61.04 -21.66
N LEU A 800 -4.32 -62.26 -21.93
CA LEU A 800 -2.95 -62.51 -22.37
C LEU A 800 -3.01 -63.35 -23.63
N ARG A 801 -2.44 -62.83 -24.71
CA ARG A 801 -2.55 -63.47 -26.00
C ARG A 801 -1.22 -64.11 -26.37
N PRO A 802 -1.23 -65.19 -27.14
CA PRO A 802 0.03 -65.83 -27.51
C PRO A 802 0.82 -64.98 -28.49
N GLY A 803 2.10 -64.82 -28.19
CA GLY A 803 3.00 -64.14 -29.08
C GLY A 803 2.96 -62.63 -29.03
N LYS A 804 2.48 -62.04 -27.94
CA LYS A 804 2.43 -60.60 -27.78
C LYS A 804 2.94 -60.24 -26.39
N SER A 805 3.88 -59.30 -26.34
CA SER A 805 4.47 -58.87 -25.07
C SER A 805 3.73 -57.66 -24.53
N GLN A 806 2.46 -57.86 -24.22
CA GLN A 806 1.64 -56.80 -23.68
C GLN A 806 0.47 -57.38 -22.94
N LEU A 807 0.00 -56.66 -21.93
CA LEU A 807 -1.14 -57.09 -21.11
C LEU A 807 -2.30 -56.15 -21.39
N ASP A 808 -3.47 -56.72 -21.66
CA ASP A 808 -4.64 -55.95 -22.07
C ASP A 808 -5.69 -55.92 -20.97
N PHE A 809 -6.21 -54.72 -20.71
CA PHE A 809 -7.30 -54.52 -19.76
C PHE A 809 -8.49 -53.93 -20.49
N HIS A 810 -9.68 -54.37 -20.12
CA HIS A 810 -10.93 -53.88 -20.69
C HIS A 810 -11.98 -53.83 -19.60
N ALA A 811 -12.47 -52.63 -19.30
CA ALA A 811 -13.35 -52.41 -18.16
C ALA A 811 -14.71 -51.90 -18.62
N ASP A 812 -15.76 -52.40 -17.97
CA ASP A 812 -17.12 -51.96 -18.20
C ASP A 812 -17.69 -51.39 -16.91
N VAL A 813 -18.07 -50.11 -16.94
CA VAL A 813 -18.47 -49.37 -15.76
C VAL A 813 -19.96 -49.09 -15.83
N GLU A 814 -20.62 -49.18 -14.67
CA GLU A 814 -22.05 -48.90 -14.54
C GLU A 814 -22.23 -47.72 -13.60
N TRP A 815 -21.44 -46.68 -13.84
CA TRP A 815 -21.41 -45.46 -13.06
C TRP A 815 -22.80 -44.93 -12.73
N ASN A 816 -23.07 -44.73 -11.43
CA ASN A 816 -24.38 -44.25 -10.99
C ASN A 816 -24.33 -43.12 -9.98
N VAL A 817 -23.21 -42.89 -9.31
CA VAL A 817 -23.13 -41.94 -8.21
C VAL A 817 -22.53 -40.64 -8.73
N PRO A 818 -23.19 -39.50 -8.56
CA PRO A 818 -22.63 -38.23 -9.02
C PRO A 818 -21.57 -37.72 -8.07
N GLU A 819 -20.88 -36.66 -8.51
CA GLU A 819 -19.89 -35.95 -7.71
C GLU A 819 -18.69 -36.83 -7.34
N LYS A 820 -18.40 -37.82 -8.17
CA LYS A 820 -17.27 -38.69 -7.95
C LYS A 820 -16.43 -38.75 -9.20
N LEU A 821 -15.21 -39.24 -9.06
CA LEU A 821 -14.27 -39.34 -10.17
C LEU A 821 -13.47 -40.63 -10.03
N LEU A 822 -13.45 -41.42 -11.10
CA LEU A 822 -12.82 -42.73 -11.11
C LEU A 822 -11.51 -42.65 -11.87
N LYS A 823 -10.52 -43.45 -11.45
CA LYS A 823 -9.31 -43.62 -12.22
C LYS A 823 -8.57 -44.88 -11.78
N VAL A 824 -7.77 -45.42 -12.70
CA VAL A 824 -6.98 -46.61 -12.48
C VAL A 824 -5.51 -46.20 -12.42
N ASP A 825 -4.69 -47.04 -11.79
CA ASP A 825 -3.28 -46.74 -11.62
C ASP A 825 -2.43 -47.87 -12.18
N ILE A 826 -1.23 -47.51 -12.61
CA ILE A 826 -0.28 -48.46 -13.16
C ILE A 826 1.06 -48.18 -12.49
N PRO A 827 1.40 -48.86 -11.40
CA PRO A 827 2.68 -48.62 -10.76
C PRO A 827 3.81 -49.32 -11.49
N MET A 828 4.78 -48.53 -11.95
CA MET A 828 5.87 -49.02 -12.78
C MET A 828 7.13 -49.17 -11.94
N ALA A 829 7.87 -50.24 -12.17
CA ALA A 829 9.07 -50.53 -11.42
C ALA A 829 10.28 -49.76 -11.91
N LEU A 830 10.08 -48.70 -12.69
CA LEU A 830 11.18 -47.94 -13.27
C LEU A 830 11.06 -46.49 -12.86
N SER A 831 12.16 -45.91 -12.38
CA SER A 831 12.16 -44.56 -11.84
C SER A 831 12.96 -43.66 -12.75
N ALA A 832 12.40 -42.49 -13.05
CA ALA A 832 13.04 -41.50 -13.91
C ALA A 832 12.65 -40.12 -13.43
N SER A 833 13.27 -39.11 -14.04
CA SER A 833 12.99 -37.74 -13.61
C SER A 833 11.92 -37.06 -14.45
N ARG A 834 11.58 -37.61 -15.62
CA ARG A 834 10.56 -37.02 -16.46
C ARG A 834 9.75 -38.12 -17.14
N ALA A 835 8.48 -37.81 -17.40
CA ALA A 835 7.56 -38.71 -18.06
C ALA A 835 7.44 -38.31 -19.52
N GLN A 836 7.05 -39.26 -20.37
CA GLN A 836 6.98 -39.04 -21.80
C GLN A 836 5.57 -39.31 -22.30
N TYR A 837 4.95 -38.28 -22.87
CA TYR A 837 3.65 -38.39 -23.52
C TYR A 837 3.86 -38.18 -25.00
N GLU A 838 2.78 -38.16 -25.76
CA GLU A 838 2.86 -37.84 -27.17
C GLU A 838 2.00 -36.64 -27.50
N CYS A 839 2.38 -35.93 -28.54
CA CYS A 839 1.59 -34.83 -29.08
C CYS A 839 0.90 -35.30 -30.35
N GLN A 840 0.30 -34.35 -31.07
CA GLN A 840 -0.29 -34.65 -32.36
C GLN A 840 0.72 -35.26 -33.31
N TYR A 841 1.88 -34.64 -33.44
CA TYR A 841 2.98 -35.25 -34.19
C TYR A 841 4.24 -35.06 -33.35
N GLY A 842 4.65 -36.11 -32.68
CA GLY A 842 5.87 -36.05 -31.91
C GLY A 842 5.61 -36.41 -30.46
N LEU A 843 6.48 -35.91 -29.60
CA LEU A 843 6.49 -36.27 -28.19
C LEU A 843 6.86 -35.04 -27.36
N ILE A 844 6.51 -35.09 -26.08
CA ILE A 844 6.93 -34.11 -25.10
C ILE A 844 7.24 -34.82 -23.80
N GLU A 845 7.91 -34.12 -22.91
CA GLU A 845 8.18 -34.63 -21.58
C GLU A 845 7.79 -33.60 -20.54
N ARG A 846 7.23 -34.08 -19.44
CA ARG A 846 6.86 -33.23 -18.32
C ARG A 846 7.47 -33.78 -17.05
N PRO A 847 7.77 -32.93 -16.07
CA PRO A 847 8.37 -33.40 -14.83
C PRO A 847 7.46 -34.38 -14.10
N ILE A 848 8.08 -35.22 -13.28
CA ILE A 848 7.37 -36.15 -12.42
C ILE A 848 7.25 -35.61 -11.01
N VAL A 849 8.37 -35.20 -10.42
CA VAL A 849 8.36 -34.57 -9.11
C VAL A 849 8.36 -33.07 -9.31
N LYS A 850 7.29 -32.41 -8.87
CA LYS A 850 7.09 -30.99 -9.11
C LYS A 850 7.73 -30.17 -8.00
N ASN A 851 8.75 -29.40 -8.36
CA ASN A 851 9.59 -28.69 -7.41
C ASN A 851 9.05 -27.32 -7.02
N THR A 852 8.86 -26.44 -7.99
CA THR A 852 8.46 -25.08 -7.73
C THR A 852 6.94 -24.96 -7.58
N GLU A 853 6.49 -23.74 -7.31
CA GLU A 853 5.06 -23.50 -7.16
C GLU A 853 4.34 -23.63 -8.50
N GLY A 854 4.98 -23.20 -9.59
CA GLY A 854 4.35 -23.31 -10.88
C GLY A 854 4.26 -24.74 -11.39
N GLU A 855 5.20 -25.60 -11.00
CA GLU A 855 5.14 -26.97 -11.46
C GLU A 855 4.02 -27.75 -10.78
N GLU A 856 3.75 -27.45 -9.51
CA GLU A 856 2.66 -28.14 -8.83
C GLU A 856 1.31 -27.80 -9.43
N ALA A 857 1.24 -26.83 -10.34
CA ALA A 857 0.02 -26.52 -11.05
C ALA A 857 -0.24 -27.45 -12.21
N MET A 858 0.70 -28.35 -12.51
CA MET A 858 0.56 -29.29 -13.62
C MET A 858 0.21 -30.69 -13.13
N PHE A 859 -0.62 -30.79 -12.10
CA PHE A 859 -0.81 -32.07 -11.43
C PHE A 859 -1.66 -33.03 -12.25
N GLU A 860 -2.22 -32.57 -13.36
CA GLU A 860 -2.95 -33.45 -14.27
C GLU A 860 -2.79 -32.93 -15.69
N SER A 861 -2.56 -33.85 -16.63
CA SER A 861 -2.15 -33.45 -17.97
C SER A 861 -2.79 -34.36 -19.01
N CYS A 862 -2.68 -33.94 -20.26
CA CYS A 862 -3.23 -34.70 -21.37
C CYS A 862 -2.25 -35.79 -21.80
N SER A 863 -2.78 -36.79 -22.51
CA SER A 863 -1.97 -37.86 -23.08
C SER A 863 -2.74 -38.53 -24.20
N HIS A 864 -2.28 -38.33 -25.43
CA HIS A 864 -2.89 -38.95 -26.60
C HIS A 864 -2.33 -40.36 -26.74
N ARG A 865 -3.13 -41.35 -26.40
CA ARG A 865 -2.92 -42.73 -26.85
C ARG A 865 -1.76 -43.47 -26.18
N PHE A 866 -0.88 -42.79 -25.45
CA PHE A 866 0.12 -43.51 -24.64
C PHE A 866 1.00 -42.61 -23.78
N VAL A 867 1.51 -43.20 -22.70
CA VAL A 867 2.46 -42.59 -21.79
C VAL A 867 3.58 -43.57 -21.55
N ARG A 868 4.82 -43.09 -21.59
CA ARG A 868 6.00 -43.94 -21.47
C ARG A 868 6.92 -43.40 -20.38
N ILE A 869 7.38 -44.30 -19.50
CA ILE A 869 8.35 -43.98 -18.48
C ILE A 869 9.59 -44.81 -18.76
N HIS A 870 10.71 -44.16 -19.06
CA HIS A 870 11.87 -44.86 -19.55
C HIS A 870 13.13 -44.31 -18.91
N ASP A 871 14.24 -44.96 -19.24
CA ASP A 871 15.56 -44.54 -18.79
C ASP A 871 16.53 -44.76 -19.94
N SER A 872 17.83 -44.79 -19.61
CA SER A 872 18.86 -44.94 -20.62
C SER A 872 18.70 -46.22 -21.44
N SER A 873 18.24 -47.31 -20.84
CA SER A 873 18.24 -48.59 -21.54
C SER A 873 16.97 -49.40 -21.39
N TYR A 874 15.91 -48.85 -20.81
CA TYR A 874 14.69 -49.62 -20.60
C TYR A 874 13.53 -48.66 -20.48
N GLY A 875 12.32 -49.22 -20.52
CA GLY A 875 11.13 -48.41 -20.39
C GLY A 875 9.85 -49.20 -20.38
N ILE A 876 8.81 -48.65 -19.76
CA ILE A 876 7.49 -49.26 -19.69
C ILE A 876 6.48 -48.25 -20.21
N GLY A 877 5.52 -48.72 -20.99
CA GLY A 877 4.53 -47.86 -21.61
C GLY A 877 3.12 -48.36 -21.38
N VAL A 878 2.17 -47.43 -21.42
CA VAL A 878 0.76 -47.76 -21.30
C VAL A 878 0.00 -46.99 -22.37
N ALA A 879 -0.80 -47.70 -23.15
CA ALA A 879 -1.56 -47.13 -24.25
C ALA A 879 -3.04 -47.29 -23.97
N ASN A 880 -3.84 -46.31 -24.36
CA ASN A 880 -5.26 -46.32 -24.03
C ASN A 880 -6.11 -46.19 -25.28
N GLY A 881 -7.41 -46.38 -25.09
CA GLY A 881 -8.36 -46.28 -26.18
C GLY A 881 -9.08 -44.95 -26.26
N SER A 882 -9.61 -44.46 -25.14
CA SER A 882 -10.40 -43.24 -25.21
C SER A 882 -10.30 -42.32 -23.99
N THR A 883 -9.18 -42.33 -23.26
CA THR A 883 -9.18 -41.69 -21.94
C THR A 883 -8.81 -40.22 -21.99
N TYR A 884 -7.64 -39.89 -22.55
CA TYR A 884 -7.24 -38.50 -22.81
C TYR A 884 -6.68 -37.78 -21.56
N GLY A 885 -6.70 -38.44 -20.41
CA GLY A 885 -6.29 -37.78 -19.19
C GLY A 885 -5.48 -38.68 -18.28
N SER A 886 -4.57 -38.08 -17.53
CA SER A 886 -3.69 -38.83 -16.65
C SER A 886 -2.94 -37.91 -15.71
N ASP A 887 -2.07 -38.52 -14.89
CA ASP A 887 -1.15 -37.81 -14.01
C ASP A 887 -0.13 -38.80 -13.51
N VAL A 888 1.09 -38.33 -13.24
CA VAL A 888 2.19 -39.20 -12.81
C VAL A 888 2.75 -38.68 -11.51
N SER A 889 3.34 -39.58 -10.72
CA SER A 889 4.01 -39.22 -9.49
C SER A 889 4.89 -40.38 -9.06
N SER A 890 5.91 -40.07 -8.26
CA SER A 890 6.85 -41.08 -7.83
C SER A 890 6.24 -41.94 -6.73
N LEU A 891 6.80 -43.14 -6.57
CA LEU A 891 6.32 -44.11 -5.61
C LEU A 891 7.45 -44.47 -4.64
N ARG A 892 7.11 -44.56 -3.37
CA ARG A 892 8.09 -44.78 -2.31
C ARG A 892 7.70 -46.04 -1.55
N ASP A 893 8.66 -46.92 -1.33
CA ASP A 893 8.41 -48.20 -0.70
C ASP A 893 8.07 -48.02 0.78
N ARG A 894 7.58 -49.10 1.38
CA ARG A 894 7.15 -49.04 2.78
C ARG A 894 8.32 -48.89 3.75
N ASP A 895 9.52 -49.31 3.36
CA ASP A 895 10.73 -49.01 4.10
C ASP A 895 11.33 -47.68 3.68
N ASP A 896 10.62 -46.92 2.85
CA ASP A 896 11.02 -45.57 2.44
C ASP A 896 12.27 -45.57 1.58
N ALA A 897 12.31 -46.48 0.62
CA ALA A 897 13.26 -46.44 -0.47
C ALA A 897 12.50 -46.23 -1.77
N LEU A 898 13.18 -45.74 -2.79
CA LEU A 898 12.53 -45.49 -4.06
C LEU A 898 12.03 -46.80 -4.67
N ALA A 899 10.78 -46.80 -5.11
CA ALA A 899 10.16 -47.97 -5.67
C ALA A 899 9.94 -47.88 -7.18
N GLY A 900 9.40 -46.79 -7.66
CA GLY A 900 9.12 -46.64 -9.08
C GLY A 900 8.30 -45.38 -9.32
N THR A 901 7.37 -45.50 -10.24
CA THR A 901 6.52 -44.38 -10.64
C THR A 901 5.09 -44.87 -10.80
N MET A 902 4.15 -44.05 -10.34
CA MET A 902 2.73 -44.36 -10.47
C MET A 902 2.14 -43.56 -11.62
N VAL A 903 1.44 -44.24 -12.50
CA VAL A 903 0.75 -43.62 -13.62
C VAL A 903 -0.74 -43.87 -13.43
N ARG A 904 -1.49 -42.82 -13.13
CA ARG A 904 -2.93 -42.91 -12.99
C ARG A 904 -3.58 -42.20 -14.17
N MET A 905 -4.61 -42.82 -14.73
CA MET A 905 -5.32 -42.21 -15.85
C MET A 905 -6.80 -42.14 -15.55
N SER A 906 -7.38 -40.96 -15.74
CA SER A 906 -8.75 -40.69 -15.39
C SER A 906 -9.69 -41.34 -16.39
N LEU A 907 -10.74 -41.99 -15.88
CA LEU A 907 -11.67 -42.72 -16.73
C LEU A 907 -12.99 -41.99 -16.91
N VAL A 908 -13.69 -41.65 -15.84
CA VAL A 908 -15.00 -41.03 -15.96
C VAL A 908 -15.29 -40.19 -14.72
N ALA A 909 -15.81 -38.99 -14.94
CA ALA A 909 -16.25 -38.10 -13.89
C ALA A 909 -17.70 -37.73 -14.12
N ALA A 910 -18.36 -37.25 -13.06
CA ALA A 910 -19.76 -36.86 -13.12
C ALA A 910 -19.94 -35.50 -12.46
N PRO A 911 -19.82 -34.42 -13.23
CA PRO A 911 -20.18 -33.10 -12.71
C PRO A 911 -21.68 -32.99 -12.53
N THR A 912 -22.12 -31.78 -12.18
CA THR A 912 -23.54 -31.50 -12.07
C THR A 912 -23.96 -30.12 -12.57
N ALA A 913 -23.02 -29.25 -12.95
CA ALA A 913 -23.40 -27.85 -13.09
C ALA A 913 -24.25 -27.55 -14.33
N PRO A 914 -23.76 -27.71 -15.58
CA PRO A 914 -24.62 -27.38 -16.71
C PRO A 914 -25.51 -28.55 -17.09
N ASP A 915 -25.09 -29.75 -16.71
CA ASP A 915 -25.82 -30.97 -16.99
C ASP A 915 -26.12 -31.70 -15.68
N PRO A 916 -27.37 -31.77 -15.27
CA PRO A 916 -27.68 -32.43 -14.00
C PRO A 916 -27.44 -33.92 -14.02
N ARG A 917 -27.52 -34.57 -15.17
CA ARG A 917 -27.50 -36.03 -15.28
C ARG A 917 -26.41 -36.47 -16.25
N THR A 918 -25.20 -35.94 -16.06
CA THR A 918 -24.10 -36.18 -16.97
C THR A 918 -23.36 -37.46 -16.63
N ASP A 919 -23.11 -38.26 -17.66
CA ASP A 919 -22.30 -39.48 -17.56
C ASP A 919 -22.89 -40.46 -16.54
N ILE A 920 -24.06 -40.98 -16.86
CA ILE A 920 -24.73 -41.98 -16.03
C ILE A 920 -24.90 -43.24 -16.87
N GLY A 921 -24.07 -44.24 -16.59
CA GLY A 921 -24.35 -45.61 -17.00
C GLY A 921 -23.52 -46.08 -18.18
N HIS A 922 -22.87 -47.22 -17.96
CA HIS A 922 -22.33 -48.08 -19.02
C HIS A 922 -21.30 -47.38 -19.91
N HIS A 923 -20.12 -47.17 -19.35
CA HIS A 923 -18.97 -46.73 -20.13
C HIS A 923 -18.02 -47.91 -20.35
N GLU A 924 -17.32 -47.94 -21.49
CA GLU A 924 -16.30 -48.94 -21.76
C GLU A 924 -14.93 -48.28 -21.78
N PHE A 925 -13.90 -49.05 -21.43
CA PHE A 925 -12.53 -48.58 -21.51
C PHE A 925 -11.62 -49.73 -21.89
N ASP A 926 -10.57 -49.42 -22.65
CA ASP A 926 -9.57 -50.39 -23.08
C ASP A 926 -8.19 -49.76 -22.91
N TRP A 927 -7.23 -50.56 -22.44
CA TRP A 927 -5.84 -50.10 -22.41
C TRP A 927 -4.92 -51.30 -22.34
N THR A 928 -3.62 -51.03 -22.47
CA THR A 928 -2.63 -52.09 -22.53
C THR A 928 -1.30 -51.58 -22.00
N VAL A 929 -0.52 -52.50 -21.44
CA VAL A 929 0.77 -52.19 -20.83
C VAL A 929 1.84 -53.01 -21.51
N LEU A 930 2.96 -52.37 -21.85
CA LEU A 930 4.06 -52.97 -22.58
C LEU A 930 5.40 -52.69 -21.92
N PRO A 931 6.31 -53.64 -21.98
CA PRO A 931 7.73 -53.32 -21.79
C PRO A 931 8.36 -52.92 -23.12
N CYS A 932 8.94 -51.72 -23.19
CA CYS A 932 9.45 -51.23 -24.47
C CYS A 932 10.75 -50.49 -24.22
N ALA A 933 11.86 -51.01 -24.77
CA ALA A 933 13.12 -50.30 -24.69
C ALA A 933 13.09 -49.04 -25.54
N SER A 934 12.78 -49.18 -26.83
CA SER A 934 12.59 -48.06 -27.72
C SER A 934 11.12 -47.66 -27.72
N VAL A 935 10.76 -46.68 -28.55
CA VAL A 935 9.40 -46.18 -28.61
C VAL A 935 8.59 -46.85 -29.72
N ALA A 936 9.23 -47.55 -30.66
CA ALA A 936 8.50 -48.15 -31.78
C ALA A 936 7.40 -49.11 -31.35
N PRO A 937 7.65 -50.10 -30.47
CA PRO A 937 6.56 -51.01 -30.10
C PRO A 937 5.42 -50.31 -29.39
N LEU A 938 5.70 -49.22 -28.67
CA LEU A 938 4.61 -48.46 -28.05
C LEU A 938 3.72 -47.80 -29.10
N VAL A 939 4.32 -47.21 -30.13
CA VAL A 939 3.52 -46.63 -31.20
C VAL A 939 2.73 -47.71 -31.91
N ALA A 940 3.34 -48.87 -32.14
CA ALA A 940 2.61 -49.94 -32.80
C ALA A 940 1.43 -50.41 -31.96
N ALA A 941 1.61 -50.52 -30.65
CA ALA A 941 0.53 -50.97 -29.79
C ALA A 941 -0.60 -49.94 -29.73
N ALA A 942 -0.25 -48.65 -29.67
CA ALA A 942 -1.28 -47.62 -29.66
C ALA A 942 -2.08 -47.64 -30.95
N GLY A 943 -1.39 -47.66 -32.09
CA GLY A 943 -2.09 -47.75 -33.36
C GLY A 943 -2.95 -48.99 -33.46
N GLU A 944 -2.50 -50.10 -32.88
CA GLU A 944 -3.22 -51.35 -33.04
C GLU A 944 -4.41 -51.43 -32.10
N ILE A 945 -4.37 -50.70 -30.99
CA ILE A 945 -5.50 -50.69 -30.10
C ILE A 945 -6.55 -49.66 -30.51
N ASN A 946 -6.16 -48.63 -31.26
CA ASN A 946 -7.13 -47.61 -31.65
C ASN A 946 -7.79 -47.88 -32.99
N ALA A 947 -7.42 -48.94 -33.69
CA ALA A 947 -7.95 -49.16 -35.03
C ALA A 947 -9.30 -49.85 -34.97
N PRO A 948 -10.23 -49.54 -35.87
CA PRO A 948 -11.51 -50.23 -35.89
C PRO A 948 -11.40 -51.58 -36.58
N THR A 949 -12.42 -52.41 -36.37
CA THR A 949 -12.47 -53.73 -36.96
C THR A 949 -13.44 -53.73 -38.14
N ILE A 950 -13.17 -54.60 -39.11
CA ILE A 950 -13.99 -54.76 -40.30
C ILE A 950 -14.05 -56.25 -40.63
N GLU A 951 -14.93 -56.59 -41.58
CA GLU A 951 -15.23 -57.98 -41.88
C GLU A 951 -14.98 -58.29 -43.35
N ASN A 952 -14.48 -59.50 -43.60
CA ASN A 952 -14.30 -60.03 -44.96
C ASN A 952 -13.38 -59.15 -45.80
N MET A 953 -12.20 -58.90 -45.27
CA MET A 953 -11.24 -58.00 -45.90
C MET A 953 -10.11 -58.80 -46.55
N PRO A 954 -10.00 -58.79 -47.87
CA PRO A 954 -8.89 -59.50 -48.51
C PRO A 954 -7.55 -58.88 -48.17
N ASP A 955 -6.61 -59.74 -47.78
CA ASP A 955 -5.30 -59.31 -47.33
C ASP A 955 -4.35 -59.10 -48.50
N ILE A 956 -4.06 -57.84 -48.79
CA ILE A 956 -3.15 -57.47 -49.87
C ILE A 956 -2.17 -56.43 -49.37
N ALA A 957 -0.96 -56.48 -49.92
CA ALA A 957 0.09 -55.57 -49.51
C ALA A 957 -0.31 -54.13 -49.78
N ALA A 958 0.18 -53.23 -48.95
CA ALA A 958 -0.14 -51.82 -49.10
C ALA A 958 0.49 -51.28 -50.38
N PRO A 959 -0.13 -50.29 -51.03
CA PRO A 959 0.50 -49.69 -52.21
C PRO A 959 1.76 -48.89 -51.88
N ILE A 960 1.72 -48.05 -50.85
CA ILE A 960 2.86 -47.23 -50.46
C ILE A 960 3.53 -47.90 -49.28
N THR A 961 4.85 -48.02 -49.33
CA THR A 961 5.61 -48.67 -48.28
C THR A 961 6.97 -48.01 -48.18
N LEU A 962 7.49 -47.90 -46.96
CA LEU A 962 8.84 -47.39 -46.77
C LEU A 962 9.67 -48.42 -46.02
N GLU A 963 10.88 -48.64 -46.51
CA GLU A 963 11.82 -49.56 -45.91
C GLU A 963 12.78 -48.78 -45.03
N PRO A 964 12.78 -49.00 -43.74
CA PRO A 964 13.55 -48.14 -42.84
C PRO A 964 15.04 -48.43 -42.88
N ILE A 965 15.81 -47.51 -43.48
CA ILE A 965 17.26 -47.62 -43.44
C ILE A 965 17.77 -47.23 -42.06
N GLU A 966 17.18 -46.19 -41.48
CA GLU A 966 17.60 -45.72 -40.16
C GLU A 966 16.46 -44.91 -39.55
N GLY A 967 16.27 -45.08 -38.25
CA GLY A 967 15.23 -44.35 -37.55
C GLY A 967 13.87 -44.97 -37.73
N THR A 968 12.85 -44.22 -37.29
CA THR A 968 11.46 -44.68 -37.30
C THR A 968 10.58 -43.65 -37.99
N PRO A 969 10.45 -43.71 -39.31
CA PRO A 969 9.47 -42.88 -40.01
C PRO A 969 8.15 -43.63 -40.15
N VAL A 970 7.04 -42.90 -40.02
CA VAL A 970 5.71 -43.49 -39.97
C VAL A 970 4.83 -42.77 -40.97
N ILE A 971 4.19 -43.55 -41.85
CA ILE A 971 3.18 -43.05 -42.77
C ILE A 971 1.85 -43.07 -42.05
N ASP A 972 1.20 -41.93 -41.98
CA ASP A 972 0.03 -41.78 -41.13
C ASP A 972 -1.30 -41.84 -41.85
N TRP A 973 -1.50 -41.09 -42.93
CA TRP A 973 -2.83 -40.87 -43.48
C TRP A 973 -2.87 -40.97 -44.99
N ILE A 974 -2.45 -42.10 -45.56
CA ILE A 974 -2.69 -42.35 -46.97
C ILE A 974 -4.15 -42.03 -47.30
N LYS A 975 -4.36 -41.19 -48.31
CA LYS A 975 -5.70 -40.78 -48.70
C LYS A 975 -5.69 -40.32 -50.15
N LEU A 976 -6.88 -40.04 -50.66
CA LEU A 976 -7.02 -39.61 -52.05
C LEU A 976 -6.92 -38.09 -52.14
N ALA A 977 -6.66 -37.60 -53.34
CA ALA A 977 -6.56 -36.16 -53.53
C ALA A 977 -7.93 -35.51 -53.48
N ASP A 978 -7.94 -34.22 -53.20
CA ASP A 978 -9.21 -33.51 -53.11
C ASP A 978 -9.57 -32.83 -54.42
N ASP A 979 -8.63 -32.82 -55.37
CA ASP A 979 -8.90 -32.17 -56.64
C ASP A 979 -9.64 -33.05 -57.63
N GLY A 980 -9.98 -34.28 -57.23
CA GLY A 980 -10.66 -35.20 -58.12
C GLY A 980 -9.83 -35.68 -59.28
N SER A 981 -8.56 -35.32 -59.34
CA SER A 981 -7.70 -35.71 -60.45
C SER A 981 -7.28 -37.16 -60.39
N GLY A 982 -7.23 -37.76 -59.20
CA GLY A 982 -6.82 -39.13 -59.05
C GLY A 982 -5.47 -39.34 -58.43
N ASP A 983 -4.86 -38.30 -57.86
CA ASP A 983 -3.56 -38.45 -57.22
C ASP A 983 -3.71 -39.10 -55.86
N ILE A 984 -2.58 -39.51 -55.29
CA ILE A 984 -2.52 -40.06 -53.95
C ILE A 984 -1.76 -39.07 -53.10
N VAL A 985 -2.17 -38.91 -51.84
CA VAL A 985 -1.49 -38.02 -50.90
C VAL A 985 -1.22 -38.80 -49.63
N ALA A 986 0.05 -38.87 -49.24
CA ALA A 986 0.46 -39.53 -48.02
C ALA A 986 1.06 -38.50 -47.08
N ARG A 987 0.78 -38.63 -45.79
CA ARG A 987 1.29 -37.69 -44.80
C ARG A 987 2.16 -38.47 -43.83
N LEU A 988 3.47 -38.31 -43.95
CA LEU A 988 4.38 -39.12 -43.16
C LEU A 988 5.23 -38.22 -42.28
N TYR A 989 5.59 -38.75 -41.12
CA TYR A 989 6.32 -37.97 -40.12
C TYR A 989 7.31 -38.88 -39.43
N GLU A 990 7.96 -38.34 -38.39
CA GLU A 990 8.96 -39.07 -37.63
C GLU A 990 8.51 -39.08 -36.18
N ALA A 991 8.48 -40.27 -35.58
CA ALA A 991 7.87 -40.45 -34.28
C ALA A 991 8.83 -41.10 -33.29
N ALA A 992 10.09 -40.71 -33.32
CA ALA A 992 11.04 -41.17 -32.31
C ALA A 992 11.96 -40.08 -31.77
N GLY A 993 12.02 -38.92 -32.42
CA GLY A 993 12.90 -37.88 -31.97
C GLY A 993 14.32 -37.98 -32.47
N ALA A 994 14.56 -38.78 -33.51
CA ALA A 994 15.88 -38.91 -34.09
C ALA A 994 15.75 -38.87 -35.61
N LYS A 995 16.79 -38.40 -36.27
CA LYS A 995 16.75 -38.30 -37.72
C LYS A 995 16.53 -39.67 -38.33
N ALA A 996 15.74 -39.71 -39.41
CA ALA A 996 15.32 -40.96 -40.02
C ALA A 996 15.60 -40.91 -41.52
N LYS A 997 16.20 -41.97 -42.04
CA LYS A 997 16.45 -42.13 -43.46
C LYS A 997 15.70 -43.34 -43.96
N ALA A 998 14.93 -43.16 -45.02
CA ALA A 998 14.15 -44.26 -45.58
C ALA A 998 14.08 -44.10 -47.08
N MET A 999 13.48 -45.07 -47.75
CA MET A 999 13.25 -45.00 -49.18
C MET A 999 11.91 -45.64 -49.50
N LEU A 1000 11.34 -45.24 -50.63
CA LEU A 1000 9.96 -45.57 -50.96
C LEU A 1000 9.91 -46.78 -51.88
N HIS A 1001 9.03 -47.72 -51.55
CA HIS A 1001 8.72 -48.86 -52.41
C HIS A 1001 7.22 -48.85 -52.69
N VAL A 1002 6.87 -49.08 -53.96
CA VAL A 1002 5.49 -49.04 -54.38
C VAL A 1002 5.11 -50.39 -54.99
N GLY A 1003 3.85 -50.74 -54.82
CA GLY A 1003 3.33 -51.99 -55.34
C GLY A 1003 3.15 -51.94 -56.84
N GLY A 1004 2.90 -53.12 -57.41
CA GLY A 1004 2.76 -53.25 -58.84
C GLY A 1004 1.50 -52.67 -59.43
N THR A 1005 0.77 -51.84 -58.69
CA THR A 1005 -0.44 -51.22 -59.21
C THR A 1005 -0.27 -49.76 -59.57
N LEU A 1006 0.82 -49.13 -59.14
CA LEU A 1006 1.06 -47.73 -59.49
C LEU A 1006 2.52 -47.49 -59.85
N ASP A 1007 3.15 -48.46 -60.50
CA ASP A 1007 4.49 -48.26 -61.03
C ASP A 1007 4.46 -47.23 -62.15
N GLY A 1008 5.62 -46.62 -62.40
CA GLY A 1008 5.70 -45.55 -63.36
C GLY A 1008 5.18 -44.22 -62.87
N TRP A 1009 4.64 -44.18 -61.66
CA TRP A 1009 4.13 -42.94 -61.08
C TRP A 1009 5.28 -42.08 -60.57
N THR A 1010 5.03 -40.79 -60.49
CA THR A 1010 5.98 -39.83 -59.96
C THR A 1010 5.62 -39.50 -58.52
N VAL A 1011 6.55 -38.87 -57.82
CA VAL A 1011 6.33 -38.42 -56.46
C VAL A 1011 6.87 -37.00 -56.33
N ARG A 1012 6.28 -36.21 -55.45
CA ARG A 1012 6.78 -34.87 -55.21
C ARG A 1012 6.34 -34.38 -53.85
N GLU A 1013 6.91 -33.23 -53.46
CA GLU A 1013 6.72 -32.66 -52.14
C GLU A 1013 5.73 -31.50 -52.23
N THR A 1014 4.87 -31.39 -51.22
CA THR A 1014 3.87 -30.34 -51.16
C THR A 1014 3.89 -29.70 -49.78
N ASN A 1015 2.90 -28.87 -49.52
CA ASN A 1015 2.65 -28.40 -48.17
C ASN A 1015 1.48 -29.21 -47.61
N THR A 1016 1.00 -28.86 -46.42
CA THR A 1016 -0.06 -29.66 -45.83
C THR A 1016 -1.38 -29.53 -46.57
N LEU A 1017 -1.52 -28.53 -47.44
CA LEU A 1017 -2.75 -28.33 -48.19
C LEU A 1017 -2.69 -28.92 -49.58
N GLU A 1018 -1.66 -29.73 -49.88
CA GLU A 1018 -1.53 -30.41 -51.16
C GLU A 1018 -1.40 -29.41 -52.31
N GLN A 1019 -0.48 -28.46 -52.14
CA GLN A 1019 -0.20 -27.45 -53.13
C GLN A 1019 1.31 -27.26 -53.25
N ASP A 1020 1.75 -26.89 -54.45
CA ASP A 1020 3.18 -26.74 -54.73
C ASP A 1020 3.66 -25.39 -54.19
N GLU A 1021 3.90 -25.37 -52.89
CA GLU A 1021 4.40 -24.18 -52.22
C GLU A 1021 5.53 -24.56 -51.27
N SER A 1022 6.67 -23.90 -51.43
CA SER A 1022 7.83 -24.15 -50.61
C SER A 1022 8.08 -22.95 -49.70
N TYR A 1023 8.71 -23.18 -48.57
CA TYR A 1023 9.01 -22.11 -47.64
C TYR A 1023 10.46 -22.20 -47.21
N PRO A 1024 11.20 -21.09 -47.27
CA PRO A 1024 12.65 -21.18 -47.07
C PRO A 1024 13.05 -21.58 -45.65
N ASP A 1025 12.21 -21.31 -44.66
CA ASP A 1025 12.52 -21.63 -43.28
C ASP A 1025 11.99 -23.01 -42.86
N GLU A 1026 11.69 -23.88 -43.79
CA GLU A 1026 11.17 -25.21 -43.47
C GLU A 1026 11.93 -26.27 -44.25
N PRO A 1027 12.51 -27.26 -43.59
CA PRO A 1027 13.14 -28.36 -44.33
C PRO A 1027 12.11 -29.16 -45.12
N ALA A 1028 12.59 -29.93 -46.08
CA ALA A 1028 11.75 -30.76 -46.92
C ALA A 1028 12.07 -32.23 -46.70
N GLY A 1029 11.15 -33.10 -47.12
CA GLY A 1029 11.38 -34.52 -46.98
C GLY A 1029 12.21 -35.09 -48.12
N LEU A 1030 11.74 -34.95 -49.35
CA LEU A 1030 12.43 -35.53 -50.48
C LEU A 1030 13.79 -34.88 -50.70
N ILE A 1031 14.66 -35.62 -51.36
CA ILE A 1031 15.95 -35.11 -51.82
C ILE A 1031 15.86 -34.97 -53.33
N GLY A 1032 15.82 -33.73 -53.81
CA GLY A 1032 15.59 -33.48 -55.21
C GLY A 1032 14.26 -32.79 -55.44
N GLY A 1033 13.64 -33.05 -56.58
CA GLY A 1033 12.35 -32.45 -56.86
C GLY A 1033 11.27 -33.48 -57.13
N LYS A 1034 10.67 -33.42 -58.31
CA LYS A 1034 9.71 -34.42 -58.75
C LYS A 1034 10.46 -35.48 -59.54
N GLN A 1035 10.41 -36.72 -59.05
CA GLN A 1035 11.12 -37.81 -59.67
C GLN A 1035 10.28 -39.07 -59.58
N GLN A 1036 10.82 -40.16 -60.09
CA GLN A 1036 10.13 -41.44 -60.04
C GLN A 1036 9.88 -41.86 -58.60
N ALA A 1037 8.72 -42.47 -58.38
CA ALA A 1037 8.35 -42.85 -57.02
C ALA A 1037 9.13 -44.06 -56.55
N GLU A 1038 9.34 -45.04 -57.43
CA GLU A 1038 10.01 -46.26 -57.02
C GLU A 1038 11.49 -46.01 -56.77
N GLY A 1039 11.84 -45.85 -55.49
CA GLY A 1039 13.23 -45.67 -55.14
C GLY A 1039 13.59 -44.30 -54.61
N ALA A 1040 12.62 -43.40 -54.50
CA ALA A 1040 12.91 -42.07 -53.96
C ALA A 1040 13.21 -42.15 -52.48
N GLU A 1041 14.22 -41.42 -52.04
CA GLU A 1041 14.67 -41.48 -50.66
C GLU A 1041 14.17 -40.29 -49.87
N LEU A 1042 14.18 -40.45 -48.55
CA LEU A 1042 13.55 -39.51 -47.63
C LEU A 1042 14.47 -39.35 -46.44
N ALA A 1043 14.72 -38.10 -46.04
CA ALA A 1043 15.44 -37.77 -44.83
C ALA A 1043 14.57 -36.87 -43.99
N LEU A 1044 14.42 -37.21 -42.71
CA LEU A 1044 13.49 -36.53 -41.81
C LEU A 1044 14.23 -36.16 -40.54
N ASN A 1045 14.35 -34.86 -40.30
CA ASN A 1045 14.92 -34.40 -39.04
C ASN A 1045 13.89 -34.55 -37.93
N PRO A 1046 14.31 -34.61 -36.66
CA PRO A 1046 13.40 -35.02 -35.58
C PRO A 1046 12.07 -34.28 -35.59
N PHE A 1047 10.98 -35.04 -35.46
CA PHE A 1047 9.61 -34.52 -35.39
C PHE A 1047 9.26 -33.68 -36.60
N GLN A 1048 9.62 -34.16 -37.79
CA GLN A 1048 9.29 -33.47 -39.03
C GLN A 1048 8.00 -34.06 -39.60
N LEU A 1049 7.23 -33.20 -40.24
CA LEU A 1049 5.96 -33.57 -40.85
C LEU A 1049 6.00 -33.23 -42.33
N THR A 1050 6.05 -34.24 -43.19
CA THR A 1050 6.09 -33.98 -44.62
C THR A 1050 4.92 -34.68 -45.31
N THR A 1051 4.63 -34.20 -46.51
CA THR A 1051 3.48 -34.64 -47.28
C THR A 1051 3.93 -34.98 -48.70
N LEU A 1052 3.72 -36.22 -49.09
CA LEU A 1052 4.09 -36.71 -50.41
C LEU A 1052 2.86 -36.75 -51.29
N ARG A 1053 3.03 -36.41 -52.56
CA ARG A 1053 1.97 -36.46 -53.55
C ARG A 1053 2.43 -37.32 -54.71
N LEU A 1054 1.65 -38.33 -55.05
CA LEU A 1054 1.95 -39.25 -56.13
C LEU A 1054 0.96 -39.03 -57.26
N SER A 1055 1.49 -38.82 -58.46
CA SER A 1055 0.68 -38.55 -59.64
C SER A 1055 0.91 -39.63 -60.68
N ARG A 1056 -0.11 -39.87 -61.50
CA ARG A 1056 0.02 -40.87 -62.56
C ARG A 1056 1.08 -40.46 -63.56
N ALA A 1057 1.19 -39.17 -63.84
CA ALA A 1057 2.26 -38.66 -64.69
C ALA A 1057 2.66 -37.26 -64.23
N LEU B 26 -3.74 -16.25 -4.40
CA LEU B 26 -3.20 -17.23 -3.47
C LEU B 26 -4.17 -18.37 -3.26
N LYS B 27 -3.66 -19.51 -2.79
CA LYS B 27 -4.49 -20.70 -2.67
C LYS B 27 -5.56 -20.52 -1.61
N VAL B 28 -5.25 -19.79 -0.53
CA VAL B 28 -6.21 -19.67 0.56
C VAL B 28 -7.42 -18.86 0.15
N ASN B 29 -7.21 -17.72 -0.54
CA ASN B 29 -8.33 -16.91 -0.96
C ASN B 29 -9.27 -17.68 -1.86
N ARG B 30 -8.72 -18.55 -2.71
CA ARG B 30 -9.57 -19.40 -3.53
C ARG B 30 -10.18 -20.53 -2.71
N GLU B 31 -9.58 -20.87 -1.57
CA GLU B 31 -10.20 -21.84 -0.69
C GLU B 31 -11.30 -21.23 0.16
N ILE B 32 -11.32 -19.91 0.29
CA ILE B 32 -12.43 -19.27 1.01
C ILE B 32 -13.70 -19.33 0.18
N ASP B 33 -13.58 -19.13 -1.13
CA ASP B 33 -14.75 -19.19 -1.99
C ASP B 33 -15.39 -20.57 -1.97
N ARG B 34 -14.56 -21.62 -2.00
CA ARG B 34 -15.08 -22.97 -1.93
C ARG B 34 -15.84 -23.19 -0.63
N CYS B 35 -15.30 -22.67 0.48
CA CYS B 35 -15.96 -22.86 1.76
C CYS B 35 -17.27 -22.10 1.84
N LYS B 36 -17.31 -20.88 1.29
CA LYS B 36 -18.54 -20.13 1.30
C LYS B 36 -19.61 -20.79 0.44
N ARG B 37 -19.22 -21.32 -0.72
CA ARG B 37 -20.20 -22.00 -1.54
C ARG B 37 -20.65 -23.30 -0.91
N VAL B 38 -19.77 -23.98 -0.18
CA VAL B 38 -20.18 -25.16 0.58
C VAL B 38 -21.22 -24.78 1.62
N MET B 39 -20.97 -23.72 2.37
CA MET B 39 -21.97 -23.22 3.30
C MET B 39 -23.29 -22.95 2.60
N ARG B 40 -23.24 -22.28 1.45
CA ARG B 40 -24.48 -21.81 0.83
C ARG B 40 -25.28 -22.94 0.18
N GLU B 41 -24.64 -23.98 -0.33
CA GLU B 41 -25.37 -24.99 -1.08
C GLU B 41 -25.34 -26.38 -0.46
N ARG B 42 -24.23 -26.79 0.13
CA ARG B 42 -24.14 -28.15 0.64
C ARG B 42 -24.47 -28.26 2.13
N VAL B 43 -24.62 -27.15 2.84
CA VAL B 43 -24.85 -27.20 4.27
C VAL B 43 -26.16 -26.50 4.62
N TRP B 44 -26.38 -25.33 4.03
CA TRP B 44 -27.57 -24.54 4.40
C TRP B 44 -28.88 -25.24 4.08
N PRO B 45 -29.10 -25.77 2.86
CA PRO B 45 -30.40 -26.39 2.59
C PRO B 45 -30.73 -27.55 3.49
N HIS B 46 -29.73 -28.32 3.95
CA HIS B 46 -30.01 -29.46 4.81
C HIS B 46 -30.12 -29.06 6.27
N ILE B 47 -30.94 -28.04 6.56
CA ILE B 47 -31.18 -27.63 7.93
C ILE B 47 -32.67 -27.79 8.22
N HIS B 48 -33.50 -27.27 7.33
CA HIS B 48 -34.94 -27.40 7.44
C HIS B 48 -35.38 -28.54 6.53
N GLN B 49 -35.67 -29.69 7.11
CA GLN B 49 -36.14 -30.85 6.37
C GLN B 49 -37.65 -30.77 6.21
N VAL B 50 -38.11 -30.57 4.98
CA VAL B 50 -39.53 -30.34 4.73
C VAL B 50 -40.30 -31.64 4.92
N LEU B 51 -41.40 -31.56 5.67
CA LEU B 51 -42.22 -32.73 5.98
C LEU B 51 -43.53 -32.74 5.20
N ALA B 52 -44.30 -31.67 5.28
CA ALA B 52 -45.58 -31.59 4.59
C ALA B 52 -45.93 -30.12 4.37
N GLN B 53 -46.78 -29.88 3.39
CA GLN B 53 -47.22 -28.53 3.09
C GLN B 53 -48.69 -28.33 3.47
N CYS B 54 -49.07 -27.06 3.64
CA CYS B 54 -50.32 -26.70 4.26
C CYS B 54 -51.26 -26.07 3.25
N THR B 55 -52.55 -26.33 3.42
CA THR B 55 -53.56 -25.64 2.62
C THR B 55 -53.69 -24.20 3.10
N VAL B 56 -54.01 -23.30 2.17
CA VAL B 56 -54.00 -21.87 2.43
C VAL B 56 -55.20 -21.23 1.76
N GLY B 57 -55.79 -20.24 2.42
CA GLY B 57 -56.82 -19.39 1.84
C GLY B 57 -56.68 -17.98 2.36
N ALA B 58 -56.92 -16.98 1.53
CA ALA B 58 -56.61 -15.60 1.88
C ALA B 58 -57.75 -14.66 1.51
N VAL B 59 -57.82 -13.55 2.21
CA VAL B 59 -58.71 -12.44 1.90
C VAL B 59 -57.90 -11.15 1.84
N LYS B 60 -58.09 -10.38 0.78
CA LYS B 60 -57.30 -9.20 0.50
C LYS B 60 -58.06 -7.94 0.84
N ASN B 61 -57.32 -6.89 1.20
CA ASN B 61 -57.95 -5.62 1.52
C ASN B 61 -56.99 -4.47 1.20
N PRO B 62 -57.28 -3.66 0.18
CA PRO B 62 -56.39 -2.55 -0.16
C PRO B 62 -56.67 -1.27 0.60
N GLY B 63 -57.68 -1.25 1.46
CA GLY B 63 -58.02 -0.05 2.20
C GLY B 63 -57.12 0.13 3.40
N GLU B 64 -57.61 0.94 4.34
CA GLU B 64 -56.90 1.14 5.59
C GLU B 64 -57.16 -0.05 6.50
N PRO B 65 -56.15 -0.52 7.24
CA PRO B 65 -56.33 -1.74 8.02
C PRO B 65 -57.15 -1.49 9.28
N GLU B 66 -57.75 -2.57 9.79
CA GLU B 66 -58.50 -2.51 11.03
C GLU B 66 -57.72 -3.25 12.12
N MET B 67 -58.19 -3.11 13.35
CA MET B 67 -57.50 -3.72 14.49
C MET B 67 -57.59 -5.24 14.39
N PRO B 68 -56.51 -5.96 14.63
CA PRO B 68 -56.56 -7.42 14.48
C PRO B 68 -57.59 -8.09 15.38
N ALA B 69 -57.70 -7.65 16.62
CA ALA B 69 -58.63 -8.31 17.55
C ALA B 69 -60.05 -8.27 17.03
N ALA B 70 -60.45 -7.15 16.41
CA ALA B 70 -61.80 -7.05 15.88
C ALA B 70 -61.99 -7.87 14.62
N PHE B 71 -60.91 -8.27 13.94
CA PHE B 71 -61.03 -9.12 12.76
C PHE B 71 -61.06 -10.60 13.11
N ILE B 72 -60.22 -11.04 14.05
CA ILE B 72 -60.17 -12.46 14.38
C ILE B 72 -61.53 -12.94 14.86
N THR B 73 -62.07 -12.33 15.91
CA THR B 73 -63.37 -12.75 16.41
C THR B 73 -64.45 -12.67 15.34
N ARG B 74 -64.28 -11.77 14.37
CA ARG B 74 -65.17 -11.73 13.23
C ARG B 74 -64.80 -12.77 12.18
N ALA B 75 -63.61 -13.34 12.26
CA ALA B 75 -63.14 -14.33 11.29
C ALA B 75 -63.23 -15.74 11.83
N VAL B 76 -63.71 -15.90 13.06
CA VAL B 76 -63.89 -17.21 13.67
C VAL B 76 -65.32 -17.69 13.53
N SER B 77 -66.29 -16.78 13.48
CA SER B 77 -67.68 -17.24 13.48
C SER B 77 -68.12 -17.67 12.09
N GLY B 78 -68.36 -16.72 11.19
CA GLY B 78 -68.57 -17.14 9.81
C GLY B 78 -68.25 -16.11 8.75
N GLN B 79 -67.88 -14.90 9.16
CA GLN B 79 -68.09 -13.72 8.33
C GLN B 79 -66.96 -13.44 7.35
N VAL B 80 -66.16 -14.44 7.03
CA VAL B 80 -65.10 -14.31 6.03
C VAL B 80 -65.11 -15.59 5.20
N ILE B 81 -64.70 -15.46 3.93
CA ILE B 81 -64.86 -16.58 3.00
C ILE B 81 -63.52 -17.26 2.71
N PHE B 82 -62.44 -16.50 2.62
CA PHE B 82 -61.09 -17.05 2.45
C PHE B 82 -60.96 -17.84 1.14
N GLN B 83 -61.16 -17.15 0.03
CA GLN B 83 -60.99 -17.81 -1.26
C GLN B 83 -59.52 -18.18 -1.46
N PRO B 84 -59.24 -19.42 -1.88
CA PRO B 84 -57.84 -19.89 -1.92
C PRO B 84 -56.92 -19.00 -2.73
N LEU B 85 -55.63 -19.12 -2.42
CA LEU B 85 -54.58 -18.33 -3.07
C LEU B 85 -54.17 -18.97 -4.39
N ALA B 86 -53.38 -18.23 -5.15
CA ALA B 86 -52.83 -18.70 -6.42
C ALA B 86 -51.31 -18.77 -6.31
N VAL B 87 -50.76 -19.94 -6.58
CA VAL B 87 -49.31 -20.14 -6.48
C VAL B 87 -48.62 -19.42 -7.62
N GLY B 88 -47.80 -18.44 -7.28
CA GLY B 88 -47.04 -17.70 -8.27
C GLY B 88 -47.64 -16.38 -8.68
N GLU B 89 -48.44 -15.74 -7.83
CA GLU B 89 -48.98 -14.43 -8.11
C GLU B 89 -48.87 -13.54 -6.88
N PRO B 90 -48.82 -12.23 -7.06
CA PRO B 90 -48.75 -11.33 -5.91
C PRO B 90 -49.97 -11.48 -5.03
N TRP B 91 -49.71 -11.65 -3.73
CA TRP B 91 -50.76 -11.90 -2.75
C TRP B 91 -51.29 -10.62 -2.11
N GLY B 92 -51.18 -9.49 -2.79
CA GLY B 92 -51.72 -8.27 -2.23
C GLY B 92 -51.54 -7.12 -3.18
N THR B 93 -51.93 -5.94 -2.71
CA THR B 93 -51.70 -4.68 -3.40
C THR B 93 -50.89 -3.77 -2.49
N SER B 94 -50.37 -2.70 -3.08
CA SER B 94 -49.46 -1.81 -2.37
C SER B 94 -50.17 -1.13 -1.20
N TRP B 95 -49.51 -1.12 -0.05
CA TRP B 95 -50.04 -0.54 1.18
C TRP B 95 -51.37 -1.18 1.55
N GLY B 96 -51.48 -2.50 1.34
CA GLY B 96 -52.67 -3.25 1.66
C GLY B 96 -52.37 -4.34 2.66
N THR B 97 -53.42 -5.00 3.11
CA THR B 97 -53.31 -6.07 4.11
C THR B 97 -54.03 -7.31 3.61
N THR B 98 -53.36 -8.45 3.72
CA THR B 98 -53.95 -9.73 3.33
C THR B 98 -53.95 -10.64 4.54
N TRP B 99 -55.11 -11.22 4.86
CA TRP B 99 -55.21 -12.15 5.96
C TRP B 99 -55.26 -13.56 5.40
N ILE B 100 -54.46 -14.45 5.98
CA ILE B 100 -54.24 -15.78 5.45
C ILE B 100 -54.55 -16.78 6.55
N ARG B 101 -55.43 -17.74 6.27
CA ARG B 101 -55.73 -18.82 7.21
C ARG B 101 -54.98 -20.06 6.77
N VAL B 102 -54.06 -20.52 7.60
CA VAL B 102 -53.22 -21.67 7.32
C VAL B 102 -53.71 -22.82 8.17
N GLU B 103 -53.85 -24.00 7.56
CA GLU B 103 -54.21 -25.22 8.26
C GLU B 103 -53.28 -26.34 7.84
N GLY B 104 -52.66 -26.97 8.83
CA GLY B 104 -51.78 -28.10 8.57
C GLY B 104 -52.26 -29.36 9.25
N GLN B 105 -51.45 -30.41 9.21
CA GLN B 105 -51.83 -31.69 9.80
C GLN B 105 -50.86 -32.22 10.83
N LEU B 106 -49.59 -31.83 10.79
CA LEU B 106 -48.58 -32.31 11.73
C LEU B 106 -48.56 -33.83 11.74
N PRO B 107 -48.06 -34.47 10.69
CA PRO B 107 -48.18 -35.92 10.57
C PRO B 107 -47.32 -36.63 11.61
N GLU B 108 -47.56 -37.94 11.73
CA GLU B 108 -46.78 -38.77 12.63
C GLU B 108 -45.43 -39.07 11.97
N THR B 109 -44.66 -39.97 12.59
CA THR B 109 -43.31 -40.28 12.13
C THR B 109 -42.47 -39.02 11.99
N LEU B 110 -42.61 -38.11 12.96
CA LEU B 110 -41.75 -36.94 12.99
C LEU B 110 -40.39 -37.31 13.60
N PRO B 111 -39.31 -36.72 13.09
CA PRO B 111 -37.98 -37.07 13.60
C PRO B 111 -37.87 -36.86 15.10
N GLU B 112 -37.04 -37.69 15.73
CA GLU B 112 -36.95 -37.71 17.18
C GLU B 112 -36.04 -36.59 17.68
N GLY B 113 -36.43 -35.98 18.80
CA GLY B 113 -35.64 -34.94 19.40
C GLY B 113 -35.37 -33.74 18.52
N ARG B 114 -36.19 -33.51 17.51
CA ARG B 114 -36.02 -32.39 16.59
C ARG B 114 -37.22 -31.48 16.68
N ALA B 115 -36.99 -30.18 16.50
CA ALA B 115 -38.07 -29.21 16.56
C ALA B 115 -38.82 -29.15 15.25
N ILE B 116 -40.10 -28.77 15.34
CA ILE B 116 -40.97 -28.67 14.19
C ILE B 116 -41.44 -27.23 14.09
N GLU B 117 -41.35 -26.64 12.91
CA GLU B 117 -41.70 -25.24 12.75
C GLU B 117 -42.23 -24.98 11.35
N LEU B 118 -43.13 -24.01 11.25
CA LEU B 118 -43.62 -23.57 9.95
C LEU B 118 -42.60 -22.67 9.28
N VAL B 119 -42.61 -22.69 7.95
CA VAL B 119 -41.71 -21.87 7.15
C VAL B 119 -42.54 -21.12 6.13
N PHE B 120 -42.45 -19.79 6.16
CA PHE B 120 -43.21 -18.88 5.33
C PHE B 120 -42.25 -18.25 4.33
N ASN B 121 -42.36 -18.67 3.08
CA ASN B 121 -41.55 -18.09 2.01
C ASN B 121 -42.48 -17.42 1.01
N LEU B 122 -42.81 -16.17 1.30
CA LEU B 122 -43.78 -15.38 0.57
C LEU B 122 -43.16 -14.50 -0.48
N GLY B 123 -42.07 -14.95 -1.12
CA GLY B 123 -41.42 -14.14 -2.13
C GLY B 123 -40.52 -13.07 -1.56
N TRP B 124 -39.69 -13.43 -0.59
CA TRP B 124 -38.88 -12.44 0.09
C TRP B 124 -37.67 -12.05 -0.75
N LEU B 125 -37.24 -10.81 -0.60
CA LEU B 125 -35.90 -10.41 -0.98
C LEU B 125 -35.00 -10.50 0.24
N GLU B 126 -33.80 -9.96 0.12
CA GLU B 126 -32.86 -10.02 1.24
C GLU B 126 -32.32 -8.66 1.65
N TRP B 127 -32.21 -7.71 0.72
CA TRP B 127 -31.47 -6.49 1.02
C TRP B 127 -32.18 -5.67 2.09
N PRO B 128 -33.39 -5.16 1.87
CA PRO B 128 -34.04 -4.39 2.94
C PRO B 128 -34.89 -5.29 3.81
N VAL B 129 -34.64 -5.23 5.12
CA VAL B 129 -35.36 -6.11 6.03
C VAL B 129 -36.64 -5.42 6.48
N GLY B 130 -36.53 -4.20 7.00
CA GLY B 130 -37.69 -3.43 7.37
C GLY B 130 -38.33 -2.65 6.25
N GLY B 131 -37.87 -2.81 5.01
CA GLY B 131 -38.39 -2.01 3.92
C GLY B 131 -39.61 -2.58 3.22
N HIS B 132 -39.49 -3.79 2.68
CA HIS B 132 -40.58 -4.40 1.92
C HIS B 132 -41.40 -5.29 2.84
N ILE B 133 -42.19 -6.18 2.23
CA ILE B 133 -43.31 -6.84 2.88
C ILE B 133 -42.97 -7.46 4.23
N GLU B 134 -43.96 -7.49 5.13
CA GLU B 134 -43.81 -8.13 6.43
C GLU B 134 -45.09 -8.89 6.75
N ALA B 135 -45.11 -9.51 7.92
CA ALA B 135 -46.27 -10.30 8.33
C ALA B 135 -46.21 -10.54 9.82
N MET B 136 -47.34 -10.99 10.36
CA MET B 136 -47.47 -11.28 11.78
C MET B 136 -48.46 -12.41 11.98
N ALA B 137 -48.06 -13.45 12.70
CA ALA B 137 -48.87 -14.64 12.88
C ALA B 137 -49.57 -14.60 14.23
N TYR B 138 -50.88 -14.90 14.22
CA TYR B 138 -51.69 -14.86 15.42
C TYR B 138 -52.26 -16.25 15.72
N ARG B 139 -52.61 -16.47 16.97
CA ARG B 139 -53.36 -17.66 17.35
C ARG B 139 -54.85 -17.40 17.20
N ALA B 140 -55.64 -18.47 17.23
CA ALA B 140 -57.07 -18.33 17.02
C ALA B 140 -57.79 -17.96 18.32
N ASP B 141 -57.23 -16.98 19.02
CA ASP B 141 -57.94 -16.25 20.06
C ASP B 141 -57.61 -14.77 20.05
N GLY B 142 -56.59 -14.33 19.32
CA GLY B 142 -56.20 -12.94 19.27
C GLY B 142 -54.84 -12.69 19.86
N THR B 143 -54.04 -13.74 20.04
CA THR B 143 -52.74 -13.68 20.69
C THR B 143 -51.64 -13.82 19.66
N VAL B 144 -50.57 -13.05 19.83
CA VAL B 144 -49.47 -13.06 18.87
C VAL B 144 -48.58 -14.27 19.14
N ILE B 145 -48.07 -14.87 18.06
CA ILE B 145 -47.10 -15.95 18.17
C ILE B 145 -45.71 -15.41 17.87
N LYS B 146 -45.51 -14.92 16.65
CA LYS B 146 -44.22 -14.39 16.23
C LYS B 146 -44.42 -13.65 14.93
N ALA B 147 -43.50 -12.74 14.64
CA ALA B 147 -43.55 -11.95 13.42
C ALA B 147 -42.71 -12.58 12.33
N LEU B 148 -42.96 -12.17 11.10
CA LEU B 148 -42.32 -12.76 9.93
C LEU B 148 -41.62 -11.64 9.15
N HIS B 149 -40.33 -11.78 8.94
CA HIS B 149 -39.52 -10.78 8.28
C HIS B 149 -38.69 -11.44 7.20
N PRO B 150 -38.04 -10.66 6.32
CA PRO B 150 -37.28 -11.27 5.23
C PRO B 150 -36.27 -12.33 5.65
N ARG B 151 -35.40 -12.04 6.61
CA ARG B 151 -34.40 -13.01 7.01
C ARG B 151 -34.82 -13.83 8.23
N ASN B 152 -35.98 -13.55 8.81
CA ASN B 152 -36.47 -14.26 9.99
C ASN B 152 -37.91 -14.67 9.69
N HIS B 153 -38.08 -15.81 9.02
CA HIS B 153 -39.41 -16.26 8.62
C HIS B 153 -39.56 -17.73 8.99
N TRP B 154 -40.02 -17.96 10.22
CA TRP B 154 -40.22 -19.30 10.75
C TRP B 154 -40.98 -19.15 12.05
N MET B 155 -41.84 -20.12 12.36
CA MET B 155 -42.66 -20.03 13.55
C MET B 155 -42.62 -21.33 14.32
N PRO B 156 -42.31 -21.32 15.60
CA PRO B 156 -42.21 -22.58 16.35
C PRO B 156 -43.54 -23.30 16.53
N LEU B 157 -43.61 -24.56 16.11
CA LEU B 157 -44.73 -25.42 16.45
C LEU B 157 -44.42 -26.28 17.65
N VAL B 158 -43.38 -27.10 17.55
CA VAL B 158 -42.93 -27.97 18.63
C VAL B 158 -41.45 -27.70 18.86
N SER B 159 -41.03 -27.70 20.12
CA SER B 159 -39.73 -27.18 20.52
C SER B 159 -38.69 -28.26 20.80
N ALA B 160 -38.69 -29.35 20.02
CA ALA B 160 -37.63 -30.35 20.08
C ALA B 160 -37.55 -31.01 21.46
N ASP B 161 -38.62 -30.89 22.24
CA ASP B 161 -38.64 -31.48 23.56
C ASP B 161 -39.98 -32.12 23.90
N GLY B 162 -40.83 -32.38 22.91
CA GLY B 162 -42.09 -33.03 23.15
C GLY B 162 -43.18 -32.14 23.72
N VAL B 163 -42.96 -30.82 23.75
CA VAL B 163 -43.98 -29.88 24.20
C VAL B 163 -44.40 -29.04 23.01
N LYS B 164 -45.71 -28.92 22.82
CA LYS B 164 -46.30 -28.27 21.66
C LYS B 164 -46.81 -26.89 22.06
N ASP B 165 -46.96 -26.03 21.06
CA ASP B 165 -47.58 -24.74 21.32
C ASP B 165 -49.06 -24.94 21.62
N ARG B 166 -49.69 -23.89 22.13
CA ARG B 166 -51.10 -24.00 22.51
C ARG B 166 -52.00 -24.18 21.30
N VAL B 167 -51.55 -23.74 20.13
CA VAL B 167 -52.35 -23.90 18.91
C VAL B 167 -51.95 -25.23 18.30
N VAL B 168 -52.44 -26.30 18.91
CA VAL B 168 -52.36 -27.67 18.42
C VAL B 168 -53.52 -28.42 19.07
N ASN B 169 -54.32 -29.09 18.28
CA ASN B 169 -55.42 -29.87 18.82
C ASN B 169 -54.89 -31.13 19.49
N PRO B 170 -55.76 -31.93 20.13
CA PRO B 170 -55.30 -33.24 20.62
C PRO B 170 -54.64 -34.09 19.55
N ASP B 171 -55.12 -34.03 18.32
CA ASP B 171 -54.42 -34.64 17.19
C ASP B 171 -53.48 -33.60 16.59
N GLY B 172 -52.97 -33.87 15.40
CA GLY B 172 -52.05 -32.93 14.80
C GLY B 172 -52.66 -31.73 14.12
N SER B 173 -53.97 -31.52 14.24
CA SER B 173 -54.60 -30.40 13.56
C SER B 173 -54.23 -29.07 14.22
N PHE B 174 -54.09 -28.04 13.40
CA PHE B 174 -53.83 -26.70 13.92
C PHE B 174 -54.32 -25.68 12.90
N VAL B 175 -54.37 -24.43 13.33
CA VAL B 175 -54.92 -23.34 12.52
C VAL B 175 -54.27 -22.03 12.93
N VAL B 176 -53.75 -21.30 11.94
CA VAL B 176 -53.00 -20.07 12.19
C VAL B 176 -53.58 -18.98 11.31
N TYR B 177 -53.66 -17.75 11.83
CA TYR B 177 -54.02 -16.59 11.04
C TYR B 177 -52.80 -15.70 10.90
N VAL B 178 -52.55 -15.22 9.69
CA VAL B 178 -51.37 -14.43 9.37
C VAL B 178 -51.83 -13.14 8.72
N GLU B 179 -51.49 -12.01 9.33
CA GLU B 179 -51.77 -10.69 8.78
C GLU B 179 -50.52 -10.21 8.07
N GLY B 180 -50.60 -10.09 6.74
CA GLY B 180 -49.45 -9.78 5.92
C GLY B 180 -49.59 -8.40 5.31
N ALA B 181 -48.57 -7.58 5.53
CA ALA B 181 -48.52 -6.21 5.05
C ALA B 181 -47.67 -6.15 3.79
N TYR B 182 -48.30 -5.79 2.68
CA TYR B 182 -47.68 -5.74 1.36
C TYR B 182 -47.07 -4.36 1.11
N ASN B 183 -46.15 -3.99 1.98
CA ASN B 183 -45.55 -2.67 1.90
C ASN B 183 -44.58 -2.60 0.72
N PRO B 184 -44.66 -1.60 -0.13
CA PRO B 184 -43.72 -1.49 -1.24
C PRO B 184 -42.33 -1.09 -0.75
N ASN B 185 -41.33 -1.40 -1.56
CA ASN B 185 -39.97 -0.97 -1.30
C ASN B 185 -39.75 0.41 -1.89
N VAL B 186 -39.60 1.42 -1.03
CA VAL B 186 -39.47 2.81 -1.44
C VAL B 186 -37.98 3.14 -1.52
N PRO B 187 -37.46 3.52 -2.67
CA PRO B 187 -36.06 3.94 -2.76
C PRO B 187 -35.77 5.18 -1.93
N SER B 188 -34.53 5.37 -1.51
CA SER B 188 -34.21 6.48 -0.63
C SER B 188 -34.31 7.81 -1.37
N PHE B 189 -33.49 8.00 -2.40
CA PHE B 189 -33.53 9.21 -3.21
C PHE B 189 -33.78 8.82 -4.66
N THR B 190 -35.05 8.85 -5.06
CA THR B 190 -35.48 8.55 -6.42
C THR B 190 -36.92 8.98 -6.54
N VAL B 191 -37.25 9.65 -7.64
CA VAL B 191 -38.62 10.10 -7.87
C VAL B 191 -39.51 8.85 -7.97
N THR B 192 -40.61 8.85 -7.24
CA THR B 192 -41.51 7.71 -7.20
C THR B 192 -42.90 8.18 -6.84
N GLU B 193 -43.87 7.33 -7.13
CA GLU B 193 -45.27 7.58 -6.81
C GLU B 193 -45.75 6.65 -5.71
N LEU B 194 -44.83 5.97 -5.02
CA LEU B 194 -45.23 4.92 -4.09
C LEU B 194 -45.54 5.49 -2.71
N GLY B 195 -44.86 6.56 -2.33
CA GLY B 195 -45.06 7.11 -1.00
C GLY B 195 -46.15 8.15 -0.89
N THR B 196 -47.25 7.96 -1.62
CA THR B 196 -48.34 8.92 -1.62
C THR B 196 -49.60 8.37 -0.97
N LYS B 197 -50.09 7.22 -1.40
CA LYS B 197 -51.37 6.70 -0.98
C LYS B 197 -51.50 5.27 -1.45
N PRO B 198 -52.40 4.49 -0.86
CA PRO B 198 -52.66 3.14 -1.38
C PRO B 198 -53.06 3.17 -2.84
N THR B 199 -52.30 2.47 -3.68
CA THR B 199 -52.57 2.47 -5.10
C THR B 199 -53.63 1.45 -5.50
N GLY B 200 -53.64 0.29 -4.85
CA GLY B 200 -54.52 -0.78 -5.25
C GLY B 200 -53.94 -1.71 -6.28
N LYS B 201 -52.68 -1.52 -6.66
CA LYS B 201 -51.99 -2.34 -7.63
C LYS B 201 -50.73 -2.93 -7.02
N ALA B 202 -50.30 -4.07 -7.53
CA ALA B 202 -49.10 -4.75 -7.04
C ALA B 202 -47.94 -4.33 -7.93
N ASP B 203 -47.19 -3.34 -7.47
CA ASP B 203 -46.07 -2.84 -8.27
C ASP B 203 -44.91 -3.81 -8.27
N GLU B 204 -44.36 -4.11 -7.09
CA GLU B 204 -43.31 -5.11 -6.95
C GLU B 204 -43.96 -6.47 -6.70
N ARG B 205 -43.67 -7.42 -7.59
CA ARG B 205 -44.29 -8.74 -7.54
C ARG B 205 -43.62 -9.59 -6.48
N TYR B 206 -44.42 -10.12 -5.57
CA TYR B 206 -43.95 -11.05 -4.55
C TYR B 206 -44.87 -12.25 -4.56
N GLU B 207 -44.29 -13.44 -4.75
CA GLU B 207 -45.07 -14.64 -4.99
C GLU B 207 -45.59 -15.22 -3.68
N PHE B 208 -46.29 -16.34 -3.77
CA PHE B 208 -46.74 -17.02 -2.57
C PHE B 208 -45.85 -18.20 -2.20
N SER B 209 -45.72 -19.18 -3.08
CA SER B 209 -44.69 -20.21 -2.99
C SER B 209 -44.78 -21.06 -1.71
N SER B 210 -45.94 -21.63 -1.41
CA SER B 210 -46.02 -22.89 -0.65
C SER B 210 -45.40 -22.79 0.76
N ILE B 211 -46.12 -22.08 1.65
CA ILE B 211 -45.88 -22.21 3.08
C ILE B 211 -45.82 -23.69 3.45
N ASP B 212 -44.90 -24.07 4.33
CA ASP B 212 -44.71 -25.51 4.59
C ASP B 212 -44.29 -25.75 6.03
N ILE B 213 -44.08 -27.02 6.36
CA ILE B 213 -43.70 -27.48 7.70
C ILE B 213 -42.35 -28.15 7.61
N ALA B 214 -41.48 -27.91 8.59
CA ALA B 214 -40.11 -28.39 8.51
C ALA B 214 -39.61 -28.83 9.88
N ALA B 215 -38.74 -29.82 9.87
CA ALA B 215 -38.00 -30.24 11.05
C ALA B 215 -36.62 -29.58 11.04
N LEU B 216 -36.18 -29.12 12.20
CA LEU B 216 -34.93 -28.40 12.33
C LEU B 216 -33.84 -29.33 12.85
N ASP B 217 -32.69 -29.30 12.19
CA ASP B 217 -31.54 -30.09 12.60
C ASP B 217 -30.55 -29.17 13.32
N GLN B 218 -30.37 -29.41 14.62
CA GLN B 218 -29.52 -28.51 15.39
C GLN B 218 -28.05 -28.74 15.11
N ASP B 219 -27.66 -29.97 14.75
CA ASP B 219 -26.25 -30.25 14.55
C ASP B 219 -25.74 -29.63 13.26
N MET B 220 -26.47 -29.81 12.16
CA MET B 220 -26.11 -29.12 10.93
C MET B 220 -26.12 -27.60 11.13
N PHE B 221 -26.99 -27.11 11.99
CA PHE B 221 -27.10 -25.68 12.22
C PHE B 221 -25.90 -25.17 12.99
N ASP B 222 -25.46 -25.93 14.00
CA ASP B 222 -24.22 -25.61 14.70
C ASP B 222 -23.02 -25.66 13.76
N TYR B 223 -23.00 -26.64 12.85
CA TYR B 223 -21.88 -26.74 11.92
C TYR B 223 -21.84 -25.55 10.99
N TRP B 224 -23.00 -25.13 10.49
CA TRP B 224 -23.04 -23.95 9.63
C TRP B 224 -22.58 -22.72 10.40
N ALA B 225 -22.99 -22.60 11.66
CA ALA B 225 -22.55 -21.46 12.46
C ALA B 225 -21.05 -21.45 12.64
N ASP B 226 -20.46 -22.61 12.92
CA ASP B 226 -19.01 -22.69 13.09
C ASP B 226 -18.28 -22.33 11.81
N LEU B 227 -18.75 -22.87 10.68
CA LEU B 227 -18.16 -22.50 9.40
C LEU B 227 -18.25 -21.00 9.18
N ASP B 228 -19.41 -20.41 9.44
CA ASP B 228 -19.59 -18.97 9.24
C ASP B 228 -18.62 -18.17 10.10
N VAL B 229 -18.48 -18.55 11.37
CA VAL B 229 -17.55 -17.86 12.25
C VAL B 229 -16.13 -17.97 11.72
N VAL B 230 -15.74 -19.16 11.28
CA VAL B 230 -14.36 -19.38 10.88
C VAL B 230 -14.06 -18.66 9.56
N THR B 231 -14.91 -18.86 8.55
CA THR B 231 -14.61 -18.31 7.24
C THR B 231 -14.66 -16.79 7.21
N GLY B 232 -15.41 -16.16 8.11
CA GLY B 232 -15.45 -14.71 8.14
C GLY B 232 -14.26 -14.09 8.82
N SER B 233 -13.46 -14.89 9.53
CA SER B 233 -12.27 -14.40 10.19
C SER B 233 -11.06 -14.42 9.27
N LEU B 234 -11.14 -15.08 8.12
CA LEU B 234 -9.99 -15.13 7.23
C LEU B 234 -9.90 -13.88 6.38
N GLU B 235 -11.03 -13.21 6.14
CA GLU B 235 -11.00 -11.95 5.42
C GLU B 235 -10.41 -10.82 6.23
N ASN B 236 -10.32 -10.97 7.54
CA ASN B 236 -9.96 -9.85 8.40
C ASN B 236 -8.64 -10.04 9.13
N MET B 237 -8.09 -11.24 9.14
CA MET B 237 -6.77 -11.46 9.70
C MET B 237 -5.71 -11.15 8.66
N ASN B 238 -4.47 -11.11 9.12
CA ASN B 238 -3.32 -10.95 8.24
C ASN B 238 -2.53 -12.26 8.20
N ASP B 239 -1.92 -12.52 7.06
CA ASP B 239 -1.13 -13.73 6.89
C ASP B 239 0.25 -13.60 7.55
N ALA B 240 0.25 -13.20 8.80
CA ALA B 240 1.49 -13.11 9.56
C ALA B 240 1.41 -13.86 10.87
N ASP B 241 0.27 -13.89 11.51
CA ASP B 241 0.12 -14.72 12.68
C ASP B 241 -0.10 -16.15 12.22
N PRO B 242 0.46 -17.15 12.91
CA PRO B 242 0.18 -18.53 12.51
C PRO B 242 -1.27 -18.94 12.68
N ARG B 243 -2.11 -18.11 13.32
CA ARG B 243 -3.51 -18.48 13.42
C ARG B 243 -4.21 -18.40 12.08
N TYR B 244 -3.82 -17.44 11.24
CA TYR B 244 -4.41 -17.34 9.91
C TYR B 244 -4.22 -18.63 9.14
N TRP B 245 -3.09 -19.32 9.35
CA TRP B 245 -2.82 -20.53 8.60
C TRP B 245 -3.34 -21.77 9.31
N LYS B 246 -3.34 -21.77 10.64
CA LYS B 246 -3.89 -22.91 11.36
C LYS B 246 -5.41 -22.95 11.23
N LEU B 247 -6.03 -21.80 10.97
CA LEU B 247 -7.45 -21.77 10.68
C LEU B 247 -7.73 -22.27 9.28
N ALA B 248 -7.05 -21.68 8.29
CA ALA B 248 -7.34 -21.99 6.90
C ALA B 248 -6.99 -23.44 6.56
N LYS B 249 -6.26 -24.11 7.46
CA LYS B 249 -6.01 -25.52 7.26
C LYS B 249 -7.17 -26.36 7.78
N ALA B 250 -7.70 -26.00 8.95
CA ALA B 250 -8.81 -26.76 9.51
C ALA B 250 -10.07 -26.56 8.70
N MET B 251 -10.30 -25.34 8.19
CA MET B 251 -11.42 -25.11 7.30
C MET B 251 -11.34 -26.01 6.08
N GLN B 252 -10.13 -26.24 5.57
CA GLN B 252 -9.97 -27.08 4.39
C GLN B 252 -10.16 -28.54 4.73
N ARG B 253 -9.66 -28.97 5.89
CA ARG B 253 -9.77 -30.38 6.26
C ARG B 253 -11.22 -30.77 6.52
N SER B 254 -12.03 -29.81 6.99
CA SER B 254 -13.41 -30.14 7.33
C SER B 254 -14.26 -30.32 6.09
N ILE B 255 -14.29 -29.32 5.21
CA ILE B 255 -15.12 -29.38 4.02
C ILE B 255 -14.65 -30.48 3.06
N ASN B 256 -13.44 -30.98 3.22
CA ASN B 256 -12.99 -32.16 2.50
C ASN B 256 -13.49 -33.45 3.10
N LEU B 257 -14.26 -33.38 4.18
CA LEU B 257 -14.68 -34.55 4.92
C LEU B 257 -16.18 -34.70 5.02
N TRP B 258 -16.94 -33.67 4.65
CA TRP B 258 -18.38 -33.67 4.80
C TRP B 258 -19.01 -34.04 3.45
N ASP B 259 -19.67 -35.20 3.42
CA ASP B 259 -20.34 -35.68 2.22
C ASP B 259 -21.84 -35.70 2.49
N GLU B 260 -22.57 -34.84 1.79
CA GLU B 260 -23.99 -34.66 2.09
C GLU B 260 -24.83 -35.89 1.73
N LYS B 261 -24.22 -36.95 1.22
CA LYS B 261 -24.90 -38.19 0.94
C LYS B 261 -24.57 -39.28 1.94
N ASP B 262 -23.94 -38.92 3.06
CA ASP B 262 -23.65 -39.87 4.13
C ASP B 262 -23.63 -39.09 5.43
N TYR B 263 -24.76 -39.12 6.15
CA TYR B 263 -24.92 -38.28 7.34
C TYR B 263 -23.87 -38.57 8.39
N ASN B 264 -23.37 -39.81 8.46
CA ASN B 264 -22.43 -40.16 9.51
C ASN B 264 -21.12 -39.39 9.38
N THR B 265 -20.87 -38.78 8.22
CA THR B 265 -19.66 -37.99 8.07
C THR B 265 -19.75 -36.64 8.75
N LEU B 266 -20.97 -36.17 9.05
CA LEU B 266 -21.12 -34.88 9.71
C LEU B 266 -20.34 -34.86 11.02
N ALA B 267 -20.51 -35.88 11.86
CA ALA B 267 -19.79 -35.93 13.12
C ALA B 267 -18.29 -35.95 12.90
N LEU B 268 -17.83 -36.47 11.76
CA LEU B 268 -16.40 -36.43 11.47
C LEU B 268 -15.95 -35.04 11.09
N ALA B 269 -16.80 -34.26 10.42
CA ALA B 269 -16.39 -32.95 9.92
C ALA B 269 -16.30 -31.94 11.04
N ARG B 270 -17.18 -32.04 12.03
CA ARG B 270 -17.17 -31.08 13.13
C ARG B 270 -15.93 -31.25 13.99
N LYS B 271 -15.47 -32.49 14.16
CA LYS B 271 -14.30 -32.72 15.01
C LYS B 271 -13.05 -32.10 14.41
N ALA B 272 -12.98 -31.99 13.09
CA ALA B 272 -11.82 -31.33 12.48
C ALA B 272 -11.85 -29.84 12.74
N LEU B 273 -13.04 -29.24 12.71
CA LEU B 273 -13.19 -27.82 13.00
C LEU B 273 -13.49 -27.61 14.48
N ASP B 274 -12.66 -28.24 15.31
CA ASP B 274 -12.71 -28.06 16.76
C ASP B 274 -11.34 -27.84 17.35
N LYS B 275 -10.26 -28.30 16.70
CA LYS B 275 -8.92 -28.06 17.18
C LYS B 275 -8.55 -26.60 17.16
N VAL B 276 -9.41 -25.74 16.62
CA VAL B 276 -9.12 -24.31 16.52
C VAL B 276 -10.22 -23.45 17.11
N MET B 277 -11.36 -24.02 17.49
CA MET B 277 -12.45 -23.20 18.00
C MET B 277 -12.25 -22.84 19.45
N HIS B 278 -11.49 -23.62 20.20
CA HIS B 278 -11.27 -23.37 21.63
C HIS B 278 -9.84 -22.91 21.83
N ASN B 279 -9.62 -21.61 21.66
CA ASN B 279 -8.33 -21.00 21.86
C ASN B 279 -8.57 -19.71 22.63
N PRO B 280 -8.01 -19.58 23.83
CA PRO B 280 -8.33 -18.42 24.67
C PRO B 280 -7.86 -17.13 24.03
N ALA B 281 -8.68 -16.09 24.15
CA ALA B 281 -8.38 -14.81 23.56
C ALA B 281 -7.04 -14.26 24.06
N ASN B 282 -6.50 -13.32 23.29
CA ASN B 282 -5.22 -12.73 23.63
C ASN B 282 -5.29 -12.01 24.97
N ALA B 283 -4.12 -11.62 25.48
CA ALA B 283 -4.08 -11.01 26.81
C ALA B 283 -4.62 -9.59 26.80
N SER B 284 -4.33 -8.82 25.75
CA SER B 284 -4.67 -7.40 25.71
C SER B 284 -5.94 -7.12 24.94
N ALA B 285 -6.68 -8.15 24.54
CA ALA B 285 -7.87 -7.94 23.71
C ALA B 285 -8.91 -7.12 24.44
N MET B 286 -9.66 -6.33 23.69
CA MET B 286 -10.72 -5.53 24.27
C MET B 286 -11.84 -6.40 24.78
N THR B 287 -12.81 -5.76 25.43
CA THR B 287 -14.02 -6.43 25.91
C THR B 287 -15.23 -5.63 25.47
N LEU B 288 -16.13 -6.28 24.76
CA LEU B 288 -17.32 -5.64 24.22
C LEU B 288 -18.55 -6.14 24.95
N THR B 289 -19.46 -5.21 25.22
CA THR B 289 -20.73 -5.50 25.87
C THR B 289 -21.84 -5.41 24.84
N ALA B 290 -22.38 -6.56 24.47
CA ALA B 290 -23.34 -6.66 23.39
C ALA B 290 -24.74 -6.67 23.96
N MET B 291 -25.65 -5.96 23.29
CA MET B 291 -27.06 -5.99 23.63
C MET B 291 -27.86 -5.90 22.35
N GLY B 292 -29.01 -6.60 22.33
CA GLY B 292 -29.86 -6.58 21.15
C GLY B 292 -30.59 -5.25 21.05
N HIS B 293 -30.60 -4.68 19.85
CA HIS B 293 -31.16 -3.34 19.69
C HIS B 293 -31.59 -3.17 18.24
N SER B 294 -32.85 -2.77 18.04
CA SER B 294 -33.37 -2.46 16.72
C SER B 294 -33.93 -1.05 16.72
N HIS B 295 -33.45 -0.22 15.82
CA HIS B 295 -33.86 1.17 15.73
C HIS B 295 -35.06 1.26 14.79
N ILE B 296 -36.12 1.89 15.25
CA ILE B 296 -37.33 2.06 14.46
C ILE B 296 -37.55 3.55 14.25
N ASP B 297 -37.40 4.00 13.00
CA ASP B 297 -37.70 5.38 12.67
C ASP B 297 -39.21 5.57 12.64
N SER B 298 -39.73 6.33 13.62
CA SER B 298 -41.16 6.47 13.83
C SER B 298 -41.93 6.86 12.58
N ALA B 299 -41.32 7.58 11.66
CA ALA B 299 -41.95 7.83 10.38
C ALA B 299 -40.90 8.21 9.34
N TRP B 300 -40.62 7.31 8.41
CA TRP B 300 -39.69 7.58 7.32
C TRP B 300 -39.86 6.48 6.29
N LEU B 301 -40.17 6.83 5.05
CA LEU B 301 -40.44 5.89 3.96
C LEU B 301 -41.67 5.02 4.21
N TRP B 302 -42.55 5.41 5.14
CA TRP B 302 -43.83 4.74 5.33
C TRP B 302 -44.74 5.68 6.13
N PRO B 303 -46.05 5.53 6.03
CA PRO B 303 -46.95 6.37 6.82
C PRO B 303 -46.85 6.08 8.31
N VAL B 304 -47.27 7.02 9.14
CA VAL B 304 -47.17 6.82 10.59
C VAL B 304 -48.17 5.76 11.06
N ARG B 305 -49.17 5.43 10.24
CA ARG B 305 -50.11 4.38 10.61
C ARG B 305 -49.48 3.01 10.50
N GLU B 306 -48.26 2.94 9.97
CA GLU B 306 -47.57 1.66 9.83
C GLU B 306 -46.58 1.41 10.96
N THR B 307 -46.05 2.47 11.57
CA THR B 307 -45.04 2.29 12.60
C THR B 307 -45.56 1.50 13.78
N GLU B 308 -46.85 1.61 14.08
CA GLU B 308 -47.42 0.87 15.19
C GLU B 308 -47.25 -0.63 15.01
N ARG B 309 -47.61 -1.12 13.82
CA ARG B 309 -47.44 -2.53 13.53
C ARG B 309 -45.97 -2.92 13.53
N LYS B 310 -45.10 -2.01 13.08
CA LYS B 310 -43.67 -2.30 13.09
C LYS B 310 -43.15 -2.51 14.50
N VAL B 311 -43.58 -1.65 15.42
CA VAL B 311 -43.19 -1.82 16.82
C VAL B 311 -43.72 -3.15 17.35
N GLY B 312 -44.97 -3.47 17.05
CA GLY B 312 -45.51 -4.75 17.49
C GLY B 312 -44.71 -5.93 17.00
N ARG B 313 -44.40 -5.95 15.69
CA ARG B 313 -43.64 -7.06 15.12
C ARG B 313 -42.27 -7.17 15.75
N THR B 314 -41.56 -6.06 15.86
CA THR B 314 -40.22 -6.11 16.43
C THR B 314 -40.24 -6.64 17.85
N VAL B 315 -41.16 -6.14 18.68
CA VAL B 315 -41.20 -6.61 20.05
C VAL B 315 -41.52 -8.09 20.12
N SER B 316 -42.46 -8.56 19.30
CA SER B 316 -42.76 -9.99 19.31
C SER B 316 -41.56 -10.81 18.91
N ASN B 317 -40.78 -10.32 17.94
CA ASN B 317 -39.55 -11.01 17.58
C ASN B 317 -38.58 -11.05 18.76
N ALA B 318 -38.55 -9.98 19.55
CA ALA B 318 -37.59 -9.92 20.65
C ALA B 318 -37.87 -10.97 21.70
N LEU B 319 -39.15 -11.23 21.99
CA LEU B 319 -39.50 -12.20 23.01
C LEU B 319 -39.39 -13.64 22.51
N ALA B 320 -39.52 -13.87 21.22
CA ALA B 320 -39.32 -15.20 20.66
C ALA B 320 -37.86 -15.58 20.59
N LEU B 321 -36.96 -14.66 20.92
CA LEU B 321 -35.54 -14.95 20.98
C LEU B 321 -35.04 -15.05 22.41
N MET B 322 -35.90 -14.76 23.39
CA MET B 322 -35.55 -14.95 24.78
C MET B 322 -35.87 -16.36 25.27
N ASP B 323 -36.32 -17.24 24.39
CA ASP B 323 -36.45 -18.64 24.71
C ASP B 323 -35.64 -19.54 23.80
N ILE B 324 -34.77 -18.97 22.98
CA ILE B 324 -33.75 -19.74 22.28
C ILE B 324 -32.51 -19.89 23.15
N ASP B 325 -32.23 -18.88 23.96
CA ASP B 325 -31.14 -18.95 24.92
C ASP B 325 -31.35 -17.95 26.04
N PRO B 326 -30.95 -18.30 27.25
CA PRO B 326 -30.95 -17.32 28.34
C PRO B 326 -29.83 -16.30 28.16
N ASP B 327 -29.64 -15.46 29.16
CA ASP B 327 -28.59 -14.44 29.20
C ASP B 327 -28.50 -13.60 27.92
N PHE B 328 -29.62 -13.42 27.22
CA PHE B 328 -29.68 -12.53 26.08
C PHE B 328 -30.45 -11.29 26.49
N THR B 329 -29.88 -10.12 26.22
CA THR B 329 -30.45 -8.85 26.66
C THR B 329 -30.87 -8.03 25.45
N TYR B 330 -31.90 -7.21 25.63
CA TYR B 330 -32.49 -6.43 24.56
C TYR B 330 -32.92 -5.07 25.11
N VAL B 331 -32.59 -3.99 24.40
CA VAL B 331 -32.89 -2.63 24.83
C VAL B 331 -33.95 -2.05 23.91
N MET B 332 -34.69 -1.07 24.42
CA MET B 332 -35.73 -0.42 23.63
C MET B 332 -35.99 0.98 24.17
N SER B 333 -36.01 1.96 23.26
CA SER B 333 -36.18 3.37 23.61
C SER B 333 -37.59 3.84 23.24
N ALA B 334 -37.78 5.17 23.29
CA ALA B 334 -38.93 5.84 22.69
C ALA B 334 -40.26 5.40 23.32
N ALA B 335 -40.47 5.87 24.56
CA ALA B 335 -41.70 5.60 25.31
C ALA B 335 -42.96 5.70 24.47
N GLN B 336 -42.97 6.55 23.44
CA GLN B 336 -44.12 6.56 22.54
C GLN B 336 -44.34 5.21 21.89
N HIS B 337 -43.26 4.48 21.59
CA HIS B 337 -43.42 3.15 21.04
C HIS B 337 -44.06 2.21 22.05
N PHE B 338 -43.67 2.33 23.31
CA PHE B 338 -44.31 1.52 24.35
C PHE B 338 -45.79 1.84 24.44
N ALA B 339 -46.16 3.11 24.34
CA ALA B 339 -47.57 3.47 24.38
C ALA B 339 -48.32 2.88 23.20
N TRP B 340 -47.75 2.99 21.99
CA TRP B 340 -48.39 2.40 20.82
C TRP B 340 -48.56 0.90 20.98
N LEU B 341 -47.57 0.23 21.57
CA LEU B 341 -47.69 -1.19 21.82
C LEU B 341 -48.77 -1.51 22.84
N GLU B 342 -48.96 -0.63 23.83
CA GLU B 342 -49.93 -0.91 24.89
C GLU B 342 -51.34 -1.00 24.35
N GLU B 343 -51.64 -0.20 23.33
CA GLU B 343 -52.99 -0.07 22.80
C GLU B 343 -53.33 -1.15 21.78
N ARG B 344 -52.35 -1.64 21.04
CA ARG B 344 -52.60 -2.55 19.93
C ARG B 344 -52.46 -4.01 20.28
N HIS B 345 -51.55 -4.35 21.20
CA HIS B 345 -51.31 -5.74 21.59
C HIS B 345 -51.29 -5.83 23.11
N PRO B 346 -52.46 -5.83 23.75
CA PRO B 346 -52.49 -5.93 25.21
C PRO B 346 -51.79 -7.15 25.77
N ASP B 347 -51.89 -8.29 25.09
CA ASP B 347 -51.23 -9.49 25.58
C ASP B 347 -49.71 -9.37 25.49
N LEU B 348 -49.21 -8.77 24.41
CA LEU B 348 -47.79 -8.59 24.24
C LEU B 348 -47.19 -7.58 25.20
N PHE B 349 -48.03 -6.85 25.93
CA PHE B 349 -47.52 -5.90 26.92
C PHE B 349 -47.18 -6.61 28.21
N GLU B 350 -48.00 -7.56 28.62
CA GLU B 350 -47.75 -8.25 29.89
C GLU B 350 -46.60 -9.23 29.78
N ARG B 351 -46.23 -9.63 28.56
CA ARG B 351 -45.03 -10.44 28.41
C ARG B 351 -43.77 -9.60 28.52
N VAL B 352 -43.85 -8.34 28.07
CA VAL B 352 -42.71 -7.45 28.24
C VAL B 352 -42.45 -7.18 29.71
N LYS B 353 -43.48 -6.79 30.46
CA LYS B 353 -43.30 -6.47 31.87
C LYS B 353 -42.76 -7.66 32.65
N ALA B 354 -43.04 -8.89 32.20
CA ALA B 354 -42.49 -10.05 32.87
C ALA B 354 -40.99 -10.14 32.67
N ARG B 355 -40.50 -9.66 31.53
CA ARG B 355 -39.06 -9.63 31.30
C ARG B 355 -38.39 -8.44 31.95
N ILE B 356 -39.09 -7.30 32.04
CA ILE B 356 -38.50 -6.12 32.67
C ILE B 356 -38.10 -6.42 34.10
N ALA B 357 -39.00 -7.03 34.86
CA ALA B 357 -38.69 -7.37 36.24
C ALA B 357 -37.58 -8.41 36.32
N GLU B 358 -37.44 -9.24 35.29
CA GLU B 358 -36.37 -10.23 35.28
C GLU B 358 -35.01 -9.56 35.10
N GLY B 359 -34.92 -8.58 34.20
CA GLY B 359 -33.69 -7.85 33.98
C GLY B 359 -33.06 -8.04 32.62
N ARG B 360 -33.72 -8.76 31.71
CA ARG B 360 -33.15 -8.97 30.38
C ARG B 360 -33.69 -7.99 29.36
N PHE B 361 -34.82 -7.36 29.63
CA PHE B 361 -35.42 -6.36 28.76
C PHE B 361 -35.21 -5.01 29.42
N ILE B 362 -34.57 -4.08 28.72
CA ILE B 362 -34.18 -2.81 29.32
C ILE B 362 -34.76 -1.66 28.50
N PRO B 363 -35.63 -0.84 29.09
CA PRO B 363 -36.00 0.44 28.46
C PRO B 363 -34.97 1.49 28.81
N VAL B 364 -34.51 2.23 27.81
CA VAL B 364 -33.40 3.15 27.97
C VAL B 364 -33.83 4.55 27.56
N GLY B 365 -33.12 5.54 28.09
CA GLY B 365 -33.25 6.90 27.62
C GLY B 365 -34.65 7.44 27.68
N GLY B 366 -35.15 7.72 28.88
CA GLY B 366 -36.53 8.17 29.00
C GLY B 366 -36.80 9.42 28.19
N MET B 367 -37.48 9.25 27.06
CA MET B 367 -37.89 10.34 26.20
C MET B 367 -39.10 9.88 25.43
N TRP B 368 -39.91 10.82 24.97
CA TRP B 368 -41.11 10.44 24.25
C TRP B 368 -40.76 9.81 22.92
N VAL B 369 -39.97 10.50 22.10
CA VAL B 369 -39.40 9.94 20.88
C VAL B 369 -37.95 10.38 20.79
N GLU B 370 -37.21 9.73 19.90
CA GLU B 370 -35.83 10.13 19.65
C GLU B 370 -35.86 11.40 18.82
N SER B 371 -36.00 12.53 19.50
CA SER B 371 -36.23 13.81 18.84
C SER B 371 -35.01 14.22 18.03
N ASP B 372 -35.15 15.33 17.32
CA ASP B 372 -34.01 15.94 16.66
C ASP B 372 -33.08 16.51 17.73
N GLY B 373 -31.82 16.69 17.35
CA GLY B 373 -30.83 17.09 18.33
C GLY B 373 -30.51 18.56 18.37
N THR B 374 -30.96 19.33 17.39
CA THR B 374 -30.55 20.72 17.34
C THR B 374 -31.69 21.72 17.12
N MET B 375 -32.74 21.32 16.43
CA MET B 375 -33.77 22.28 16.05
C MET B 375 -34.75 22.61 17.18
N PRO B 376 -35.32 21.65 17.91
CA PRO B 376 -36.31 22.02 18.93
C PRO B 376 -35.75 22.99 19.95
N CYS B 377 -36.64 23.78 20.56
CA CYS B 377 -36.16 24.73 21.55
C CYS B 377 -35.88 24.00 22.87
N GLY B 378 -35.55 24.79 23.90
CA GLY B 378 -35.24 24.19 25.18
C GLY B 378 -36.45 23.55 25.82
N GLU B 379 -37.61 24.21 25.73
CA GLU B 379 -38.80 23.67 26.36
C GLU B 379 -39.24 22.38 25.70
N SER B 380 -39.04 22.26 24.39
CA SER B 380 -39.34 21.00 23.72
C SER B 380 -38.55 19.85 24.34
N LEU B 381 -37.24 20.04 24.49
CA LEU B 381 -36.41 18.96 25.02
C LEU B 381 -36.77 18.65 26.47
N ILE B 382 -36.99 19.69 27.27
CA ILE B 382 -37.35 19.45 28.66
C ILE B 382 -38.67 18.69 28.75
N ARG B 383 -39.65 19.06 27.92
CA ARG B 383 -40.94 18.39 27.98
C ARG B 383 -40.84 16.97 27.48
N GLN B 384 -39.97 16.71 26.50
CA GLN B 384 -39.76 15.34 26.05
C GLN B 384 -39.23 14.49 27.18
N ILE B 385 -38.17 14.96 27.83
CA ILE B 385 -37.60 14.21 28.94
C ILE B 385 -38.64 13.99 30.03
N SER B 386 -39.44 15.01 30.33
CA SER B 386 -40.40 14.89 31.42
C SER B 386 -41.49 13.88 31.10
N TYR B 387 -42.11 13.99 29.93
CA TYR B 387 -43.16 13.05 29.57
C TYR B 387 -42.62 11.63 29.50
N GLY B 388 -41.39 11.46 29.01
CA GLY B 388 -40.82 10.13 28.97
C GLY B 388 -40.58 9.55 30.35
N LYS B 389 -39.93 10.32 31.23
CA LYS B 389 -39.70 9.86 32.59
C LYS B 389 -41.02 9.54 33.28
N ARG B 390 -42.06 10.31 32.99
CA ARG B 390 -43.37 10.07 33.61
C ARG B 390 -43.99 8.78 33.10
N TYR B 391 -43.86 8.51 31.81
CA TYR B 391 -44.41 7.25 31.29
C TYR B 391 -43.65 6.06 31.83
N PHE B 392 -42.32 6.12 31.85
CA PHE B 392 -41.51 5.00 32.33
C PHE B 392 -41.71 4.72 33.82
N LYS B 393 -42.41 5.58 34.54
CA LYS B 393 -42.55 5.39 35.99
C LYS B 393 -43.86 4.71 36.33
N GLU B 394 -44.97 5.26 35.87
CA GLU B 394 -46.27 4.70 36.19
C GLU B 394 -46.53 3.38 35.50
N LYS B 395 -45.99 3.15 34.31
CA LYS B 395 -46.24 1.93 33.56
C LYS B 395 -45.22 0.84 33.85
N LEU B 396 -43.95 1.10 33.55
CA LEU B 396 -42.92 0.08 33.66
C LEU B 396 -42.20 0.11 34.99
N GLY B 397 -42.13 1.24 35.67
CA GLY B 397 -41.47 1.31 36.95
C GLY B 397 -39.97 1.39 36.88
N VAL B 398 -39.42 2.00 35.85
CA VAL B 398 -37.98 2.11 35.69
C VAL B 398 -37.60 3.58 35.71
N VAL B 399 -36.34 3.85 36.07
CA VAL B 399 -35.78 5.18 36.04
C VAL B 399 -34.47 5.11 35.27
N PRO B 400 -34.43 5.55 34.02
CA PRO B 400 -33.18 5.47 33.25
C PRO B 400 -32.15 6.45 33.76
N ASN B 401 -30.90 6.23 33.36
CA ASN B 401 -29.78 7.01 33.87
C ASN B 401 -28.99 7.69 32.75
N GLY B 402 -29.43 7.52 31.51
CA GLY B 402 -28.69 8.11 30.41
C GLY B 402 -29.61 8.34 29.23
N ILE B 403 -29.12 9.17 28.30
CA ILE B 403 -29.90 9.59 27.13
C ILE B 403 -29.45 8.76 25.94
N TRP B 404 -30.40 8.12 25.27
CA TRP B 404 -30.14 7.21 24.15
C TRP B 404 -30.56 7.92 22.87
N LEU B 405 -29.59 8.33 22.08
CA LEU B 405 -29.82 9.09 20.85
C LEU B 405 -28.79 8.71 19.80
N PRO B 406 -28.91 7.54 19.21
CA PRO B 406 -27.90 7.09 18.26
C PRO B 406 -27.99 7.75 16.90
N ASP B 407 -29.19 8.18 16.52
CA ASP B 407 -29.45 8.68 15.17
C ASP B 407 -30.00 10.10 15.27
N SER B 408 -29.19 11.08 14.86
CA SER B 408 -29.59 12.48 14.90
C SER B 408 -28.60 13.31 14.09
N PHE B 409 -29.09 14.41 13.52
CA PHE B 409 -28.28 15.26 12.65
C PHE B 409 -27.53 16.34 13.42
N GLY B 410 -26.79 15.93 14.43
CA GLY B 410 -26.02 16.86 15.22
C GLY B 410 -26.66 17.09 16.56
N TYR B 411 -25.93 17.75 17.46
CA TYR B 411 -26.41 17.93 18.82
C TYR B 411 -26.16 19.38 19.22
N THR B 412 -27.10 19.93 19.98
CA THR B 412 -27.24 21.37 20.09
C THR B 412 -26.08 22.00 20.85
N GLY B 413 -25.54 21.30 21.84
CA GLY B 413 -24.54 21.88 22.70
C GLY B 413 -25.07 22.39 24.02
N ALA B 414 -26.38 22.56 24.14
CA ALA B 414 -27.03 22.78 25.42
C ALA B 414 -27.46 21.48 26.05
N TRP B 415 -27.21 20.35 25.39
CA TRP B 415 -27.61 19.06 25.92
C TRP B 415 -26.96 18.69 27.24
N PRO B 416 -25.65 18.91 27.46
CA PRO B 416 -25.07 18.45 28.73
C PRO B 416 -25.73 19.04 29.95
N GLN B 417 -26.05 20.35 29.94
CA GLN B 417 -26.64 20.97 31.11
C GLN B 417 -28.04 20.41 31.36
N ILE B 418 -28.86 20.33 30.31
CA ILE B 418 -30.21 19.81 30.47
C ILE B 418 -30.17 18.38 30.99
N ALA B 419 -29.28 17.56 30.44
CA ALA B 419 -29.17 16.18 30.87
C ALA B 419 -28.75 16.08 32.33
N LYS B 420 -27.73 16.84 32.73
CA LYS B 420 -27.25 16.74 34.10
C LYS B 420 -28.29 17.28 35.09
N ARG B 421 -29.00 18.34 34.72
CA ARG B 421 -29.99 18.90 35.62
C ARG B 421 -31.29 18.12 35.58
N SER B 422 -31.40 17.14 34.69
CA SER B 422 -32.57 16.27 34.63
C SER B 422 -32.33 14.92 35.27
N GLY B 423 -31.22 14.74 35.98
CA GLY B 423 -30.95 13.50 36.67
C GLY B 423 -30.17 12.47 35.90
N TYR B 424 -29.66 12.82 34.72
CA TYR B 424 -28.98 11.84 33.89
C TYR B 424 -27.50 11.76 34.22
N SER B 425 -26.87 10.67 33.80
CA SER B 425 -25.48 10.40 34.14
C SER B 425 -24.57 10.19 32.94
N TRP B 426 -25.09 9.68 31.83
CA TRP B 426 -24.27 9.47 30.65
C TRP B 426 -25.08 9.77 29.39
N PHE B 427 -24.45 9.62 28.24
CA PHE B 427 -25.01 10.03 26.97
C PHE B 427 -24.48 9.11 25.88
N LEU B 428 -25.28 8.84 24.86
CA LEU B 428 -24.92 7.89 23.80
C LEU B 428 -25.24 8.48 22.44
N THR B 429 -24.29 8.41 21.52
CA THR B 429 -24.46 8.86 20.14
C THR B 429 -23.62 7.99 19.22
N GLN B 430 -24.04 7.87 17.96
CA GLN B 430 -23.17 7.29 16.94
C GLN B 430 -23.23 8.01 15.60
N LYS B 431 -24.22 8.85 15.36
CA LYS B 431 -24.43 9.35 14.00
C LYS B 431 -23.32 10.27 13.54
N LEU B 432 -22.45 10.72 14.44
CA LEU B 432 -21.49 11.73 14.05
C LEU B 432 -20.32 11.15 13.27
N CYS B 433 -20.43 9.89 12.85
CA CYS B 433 -19.40 9.26 12.04
C CYS B 433 -19.48 9.64 10.57
N TRP B 434 -20.64 10.07 10.09
CA TRP B 434 -20.84 10.34 8.68
C TRP B 434 -20.28 11.68 8.23
N ASN B 435 -19.58 12.39 9.11
CA ASN B 435 -19.01 13.68 8.74
C ASN B 435 -18.19 13.56 7.47
N ASP B 436 -18.28 14.57 6.62
CA ASP B 436 -17.69 14.46 5.29
C ASP B 436 -16.19 14.76 5.33
N THR B 437 -15.75 15.54 6.31
CA THR B 437 -14.36 15.99 6.33
C THR B 437 -13.57 15.43 7.50
N THR B 438 -14.01 15.69 8.74
CA THR B 438 -13.18 15.44 9.90
C THR B 438 -13.71 14.28 10.73
N ARG B 439 -12.80 13.55 11.36
CA ARG B 439 -13.13 12.52 12.33
C ARG B 439 -12.84 13.06 13.72
N LEU B 440 -13.74 12.80 14.65
CA LEU B 440 -13.53 13.25 16.03
C LEU B 440 -12.35 12.51 16.64
N PRO B 441 -11.67 13.08 17.62
CA PRO B 441 -10.47 12.44 18.15
C PRO B 441 -10.76 11.18 18.96
N HIS B 442 -11.79 11.18 19.78
CA HIS B 442 -12.00 10.13 20.77
C HIS B 442 -13.40 9.57 20.68
N HIS B 443 -13.57 8.34 21.17
CA HIS B 443 -14.87 7.68 21.23
C HIS B 443 -15.53 7.81 22.59
N SER B 444 -14.76 7.72 23.67
CA SER B 444 -15.25 7.94 25.02
C SER B 444 -14.64 9.23 25.54
N PHE B 445 -15.45 10.14 26.03
CA PHE B 445 -14.91 11.43 26.44
C PHE B 445 -15.89 12.14 27.36
N MET B 446 -15.47 13.30 27.85
CA MET B 446 -16.29 14.16 28.70
C MET B 446 -16.75 15.36 27.89
N TRP B 447 -18.05 15.47 27.70
CA TRP B 447 -18.64 16.52 26.89
C TRP B 447 -19.13 17.63 27.80
N GLU B 448 -18.58 18.83 27.61
CA GLU B 448 -18.92 19.99 28.41
C GLU B 448 -19.64 20.99 27.54
N GLY B 449 -20.79 21.48 28.02
CA GLY B 449 -21.59 22.39 27.25
C GLY B 449 -21.12 23.82 27.39
N VAL B 450 -22.01 24.75 27.03
CA VAL B 450 -21.68 26.16 27.17
C VAL B 450 -21.72 26.59 28.62
N ASP B 451 -22.61 25.98 29.42
CA ASP B 451 -22.70 26.35 30.83
C ASP B 451 -21.44 25.94 31.58
N GLY B 452 -21.00 24.70 31.43
CA GLY B 452 -19.84 24.22 32.14
C GLY B 452 -20.06 22.84 32.72
N SER B 453 -21.31 22.39 32.73
CA SER B 453 -21.60 21.04 33.19
C SER B 453 -21.12 20.04 32.17
N GLN B 454 -20.70 18.87 32.64
CA GLN B 454 -20.10 17.86 31.79
C GLN B 454 -20.83 16.54 31.96
N ILE B 455 -20.86 15.77 30.87
CA ILE B 455 -21.56 14.49 30.81
C ILE B 455 -20.63 13.50 30.11
N PHE B 456 -20.65 12.25 30.56
CA PHE B 456 -19.80 11.25 29.94
C PHE B 456 -20.47 10.74 28.67
N THR B 457 -19.78 10.77 27.55
CA THR B 457 -20.34 10.42 26.26
C THR B 457 -19.50 9.31 25.63
N HIS B 458 -20.15 8.45 24.86
CA HIS B 458 -19.51 7.31 24.21
C HIS B 458 -20.09 7.11 22.82
N PHE B 459 -19.21 6.88 21.85
CA PHE B 459 -19.69 6.40 20.55
C PHE B 459 -19.47 4.91 20.45
N PRO B 460 -20.43 4.12 19.99
CA PRO B 460 -20.14 2.72 19.69
C PRO B 460 -19.13 2.62 18.57
N PRO B 461 -18.00 1.97 18.82
CA PRO B 461 -16.90 1.99 17.83
C PRO B 461 -17.24 1.31 16.52
N ALA B 462 -18.31 0.53 16.47
CA ALA B 462 -18.69 -0.13 15.23
C ALA B 462 -19.18 0.86 14.18
N ASP B 463 -19.31 2.13 14.54
CA ASP B 463 -19.72 3.19 13.62
C ASP B 463 -21.09 2.95 13.02
N LYS B 464 -21.92 2.15 13.69
CA LYS B 464 -23.28 1.89 13.27
C LYS B 464 -24.01 1.19 14.41
N TYR B 465 -25.31 1.45 14.51
CA TYR B 465 -26.11 0.80 15.53
C TYR B 465 -26.65 -0.55 15.10
N ASP B 466 -26.85 -0.77 13.81
CA ASP B 466 -27.34 -2.04 13.29
C ASP B 466 -26.17 -2.87 12.79
N SER B 467 -25.65 -3.72 13.66
CA SER B 467 -24.62 -4.67 13.28
C SER B 467 -25.25 -6.04 13.21
N ASP B 468 -24.54 -6.98 12.58
CA ASP B 468 -25.02 -8.35 12.45
C ASP B 468 -24.14 -9.34 13.20
N MET B 469 -23.32 -8.86 14.13
CA MET B 469 -22.44 -9.70 14.92
C MET B 469 -21.56 -10.57 14.02
N SER B 470 -21.00 -9.96 12.99
CA SER B 470 -20.12 -10.67 12.07
C SER B 470 -18.67 -10.55 12.54
N ALA B 471 -17.80 -11.33 11.90
CA ALA B 471 -16.39 -11.19 12.18
C ALA B 471 -15.86 -9.87 11.66
N ASN B 472 -16.43 -9.38 10.56
CA ASN B 472 -16.05 -8.06 10.05
C ASN B 472 -16.26 -7.00 11.11
N ASP B 473 -17.36 -7.09 11.84
CA ASP B 473 -17.66 -6.07 12.84
C ASP B 473 -16.72 -6.17 14.04
N MET B 474 -16.36 -7.38 14.44
CA MET B 474 -15.37 -7.51 15.52
C MET B 474 -14.04 -6.91 15.10
N ALA B 475 -13.53 -7.32 13.94
CA ALA B 475 -12.29 -6.77 13.44
C ALA B 475 -12.34 -5.25 13.36
N TYR B 476 -13.45 -4.70 12.88
CA TYR B 476 -13.54 -3.26 12.74
C TYR B 476 -13.59 -2.58 14.10
N VAL B 477 -14.39 -3.10 15.03
CA VAL B 477 -14.50 -2.50 16.35
C VAL B 477 -13.15 -2.44 17.03
N GLN B 478 -12.39 -3.53 16.97
CA GLN B 478 -11.12 -3.51 17.69
C GLN B 478 -10.07 -2.70 16.95
N SER B 479 -10.15 -2.60 15.63
CA SER B 479 -9.14 -1.90 14.85
C SER B 479 -9.51 -0.46 14.57
N ASN B 480 -10.67 0.00 15.01
CA ASN B 480 -11.06 1.38 14.83
C ASN B 480 -11.17 2.16 16.14
N TYR B 481 -11.38 1.48 17.26
CA TYR B 481 -11.56 2.14 18.54
C TYR B 481 -10.43 3.13 18.79
N LYS B 482 -10.79 4.38 19.07
CA LYS B 482 -9.86 5.50 19.07
C LYS B 482 -9.23 5.77 20.42
N ASP B 483 -9.48 4.92 21.43
CA ASP B 483 -8.90 5.14 22.74
C ASP B 483 -8.38 3.83 23.32
N LYS B 484 -7.69 3.03 22.52
CA LYS B 484 -7.26 1.71 22.93
C LYS B 484 -6.14 1.73 23.95
N ASP B 485 -5.59 2.90 24.27
CA ASP B 485 -4.45 2.94 25.18
C ASP B 485 -4.88 3.06 26.63
N LEU B 486 -6.10 3.51 26.89
CA LEU B 486 -6.52 3.78 28.24
C LEU B 486 -7.95 3.39 28.58
N SER B 487 -8.66 2.76 27.66
CA SER B 487 -10.05 2.41 27.87
C SER B 487 -10.33 0.91 27.81
N ASP B 488 -9.85 0.24 26.76
CA ASP B 488 -10.06 -1.18 26.44
C ASP B 488 -11.44 -1.69 26.87
N ARG B 489 -12.48 -0.90 26.59
CA ARG B 489 -13.83 -1.27 26.91
C ARG B 489 -14.77 -0.51 25.99
N GLY B 490 -15.69 -1.23 25.35
CA GLY B 490 -16.59 -0.60 24.41
C GLY B 490 -17.94 -1.29 24.43
N ILE B 491 -18.87 -0.68 23.73
CA ILE B 491 -20.22 -1.20 23.62
C ILE B 491 -20.42 -1.71 22.19
N LEU B 492 -21.39 -2.59 22.02
CA LEU B 492 -21.64 -3.19 20.72
C LEU B 492 -23.12 -3.50 20.59
N LEU B 493 -23.80 -2.82 19.68
CA LEU B 493 -25.22 -3.02 19.43
C LEU B 493 -25.36 -3.86 18.18
N PHE B 494 -26.35 -4.76 18.16
CA PHE B 494 -26.58 -5.58 16.99
C PHE B 494 -28.07 -5.84 16.81
N GLY B 495 -28.44 -6.14 15.58
CA GLY B 495 -29.83 -6.32 15.20
C GLY B 495 -30.11 -5.65 13.88
N TYR B 496 -31.24 -5.96 13.26
CA TYR B 496 -31.62 -5.29 12.02
C TYR B 496 -32.47 -4.09 12.35
N GLY B 497 -31.98 -2.91 12.00
CA GLY B 497 -32.59 -1.67 12.43
C GLY B 497 -33.07 -0.81 11.28
N ASP B 498 -33.52 0.39 11.65
CA ASP B 498 -33.98 1.45 10.77
C ASP B 498 -35.38 1.16 10.22
N GLY B 499 -35.84 -0.08 10.35
CA GLY B 499 -37.19 -0.41 9.97
C GLY B 499 -37.81 -1.47 10.87
N GLY B 500 -37.11 -1.82 11.95
CA GLY B 500 -37.54 -2.92 12.78
C GLY B 500 -36.94 -4.24 12.35
N GLY B 501 -37.44 -5.31 12.96
CA GLY B 501 -36.95 -6.63 12.65
C GLY B 501 -36.16 -7.24 13.78
N GLY B 502 -35.34 -6.43 14.44
CA GLY B 502 -34.58 -6.89 15.57
C GLY B 502 -33.46 -7.84 15.18
N PRO B 503 -32.93 -8.55 16.15
CA PRO B 503 -31.91 -9.55 15.86
C PRO B 503 -32.53 -10.90 15.53
N ILE B 504 -31.76 -11.70 14.80
CA ILE B 504 -32.20 -13.02 14.37
C ILE B 504 -31.39 -14.06 15.14
N ARG B 505 -31.94 -15.27 15.22
CA ARG B 505 -31.31 -16.31 16.04
C ARG B 505 -29.96 -16.74 15.50
N GLU B 506 -29.62 -16.35 14.27
CA GLU B 506 -28.28 -16.62 13.76
C GLU B 506 -27.25 -15.74 14.43
N MET B 507 -27.64 -14.53 14.84
CA MET B 507 -26.70 -13.62 15.50
C MET B 507 -26.35 -14.13 16.88
N THR B 508 -27.32 -14.65 17.62
CA THR B 508 -27.08 -15.06 19.00
C THR B 508 -26.18 -16.28 19.06
N MET B 509 -26.28 -17.18 18.08
CA MET B 509 -25.51 -18.41 18.16
C MET B 509 -24.13 -18.25 17.54
N ARG B 510 -23.89 -17.11 16.90
CA ARG B 510 -22.53 -16.75 16.54
C ARG B 510 -21.93 -15.77 17.53
N GLU B 511 -22.61 -15.51 18.63
CA GLU B 511 -22.01 -14.74 19.72
C GLU B 511 -21.25 -15.65 20.67
N HIS B 512 -21.80 -16.83 20.95
CA HIS B 512 -21.12 -17.79 21.81
C HIS B 512 -19.82 -18.27 21.22
N ARG B 513 -19.64 -18.15 19.91
CA ARG B 513 -18.36 -18.49 19.30
C ARG B 513 -17.31 -17.42 19.50
N PHE B 514 -17.73 -16.15 19.60
CA PHE B 514 -16.80 -15.04 19.75
C PHE B 514 -16.57 -14.69 21.23
N GLU B 515 -16.99 -15.56 22.14
CA GLU B 515 -16.81 -15.29 23.55
C GLU B 515 -15.34 -15.17 23.90
N SER B 516 -14.52 -16.14 23.48
CA SER B 516 -13.08 -16.02 23.64
C SER B 516 -12.37 -15.95 22.29
N PHE B 517 -12.42 -17.03 21.49
CA PHE B 517 -11.96 -17.04 20.11
C PHE B 517 -10.70 -16.25 19.86
N GLU B 518 -9.57 -16.71 20.39
CA GLU B 518 -8.28 -16.04 20.20
C GLU B 518 -8.15 -15.47 18.79
N GLY B 519 -7.81 -14.19 18.72
CA GLY B 519 -7.72 -13.46 17.48
C GLY B 519 -8.71 -12.33 17.35
N MET B 520 -9.68 -12.23 18.25
CA MET B 520 -10.77 -11.28 18.15
C MET B 520 -11.12 -10.80 19.55
N PRO B 521 -11.86 -9.70 19.66
CA PRO B 521 -12.19 -9.18 20.99
C PRO B 521 -13.08 -10.12 21.77
N LYS B 522 -12.95 -10.07 23.09
CA LYS B 522 -13.89 -10.77 23.95
C LYS B 522 -15.24 -10.08 23.88
N VAL B 523 -16.31 -10.86 23.93
CA VAL B 523 -17.66 -10.35 23.78
C VAL B 523 -18.53 -10.98 24.85
N GLU B 524 -19.39 -10.19 25.48
CA GLU B 524 -20.33 -10.73 26.45
C GLU B 524 -21.55 -9.85 26.51
N TYR B 525 -22.66 -10.43 26.94
CA TYR B 525 -23.89 -9.67 27.08
C TYR B 525 -23.79 -8.74 28.29
N GLY B 526 -24.65 -7.74 28.31
CA GLY B 526 -24.67 -6.83 29.44
C GLY B 526 -25.73 -5.76 29.24
N THR B 527 -25.92 -4.97 30.29
CA THR B 527 -26.90 -3.89 30.28
C THR B 527 -26.17 -2.57 30.13
N PRO B 528 -26.80 -1.56 29.54
CA PRO B 528 -26.07 -0.30 29.30
C PRO B 528 -25.64 0.40 30.57
N ASP B 529 -26.46 0.37 31.63
CA ASP B 529 -26.12 1.12 32.83
C ASP B 529 -24.84 0.63 33.47
N ASP B 530 -24.68 -0.70 33.56
CA ASP B 530 -23.49 -1.25 34.19
C ASP B 530 -22.26 -1.00 33.35
N PHE B 531 -22.36 -1.20 32.04
CA PHE B 531 -21.23 -0.89 31.17
C PHE B 531 -20.80 0.55 31.35
N PHE B 532 -21.75 1.48 31.32
CA PHE B 532 -21.39 2.89 31.40
C PHE B 532 -20.76 3.22 32.74
N SER B 533 -21.36 2.73 33.83
CA SER B 533 -20.79 2.97 35.15
C SER B 533 -19.34 2.51 35.21
N LYS B 534 -19.09 1.23 34.93
CA LYS B 534 -17.73 0.72 35.10
C LYS B 534 -16.77 1.33 34.10
N ALA B 535 -17.20 1.55 32.86
CA ALA B 535 -16.30 2.13 31.86
C ALA B 535 -15.87 3.52 32.26
N GLU B 536 -16.83 4.37 32.65
CA GLU B 536 -16.46 5.71 33.09
C GLU B 536 -15.54 5.67 34.29
N THR B 537 -15.86 4.86 35.30
CA THR B 537 -15.07 4.91 36.52
C THR B 537 -13.65 4.41 36.28
N GLU B 538 -13.48 3.38 35.43
CA GLU B 538 -12.15 2.86 35.21
C GLU B 538 -11.34 3.78 34.30
N MET B 539 -11.98 4.37 33.29
CA MET B 539 -11.26 5.33 32.45
C MET B 539 -10.83 6.55 33.25
N LYS B 540 -11.68 7.01 34.18
CA LYS B 540 -11.28 8.09 35.08
C LYS B 540 -10.09 7.69 35.93
N ALA B 541 -10.24 6.62 36.71
CA ALA B 541 -9.18 6.23 37.64
C ALA B 541 -7.90 5.81 36.92
N GLU B 542 -7.96 5.59 35.61
CA GLU B 542 -6.77 5.23 34.86
C GLU B 542 -6.09 6.43 34.21
N ALA B 543 -6.84 7.22 33.44
CA ALA B 543 -6.24 8.32 32.69
C ALA B 543 -5.65 9.38 33.60
N GLY B 544 -6.39 9.77 34.62
CA GLY B 544 -5.99 10.88 35.46
C GLY B 544 -6.60 12.17 34.97
N SER B 545 -5.90 13.28 35.15
CA SER B 545 -6.37 14.54 34.60
C SER B 545 -5.88 14.72 33.18
N GLU B 546 -6.09 13.65 32.40
CA GLU B 546 -5.78 13.57 30.98
C GLU B 546 -7.00 13.07 30.23
N MET B 547 -8.13 13.02 30.91
CA MET B 547 -9.36 12.49 30.36
C MET B 547 -9.76 13.33 29.15
N PRO B 548 -10.03 12.71 28.01
CA PRO B 548 -10.43 13.49 26.83
C PRO B 548 -11.66 14.32 27.12
N ARG B 549 -11.72 15.49 26.48
CA ARG B 549 -12.75 16.47 26.76
C ARG B 549 -13.11 17.19 25.48
N TRP B 550 -14.39 17.51 25.32
CA TRP B 550 -14.88 18.27 24.18
C TRP B 550 -15.84 19.33 24.69
N LYS B 551 -15.51 20.59 24.45
CA LYS B 551 -16.37 21.71 24.85
C LYS B 551 -16.99 22.35 23.63
N GLY B 552 -18.30 22.52 23.66
CA GLY B 552 -19.00 23.14 22.55
C GLY B 552 -20.12 22.27 22.02
N GLU B 553 -20.43 22.42 20.75
CA GLU B 553 -21.50 21.68 20.10
C GLU B 553 -20.91 20.66 19.14
N PHE B 554 -21.72 19.68 18.78
CA PHE B 554 -21.34 18.68 17.79
C PHE B 554 -21.93 19.10 16.45
N TYR B 555 -21.17 19.86 15.67
CA TYR B 555 -21.64 20.28 14.37
C TYR B 555 -21.60 19.10 13.41
N PHE B 556 -22.72 18.81 12.76
CA PHE B 556 -22.80 17.69 11.84
C PHE B 556 -22.38 18.15 10.45
N GLU B 557 -21.25 17.64 9.98
CA GLU B 557 -20.71 18.03 8.69
C GLU B 557 -21.37 17.27 7.56
N LEU B 558 -22.70 17.31 7.48
CA LEU B 558 -23.45 16.61 6.45
C LEU B 558 -24.91 16.98 6.61
N HIS B 559 -25.68 16.82 5.53
CA HIS B 559 -27.11 17.06 5.54
C HIS B 559 -27.44 18.49 5.97
N ARG B 560 -26.91 19.46 5.22
CA ARG B 560 -27.12 20.85 5.58
C ARG B 560 -28.52 21.31 5.23
N LYS B 561 -29.15 20.70 4.23
CA LYS B 561 -30.45 21.16 3.78
C LYS B 561 -31.58 20.72 4.70
N THR B 562 -31.28 19.94 5.75
CA THR B 562 -32.32 19.52 6.67
C THR B 562 -32.84 20.68 7.51
N LEU B 563 -32.14 21.81 7.50
CA LEU B 563 -32.64 22.98 8.21
C LEU B 563 -33.75 23.68 7.45
N THR B 564 -33.90 23.41 6.15
CA THR B 564 -34.91 24.09 5.35
C THR B 564 -35.61 23.17 4.36
N SER B 565 -35.67 21.86 4.61
CA SER B 565 -36.16 20.95 3.59
C SER B 565 -37.65 21.11 3.36
N GLN B 566 -38.45 20.94 4.41
CA GLN B 566 -39.91 21.11 4.33
C GLN B 566 -40.28 22.26 5.25
N GLN B 567 -40.51 23.44 4.67
CA GLN B 567 -40.62 24.64 5.48
C GLN B 567 -41.84 24.61 6.38
N GLU B 568 -42.94 24.01 5.94
CA GLU B 568 -44.17 24.04 6.73
C GLU B 568 -44.03 23.22 8.00
N MET B 569 -43.06 22.31 8.04
CA MET B 569 -42.79 21.59 9.28
C MET B 569 -42.00 22.46 10.26
N LYS B 570 -41.02 23.19 9.76
CA LYS B 570 -40.25 24.07 10.62
C LYS B 570 -41.10 25.23 11.13
N ARG B 571 -41.92 25.80 10.27
CA ARG B 571 -42.81 26.86 10.71
C ARG B 571 -43.85 26.33 11.69
N GLY B 572 -44.28 25.09 11.50
CA GLY B 572 -45.25 24.53 12.42
C GLY B 572 -44.70 24.21 13.78
N CYS B 573 -43.45 23.78 13.85
CA CYS B 573 -42.85 23.43 15.14
C CYS B 573 -42.72 24.66 16.03
N ARG B 574 -42.39 25.80 15.44
CA ARG B 574 -42.22 27.01 16.25
C ARG B 574 -43.55 27.66 16.58
N LYS B 575 -44.44 27.80 15.61
CA LYS B 575 -45.69 28.51 15.85
C LYS B 575 -46.53 27.81 16.91
N GLU B 576 -46.58 26.47 16.87
CA GLU B 576 -47.32 25.75 17.88
C GLU B 576 -46.68 25.89 19.25
N GLU B 577 -45.37 25.75 19.32
CA GLU B 577 -44.68 25.83 20.60
C GLU B 577 -44.57 27.24 21.12
N SER B 578 -44.44 28.24 20.25
CA SER B 578 -44.36 29.62 20.72
C SER B 578 -45.71 30.09 21.26
N MET B 579 -46.78 29.37 20.96
CA MET B 579 -48.08 29.76 21.49
C MET B 579 -48.55 28.84 22.62
N LEU B 580 -47.98 27.64 22.73
CA LEU B 580 -48.18 26.88 23.95
C LEU B 580 -47.72 27.68 25.16
N ARG B 581 -46.68 28.49 24.98
CA ARG B 581 -46.22 29.35 26.07
C ARG B 581 -47.30 30.30 26.53
N THR B 582 -47.93 30.99 25.58
CA THR B 582 -49.02 31.90 25.91
C THR B 582 -50.17 31.16 26.58
N VAL B 583 -50.59 30.03 26.00
CA VAL B 583 -51.74 29.30 26.52
C VAL B 583 -51.48 28.82 27.94
N GLU B 584 -50.27 28.36 28.21
CA GLU B 584 -49.95 27.89 29.56
C GLU B 584 -49.84 29.04 30.54
N TYR B 585 -49.32 30.19 30.09
CA TYR B 585 -49.25 31.35 30.97
C TYR B 585 -50.64 31.84 31.33
N LEU B 586 -51.55 31.86 30.36
CA LEU B 586 -52.90 32.30 30.65
C LEU B 586 -53.59 31.38 31.64
N GLY B 587 -53.29 30.09 31.59
CA GLY B 587 -53.86 29.18 32.58
C GLY B 587 -53.40 29.50 33.99
N VAL B 588 -52.20 30.07 34.12
CA VAL B 588 -51.73 30.51 35.42
C VAL B 588 -52.45 31.77 35.86
N VAL B 589 -52.55 32.76 34.95
CA VAL B 589 -53.18 34.01 35.29
C VAL B 589 -54.67 33.82 35.57
N ALA B 590 -55.32 32.95 34.81
CA ALA B 590 -56.74 32.74 35.02
C ALA B 590 -57.03 31.86 36.22
N SER B 591 -56.11 31.00 36.63
CA SER B 591 -56.31 30.17 37.81
C SER B 591 -55.98 30.90 39.10
N LEU B 592 -55.53 32.14 39.02
CA LEU B 592 -55.34 32.98 40.18
C LEU B 592 -56.42 34.03 40.33
N GLU B 593 -57.02 34.46 39.22
CA GLU B 593 -58.03 35.50 39.24
C GLU B 593 -59.41 34.92 39.54
N SER B 594 -59.91 34.04 38.68
CA SER B 594 -61.25 33.50 38.82
C SER B 594 -61.25 32.31 39.77
N ALA B 595 -62.17 32.32 40.73
CA ALA B 595 -62.18 31.32 41.78
C ALA B 595 -62.63 29.94 41.29
N ASP B 596 -63.29 29.84 40.15
CA ASP B 596 -63.72 28.57 39.58
C ASP B 596 -63.40 28.56 38.09
N TYR B 597 -62.32 27.87 37.73
CA TYR B 597 -61.91 27.72 36.35
C TYR B 597 -61.03 26.49 36.25
N VAL B 598 -61.51 25.49 35.52
CA VAL B 598 -60.83 24.21 35.42
C VAL B 598 -59.84 24.27 34.26
N TYR B 599 -58.56 24.12 34.59
CA TYR B 599 -57.51 24.17 33.60
C TYR B 599 -57.49 22.85 32.85
N PRO B 600 -57.64 22.85 31.52
CA PRO B 600 -57.77 21.59 30.80
C PRO B 600 -56.47 20.82 30.67
N THR B 601 -56.12 20.03 31.68
CA THR B 601 -54.84 19.34 31.66
C THR B 601 -54.76 18.34 30.52
N GLU B 602 -55.83 17.55 30.30
CA GLU B 602 -55.73 16.44 29.36
C GLU B 602 -55.61 16.92 27.92
N ARG B 603 -56.36 17.95 27.55
CA ARG B 603 -56.24 18.48 26.19
C ARG B 603 -54.82 18.97 25.93
N ILE B 604 -54.25 19.69 26.90
CA ILE B 604 -52.91 20.20 26.75
C ILE B 604 -51.90 19.05 26.66
N ASP B 605 -52.10 18.01 27.45
CA ASP B 605 -51.20 16.87 27.41
C ASP B 605 -51.26 16.19 26.05
N ARG B 606 -52.45 16.03 25.50
CA ARG B 606 -52.60 15.43 24.18
C ARG B 606 -51.93 16.28 23.12
N ILE B 607 -52.10 17.60 23.19
CA ILE B 607 -51.47 18.48 22.22
C ILE B 607 -49.96 18.39 22.33
N TRP B 608 -49.44 18.35 23.56
CA TRP B 608 -47.99 18.27 23.74
C TRP B 608 -47.43 16.96 23.19
N LYS B 609 -48.10 15.86 23.45
CA LYS B 609 -47.63 14.58 22.93
C LYS B 609 -47.66 14.57 21.41
N THR B 610 -48.75 15.07 20.83
CA THR B 610 -48.83 15.16 19.38
C THR B 610 -47.70 16.01 18.82
N LEU B 611 -47.34 17.08 19.51
CA LEU B 611 -46.24 17.91 19.04
C LEU B 611 -44.93 17.16 19.12
N LEU B 612 -44.63 16.57 20.26
CA LEU B 612 -43.37 15.86 20.43
C LEU B 612 -43.24 14.68 19.48
N LEU B 613 -44.35 14.18 18.94
CA LEU B 613 -44.23 13.14 17.95
C LEU B 613 -43.77 13.67 16.59
N SER B 614 -44.05 14.92 16.27
CA SER B 614 -43.66 15.49 14.99
C SER B 614 -42.29 16.15 15.05
N GLN B 615 -41.50 15.85 16.07
CA GLN B 615 -40.13 16.31 16.15
C GLN B 615 -39.14 15.16 16.06
N PHE B 616 -39.59 14.00 15.58
CA PHE B 616 -38.71 12.87 15.35
C PHE B 616 -37.58 13.25 14.40
N HIS B 617 -36.53 12.45 14.38
CA HIS B 617 -35.35 12.79 13.61
C HIS B 617 -35.49 12.49 12.14
N ASP B 618 -36.73 12.40 11.64
CA ASP B 618 -36.98 12.09 10.24
C ASP B 618 -38.05 12.99 9.64
N ILE B 619 -38.79 13.69 10.49
CA ILE B 619 -39.95 14.44 10.06
C ILE B 619 -39.80 15.93 10.38
N LEU B 620 -39.01 16.28 11.39
CA LEU B 620 -38.64 17.68 11.54
C LEU B 620 -37.61 18.09 10.49
N PRO B 621 -36.57 17.29 10.19
CA PRO B 621 -35.71 17.62 9.05
C PRO B 621 -36.45 17.56 7.73
N GLY B 622 -37.60 16.90 7.70
CA GLY B 622 -38.37 16.81 6.48
C GLY B 622 -37.69 15.98 5.42
N SER B 623 -37.49 14.70 5.70
CA SER B 623 -36.86 13.79 4.77
C SER B 623 -37.63 12.47 4.69
N ALA B 624 -38.94 12.55 4.81
CA ALA B 624 -39.81 11.39 4.72
C ALA B 624 -40.68 11.50 3.46
N ILE B 625 -41.47 10.47 3.23
CA ILE B 625 -42.29 10.38 2.02
C ILE B 625 -43.38 11.44 2.06
N GLU B 626 -44.03 11.66 0.91
CA GLU B 626 -45.07 12.68 0.82
C GLU B 626 -46.22 12.39 1.77
N TRP B 627 -46.49 11.12 2.03
CA TRP B 627 -47.60 10.75 2.89
C TRP B 627 -47.40 11.23 4.32
N ALA B 628 -46.19 11.06 4.85
CA ALA B 628 -45.95 11.38 6.26
C ALA B 628 -46.11 12.86 6.53
N HIS B 629 -45.53 13.70 5.67
CA HIS B 629 -45.62 15.13 5.87
C HIS B 629 -47.04 15.62 5.71
N ARG B 630 -47.79 15.06 4.76
CA ARG B 630 -49.17 15.46 4.57
C ARG B 630 -49.98 15.28 5.84
N VAL B 631 -49.83 14.13 6.50
CA VAL B 631 -50.52 13.91 7.76
C VAL B 631 -49.99 14.85 8.82
N ALA B 632 -48.68 14.97 8.94
CA ALA B 632 -48.11 15.80 10.00
C ALA B 632 -48.43 17.27 9.77
N ARG B 633 -48.59 17.68 8.52
CA ARG B 633 -48.90 19.08 8.23
C ARG B 633 -50.31 19.43 8.71
N GLU B 634 -51.30 18.59 8.37
CA GLU B 634 -52.66 18.91 8.78
C GLU B 634 -52.86 18.74 10.28
N GLU B 635 -51.91 18.13 10.99
CA GLU B 635 -52.00 18.10 12.44
C GLU B 635 -51.65 19.45 13.03
N TYR B 636 -50.67 20.13 12.47
CA TYR B 636 -50.33 21.47 12.93
C TYR B 636 -51.50 22.43 12.74
N ALA B 637 -52.23 22.28 11.63
CA ALA B 637 -53.39 23.13 11.41
C ALA B 637 -54.47 22.87 12.45
N ARG B 638 -54.67 21.61 12.81
CA ARG B 638 -55.75 21.28 13.74
C ARG B 638 -55.43 21.73 15.15
N ASP B 639 -54.19 21.51 15.59
CA ASP B 639 -53.83 21.84 16.97
C ASP B 639 -53.61 23.33 17.15
N LEU B 640 -53.19 24.03 16.09
CA LEU B 640 -53.17 25.49 16.16
C LEU B 640 -54.56 26.04 16.42
N LYS B 641 -55.55 25.54 15.69
CA LYS B 641 -56.92 25.99 15.89
C LYS B 641 -57.43 25.65 17.27
N ALA B 642 -57.26 24.40 17.70
CA ALA B 642 -57.70 24.01 19.04
C ALA B 642 -57.00 24.78 20.13
N LEU B 643 -55.73 25.16 19.93
CA LEU B 643 -55.04 25.94 20.95
C LEU B 643 -55.65 27.31 21.11
N SER B 644 -55.95 27.99 20.00
CA SER B 644 -56.57 29.30 20.13
C SER B 644 -58.07 29.17 20.32
N ASP B 645 -58.47 28.27 21.18
CA ASP B 645 -59.78 28.27 21.79
C ASP B 645 -59.68 28.07 23.28
N ILE B 646 -58.69 27.31 23.74
CA ILE B 646 -58.29 27.34 25.14
C ILE B 646 -57.87 28.73 25.56
N ALA B 647 -57.15 29.45 24.70
CA ALA B 647 -56.73 30.80 25.03
C ALA B 647 -57.94 31.70 25.23
N ARG B 648 -58.81 31.80 24.23
CA ARG B 648 -59.91 32.74 24.33
C ARG B 648 -60.91 32.32 25.40
N ASP B 649 -60.93 31.04 25.74
CA ASP B 649 -61.83 30.59 26.81
C ASP B 649 -61.24 30.90 28.17
N ALA B 650 -59.91 30.94 28.27
CA ALA B 650 -59.29 31.37 29.52
C ALA B 650 -59.36 32.88 29.68
N ILE B 651 -59.16 33.62 28.60
CA ILE B 651 -59.22 35.08 28.66
C ILE B 651 -60.61 35.54 29.07
N ALA B 652 -61.63 34.76 28.72
CA ALA B 652 -62.98 35.09 29.16
C ALA B 652 -63.08 35.07 30.67
N ALA B 653 -62.26 34.25 31.33
CA ALA B 653 -62.31 34.19 32.79
C ALA B 653 -61.65 35.39 33.41
N ILE B 654 -60.50 35.81 32.88
CA ILE B 654 -59.84 37.01 33.40
C ILE B 654 -60.69 38.24 33.11
N ALA B 655 -61.48 38.20 32.04
CA ALA B 655 -62.28 39.36 31.67
C ALA B 655 -63.38 39.61 32.69
N VAL B 656 -63.87 38.55 33.35
CA VAL B 656 -64.91 38.74 34.35
C VAL B 656 -64.33 38.97 35.73
N ALA B 657 -63.07 38.62 35.95
CA ALA B 657 -62.47 38.80 37.27
C ALA B 657 -62.02 40.24 37.46
N ASN B 658 -61.51 40.88 36.41
CA ASN B 658 -61.09 42.28 36.43
C ASN B 658 -61.98 43.01 35.43
N PRO B 659 -63.22 43.31 35.80
CA PRO B 659 -64.24 43.67 34.82
C PRO B 659 -64.16 45.09 34.27
N ASP B 660 -63.26 45.94 34.76
CA ASP B 660 -63.28 47.31 34.27
C ASP B 660 -61.89 47.94 34.12
N VAL B 661 -60.83 47.15 34.04
CA VAL B 661 -59.49 47.73 33.97
C VAL B 661 -59.18 48.30 32.60
N ALA B 662 -59.12 47.46 31.57
CA ALA B 662 -58.90 47.86 30.19
C ALA B 662 -58.90 46.60 29.34
N ARG B 663 -59.23 46.75 28.07
CA ARG B 663 -59.13 45.65 27.12
C ARG B 663 -58.52 46.21 25.84
N ILE B 664 -57.58 45.48 25.26
CA ILE B 664 -56.95 45.88 24.01
C ILE B 664 -57.05 44.73 23.02
N ALA B 665 -57.34 45.08 21.77
CA ALA B 665 -57.35 44.12 20.69
C ALA B 665 -55.95 44.00 20.12
N LYS B 666 -55.65 42.83 19.58
CA LYS B 666 -54.33 42.57 19.01
C LYS B 666 -53.22 42.79 20.03
N ALA B 667 -53.21 41.96 21.07
CA ALA B 667 -52.14 42.00 22.05
C ALA B 667 -51.17 40.86 21.82
N ARG B 668 -49.97 40.99 22.38
CA ARG B 668 -48.94 39.96 22.25
C ARG B 668 -48.15 39.86 23.55
N ILE B 669 -48.38 38.78 24.28
CA ILE B 669 -47.62 38.51 25.50
C ILE B 669 -46.27 37.94 25.07
N SER B 670 -45.24 38.78 25.12
CA SER B 670 -43.90 38.41 24.74
C SER B 670 -42.98 38.52 25.94
N GLN B 671 -42.46 37.39 26.39
CA GLN B 671 -41.57 37.38 27.54
C GLN B 671 -40.32 38.21 27.28
N PHE B 672 -39.89 38.91 28.33
CA PHE B 672 -38.72 39.78 28.30
C PHE B 672 -38.82 40.88 27.24
N ALA B 673 -39.74 41.81 27.48
CA ALA B 673 -39.72 43.05 26.71
C ALA B 673 -38.71 44.01 27.31
N ASP B 674 -38.73 45.26 26.84
CA ASP B 674 -37.76 46.25 27.26
C ASP B 674 -38.18 46.99 28.52
N VAL B 675 -39.47 47.00 28.86
CA VAL B 675 -39.98 47.70 30.02
C VAL B 675 -40.78 46.79 30.94
N ASP B 676 -41.70 46.00 30.39
CA ASP B 676 -42.56 45.13 31.17
C ASP B 676 -42.53 43.74 30.59
N PRO B 677 -42.02 42.78 31.31
CA PRO B 677 -41.67 41.49 30.71
C PRO B 677 -42.86 40.73 30.14
N TRP B 678 -43.91 40.49 30.92
CA TRP B 678 -45.02 39.69 30.43
C TRP B 678 -46.31 40.48 30.31
N ARG B 679 -46.24 41.80 30.31
CA ARG B 679 -47.43 42.59 30.08
C ARG B 679 -47.86 42.43 28.63
N PRO B 680 -49.15 42.29 28.37
CA PRO B 680 -49.64 42.15 26.98
C PRO B 680 -49.63 43.45 26.19
N ALA B 681 -48.47 43.76 25.61
CA ALA B 681 -48.36 44.91 24.73
C ALA B 681 -49.24 44.77 23.51
N SER B 682 -49.55 45.90 22.87
CA SER B 682 -50.47 45.95 21.74
C SER B 682 -49.69 46.12 20.44
N LEU B 683 -50.43 46.22 19.34
CA LEU B 683 -49.80 46.42 18.04
C LEU B 683 -49.81 47.87 17.60
N VAL B 684 -50.75 48.66 18.08
CA VAL B 684 -50.73 50.10 17.82
C VAL B 684 -49.45 50.67 18.41
N SER B 685 -48.63 51.30 17.58
CA SER B 685 -47.31 51.71 18.02
C SER B 685 -47.36 52.85 19.02
N CYS B 686 -48.18 53.87 18.76
CA CYS B 686 -48.31 55.05 19.62
C CYS B 686 -46.99 55.83 19.72
N GLY B 687 -46.55 56.36 18.59
CA GLY B 687 -45.49 57.36 18.57
C GLY B 687 -45.90 58.51 17.68
N GLU B 688 -44.97 59.38 17.31
CA GLU B 688 -45.26 60.41 16.33
C GLU B 688 -45.12 59.85 14.91
N PRO B 689 -45.83 60.40 13.94
CA PRO B 689 -45.84 59.80 12.60
C PRO B 689 -44.45 59.66 12.01
N VAL B 690 -44.36 58.87 10.94
CA VAL B 690 -43.09 58.59 10.27
C VAL B 690 -43.09 59.35 8.95
N GLU B 691 -42.19 60.32 8.83
CA GLU B 691 -42.15 61.14 7.63
C GLU B 691 -41.58 60.37 6.46
N VAL B 692 -42.28 60.43 5.33
CA VAL B 692 -41.90 59.73 4.11
C VAL B 692 -41.58 60.77 3.05
N ASN B 693 -40.46 60.57 2.35
CA ASN B 693 -39.99 61.54 1.37
C ASN B 693 -39.77 60.83 0.04
N ARG B 694 -40.83 60.69 -0.75
CA ARG B 694 -40.70 60.12 -2.08
C ARG B 694 -39.82 61.00 -2.95
N ARG B 695 -38.95 60.37 -3.73
CA ARG B 695 -38.10 61.08 -4.68
C ARG B 695 -38.55 60.75 -6.10
N GLU B 696 -38.07 61.57 -7.03
CA GLU B 696 -38.58 61.52 -8.40
C GLU B 696 -38.03 60.33 -9.18
N ASP B 697 -36.87 59.80 -8.80
CA ASP B 697 -36.29 58.69 -9.54
C ASP B 697 -36.87 57.34 -9.15
N GLY B 698 -37.82 57.31 -8.22
CA GLY B 698 -38.35 56.06 -7.72
C GLY B 698 -37.94 55.71 -6.31
N SER B 699 -36.80 56.23 -5.85
CA SER B 699 -36.37 55.96 -4.49
C SER B 699 -37.29 56.64 -3.48
N ALA B 700 -37.15 56.23 -2.23
CA ALA B 700 -37.92 56.80 -1.13
C ALA B 700 -37.03 56.89 0.09
N THR B 701 -37.48 57.63 1.10
CA THR B 701 -36.72 57.85 2.31
C THR B 701 -37.65 57.77 3.52
N LEU B 702 -37.60 56.67 4.24
CA LEU B 702 -38.32 56.51 5.49
C LEU B 702 -37.45 57.03 6.61
N ASP B 703 -38.05 57.74 7.57
CA ASP B 703 -37.29 58.37 8.64
C ASP B 703 -38.20 58.55 9.84
N ASN B 704 -38.07 57.68 10.83
CA ASN B 704 -38.75 57.87 12.10
C ASN B 704 -37.79 58.59 13.04
N GLY B 705 -38.13 58.65 14.32
CA GLY B 705 -37.22 59.34 15.21
C GLY B 705 -35.87 58.70 15.35
N LEU B 706 -35.77 57.39 15.10
CA LEU B 706 -34.62 56.61 15.51
C LEU B 706 -33.84 56.01 14.36
N LEU B 707 -34.41 55.94 13.16
CA LEU B 707 -33.71 55.40 12.01
C LEU B 707 -33.98 56.28 10.80
N CYS B 708 -33.03 56.26 9.86
CA CYS B 708 -33.18 56.95 8.59
C CYS B 708 -32.89 55.94 7.49
N VAL B 709 -33.93 55.32 6.96
CA VAL B 709 -33.82 54.27 5.96
C VAL B 709 -34.02 54.89 4.59
N HIS B 710 -33.20 54.49 3.63
CA HIS B 710 -33.28 54.97 2.26
C HIS B 710 -33.42 53.79 1.32
N VAL B 711 -34.61 53.60 0.77
CA VAL B 711 -34.92 52.48 -0.10
C VAL B 711 -34.69 52.89 -1.54
N ALA B 712 -34.00 52.03 -2.28
CA ALA B 712 -33.61 52.35 -3.65
C ALA B 712 -34.80 52.10 -4.57
N ALA B 713 -34.56 52.22 -5.88
CA ALA B 713 -35.66 52.11 -6.85
C ALA B 713 -36.19 50.69 -6.93
N ASP B 714 -35.37 49.71 -6.56
CA ASP B 714 -35.71 48.31 -6.73
C ASP B 714 -35.55 47.63 -5.37
N GLY B 715 -36.59 47.70 -4.54
CA GLY B 715 -36.52 47.22 -3.17
C GLY B 715 -35.20 47.62 -2.54
N THR B 716 -34.61 46.69 -1.81
CA THR B 716 -33.17 46.70 -1.52
C THR B 716 -32.74 48.02 -0.88
N VAL B 717 -33.13 48.18 0.38
CA VAL B 717 -32.56 49.23 1.21
C VAL B 717 -31.05 49.29 0.98
N ASP B 718 -30.55 50.49 0.67
CA ASP B 718 -29.14 50.64 0.33
C ASP B 718 -28.39 51.55 1.28
N SER B 719 -29.03 52.08 2.31
CA SER B 719 -28.34 52.80 3.37
C SER B 719 -29.29 52.88 4.55
N MET B 720 -28.76 52.66 5.74
CA MET B 720 -29.54 52.76 6.97
C MET B 720 -28.69 53.46 8.00
N ILE B 721 -29.18 54.57 8.53
CA ILE B 721 -28.45 55.38 9.50
C ILE B 721 -29.02 55.11 10.87
N ASP B 722 -28.15 54.92 11.85
CA ASP B 722 -28.54 54.82 13.24
C ASP B 722 -28.47 56.22 13.86
N LEU B 723 -29.58 56.95 13.78
CA LEU B 723 -29.56 58.37 14.15
C LEU B 723 -29.16 58.60 15.59
N LYS B 724 -29.23 57.58 16.44
CA LYS B 724 -28.80 57.75 17.82
C LYS B 724 -27.29 57.88 17.92
N SER B 725 -26.56 56.93 17.35
CA SER B 725 -25.09 56.95 17.38
C SER B 725 -24.48 57.62 16.15
N GLY B 726 -25.12 57.51 15.00
CA GLY B 726 -24.59 58.13 13.80
C GLY B 726 -23.64 57.22 13.05
N ARG B 727 -24.03 55.97 12.89
CA ARG B 727 -23.22 54.98 12.20
C ARG B 727 -24.02 54.38 11.05
N GLU B 728 -23.39 54.28 9.89
CA GLU B 728 -23.98 53.53 8.79
C GLU B 728 -24.17 52.08 9.21
N MET B 729 -25.26 51.47 8.72
CA MET B 729 -25.57 50.10 9.09
C MET B 729 -25.54 49.13 7.92
N VAL B 730 -25.27 49.61 6.71
CA VAL B 730 -25.27 48.78 5.51
C VAL B 730 -23.89 48.82 4.90
N ALA B 731 -23.31 47.65 4.63
CA ALA B 731 -21.96 47.58 4.07
C ALA B 731 -21.93 48.26 2.72
N LYS B 732 -20.92 49.10 2.51
CA LYS B 732 -20.88 49.94 1.33
C LYS B 732 -20.88 49.12 0.05
N ASP B 733 -21.46 49.70 -1.00
CA ASP B 733 -21.57 49.07 -2.32
C ASP B 733 -22.33 47.76 -2.27
N HIS B 734 -23.19 47.60 -1.26
CA HIS B 734 -24.08 46.47 -1.18
C HIS B 734 -25.46 46.98 -0.78
N VAL B 735 -26.46 46.15 -1.03
CA VAL B 735 -27.86 46.51 -0.77
C VAL B 735 -28.49 45.43 0.07
N MET B 736 -29.33 45.84 1.02
CA MET B 736 -29.96 44.91 1.95
C MET B 736 -31.32 44.50 1.41
N GLY B 737 -31.49 43.20 1.19
CA GLY B 737 -32.73 42.67 0.68
C GLY B 737 -32.64 42.01 -0.69
N ARG B 738 -31.44 41.93 -1.24
CA ARG B 738 -31.27 41.27 -2.54
C ARG B 738 -31.57 39.78 -2.41
N TYR B 739 -32.37 39.26 -3.32
CA TYR B 739 -32.70 37.84 -3.32
C TYR B 739 -31.77 37.09 -4.24
N GLU B 740 -31.27 35.95 -3.78
CA GLU B 740 -30.54 35.02 -4.62
C GLU B 740 -31.36 33.76 -4.81
N ILE B 741 -31.07 33.02 -5.86
CA ILE B 741 -31.67 31.72 -6.12
C ILE B 741 -30.57 30.78 -6.56
N LEU B 742 -30.26 29.81 -5.71
CA LEU B 742 -29.20 28.86 -5.97
C LEU B 742 -29.71 27.69 -6.80
N LYS B 743 -28.78 26.96 -7.39
CA LYS B 743 -29.08 25.82 -8.24
C LYS B 743 -28.49 24.59 -7.57
N ASP B 744 -29.29 23.91 -6.76
CA ASP B 744 -28.80 22.79 -5.97
C ASP B 744 -29.37 21.49 -6.52
N GLU B 745 -28.49 20.68 -7.11
CA GLU B 745 -28.83 19.35 -7.62
C GLU B 745 -27.76 18.40 -7.12
N PRO B 746 -27.91 17.87 -5.91
CA PRO B 746 -26.81 17.17 -5.27
C PRO B 746 -26.55 15.80 -5.88
N GLY B 747 -25.47 15.18 -5.43
CA GLY B 747 -25.13 13.84 -5.85
C GLY B 747 -26.09 12.82 -5.30
N VAL B 748 -26.11 12.66 -3.97
CA VAL B 748 -27.02 11.75 -3.31
C VAL B 748 -27.75 12.51 -2.22
N PHE B 749 -28.81 11.90 -1.69
CA PHE B 749 -29.59 12.45 -0.59
C PHE B 749 -30.16 13.82 -0.95
N ASP B 750 -31.03 13.81 -1.96
CA ASP B 750 -31.50 15.06 -2.55
C ASP B 750 -32.16 15.96 -1.52
N ALA B 751 -33.06 15.42 -0.72
CA ALA B 751 -33.77 16.22 0.28
C ALA B 751 -32.93 16.48 1.52
N TRP B 752 -31.70 15.98 1.57
CA TRP B 752 -30.92 16.02 2.79
C TRP B 752 -29.87 17.13 2.80
N ASP B 753 -28.99 17.16 1.81
CA ASP B 753 -27.79 17.96 1.90
C ASP B 753 -27.64 18.94 0.74
N VAL B 754 -26.72 19.88 0.93
CA VAL B 754 -26.43 20.93 -0.04
C VAL B 754 -25.00 20.73 -0.53
N GLU B 755 -24.82 20.78 -1.85
CA GLU B 755 -23.49 20.86 -2.41
C GLU B 755 -22.85 22.18 -2.02
N ARG B 756 -21.53 22.19 -1.89
CA ARG B 756 -20.85 23.48 -1.86
C ARG B 756 -20.92 24.16 -3.21
N ASP B 757 -21.04 23.38 -4.29
CA ASP B 757 -21.11 23.93 -5.63
C ASP B 757 -22.22 24.94 -5.77
N ALA B 758 -23.36 24.71 -5.08
CA ALA B 758 -24.47 25.65 -5.17
C ALA B 758 -24.06 27.04 -4.75
N PHE B 759 -23.19 27.16 -3.75
CA PHE B 759 -22.82 28.48 -3.26
C PHE B 759 -22.04 29.26 -4.32
N LEU B 760 -21.61 28.59 -5.37
CA LEU B 760 -20.91 29.23 -6.47
C LEU B 760 -21.83 29.70 -7.59
N CYS B 761 -23.04 29.15 -7.68
CA CYS B 761 -23.88 29.33 -8.85
C CYS B 761 -24.98 30.37 -8.63
N ALA B 762 -25.08 30.94 -7.43
CA ALA B 762 -26.21 31.79 -7.10
C ALA B 762 -26.25 33.04 -7.98
N THR B 763 -27.46 33.45 -8.35
CA THR B 763 -27.68 34.62 -9.20
C THR B 763 -28.68 35.54 -8.52
N ALA B 764 -28.31 36.80 -8.37
CA ALA B 764 -29.19 37.77 -7.74
C ALA B 764 -30.33 38.13 -8.67
N LEU B 765 -31.43 38.60 -8.07
CA LEU B 765 -32.60 39.05 -8.83
C LEU B 765 -32.57 40.56 -8.90
N ALA B 766 -31.71 41.06 -9.79
CA ALA B 766 -31.50 42.51 -9.89
C ALA B 766 -32.74 43.25 -10.36
N ASP B 767 -33.55 42.62 -11.22
CA ASP B 767 -34.79 43.23 -11.64
C ASP B 767 -35.73 43.38 -10.46
N GLY B 768 -36.57 44.39 -10.48
CA GLY B 768 -37.52 44.63 -9.42
C GLY B 768 -37.92 46.09 -9.40
N HIS B 769 -38.86 46.40 -8.51
CA HIS B 769 -39.37 47.75 -8.42
C HIS B 769 -40.22 47.91 -7.17
N ILE B 770 -40.43 49.15 -6.78
CA ILE B 770 -41.36 49.48 -5.72
C ILE B 770 -42.76 49.54 -6.30
N VAL B 771 -43.67 48.75 -5.75
CA VAL B 771 -45.04 48.74 -6.24
C VAL B 771 -45.80 49.88 -5.57
N SER B 772 -45.64 50.03 -4.26
CA SER B 772 -46.44 51.00 -3.53
C SER B 772 -45.64 51.59 -2.38
N ILE B 773 -45.94 52.85 -2.07
CA ILE B 773 -45.41 53.54 -0.89
C ILE B 773 -46.61 54.13 -0.17
N GLU B 774 -46.76 53.83 1.11
CA GLU B 774 -47.91 54.36 1.83
C GLU B 774 -47.61 54.51 3.30
N THR B 775 -48.57 55.10 4.01
CA THR B 775 -48.57 55.16 5.46
C THR B 775 -49.89 54.58 5.93
N THR B 776 -49.95 54.26 7.22
CA THR B 776 -51.13 53.63 7.78
C THR B 776 -51.73 54.50 8.88
N ALA B 777 -52.73 53.94 9.55
CA ALA B 777 -53.47 54.71 10.55
C ALA B 777 -52.62 55.00 11.78
N ASP B 778 -51.87 54.00 12.26
CA ASP B 778 -51.05 54.20 13.44
C ASP B 778 -49.98 55.26 13.19
N GLY B 779 -49.39 55.28 12.01
CA GLY B 779 -48.37 56.25 11.69
C GLY B 779 -47.13 55.62 11.12
N SER B 780 -47.13 54.29 11.02
CA SER B 780 -46.01 53.59 10.43
C SER B 780 -46.00 53.78 8.93
N ALA B 781 -44.84 53.57 8.31
CA ALA B 781 -44.69 53.69 6.87
C ALA B 781 -44.43 52.31 6.29
N VAL B 782 -45.02 52.02 5.13
CA VAL B 782 -44.90 50.73 4.48
C VAL B 782 -44.49 50.93 3.02
N ILE B 783 -43.66 50.02 2.54
CA ILE B 783 -43.22 49.98 1.15
C ILE B 783 -43.47 48.58 0.64
N VAL B 784 -44.12 48.47 -0.51
CA VAL B 784 -44.51 47.17 -1.08
C VAL B 784 -43.76 47.00 -2.38
N THR B 785 -43.07 45.86 -2.50
CA THR B 785 -42.14 45.54 -3.57
C THR B 785 -42.60 44.27 -4.27
N LYS B 786 -42.15 44.08 -5.50
CA LYS B 786 -42.41 42.84 -6.24
C LYS B 786 -41.13 42.35 -6.88
N ASN B 787 -41.01 41.04 -7.03
CA ASN B 787 -39.84 40.41 -7.60
C ASN B 787 -40.24 39.08 -8.20
N SER B 788 -39.56 38.66 -9.26
CA SER B 788 -39.95 37.46 -9.99
C SER B 788 -38.73 36.77 -10.58
N TYR B 789 -38.78 35.45 -10.64
CA TYR B 789 -37.77 34.67 -11.36
C TYR B 789 -38.46 33.59 -12.16
N ARG B 790 -38.85 33.94 -13.38
CA ARG B 790 -39.15 33.01 -14.46
C ARG B 790 -40.43 32.21 -14.29
N ASP B 791 -40.91 32.02 -13.06
CA ASP B 791 -42.28 31.56 -12.85
C ASP B 791 -42.91 32.15 -11.60
N ASP B 792 -42.10 32.39 -10.57
CA ASP B 792 -42.62 32.66 -9.24
C ASP B 792 -42.39 34.10 -8.84
N GLU B 793 -43.08 34.51 -7.78
CA GLU B 793 -43.19 35.91 -7.42
C GLU B 793 -42.88 36.09 -5.95
N ILE B 794 -42.16 37.15 -5.63
CA ILE B 794 -41.82 37.48 -4.26
C ILE B 794 -42.26 38.93 -4.04
N SER B 795 -43.17 39.14 -3.11
CA SER B 795 -43.67 40.47 -2.78
C SER B 795 -43.33 40.76 -1.33
N THR B 796 -42.48 41.77 -1.12
CA THR B 796 -41.98 42.11 0.21
C THR B 796 -42.71 43.35 0.72
N THR B 797 -42.80 43.47 2.04
CA THR B 797 -43.33 44.65 2.69
C THR B 797 -42.38 45.11 3.77
N ILE B 798 -41.81 46.29 3.58
CA ILE B 798 -40.85 46.86 4.51
C ILE B 798 -41.59 47.91 5.34
N THR B 799 -41.52 47.78 6.66
CA THR B 799 -42.30 48.61 7.57
C THR B 799 -41.37 49.34 8.53
N LEU B 800 -41.71 50.59 8.82
CA LEU B 800 -41.03 51.36 9.84
C LEU B 800 -42.07 51.91 10.80
N ARG B 801 -41.95 51.57 12.07
CA ARG B 801 -42.95 51.94 13.04
C ARG B 801 -42.43 53.04 13.95
N PRO B 802 -43.30 53.89 14.47
CA PRO B 802 -42.83 54.97 15.32
C PRO B 802 -42.35 54.45 16.67
N GLY B 803 -41.18 54.91 17.07
CA GLY B 803 -40.64 54.59 18.37
C GLY B 803 -39.99 53.23 18.48
N LYS B 804 -39.53 52.64 17.39
CA LYS B 804 -38.85 51.36 17.40
C LYS B 804 -37.63 51.44 16.51
N SER B 805 -36.48 51.03 17.05
CA SER B 805 -35.21 51.08 16.31
C SER B 805 -34.97 49.73 15.63
N GLN B 806 -35.86 49.40 14.71
CA GLN B 806 -35.71 48.15 13.98
C GLN B 806 -36.49 48.25 12.68
N LEU B 807 -36.02 47.53 11.67
CA LEU B 807 -36.65 47.52 10.36
C LEU B 807 -37.24 46.13 10.14
N ASP B 808 -38.49 46.08 9.71
CA ASP B 808 -39.23 44.82 9.58
C ASP B 808 -39.45 44.46 8.12
N PHE B 809 -39.18 43.20 7.78
CA PHE B 809 -39.43 42.67 6.45
C PHE B 809 -40.42 41.52 6.56
N HIS B 810 -41.32 41.43 5.60
CA HIS B 810 -42.32 40.37 5.52
C HIS B 810 -42.54 40.00 4.07
N ALA B 811 -42.22 38.76 3.72
CA ALA B 811 -42.22 38.32 2.33
C ALA B 811 -43.23 37.21 2.12
N ASP B 812 -43.92 37.27 0.97
CA ASP B 812 -44.85 36.23 0.55
C ASP B 812 -44.39 35.64 -0.76
N VAL B 813 -44.11 34.34 -0.76
CA VAL B 813 -43.50 33.66 -1.89
C VAL B 813 -44.52 32.74 -2.54
N GLU B 814 -44.49 32.68 -3.87
CA GLU B 814 -45.35 31.81 -4.66
C GLU B 814 -44.50 30.79 -5.40
N TRP B 815 -43.57 30.19 -4.68
CA TRP B 815 -42.60 29.22 -5.18
C TRP B 815 -43.25 28.18 -6.09
N ASN B 816 -42.73 28.05 -7.31
CA ASN B 816 -43.27 27.10 -8.28
C ASN B 816 -42.23 26.24 -8.97
N VAL B 817 -40.96 26.62 -8.97
CA VAL B 817 -39.94 25.95 -9.75
C VAL B 817 -39.17 24.99 -8.84
N PRO B 818 -39.07 23.72 -9.18
CA PRO B 818 -38.32 22.77 -8.35
C PRO B 818 -36.83 22.91 -8.57
N GLU B 819 -36.06 22.23 -7.71
CA GLU B 819 -34.60 22.13 -7.82
C GLU B 819 -33.93 23.48 -7.65
N LYS B 820 -34.56 24.40 -6.91
CA LYS B 820 -33.99 25.70 -6.65
C LYS B 820 -34.01 25.96 -5.16
N LEU B 821 -33.24 26.96 -4.73
CA LEU B 821 -33.13 27.33 -3.34
C LEU B 821 -33.05 28.83 -3.22
N LEU B 822 -33.91 29.41 -2.39
CA LEU B 822 -34.03 30.86 -2.23
C LEU B 822 -33.39 31.27 -0.91
N LYS B 823 -32.81 32.47 -0.90
CA LYS B 823 -32.35 33.05 0.36
C LYS B 823 -32.14 34.55 0.19
N VAL B 824 -32.24 35.27 1.30
CA VAL B 824 -32.07 36.70 1.36
C VAL B 824 -30.76 37.01 2.08
N ASP B 825 -30.21 38.19 1.83
CA ASP B 825 -28.94 38.57 2.44
C ASP B 825 -29.08 39.87 3.20
N ILE B 826 -28.25 40.03 4.21
CA ILE B 826 -28.23 41.23 5.04
C ILE B 826 -26.77 41.66 5.17
N PRO B 827 -26.28 42.55 4.32
CA PRO B 827 -24.89 42.99 4.43
C PRO B 827 -24.73 44.02 5.53
N MET B 828 -23.89 43.68 6.51
CA MET B 828 -23.70 44.51 7.69
C MET B 828 -22.41 45.29 7.59
N ALA B 829 -22.45 46.55 8.02
CA ALA B 829 -21.30 47.43 7.93
C ALA B 829 -20.31 47.22 9.06
N LEU B 830 -20.37 46.09 9.75
CA LEU B 830 -19.52 45.83 10.89
C LEU B 830 -18.75 44.54 10.67
N SER B 831 -17.45 44.58 10.87
CA SER B 831 -16.57 43.45 10.59
C SER B 831 -16.02 42.89 11.88
N ALA B 832 -16.07 41.56 12.00
CA ALA B 832 -15.59 40.86 13.18
C ALA B 832 -15.03 39.52 12.75
N SER B 833 -14.41 38.82 13.69
CA SER B 833 -13.81 37.53 13.38
C SER B 833 -14.73 36.36 13.64
N ARG B 834 -15.80 36.55 14.41
CA ARG B 834 -16.72 35.47 14.71
C ARG B 834 -18.15 35.99 14.74
N ALA B 835 -19.08 35.13 14.36
CA ALA B 835 -20.50 35.43 14.37
C ALA B 835 -21.14 34.84 15.62
N GLN B 836 -22.27 35.41 16.03
CA GLN B 836 -22.94 35.00 17.25
C GLN B 836 -24.36 34.54 16.95
N TYR B 837 -24.64 33.28 17.25
CA TYR B 837 -25.98 32.72 17.15
C TYR B 837 -26.47 32.44 18.55
N GLU B 838 -27.66 31.85 18.67
CA GLU B 838 -28.15 31.43 19.97
C GLU B 838 -28.42 29.93 19.96
N CYS B 839 -28.34 29.35 21.15
CA CYS B 839 -28.71 27.96 21.35
C CYS B 839 -30.06 27.89 22.04
N GLN B 840 -30.45 26.69 22.47
CA GLN B 840 -31.67 26.53 23.25
C GLN B 840 -31.65 27.42 24.49
N TYR B 841 -30.58 27.36 25.26
CA TYR B 841 -30.41 28.29 26.38
C TYR B 841 -28.96 28.79 26.31
N GLY B 842 -28.79 29.99 25.80
CA GLY B 842 -27.47 30.57 25.75
C GLY B 842 -27.10 30.96 24.34
N LEU B 843 -25.80 31.01 24.09
CA LEU B 843 -25.25 31.50 22.84
C LEU B 843 -24.03 30.70 22.47
N ILE B 844 -23.67 30.74 21.18
CA ILE B 844 -22.43 30.17 20.68
C ILE B 844 -21.88 31.12 19.63
N GLU B 845 -20.61 30.90 19.28
CA GLU B 845 -19.98 31.64 18.21
C GLU B 845 -19.30 30.69 17.26
N ARG B 846 -19.37 31.00 15.96
CA ARG B 846 -18.73 30.22 14.93
C ARG B 846 -17.88 31.14 14.07
N PRO B 847 -16.80 30.64 13.49
CA PRO B 847 -15.94 31.49 12.66
C PRO B 847 -16.68 32.04 11.47
N ILE B 848 -16.18 33.17 10.97
CA ILE B 848 -16.71 33.79 9.76
C ILE B 848 -15.85 33.43 8.55
N VAL B 849 -14.55 33.64 8.65
CA VAL B 849 -13.62 33.24 7.61
C VAL B 849 -13.05 31.87 7.97
N LYS B 850 -13.35 30.88 7.14
CA LYS B 850 -12.99 29.50 7.42
C LYS B 850 -11.59 29.20 6.89
N ASN B 851 -10.66 28.92 7.80
CA ASN B 851 -9.25 28.78 7.49
C ASN B 851 -8.86 27.38 7.06
N THR B 852 -9.10 26.39 7.92
CA THR B 852 -8.65 25.03 7.66
C THR B 852 -9.66 24.28 6.80
N GLU B 853 -9.32 23.03 6.49
CA GLU B 853 -10.20 22.19 5.68
C GLU B 853 -11.46 21.82 6.45
N GLY B 854 -11.35 21.59 7.75
CA GLY B 854 -12.50 21.25 8.55
C GLY B 854 -13.45 22.40 8.76
N GLU B 855 -12.95 23.63 8.79
CA GLU B 855 -13.82 24.78 8.98
C GLU B 855 -14.66 25.05 7.75
N GLU B 856 -14.11 24.82 6.55
CA GLU B 856 -14.89 25.04 5.35
C GLU B 856 -16.05 24.06 5.23
N ALA B 857 -16.11 23.07 6.10
CA ALA B 857 -17.24 22.16 6.14
C ALA B 857 -18.42 22.73 6.89
N MET B 858 -18.27 23.90 7.50
CA MET B 858 -19.35 24.53 8.27
C MET B 858 -19.97 25.68 7.50
N PHE B 859 -20.14 25.52 6.18
CA PHE B 859 -20.50 26.67 5.35
C PHE B 859 -21.97 27.04 5.51
N GLU B 860 -22.74 26.25 6.25
CA GLU B 860 -24.13 26.58 6.56
C GLU B 860 -24.48 26.02 7.92
N SER B 861 -25.18 26.81 8.72
CA SER B 861 -25.37 26.48 10.12
C SER B 861 -26.76 26.87 10.58
N CYS B 862 -27.12 26.38 11.78
CA CYS B 862 -28.41 26.68 12.36
C CYS B 862 -28.39 28.02 13.08
N SER B 863 -29.57 28.58 13.29
CA SER B 863 -29.73 29.81 14.04
C SER B 863 -31.15 29.93 14.55
N HIS B 864 -31.34 29.80 15.85
CA HIS B 864 -32.65 29.94 16.48
C HIS B 864 -32.92 31.42 16.70
N ARG B 865 -33.79 31.99 15.88
CA ARG B 865 -34.46 33.25 16.19
C ARG B 865 -33.60 34.50 16.11
N PHE B 866 -32.27 34.38 16.00
CA PHE B 866 -31.45 35.56 15.72
C PHE B 866 -29.97 35.27 15.52
N VAL B 867 -29.31 36.15 14.78
CA VAL B 867 -27.88 36.13 14.54
C VAL B 867 -27.35 37.54 14.77
N ARG B 868 -26.25 37.66 15.49
CA ARG B 868 -25.67 38.94 15.86
C ARG B 868 -24.21 39.02 15.45
N ILE B 869 -23.83 40.13 14.82
CA ILE B 869 -22.45 40.40 14.46
C ILE B 869 -22.04 41.65 15.22
N HIS B 870 -21.07 41.53 16.11
CA HIS B 870 -20.75 42.61 17.02
C HIS B 870 -19.25 42.76 17.17
N ASP B 871 -18.86 43.79 17.92
CA ASP B 871 -17.48 44.06 18.24
C ASP B 871 -17.41 44.55 19.68
N SER B 872 -16.30 45.17 20.04
CA SER B 872 -16.11 45.65 21.41
C SER B 872 -17.19 46.60 21.87
N SER B 873 -17.73 47.44 20.99
CA SER B 873 -18.63 48.49 21.42
C SER B 873 -19.87 48.66 20.57
N TYR B 874 -20.13 47.78 19.60
CA TYR B 874 -21.28 47.95 18.72
C TYR B 874 -21.66 46.60 18.16
N GLY B 875 -22.83 46.55 17.52
CA GLY B 875 -23.29 45.32 16.93
C GLY B 875 -24.60 45.46 16.17
N ILE B 876 -24.81 44.59 15.20
CA ILE B 876 -26.04 44.56 14.40
C ILE B 876 -26.60 43.16 14.47
N GLY B 877 -27.92 43.05 14.61
CA GLY B 877 -28.57 41.76 14.75
C GLY B 877 -29.73 41.61 13.80
N VAL B 878 -30.05 40.36 13.47
CA VAL B 878 -31.19 40.04 12.63
C VAL B 878 -31.95 38.89 13.27
N ALA B 879 -33.25 39.06 13.45
CA ALA B 879 -34.11 38.08 14.09
C ALA B 879 -35.15 37.61 13.09
N ASN B 880 -35.51 36.33 13.15
CA ASN B 880 -36.40 35.75 12.16
C ASN B 880 -37.60 35.10 12.83
N GLY B 881 -38.56 34.71 12.00
CA GLY B 881 -39.76 34.08 12.47
C GLY B 881 -39.75 32.57 12.34
N SER B 882 -39.38 32.03 11.19
CA SER B 882 -39.46 30.59 11.00
C SER B 882 -38.36 29.98 10.12
N THR B 883 -37.17 30.57 10.06
CA THR B 883 -36.24 30.17 9.00
C THR B 883 -35.34 29.02 9.41
N TYR B 884 -34.60 29.17 10.51
CA TYR B 884 -33.80 28.09 11.12
C TYR B 884 -32.46 27.87 10.41
N GLY B 885 -32.19 28.58 9.33
CA GLY B 885 -30.98 28.33 8.57
C GLY B 885 -30.33 29.61 8.08
N SER B 886 -29.00 29.56 7.97
CA SER B 886 -28.25 30.74 7.54
C SER B 886 -26.80 30.37 7.23
N ASP B 887 -26.02 31.40 6.88
CA ASP B 887 -24.59 31.28 6.68
C ASP B 887 -24.01 32.68 6.63
N VAL B 888 -22.76 32.84 7.06
CA VAL B 888 -22.12 34.15 7.13
C VAL B 888 -20.81 34.10 6.36
N SER B 889 -20.40 35.26 5.86
CA SER B 889 -19.11 35.40 5.18
C SER B 889 -18.75 36.87 5.11
N SER B 890 -17.46 37.14 4.97
CA SER B 890 -17.00 38.51 4.93
C SER B 890 -17.28 39.15 3.58
N LEU B 891 -17.31 40.48 3.58
CA LEU B 891 -17.63 41.24 2.38
C LEU B 891 -16.47 42.18 2.07
N ARG B 892 -16.12 42.28 0.80
CA ARG B 892 -14.97 43.05 0.34
C ARG B 892 -15.43 44.08 -0.66
N ASP B 893 -15.00 45.32 -0.48
CA ASP B 893 -15.44 46.43 -1.31
C ASP B 893 -14.87 46.30 -2.72
N ARG B 894 -15.42 47.12 -3.63
CA ARG B 894 -15.02 47.06 -5.03
C ARG B 894 -13.61 47.56 -5.25
N ASP B 895 -13.09 48.41 -4.37
CA ASP B 895 -11.68 48.78 -4.39
C ASP B 895 -10.85 47.81 -3.55
N ASP B 896 -11.45 46.72 -3.08
CA ASP B 896 -10.77 45.64 -2.37
C ASP B 896 -10.27 46.08 -1.01
N ALA B 897 -11.11 46.80 -0.28
CA ALA B 897 -10.93 47.04 1.14
C ALA B 897 -12.05 46.35 1.90
N LEU B 898 -11.83 46.09 3.17
CA LEU B 898 -12.84 45.42 3.97
C LEU B 898 -14.09 46.28 4.08
N ALA B 899 -15.24 45.67 3.84
CA ALA B 899 -16.51 46.37 3.86
C ALA B 899 -17.37 46.00 5.06
N GLY B 900 -17.54 44.73 5.34
CA GLY B 900 -18.38 44.30 6.44
C GLY B 900 -18.55 42.79 6.39
N THR B 901 -19.76 42.35 6.72
CA THR B 901 -20.10 40.94 6.77
C THR B 901 -21.46 40.71 6.14
N MET B 902 -21.58 39.63 5.37
CA MET B 902 -22.84 39.26 4.74
C MET B 902 -23.49 38.15 5.53
N VAL B 903 -24.77 38.34 5.87
CA VAL B 903 -25.55 37.33 6.55
C VAL B 903 -26.68 36.93 5.62
N ARG B 904 -26.62 35.69 5.13
CA ARG B 904 -27.66 35.15 4.27
C ARG B 904 -28.42 34.09 5.05
N MET B 905 -29.75 34.11 4.95
CA MET B 905 -30.55 33.11 5.63
C MET B 905 -31.48 32.43 4.64
N SER B 906 -31.48 31.10 4.67
CA SER B 906 -32.23 30.30 3.71
C SER B 906 -33.71 30.33 4.03
N LEU B 907 -34.53 30.51 2.99
CA LEU B 907 -35.96 30.65 3.17
C LEU B 907 -36.71 29.39 2.76
N VAL B 908 -36.55 28.91 1.53
CA VAL B 908 -37.31 27.76 1.05
C VAL B 908 -36.54 27.04 -0.05
N ALA B 909 -36.51 25.72 0.04
CA ALA B 909 -35.91 24.87 -0.97
C ALA B 909 -36.96 23.86 -1.46
N ALA B 910 -36.70 23.29 -2.63
CA ALA B 910 -37.61 22.31 -3.23
C ALA B 910 -36.81 21.11 -3.71
N PRO B 911 -36.63 20.11 -2.85
CA PRO B 911 -36.05 18.85 -3.31
C PRO B 911 -37.02 18.10 -4.20
N THR B 912 -36.64 16.87 -4.56
CA THR B 912 -37.52 16.01 -5.32
C THR B 912 -37.47 14.54 -4.93
N ALA B 913 -36.58 14.13 -4.04
CA ALA B 913 -36.31 12.70 -3.92
C ALA B 913 -37.44 11.91 -3.26
N PRO B 914 -37.75 12.12 -1.95
CA PRO B 914 -38.82 11.29 -1.37
C PRO B 914 -40.18 11.89 -1.63
N ASP B 915 -40.21 13.19 -1.90
CA ASP B 915 -41.44 13.92 -2.17
C ASP B 915 -41.33 14.59 -3.53
N PRO B 916 -42.09 14.15 -4.53
CA PRO B 916 -41.99 14.76 -5.85
C PRO B 916 -42.48 16.20 -5.90
N ARG B 917 -43.41 16.59 -5.03
CA ARG B 917 -44.08 17.87 -5.11
C ARG B 917 -43.94 18.63 -3.79
N THR B 918 -42.72 18.71 -3.29
CA THR B 918 -42.45 19.30 -1.99
C THR B 918 -42.31 20.82 -2.07
N ASP B 919 -42.99 21.51 -1.17
CA ASP B 919 -42.87 22.95 -1.01
C ASP B 919 -43.24 23.70 -2.29
N ILE B 920 -44.51 23.60 -2.67
CA ILE B 920 -45.02 24.29 -3.84
C ILE B 920 -46.12 25.23 -3.36
N GLY B 921 -45.82 26.52 -3.32
CA GLY B 921 -46.83 27.54 -3.27
C GLY B 921 -47.01 28.20 -1.91
N HIS B 922 -46.92 29.53 -1.92
CA HIS B 922 -47.42 30.40 -0.85
C HIS B 922 -46.79 30.12 0.51
N HIS B 923 -45.54 30.52 0.65
CA HIS B 923 -44.88 30.54 1.96
C HIS B 923 -44.80 31.98 2.46
N GLU B 924 -44.86 32.16 3.79
CA GLU B 924 -44.67 33.47 4.40
C GLU B 924 -43.36 33.49 5.18
N PHE B 925 -42.77 34.68 5.30
CA PHE B 925 -41.57 34.85 6.09
C PHE B 925 -41.59 36.23 6.73
N ASP B 926 -41.05 36.32 7.95
CA ASP B 926 -40.95 37.57 8.69
C ASP B 926 -39.56 37.65 9.30
N TRP B 927 -38.96 38.84 9.29
CA TRP B 927 -37.71 39.05 10.00
C TRP B 927 -37.52 40.54 10.27
N THR B 928 -36.49 40.85 11.05
CA THR B 928 -36.25 42.23 11.45
C THR B 928 -34.76 42.43 11.73
N VAL B 929 -34.31 43.66 11.52
CA VAL B 929 -32.92 44.04 11.67
C VAL B 929 -32.82 45.16 12.69
N LEU B 930 -31.86 45.04 13.61
CA LEU B 930 -31.67 45.96 14.72
C LEU B 930 -30.22 46.40 14.84
N PRO B 931 -29.99 47.64 15.23
CA PRO B 931 -28.70 48.00 15.81
C PRO B 931 -28.71 47.76 17.31
N CYS B 932 -27.79 46.94 17.82
CA CYS B 932 -27.82 46.57 19.23
C CYS B 932 -26.40 46.52 19.77
N ALA B 933 -26.08 47.40 20.72
CA ALA B 933 -24.78 47.34 21.36
C ALA B 933 -24.66 46.11 22.25
N SER B 934 -25.59 45.92 23.17
CA SER B 934 -25.68 44.73 23.98
C SER B 934 -26.62 43.73 23.31
N VAL B 935 -26.85 42.60 23.96
CA VAL B 935 -27.69 41.55 23.40
C VAL B 935 -29.14 41.64 23.86
N ALA B 936 -29.43 42.43 24.90
CA ALA B 936 -30.79 42.49 25.43
C ALA B 936 -31.83 42.92 24.39
N PRO B 937 -31.65 44.02 23.64
CA PRO B 937 -32.68 44.37 22.66
C PRO B 937 -32.86 43.34 21.57
N LEU B 938 -31.83 42.58 21.22
CA LEU B 938 -31.98 41.52 20.25
C LEU B 938 -32.87 40.41 20.79
N VAL B 939 -32.68 40.02 22.05
CA VAL B 939 -33.55 39.02 22.65
C VAL B 939 -34.97 39.52 22.72
N ALA B 940 -35.16 40.80 23.08
CA ALA B 940 -36.49 41.35 23.15
C ALA B 940 -37.16 41.34 21.79
N ALA B 941 -36.43 41.69 20.74
CA ALA B 941 -37.01 41.71 19.41
C ALA B 941 -37.36 40.31 18.92
N ALA B 942 -36.49 39.33 19.20
CA ALA B 942 -36.80 37.96 18.81
C ALA B 942 -38.05 37.45 19.52
N GLY B 943 -38.11 37.64 20.84
CA GLY B 943 -39.30 37.25 21.57
C GLY B 943 -40.55 37.96 21.07
N GLU B 944 -40.42 39.21 20.65
CA GLU B 944 -41.59 39.98 20.28
C GLU B 944 -42.04 39.64 18.88
N ILE B 945 -41.13 39.16 18.03
CA ILE B 945 -41.54 38.75 16.69
C ILE B 945 -42.06 37.33 16.66
N ASN B 946 -41.69 36.49 17.63
CA ASN B 946 -42.16 35.11 17.61
C ASN B 946 -43.44 34.88 18.40
N ALA B 947 -43.98 35.90 19.05
CA ALA B 947 -45.14 35.71 19.91
C ALA B 947 -46.42 35.71 19.10
N PRO B 948 -47.42 34.91 19.46
CA PRO B 948 -48.69 34.95 18.74
C PRO B 948 -49.55 36.11 19.22
N THR B 949 -50.57 36.42 18.43
CA THR B 949 -51.50 37.50 18.74
C THR B 949 -52.80 36.93 19.28
N ILE B 950 -53.47 37.69 20.13
CA ILE B 950 -54.74 37.32 20.73
C ILE B 950 -55.61 38.57 20.79
N GLU B 951 -56.89 38.38 21.13
CA GLU B 951 -57.87 39.43 21.05
C GLU B 951 -58.56 39.63 22.40
N ASN B 952 -58.85 40.89 22.73
CA ASN B 952 -59.62 41.27 23.90
C ASN B 952 -58.97 40.79 25.19
N MET B 953 -57.70 41.16 25.36
CA MET B 953 -56.90 40.71 26.49
C MET B 953 -56.75 41.83 27.50
N PRO B 954 -57.31 41.71 28.70
CA PRO B 954 -57.13 42.75 29.72
C PRO B 954 -55.67 42.84 30.16
N ASP B 955 -55.17 44.07 30.19
CA ASP B 955 -53.77 44.32 30.51
C ASP B 955 -53.56 44.40 32.01
N ILE B 956 -52.91 43.38 32.57
CA ILE B 956 -52.61 43.31 33.99
C ILE B 956 -51.17 42.89 34.18
N ALA B 957 -50.57 43.41 35.24
CA ALA B 957 -49.17 43.11 35.53
C ALA B 957 -48.97 41.62 35.74
N ALA B 958 -47.79 41.15 35.39
CA ALA B 958 -47.49 39.73 35.54
C ALA B 958 -47.40 39.37 37.02
N PRO B 959 -47.75 38.13 37.39
CA PRO B 959 -47.60 37.73 38.79
C PRO B 959 -46.15 37.62 39.24
N ILE B 960 -45.30 36.99 38.44
CA ILE B 960 -43.88 36.82 38.77
C ILE B 960 -43.09 37.86 38.00
N THR B 961 -42.19 38.55 38.69
CA THR B 961 -41.38 39.59 38.08
C THR B 961 -40.03 39.61 38.76
N LEU B 962 -38.98 39.90 37.99
CA LEU B 962 -37.66 40.08 38.56
C LEU B 962 -37.13 41.44 38.19
N GLU B 963 -36.56 42.11 39.19
CA GLU B 963 -35.97 43.44 39.03
C GLU B 963 -34.48 43.27 38.85
N PRO B 964 -33.92 43.64 37.71
CA PRO B 964 -32.52 43.32 37.43
C PRO B 964 -31.56 44.23 38.17
N ILE B 965 -30.89 43.68 39.18
CA ILE B 965 -29.82 44.43 39.86
C ILE B 965 -28.58 44.48 38.99
N GLU B 966 -28.28 43.37 38.31
CA GLU B 966 -27.11 43.30 37.46
C GLU B 966 -27.28 42.16 36.46
N GLY B 967 -26.85 42.39 35.23
CA GLY B 967 -26.97 41.38 34.20
C GLY B 967 -28.35 41.29 33.60
N THR B 968 -28.55 40.23 32.82
CA THR B 968 -29.79 40.02 32.08
C THR B 968 -30.33 38.63 32.36
N PRO B 969 -31.12 38.47 33.42
CA PRO B 969 -31.83 37.20 33.64
C PRO B 969 -33.22 37.26 33.00
N VAL B 970 -33.65 36.14 32.42
CA VAL B 970 -34.88 36.09 31.65
C VAL B 970 -35.73 34.93 32.17
N ILE B 971 -36.99 35.23 32.51
CA ILE B 971 -37.98 34.22 32.86
C ILE B 971 -38.61 33.74 31.57
N ASP B 972 -38.56 32.44 31.33
CA ASP B 972 -38.94 31.90 30.04
C ASP B 972 -40.33 31.28 29.99
N TRP B 973 -40.68 30.39 30.92
CA TRP B 973 -41.84 29.53 30.74
C TRP B 973 -42.67 29.42 32.02
N ILE B 974 -43.13 30.53 32.56
CA ILE B 974 -44.13 30.46 33.63
C ILE B 974 -45.23 29.50 33.24
N LYS B 975 -45.52 28.52 34.10
CA LYS B 975 -46.54 27.53 33.82
C LYS B 975 -47.05 26.93 35.13
N LEU B 976 -48.08 26.10 35.01
CA LEU B 976 -48.67 25.47 36.18
C LEU B 976 -47.98 24.16 36.49
N ALA B 977 -48.15 23.68 37.73
CA ALA B 977 -47.53 22.43 38.11
C ALA B 977 -48.25 21.26 37.47
N ASP B 978 -47.54 20.13 37.39
CA ASP B 978 -48.13 18.95 36.76
C ASP B 978 -48.74 18.02 37.81
N ASP B 979 -48.52 18.31 39.09
CA ASP B 979 -49.06 17.45 40.13
C ASP B 979 -50.49 17.79 40.49
N GLY B 980 -51.09 18.78 39.83
CA GLY B 980 -52.45 19.17 40.14
C GLY B 980 -52.63 19.83 41.49
N SER B 981 -51.54 20.06 42.22
CA SER B 981 -51.63 20.64 43.55
C SER B 981 -51.93 22.13 43.52
N GLY B 982 -51.56 22.84 42.46
CA GLY B 982 -51.79 24.26 42.36
C GLY B 982 -50.56 25.12 42.46
N ASP B 983 -49.37 24.54 42.41
CA ASP B 983 -48.15 25.33 42.50
C ASP B 983 -47.87 26.00 41.17
N ILE B 984 -46.93 26.94 41.19
CA ILE B 984 -46.46 27.62 40.00
C ILE B 984 -45.02 27.19 39.77
N VAL B 985 -44.63 27.03 38.50
CA VAL B 985 -43.27 26.66 38.16
C VAL B 985 -42.78 27.64 37.10
N ALA B 986 -41.67 28.31 37.39
CA ALA B 986 -41.05 29.23 36.45
C ALA B 986 -39.68 28.70 36.08
N ARG B 987 -39.31 28.85 34.81
CA ARG B 987 -38.02 28.37 34.33
C ARG B 987 -37.23 29.56 33.84
N LEU B 988 -36.25 30.00 34.61
CA LEU B 988 -35.53 31.22 34.28
C LEU B 988 -34.06 30.91 34.07
N TYR B 989 -33.45 31.67 33.18
CA TYR B 989 -32.07 31.43 32.79
C TYR B 989 -31.38 32.78 32.57
N GLU B 990 -30.15 32.71 32.07
CA GLU B 990 -29.34 33.89 31.81
C GLU B 990 -28.96 33.89 30.34
N ALA B 991 -29.21 35.02 29.67
CA ALA B 991 -29.10 35.07 28.22
C ALA B 991 -28.18 36.19 27.77
N ALA B 992 -27.08 36.40 28.47
CA ALA B 992 -26.08 37.35 28.02
C ALA B 992 -24.64 36.87 28.16
N GLY B 993 -24.40 35.78 28.88
CA GLY B 993 -23.06 35.30 29.07
C GLY B 993 -22.30 35.95 30.19
N ALA B 994 -22.99 36.63 31.11
CA ALA B 994 -22.35 37.26 32.25
C ALA B 994 -23.18 36.97 33.49
N LYS B 995 -22.52 36.95 34.64
CA LYS B 995 -23.23 36.65 35.87
C LYS B 995 -24.31 37.69 36.10
N ALA B 996 -25.45 37.25 36.63
CA ALA B 996 -26.63 38.09 36.80
C ALA B 996 -27.13 37.98 38.22
N LYS B 997 -27.42 39.12 38.83
CA LYS B 997 -28.00 39.19 40.17
C LYS B 997 -29.36 39.88 40.06
N ALA B 998 -30.38 39.24 40.61
CA ALA B 998 -31.73 39.80 40.57
C ALA B 998 -32.44 39.43 41.85
N MET B 999 -33.66 39.94 42.00
CA MET B 999 -34.52 39.60 43.12
C MET B 999 -35.95 39.53 42.65
N LEU B 1000 -36.76 38.78 43.38
CA LEU B 1000 -38.11 38.43 42.94
C LEU B 1000 -39.14 39.36 43.55
N HIS B 1001 -40.04 39.85 42.71
CA HIS B 1001 -41.20 40.60 43.16
C HIS B 1001 -42.46 39.91 42.66
N VAL B 1002 -43.45 39.79 43.53
CA VAL B 1002 -44.68 39.09 43.21
C VAL B 1002 -45.85 40.04 43.39
N GLY B 1003 -46.87 39.82 42.56
CA GLY B 1003 -48.07 40.63 42.59
C GLY B 1003 -48.93 40.32 43.79
N GLY B 1004 -49.92 41.18 44.01
CA GLY B 1004 -50.79 41.06 45.15
C GLY B 1004 -51.77 39.91 45.11
N THR B 1005 -51.58 38.94 44.22
CA THR B 1005 -52.46 37.79 44.13
C THR B 1005 -51.88 36.53 44.72
N LEU B 1006 -50.57 36.49 44.97
CA LEU B 1006 -49.94 35.32 45.56
C LEU B 1006 -48.93 35.71 46.63
N ASP B 1007 -49.20 36.77 47.37
CA ASP B 1007 -48.38 37.12 48.53
C ASP B 1007 -48.50 36.06 49.61
N GLY B 1008 -47.50 35.99 50.47
CA GLY B 1008 -47.44 34.95 51.48
C GLY B 1008 -46.98 33.61 50.95
N TRP B 1009 -46.77 33.48 49.65
CA TRP B 1009 -46.32 32.23 49.06
C TRP B 1009 -44.83 32.04 49.30
N THR B 1010 -44.40 30.78 49.27
CA THR B 1010 -43.01 30.43 49.41
C THR B 1010 -42.41 30.16 48.04
N VAL B 1011 -41.09 30.10 47.98
CA VAL B 1011 -40.37 29.76 46.75
C VAL B 1011 -39.28 28.77 47.10
N ARG B 1012 -38.93 27.92 46.14
CA ARG B 1012 -37.85 26.98 46.36
C ARG B 1012 -37.28 26.52 45.03
N GLU B 1013 -36.16 25.81 45.13
CA GLU B 1013 -35.39 25.38 43.97
C GLU B 1013 -35.66 23.91 43.70
N THR B 1014 -35.75 23.55 42.42
CA THR B 1014 -36.00 22.19 42.00
C THR B 1014 -35.01 21.80 40.91
N ASN B 1015 -35.25 20.65 40.30
CA ASN B 1015 -34.56 20.31 39.07
C ASN B 1015 -35.51 20.58 37.91
N THR B 1016 -35.13 20.20 36.70
CA THR B 1016 -35.98 20.52 35.55
C THR B 1016 -37.28 19.71 35.55
N LEU B 1017 -37.38 18.66 36.35
CA LEU B 1017 -38.58 17.84 36.41
C LEU B 1017 -39.48 18.22 37.57
N GLU B 1018 -39.22 19.35 38.22
CA GLU B 1018 -40.06 19.86 39.31
C GLU B 1018 -40.09 18.88 40.48
N GLN B 1019 -38.90 18.47 40.91
CA GLN B 1019 -38.73 17.56 42.04
C GLN B 1019 -37.58 18.04 42.91
N ASP B 1020 -37.69 17.77 44.21
CA ASP B 1020 -36.69 18.24 45.18
C ASP B 1020 -35.47 17.32 45.13
N GLU B 1021 -34.63 17.56 44.13
CA GLU B 1021 -33.39 16.82 43.95
C GLU B 1021 -32.25 17.77 43.65
N SER B 1022 -31.19 17.68 44.43
CA SER B 1022 -30.02 18.52 44.27
C SER B 1022 -28.86 17.67 43.78
N TYR B 1023 -27.92 18.30 43.08
CA TYR B 1023 -26.77 17.61 42.57
C TYR B 1023 -25.51 18.37 42.92
N PRO B 1024 -24.49 17.71 43.48
CA PRO B 1024 -23.35 18.46 44.01
C PRO B 1024 -22.53 19.16 42.94
N ASP B 1025 -22.55 18.69 41.71
CA ASP B 1025 -21.77 19.29 40.63
C ASP B 1025 -22.56 20.32 39.84
N GLU B 1026 -23.65 20.85 40.38
CA GLU B 1026 -24.46 21.83 39.68
C GLU B 1026 -24.75 23.01 40.59
N PRO B 1027 -24.42 24.23 40.20
CA PRO B 1027 -24.82 25.40 41.00
C PRO B 1027 -26.33 25.55 41.06
N ALA B 1028 -26.78 26.33 42.03
CA ALA B 1028 -28.20 26.58 42.23
C ALA B 1028 -28.50 28.06 42.00
N GLY B 1029 -29.78 28.37 41.80
CA GLY B 1029 -30.17 29.75 41.62
C GLY B 1029 -30.36 30.48 42.94
N LEU B 1030 -31.27 29.99 43.77
CA LEU B 1030 -31.57 30.67 45.02
C LEU B 1030 -30.39 30.66 45.97
N ILE B 1031 -30.39 31.62 46.88
CA ILE B 1031 -29.43 31.69 47.98
C ILE B 1031 -30.18 31.33 49.24
N GLY B 1032 -29.90 30.15 49.80
CA GLY B 1032 -30.65 29.65 50.92
C GLY B 1032 -31.45 28.43 50.54
N GLY B 1033 -32.61 28.23 51.16
CA GLY B 1033 -33.44 27.09 50.85
C GLY B 1033 -34.83 27.49 50.41
N LYS B 1034 -35.85 27.02 51.13
CA LYS B 1034 -37.22 27.42 50.90
C LYS B 1034 -37.53 28.61 51.82
N GLN B 1035 -37.86 29.75 51.23
CA GLN B 1035 -38.12 30.96 51.98
C GLN B 1035 -39.27 31.71 51.32
N GLN B 1036 -39.61 32.85 51.89
CA GLN B 1036 -40.67 33.69 51.34
C GLN B 1036 -40.32 34.13 49.93
N ALA B 1037 -41.34 34.19 49.08
CA ALA B 1037 -41.11 34.54 47.69
C ALA B 1037 -40.82 36.01 47.52
N GLU B 1038 -41.55 36.86 48.25
CA GLU B 1038 -41.39 38.29 48.08
C GLU B 1038 -40.05 38.76 48.63
N GLY B 1039 -39.08 38.94 47.74
CA GLY B 1039 -37.78 39.43 48.14
C GLY B 1039 -36.65 38.43 48.04
N ALA B 1040 -36.90 37.22 47.57
CA ALA B 1040 -35.85 36.25 47.43
C ALA B 1040 -34.91 36.64 46.29
N GLU B 1041 -33.62 36.49 46.51
CA GLU B 1041 -32.63 36.92 45.55
C GLU B 1041 -32.08 35.74 44.76
N LEU B 1042 -31.49 36.05 43.61
CA LEU B 1042 -31.08 35.06 42.63
C LEU B 1042 -29.73 35.47 42.09
N ALA B 1043 -28.80 34.52 42.02
CA ALA B 1043 -27.50 34.70 41.39
C ALA B 1043 -27.34 33.62 40.34
N LEU B 1044 -26.97 34.02 39.13
CA LEU B 1044 -26.91 33.12 37.99
C LEU B 1044 -25.57 33.28 37.30
N ASN B 1045 -24.78 32.21 37.32
CA ASN B 1045 -23.53 32.22 36.59
C ASN B 1045 -23.81 32.03 35.09
N PRO B 1046 -22.89 32.43 34.21
CA PRO B 1046 -23.22 32.52 32.78
C PRO B 1046 -23.89 31.27 32.22
N PHE B 1047 -24.97 31.50 31.47
CA PHE B 1047 -25.73 30.44 30.80
C PHE B 1047 -26.21 29.37 31.77
N GLN B 1048 -26.75 29.81 32.90
CA GLN B 1048 -27.31 28.90 33.88
C GLN B 1048 -28.81 28.78 33.68
N LEU B 1049 -29.33 27.59 33.94
CA LEU B 1049 -30.74 27.28 33.79
C LEU B 1049 -31.30 26.81 35.12
N THR B 1050 -32.15 27.62 35.75
CA THR B 1050 -32.71 27.22 37.03
C THR B 1050 -34.22 27.23 36.96
N THR B 1051 -34.83 26.53 37.90
CA THR B 1051 -36.26 26.32 37.94
C THR B 1051 -36.78 26.64 39.33
N LEU B 1052 -37.68 27.60 39.41
CA LEU B 1052 -38.28 28.03 40.66
C LEU B 1052 -39.66 27.42 40.81
N ARG B 1053 -40.01 27.03 42.03
CA ARG B 1053 -41.31 26.48 42.33
C ARG B 1053 -41.93 27.29 43.46
N LEU B 1054 -43.12 27.81 43.23
CA LEU B 1054 -43.85 28.62 44.19
C LEU B 1054 -45.05 27.83 44.70
N SER B 1055 -45.16 27.73 46.02
CA SER B 1055 -46.22 26.99 46.67
C SER B 1055 -47.06 27.92 47.53
N ARG B 1056 -48.33 27.58 47.69
CA ARG B 1056 -49.21 28.38 48.55
C ARG B 1056 -48.72 28.36 49.99
N ALA B 1057 -48.20 27.24 50.44
CA ALA B 1057 -47.60 27.14 51.76
C ALA B 1057 -46.47 26.14 51.75
N LEU C 26 13.28 -6.61 -8.79
CA LEU C 26 13.10 -6.51 -10.23
C LEU C 26 14.42 -6.18 -10.91
N LYS C 27 14.51 -6.48 -12.21
CA LYS C 27 15.77 -6.31 -12.93
C LYS C 27 16.15 -4.85 -13.03
N VAL C 28 15.17 -3.97 -13.18
CA VAL C 28 15.48 -2.56 -13.39
C VAL C 28 16.09 -1.93 -12.15
N ASN C 29 15.52 -2.20 -10.97
CA ASN C 29 16.07 -1.64 -9.75
C ASN C 29 17.51 -2.06 -9.54
N ARG C 30 17.84 -3.30 -9.90
CA ARG C 30 19.23 -3.73 -9.83
C ARG C 30 20.06 -3.15 -10.96
N GLU C 31 19.42 -2.71 -12.03
CA GLU C 31 20.15 -2.02 -13.07
C GLU C 31 20.40 -0.55 -12.73
N ILE C 32 19.64 0.00 -11.79
CA ILE C 32 19.90 1.36 -11.35
C ILE C 32 21.17 1.42 -10.53
N ASP C 33 21.39 0.41 -9.68
CA ASP C 33 22.60 0.38 -8.86
C ASP C 33 23.85 0.29 -9.73
N ARG C 34 23.80 -0.53 -10.78
CA ARG C 34 24.94 -0.62 -11.69
C ARG C 34 25.21 0.72 -12.34
N CYS C 35 24.16 1.44 -12.74
CA CYS C 35 24.36 2.72 -13.39
C CYS C 35 24.93 3.75 -12.42
N LYS C 36 24.46 3.75 -11.19
CA LYS C 36 24.98 4.70 -10.21
C LYS C 36 26.44 4.41 -9.90
N ARG C 37 26.81 3.13 -9.79
CA ARG C 37 28.20 2.82 -9.52
C ARG C 37 29.08 3.14 -10.73
N VAL C 38 28.53 2.99 -11.94
CA VAL C 38 29.27 3.40 -13.13
C VAL C 38 29.52 4.89 -13.09
N MET C 39 28.49 5.68 -12.77
CA MET C 39 28.68 7.11 -12.59
C MET C 39 29.78 7.39 -11.58
N ARG C 40 29.74 6.72 -10.43
CA ARG C 40 30.62 7.07 -9.34
C ARG C 40 32.07 6.65 -9.57
N GLU C 41 32.32 5.57 -10.30
CA GLU C 41 33.69 5.06 -10.41
C GLU C 41 34.23 5.06 -11.83
N ARG C 42 33.42 4.78 -12.84
CA ARG C 42 33.93 4.67 -14.20
C ARG C 42 33.79 5.94 -15.00
N VAL C 43 33.06 6.94 -14.49
CA VAL C 43 32.81 8.15 -15.26
C VAL C 43 33.31 9.36 -14.51
N TRP C 44 33.02 9.43 -13.21
CA TRP C 44 33.37 10.62 -12.45
C TRP C 44 34.87 10.87 -12.37
N PRO C 45 35.72 9.89 -12.02
CA PRO C 45 37.15 10.21 -11.93
C PRO C 45 37.76 10.70 -13.21
N HIS C 46 37.28 10.24 -14.37
CA HIS C 46 37.85 10.67 -15.64
C HIS C 46 37.25 11.99 -16.11
N ILE C 47 37.23 12.99 -15.24
CA ILE C 47 36.74 14.31 -15.61
C ILE C 47 37.87 15.31 -15.43
N HIS C 48 38.51 15.26 -14.27
CA HIS C 48 39.66 16.09 -13.96
C HIS C 48 40.91 15.27 -14.18
N GLN C 49 41.59 15.51 -15.29
CA GLN C 49 42.83 14.81 -15.61
C GLN C 49 43.99 15.56 -14.98
N VAL C 50 44.63 14.93 -14.00
CA VAL C 50 45.67 15.61 -13.22
C VAL C 50 46.93 15.76 -14.09
N LEU C 51 47.49 16.96 -14.09
CA LEU C 51 48.67 17.28 -14.90
C LEU C 51 49.93 17.39 -14.05
N ALA C 52 49.90 18.24 -13.02
CA ALA C 52 51.07 18.44 -12.17
C ALA C 52 50.59 18.95 -10.81
N GLN C 53 51.43 18.75 -9.80
CA GLN C 53 51.11 19.21 -8.46
C GLN C 53 52.00 20.38 -8.05
N CYS C 54 51.54 21.14 -7.06
CA CYS C 54 52.10 22.43 -6.73
C CYS C 54 52.80 22.37 -5.38
N THR C 55 53.87 23.14 -5.25
CA THR C 55 54.52 23.31 -3.97
C THR C 55 53.67 24.21 -3.08
N VAL C 56 53.72 23.97 -1.78
CA VAL C 56 52.83 24.64 -0.83
C VAL C 56 53.62 25.00 0.41
N GLY C 57 53.31 26.16 0.98
CA GLY C 57 53.81 26.57 2.29
C GLY C 57 52.76 27.36 3.03
N ALA C 58 52.65 27.18 4.34
CA ALA C 58 51.54 27.73 5.10
C ALA C 58 52.01 28.37 6.39
N VAL C 59 51.22 29.32 6.87
CA VAL C 59 51.39 29.94 8.18
C VAL C 59 50.07 29.88 8.93
N LYS C 60 50.13 29.42 10.18
CA LYS C 60 48.94 29.15 10.98
C LYS C 60 48.73 30.24 12.01
N ASN C 61 47.47 30.45 12.38
CA ASN C 61 47.14 31.46 13.37
C ASN C 61 45.87 31.07 14.12
N PRO C 62 45.97 30.72 15.39
CA PRO C 62 44.78 30.31 16.15
C PRO C 62 44.04 31.47 16.80
N GLY C 63 44.53 32.70 16.66
CA GLY C 63 43.89 33.84 17.26
C GLY C 63 42.71 34.33 16.45
N GLU C 64 42.34 35.58 16.70
CA GLU C 64 41.29 36.20 15.92
C GLU C 64 41.85 36.66 14.59
N PRO C 65 41.11 36.52 13.49
CA PRO C 65 41.68 36.81 12.18
C PRO C 65 41.76 38.31 11.93
N GLU C 66 42.66 38.68 11.02
CA GLU C 66 42.80 40.06 10.59
C GLU C 66 42.26 40.22 9.18
N MET C 67 42.15 41.47 8.74
CA MET C 67 41.61 41.76 7.42
C MET C 67 42.55 41.24 6.35
N PRO C 68 42.04 40.58 5.31
CA PRO C 68 42.94 40.01 4.30
C PRO C 68 43.81 41.05 3.61
N ALA C 69 43.26 42.22 3.28
CA ALA C 69 44.04 43.23 2.56
C ALA C 69 45.28 43.63 3.34
N ALA C 70 45.16 43.74 4.66
CA ALA C 70 46.31 44.11 5.47
C ALA C 70 47.32 42.99 5.61
N PHE C 71 46.93 41.74 5.34
CA PHE C 71 47.85 40.62 5.38
C PHE C 71 48.60 40.42 4.07
N ILE C 72 47.90 40.53 2.94
CA ILE C 72 48.54 40.29 1.65
C ILE C 72 49.70 41.25 1.45
N THR C 73 49.44 42.56 1.50
CA THR C 73 50.51 43.54 1.32
C THR C 73 51.64 43.33 2.32
N ARG C 74 51.32 42.79 3.50
CA ARG C 74 52.35 42.42 4.45
C ARG C 74 52.98 41.07 4.13
N ALA C 75 52.35 40.28 3.26
CA ALA C 75 52.85 38.96 2.90
C ALA C 75 53.52 38.96 1.55
N VAL C 76 53.58 40.11 0.89
CA VAL C 76 54.25 40.25 -0.39
C VAL C 76 55.67 40.78 -0.22
N SER C 77 55.92 41.58 0.81
CA SER C 77 57.24 42.20 0.90
C SER C 77 58.27 41.24 1.48
N GLY C 78 58.22 40.98 2.79
CA GLY C 78 59.04 39.91 3.33
C GLY C 78 58.56 39.26 4.60
N GLN C 79 57.47 39.76 5.17
CA GLN C 79 57.26 39.65 6.60
C GLN C 79 56.55 38.36 7.00
N VAL C 80 56.58 37.34 6.16
CA VAL C 80 56.03 36.03 6.48
C VAL C 80 56.99 34.98 5.98
N ILE C 81 57.02 33.83 6.65
CA ILE C 81 58.06 32.84 6.37
C ILE C 81 57.50 31.65 5.58
N PHE C 82 56.28 31.22 5.86
CA PHE C 82 55.60 30.17 5.11
C PHE C 82 56.36 28.84 5.19
N GLN C 83 56.48 28.32 6.41
CA GLN C 83 57.13 27.03 6.58
C GLN C 83 56.27 25.93 5.93
N PRO C 84 56.87 25.05 5.12
CA PRO C 84 56.08 24.10 4.34
C PRO C 84 55.12 23.25 5.18
N LEU C 85 54.11 22.73 4.51
CA LEU C 85 53.07 21.92 5.14
C LEU C 85 53.54 20.47 5.26
N ALA C 86 52.75 19.68 5.99
CA ALA C 86 52.99 18.26 6.16
C ALA C 86 51.84 17.48 5.57
N VAL C 87 52.15 16.57 4.65
CA VAL C 87 51.12 15.80 3.97
C VAL C 87 50.54 14.78 4.93
N GLY C 88 49.26 14.90 5.24
CA GLY C 88 48.59 13.97 6.12
C GLY C 88 48.43 14.42 7.55
N GLU C 89 48.43 15.72 7.81
CA GLU C 89 48.21 16.24 9.15
C GLU C 89 47.24 17.41 9.10
N PRO C 90 46.53 17.66 10.18
CA PRO C 90 45.61 18.81 10.22
C PRO C 90 46.35 20.12 9.99
N TRP C 91 45.83 20.91 9.06
CA TRP C 91 46.46 22.15 8.65
C TRP C 91 45.97 23.35 9.43
N GLY C 92 45.47 23.15 10.65
CA GLY C 92 45.03 24.28 11.44
C GLY C 92 44.55 23.83 12.80
N THR C 93 44.04 24.79 13.55
CA THR C 93 43.38 24.55 14.83
C THR C 93 41.96 25.08 14.77
N SER C 94 41.16 24.69 15.76
CA SER C 94 39.75 25.04 15.73
C SER C 94 39.54 26.54 15.82
N TRP C 95 38.66 27.06 14.98
CA TRP C 95 38.36 28.49 14.91
C TRP C 95 39.61 29.29 14.64
N GLY C 96 40.49 28.76 13.79
CA GLY C 96 41.72 29.42 13.41
C GLY C 96 41.78 29.67 11.92
N THR C 97 42.81 30.38 11.50
CA THR C 97 43.00 30.72 10.09
C THR C 97 44.40 30.33 9.66
N THR C 98 44.49 29.68 8.50
CA THR C 98 45.78 29.29 7.93
C THR C 98 45.89 29.92 6.56
N TRP C 99 46.99 30.61 6.31
CA TRP C 99 47.25 31.21 5.01
C TRP C 99 48.24 30.33 4.26
N ILE C 100 47.93 30.04 3.01
CA ILE C 100 48.69 29.09 2.21
C ILE C 100 49.12 29.77 0.92
N ARG C 101 50.41 29.73 0.63
CA ARG C 101 50.94 30.25 -0.61
C ARG C 101 51.20 29.09 -1.56
N VAL C 102 50.48 29.07 -2.67
CA VAL C 102 50.56 28.02 -3.67
C VAL C 102 51.30 28.56 -4.87
N GLU C 103 52.26 27.79 -5.38
CA GLU C 103 52.99 28.12 -6.59
C GLU C 103 53.04 26.92 -7.52
N GLY C 104 52.59 27.12 -8.75
CA GLY C 104 52.63 26.07 -9.74
C GLY C 104 53.48 26.43 -10.93
N GLN C 105 53.44 25.62 -11.98
CA GLN C 105 54.26 25.86 -13.16
C GLN C 105 53.47 25.94 -14.45
N LEU C 106 52.30 25.33 -14.54
CA LEU C 106 51.50 25.33 -15.76
C LEU C 106 52.31 24.82 -16.93
N PRO C 107 52.62 23.54 -16.99
CA PRO C 107 53.55 23.04 -18.00
C PRO C 107 52.96 23.13 -19.39
N GLU C 108 53.82 22.92 -20.38
CA GLU C 108 53.40 22.90 -21.77
C GLU C 108 52.74 21.55 -22.07
N THR C 109 52.45 21.31 -23.34
CA THR C 109 51.73 20.10 -23.76
C THR C 109 50.43 19.95 -22.99
N LEU C 110 49.73 21.05 -22.79
CA LEU C 110 48.41 20.99 -22.19
C LEU C 110 47.37 20.59 -23.24
N PRO C 111 46.38 19.79 -22.86
CA PRO C 111 45.39 19.33 -23.83
C PRO C 111 44.72 20.49 -24.54
N GLU C 112 44.33 20.23 -25.80
CA GLU C 112 43.81 21.28 -26.65
C GLU C 112 42.34 21.54 -26.37
N GLY C 113 41.94 22.80 -26.40
CA GLY C 113 40.55 23.16 -26.20
C GLY C 113 39.97 22.74 -24.87
N ARG C 114 40.79 22.49 -23.86
CA ARG C 114 40.33 22.06 -22.55
C ARG C 114 40.72 23.10 -21.51
N ALA C 115 39.88 23.25 -20.50
CA ALA C 115 40.15 24.22 -19.45
C ALA C 115 41.12 23.66 -18.43
N ILE C 116 41.86 24.55 -17.78
CA ILE C 116 42.85 24.19 -16.77
C ILE C 116 42.43 24.85 -15.47
N GLU C 117 42.41 24.08 -14.39
CA GLU C 117 41.97 24.62 -13.12
C GLU C 117 42.66 23.92 -11.97
N LEU C 118 42.85 24.66 -10.88
CA LEU C 118 43.40 24.09 -9.68
C LEU C 118 42.33 23.30 -8.93
N VAL C 119 42.77 22.29 -8.19
CA VAL C 119 41.89 21.44 -7.41
C VAL C 119 42.43 21.37 -6.00
N PHE C 120 41.61 21.77 -5.03
CA PHE C 120 41.96 21.87 -3.61
C PHE C 120 41.19 20.77 -2.88
N ASN C 121 41.91 19.73 -2.47
CA ASN C 121 41.31 18.66 -1.70
C ASN C 121 41.96 18.63 -0.32
N LEU C 122 41.42 19.45 0.57
CA LEU C 122 41.98 19.69 1.89
C LEU C 122 41.35 18.82 2.97
N GLY C 123 40.96 17.59 2.63
CA GLY C 123 40.34 16.72 3.61
C GLY C 123 38.87 17.00 3.82
N TRP C 124 38.12 17.16 2.73
CA TRP C 124 36.72 17.56 2.85
C TRP C 124 35.85 16.37 3.23
N LEU C 125 34.79 16.66 3.96
CA LEU C 125 33.66 15.76 4.05
C LEU C 125 32.63 16.16 3.01
N GLU C 126 31.43 15.59 3.10
CA GLU C 126 30.39 15.90 2.14
C GLU C 126 29.09 16.35 2.77
N TRP C 127 28.78 15.90 3.98
CA TRP C 127 27.44 16.11 4.51
C TRP C 127 27.19 17.60 4.77
N PRO C 128 27.90 18.27 5.67
CA PRO C 128 27.64 19.69 5.87
C PRO C 128 28.51 20.55 4.96
N VAL C 129 27.87 21.42 4.19
CA VAL C 129 28.61 22.23 3.24
C VAL C 129 29.07 23.51 3.93
N GLY C 130 28.15 24.24 4.53
CA GLY C 130 28.49 25.42 5.28
C GLY C 130 28.91 25.18 6.72
N GLY C 131 29.05 23.92 7.14
CA GLY C 131 29.35 23.64 8.53
C GLY C 131 30.82 23.59 8.87
N HIS C 132 31.57 22.71 8.21
CA HIS C 132 32.97 22.54 8.52
C HIS C 132 33.82 23.41 7.59
N ILE C 133 35.11 23.08 7.50
CA ILE C 133 36.14 23.99 6.99
C ILE C 133 35.78 24.63 5.64
N GLU C 134 36.28 25.85 5.44
CA GLU C 134 36.10 26.56 4.18
C GLU C 134 37.41 27.26 3.82
N ALA C 135 37.39 27.97 2.70
CA ALA C 135 38.58 28.66 2.25
C ALA C 135 38.20 29.69 1.20
N MET C 136 39.15 30.58 0.91
CA MET C 136 38.95 31.65 -0.06
C MET C 136 40.28 31.99 -0.71
N ALA C 137 40.31 31.97 -2.03
CA ALA C 137 41.55 32.16 -2.79
C ALA C 137 41.64 33.59 -3.29
N TYR C 138 42.80 34.22 -3.09
CA TYR C 138 43.03 35.60 -3.49
C TYR C 138 44.14 35.69 -4.52
N ARG C 139 44.13 36.77 -5.28
CA ARG C 139 45.25 37.09 -6.17
C ARG C 139 46.29 37.88 -5.41
N ALA C 140 47.48 37.98 -5.99
CA ALA C 140 48.57 38.67 -5.31
C ALA C 140 48.51 40.17 -5.52
N ASP C 141 47.31 40.73 -5.35
CA ASP C 141 47.11 42.16 -5.14
C ASP C 141 46.05 42.45 -4.10
N GLY C 142 45.25 41.47 -3.70
CA GLY C 142 44.19 41.67 -2.72
C GLY C 142 42.81 41.45 -3.30
N THR C 143 42.73 40.80 -4.45
CA THR C 143 41.49 40.61 -5.18
C THR C 143 41.06 39.15 -5.08
N VAL C 144 39.76 38.94 -4.92
CA VAL C 144 39.21 37.59 -4.75
C VAL C 144 39.11 36.90 -6.10
N ILE C 145 39.40 35.60 -6.13
CA ILE C 145 39.23 34.80 -7.32
C ILE C 145 37.96 33.98 -7.19
N LYS C 146 37.92 33.09 -6.19
CA LYS C 146 36.77 32.24 -5.97
C LYS C 146 36.92 31.58 -4.61
N ALA C 147 35.80 31.16 -4.04
CA ALA C 147 35.80 30.52 -2.73
C ALA C 147 35.85 29.00 -2.89
N LEU C 148 36.20 28.33 -1.80
CA LEU C 148 36.41 26.89 -1.80
C LEU C 148 35.50 26.29 -0.73
N HIS C 149 34.65 25.35 -1.14
CA HIS C 149 33.68 24.73 -0.26
C HIS C 149 33.76 23.21 -0.43
N PRO C 150 33.11 22.45 0.45
CA PRO C 150 33.21 20.99 0.36
C PRO C 150 32.89 20.41 -1.00
N ARG C 151 31.75 20.76 -1.60
CA ARG C 151 31.40 20.19 -2.90
C ARG C 151 31.78 21.09 -4.07
N ASN C 152 32.33 22.26 -3.81
CA ASN C 152 32.72 23.20 -4.85
C ASN C 152 34.15 23.64 -4.54
N HIS C 153 35.13 22.85 -4.98
CA HIS C 153 36.53 23.12 -4.67
C HIS C 153 37.34 23.02 -5.95
N TRP C 154 37.44 24.14 -6.68
CA TRP C 154 38.17 24.22 -7.92
C TRP C 154 38.26 25.69 -8.31
N MET C 155 39.36 26.07 -8.94
CA MET C 155 39.55 27.48 -9.28
C MET C 155 39.99 27.60 -10.72
N PRO C 156 39.35 28.41 -11.52
CA PRO C 156 39.72 28.53 -12.93
C PRO C 156 41.08 29.16 -13.16
N LEU C 157 41.97 28.47 -13.86
CA LEU C 157 43.21 29.07 -14.35
C LEU C 157 43.05 29.54 -15.80
N VAL C 158 42.74 28.62 -16.70
CA VAL C 158 42.53 28.91 -18.11
C VAL C 158 41.18 28.35 -18.50
N SER C 159 40.46 29.09 -19.34
CA SER C 159 39.04 28.83 -19.58
C SER C 159 38.76 28.12 -20.90
N ALA C 160 39.59 27.16 -21.29
CA ALA C 160 39.33 26.30 -22.44
C ALA C 160 39.19 27.08 -23.73
N ASP C 161 39.70 28.32 -23.73
CA ASP C 161 39.62 29.15 -24.92
C ASP C 161 40.89 29.94 -25.17
N GLY C 162 42.01 29.56 -24.54
CA GLY C 162 43.26 30.24 -24.77
C GLY C 162 43.42 31.56 -24.05
N VAL C 163 42.51 31.91 -23.13
CA VAL C 163 42.63 33.12 -22.34
C VAL C 163 42.87 32.72 -20.90
N LYS C 164 43.87 33.34 -20.28
CA LYS C 164 44.32 32.99 -18.95
C LYS C 164 43.82 34.02 -17.95
N ASP C 165 43.78 33.63 -16.68
CA ASP C 165 43.46 34.60 -15.65
C ASP C 165 44.62 35.58 -15.50
N ARG C 166 44.36 36.67 -14.78
CA ARG C 166 45.37 37.69 -14.63
C ARG C 166 46.56 37.21 -13.80
N VAL C 167 46.34 36.21 -12.95
CA VAL C 167 47.43 35.68 -12.13
C VAL C 167 48.06 34.54 -12.94
N VAL C 168 48.82 34.94 -13.95
CA VAL C 168 49.69 34.06 -14.74
C VAL C 168 50.78 34.96 -15.30
N ASN C 169 52.03 34.58 -15.13
CA ASN C 169 53.13 35.36 -15.66
C ASN C 169 53.21 35.17 -17.17
N PRO C 170 54.11 35.86 -17.86
CA PRO C 170 54.33 35.56 -19.28
C PRO C 170 54.64 34.09 -19.56
N ASP C 171 55.38 33.43 -18.67
CA ASP C 171 55.53 31.99 -18.72
C ASP C 171 54.42 31.34 -17.89
N GLY C 172 54.57 30.06 -17.59
CA GLY C 172 53.52 29.41 -16.83
C GLY C 172 53.54 29.62 -15.34
N SER C 173 54.39 30.51 -14.83
CA SER C 173 54.48 30.69 -13.39
C SER C 173 53.25 31.43 -12.87
N PHE C 174 52.82 31.06 -11.65
CA PHE C 174 51.72 31.76 -11.01
C PHE C 174 51.85 31.58 -9.50
N VAL C 175 51.06 32.35 -8.76
CA VAL C 175 51.13 32.38 -7.31
C VAL C 175 49.78 32.77 -6.73
N VAL C 176 49.29 31.97 -5.80
CA VAL C 176 47.96 32.14 -5.23
C VAL C 176 48.08 32.15 -3.71
N TYR C 177 47.28 32.99 -3.06
CA TYR C 177 47.17 32.97 -1.61
C TYR C 177 45.78 32.48 -1.24
N VAL C 178 45.72 31.57 -0.28
CA VAL C 178 44.47 30.94 0.13
C VAL C 178 44.31 31.13 1.63
N GLU C 179 43.23 31.76 2.04
CA GLU C 179 42.89 31.93 3.44
C GLU C 179 41.90 30.85 3.81
N GLY C 180 42.31 29.91 4.67
CA GLY C 180 41.51 28.75 5.00
C GLY C 180 41.05 28.82 6.45
N ALA C 181 39.74 28.68 6.62
CA ALA C 181 39.10 28.74 7.92
C ALA C 181 38.82 27.32 8.39
N TYR C 182 39.46 26.94 9.51
CA TYR C 182 39.37 25.60 10.08
C TYR C 182 38.22 25.52 11.08
N ASN C 183 37.03 25.81 10.58
CA ASN C 183 35.85 25.84 11.45
C ASN C 183 35.46 24.42 11.84
N PRO C 184 35.23 24.14 13.12
CA PRO C 184 34.80 22.80 13.51
C PRO C 184 33.36 22.55 13.11
N ASN C 185 33.01 21.28 13.00
CA ASN C 185 31.64 20.87 12.75
C ASN C 185 30.90 20.74 14.07
N VAL C 186 29.95 21.63 14.30
CA VAL C 186 29.21 21.71 15.55
C VAL C 186 27.91 20.93 15.38
N PRO C 187 27.67 19.90 16.15
CA PRO C 187 26.39 19.19 16.07
C PRO C 187 25.22 20.07 16.46
N SER C 188 24.01 19.76 15.97
CA SER C 188 22.86 20.62 16.23
C SER C 188 22.45 20.55 17.69
N PHE C 189 22.05 19.36 18.15
CA PHE C 189 21.66 19.15 19.54
C PHE C 189 22.53 18.07 20.14
N THR C 190 23.62 18.48 20.79
CA THR C 190 24.54 17.58 21.45
C THR C 190 25.47 18.42 22.31
N VAL C 191 25.68 17.98 23.55
CA VAL C 191 26.57 18.72 24.46
C VAL C 191 27.97 18.73 23.84
N THR C 192 28.58 19.89 23.79
CA THR C 192 29.90 20.04 23.17
C THR C 192 30.59 21.24 23.79
N GLU C 193 31.91 21.28 23.60
CA GLU C 193 32.73 22.38 24.05
C GLU C 193 33.27 23.19 22.88
N LEU C 194 32.72 22.98 21.68
CA LEU C 194 33.32 23.57 20.49
C LEU C 194 32.80 24.98 20.25
N GLY C 195 31.56 25.26 20.64
CA GLY C 195 30.98 26.55 20.38
C GLY C 195 31.21 27.58 21.47
N THR C 196 32.39 27.58 22.07
CA THR C 196 32.69 28.50 23.17
C THR C 196 33.77 29.51 22.78
N LYS C 197 34.92 29.07 22.30
CA LYS C 197 36.05 29.95 22.08
C LYS C 197 37.09 29.19 21.29
N PRO C 198 38.03 29.89 20.64
CA PRO C 198 39.14 29.18 19.99
C PRO C 198 39.91 28.29 20.96
N THR C 199 39.98 27.00 20.65
CA THR C 199 40.63 26.05 21.53
C THR C 199 42.14 26.01 21.32
N GLY C 200 42.58 26.14 20.07
CA GLY C 200 43.97 25.97 19.75
C GLY C 200 44.37 24.54 19.44
N LYS C 201 43.42 23.63 19.40
CA LYS C 201 43.67 22.23 19.08
C LYS C 201 42.83 21.82 17.89
N ALA C 202 43.30 20.81 17.16
CA ALA C 202 42.59 20.30 15.99
C ALA C 202 41.76 19.11 16.43
N ASP C 203 40.47 19.36 16.70
CA ASP C 203 39.59 18.29 17.17
C ASP C 203 39.24 17.34 16.05
N GLU C 204 38.62 17.84 14.99
CA GLU C 204 38.32 17.04 13.81
C GLU C 204 39.49 17.13 12.85
N ARG C 205 40.07 15.99 12.52
CA ARG C 205 41.26 15.94 11.68
C ARG C 205 40.88 16.09 10.22
N TYR C 206 41.50 17.07 9.56
CA TYR C 206 41.33 17.28 8.12
C TYR C 206 42.71 17.39 7.51
N GLU C 207 42.99 16.54 6.53
CA GLU C 207 44.33 16.39 5.98
C GLU C 207 44.62 17.49 4.98
N PHE C 208 45.83 17.44 4.40
CA PHE C 208 46.16 18.39 3.35
C PHE C 208 46.02 17.79 1.96
N SER C 209 46.74 16.72 1.66
CA SER C 209 46.49 15.88 0.49
C SER C 209 46.62 16.63 -0.85
N SER C 210 47.73 17.32 -1.08
CA SER C 210 48.25 17.53 -2.44
C SER C 210 47.27 18.30 -3.35
N ILE C 211 47.14 19.61 -3.08
CA ILE C 211 46.58 20.52 -4.06
C ILE C 211 47.24 20.29 -5.42
N ASP C 212 46.45 20.33 -6.49
CA ASP C 212 47.03 19.95 -7.79
C ASP C 212 46.38 20.75 -8.92
N ILE C 213 46.81 20.47 -10.15
CA ILE C 213 46.34 21.13 -11.36
C ILE C 213 45.71 20.09 -12.27
N ALA C 214 44.59 20.44 -12.90
CA ALA C 214 43.84 19.46 -13.67
C ALA C 214 43.26 20.08 -14.92
N ALA C 215 43.14 19.26 -15.96
CA ALA C 215 42.43 19.63 -17.17
C ALA C 215 41.01 19.07 -17.11
N LEU C 216 40.05 19.87 -17.54
CA LEU C 216 38.65 19.51 -17.46
C LEU C 216 38.16 19.00 -18.81
N ASP C 217 37.46 17.86 -18.80
CA ASP C 217 36.88 17.28 -19.99
C ASP C 217 35.39 17.58 -20.01
N GLN C 218 34.96 18.39 -20.98
CA GLN C 218 33.57 18.82 -20.99
C GLN C 218 32.65 17.71 -21.49
N ASP C 219 33.16 16.82 -22.34
CA ASP C 219 32.29 15.78 -22.90
C ASP C 219 31.96 14.72 -21.86
N MET C 220 32.98 14.23 -21.15
CA MET C 220 32.71 13.31 -20.05
C MET C 220 31.81 13.96 -19.01
N PHE C 221 31.95 15.28 -18.84
CA PHE C 221 31.16 15.97 -17.82
C PHE C 221 29.70 16.06 -18.26
N ASP C 222 29.46 16.34 -19.54
CA ASP C 222 28.10 16.29 -20.08
C ASP C 222 27.52 14.89 -19.98
N TYR C 223 28.33 13.87 -20.23
CA TYR C 223 27.83 12.50 -20.15
C TYR C 223 27.44 12.16 -18.73
N TRP C 224 28.25 12.54 -17.75
CA TRP C 224 27.90 12.32 -16.36
C TRP C 224 26.62 13.05 -16.00
N ALA C 225 26.46 14.28 -16.48
CA ALA C 225 25.24 15.02 -16.19
C ALA C 225 24.02 14.33 -16.76
N ASP C 226 24.12 13.83 -18.01
CA ASP C 226 23.00 13.14 -18.62
C ASP C 226 22.65 11.87 -17.86
N LEU C 227 23.66 11.09 -17.49
CA LEU C 227 23.42 9.90 -16.67
C LEU C 227 22.71 10.28 -15.38
N ASP C 228 23.21 11.31 -14.69
CA ASP C 228 22.60 11.73 -13.43
C ASP C 228 21.14 12.11 -13.61
N VAL C 229 20.84 12.88 -14.65
CA VAL C 229 19.47 13.26 -14.91
C VAL C 229 18.61 12.04 -15.16
N VAL C 230 19.10 11.10 -15.95
CA VAL C 230 18.28 9.94 -16.33
C VAL C 230 18.09 9.01 -15.14
N THR C 231 19.16 8.65 -14.47
CA THR C 231 19.05 7.65 -13.41
C THR C 231 18.27 8.16 -12.20
N GLY C 232 18.21 9.47 -11.99
CA GLY C 232 17.42 9.99 -10.89
C GLY C 232 15.94 10.05 -11.17
N SER C 233 15.55 9.89 -12.44
CA SER C 233 14.15 9.89 -12.81
C SER C 233 13.52 8.51 -12.71
N LEU C 234 14.32 7.46 -12.53
CA LEU C 234 13.75 6.12 -12.44
C LEU C 234 13.26 5.83 -11.04
N GLU C 235 13.82 6.49 -10.04
CA GLU C 235 13.33 6.35 -8.68
C GLU C 235 12.00 7.00 -8.44
N ASN C 236 11.58 7.91 -9.33
CA ASN C 236 10.42 8.73 -9.07
C ASN C 236 9.28 8.50 -10.05
N MET C 237 9.51 7.81 -11.15
CA MET C 237 8.45 7.44 -12.05
C MET C 237 7.79 6.15 -11.57
N ASN C 238 6.66 5.83 -12.19
CA ASN C 238 5.98 4.57 -11.95
C ASN C 238 6.12 3.68 -13.17
N ASP C 239 6.15 2.37 -12.93
CA ASP C 239 6.26 1.42 -14.03
C ASP C 239 4.92 1.20 -14.72
N ALA C 240 4.31 2.28 -15.12
CA ALA C 240 3.06 2.21 -15.87
C ALA C 240 3.11 3.01 -17.15
N ASP C 241 3.81 4.12 -17.17
CA ASP C 241 4.00 4.83 -18.41
C ASP C 241 5.12 4.13 -19.19
N PRO C 242 5.03 4.03 -20.50
CA PRO C 242 6.13 3.42 -21.24
C PRO C 242 7.41 4.22 -21.19
N ARG C 243 7.40 5.44 -20.66
CA ARG C 243 8.65 6.18 -20.54
C ARG C 243 9.57 5.56 -19.50
N TYR C 244 9.01 5.02 -18.42
CA TYR C 244 9.83 4.36 -17.42
C TYR C 244 10.65 3.24 -18.03
N TRP C 245 10.10 2.55 -19.03
CA TRP C 245 10.79 1.43 -19.64
C TRP C 245 11.65 1.85 -20.81
N LYS C 246 11.23 2.87 -21.55
CA LYS C 246 12.06 3.36 -22.65
C LYS C 246 13.29 4.09 -22.13
N LEU C 247 13.20 4.61 -20.90
CA LEU C 247 14.38 5.18 -20.26
C LEU C 247 15.32 4.10 -19.77
N ALA C 248 14.78 3.16 -18.99
CA ALA C 248 15.63 2.16 -18.36
C ALA C 248 16.26 1.23 -19.38
N LYS C 249 15.79 1.29 -20.63
CA LYS C 249 16.45 0.54 -21.69
C LYS C 249 17.63 1.30 -22.24
N ALA C 250 17.47 2.61 -22.45
CA ALA C 250 18.56 3.42 -22.98
C ALA C 250 19.68 3.56 -21.97
N MET C 251 19.34 3.69 -20.70
CA MET C 251 20.36 3.70 -19.65
C MET C 251 21.18 2.43 -19.69
N GLN C 252 20.54 1.30 -19.97
CA GLN C 252 21.27 0.03 -20.00
C GLN C 252 22.11 -0.09 -21.25
N ARG C 253 21.59 0.38 -22.39
CA ARG C 253 22.35 0.27 -23.63
C ARG C 253 23.59 1.14 -23.61
N SER C 254 23.54 2.26 -22.88
CA SER C 254 24.67 3.19 -22.88
C SER C 254 25.82 2.65 -22.04
N ILE C 255 25.56 2.32 -20.79
CA ILE C 255 26.63 1.84 -19.91
C ILE C 255 27.17 0.50 -20.35
N ASN C 256 26.47 -0.22 -21.22
CA ASN C 256 27.01 -1.41 -21.85
C ASN C 256 27.92 -1.09 -23.02
N LEU C 257 28.13 0.19 -23.32
CA LEU C 257 28.85 0.59 -24.51
C LEU C 257 30.06 1.46 -24.19
N TRP C 258 30.19 1.93 -22.96
CA TRP C 258 31.26 2.84 -22.57
C TRP C 258 32.37 2.04 -21.91
N ASP C 259 33.54 2.01 -22.56
CA ASP C 259 34.70 1.30 -22.05
C ASP C 259 35.78 2.32 -21.73
N GLU C 260 36.09 2.48 -20.45
CA GLU C 260 36.98 3.55 -20.03
C GLU C 260 38.42 3.34 -20.49
N LYS C 261 38.69 2.27 -21.21
CA LYS C 261 40.01 2.03 -21.79
C LYS C 261 40.04 2.26 -23.29
N ASP C 262 38.99 2.88 -23.84
CA ASP C 262 38.95 3.22 -25.26
C ASP C 262 38.10 4.46 -25.39
N TYR C 263 38.75 5.63 -25.46
CA TYR C 263 38.03 6.90 -25.43
C TYR C 263 37.05 7.03 -26.58
N ASN C 264 37.33 6.40 -27.72
CA ASN C 264 36.46 6.56 -28.88
C ASN C 264 35.07 6.00 -28.63
N THR C 265 34.91 5.17 -27.61
CA THR C 265 33.59 4.64 -27.30
C THR C 265 32.70 5.65 -26.62
N LEU C 266 33.28 6.72 -26.04
CA LEU C 266 32.46 7.72 -25.38
C LEU C 266 31.43 8.31 -26.33
N ALA C 267 31.87 8.71 -27.54
CA ALA C 267 30.94 9.25 -28.51
C ALA C 267 29.86 8.25 -28.88
N LEU C 268 30.16 6.95 -28.78
CA LEU C 268 29.13 5.95 -29.06
C LEU C 268 28.14 5.86 -27.92
N ALA C 269 28.57 6.07 -26.68
CA ALA C 269 27.69 5.89 -25.53
C ALA C 269 26.70 7.04 -25.41
N ARG C 270 27.12 8.25 -25.76
CA ARG C 270 26.23 9.39 -25.64
C ARG C 270 25.09 9.31 -26.64
N LYS C 271 25.37 8.79 -27.84
CA LYS C 271 24.33 8.70 -28.87
C LYS C 271 23.22 7.76 -28.46
N ALA C 272 23.52 6.75 -27.66
CA ALA C 272 22.47 5.85 -27.19
C ALA C 272 21.58 6.55 -26.18
N LEU C 273 22.16 7.39 -25.32
CA LEU C 273 21.41 8.16 -24.35
C LEU C 273 21.04 9.53 -24.93
N ASP C 274 20.49 9.50 -26.13
CA ASP C 274 19.97 10.68 -26.79
C ASP C 274 18.60 10.45 -27.40
N LYS C 275 18.24 9.20 -27.72
CA LYS C 275 16.92 8.92 -28.25
C LYS C 275 15.83 9.17 -27.23
N VAL C 276 16.18 9.52 -25.99
CA VAL C 276 15.20 9.74 -24.94
C VAL C 276 15.38 11.09 -24.25
N MET C 277 16.46 11.82 -24.54
CA MET C 277 16.69 13.09 -23.85
C MET C 277 15.85 14.21 -24.45
N HIS C 278 15.47 14.09 -25.71
CA HIS C 278 14.71 15.15 -26.38
C HIS C 278 13.29 14.65 -26.61
N ASN C 279 12.45 14.85 -25.58
CA ASN C 279 11.06 14.47 -25.65
C ASN C 279 10.28 15.62 -25.01
N PRO C 280 9.39 16.27 -25.76
CA PRO C 280 8.74 17.47 -25.25
C PRO C 280 7.85 17.14 -24.05
N ALA C 281 7.87 18.03 -23.07
CA ALA C 281 7.12 17.84 -21.84
C ALA C 281 5.63 17.65 -22.13
N ASN C 282 4.93 17.08 -21.16
CA ASN C 282 3.51 16.82 -21.30
C ASN C 282 2.74 18.12 -21.48
N ALA C 283 1.46 17.99 -21.84
CA ALA C 283 0.66 19.18 -22.14
C ALA C 283 0.30 19.94 -20.87
N SER C 284 -0.02 19.23 -19.79
CA SER C 284 -0.53 19.84 -18.58
C SER C 284 0.54 20.06 -17.52
N ALA C 285 1.81 19.83 -17.84
CA ALA C 285 2.86 19.92 -16.84
C ALA C 285 2.97 21.33 -16.29
N MET C 286 3.36 21.42 -15.03
CA MET C 286 3.54 22.71 -14.38
C MET C 286 4.73 23.45 -15.00
N THR C 287 4.91 24.69 -14.56
CA THR C 287 6.05 25.50 -14.96
C THR C 287 6.68 26.10 -13.71
N LEU C 288 7.97 25.84 -13.51
CA LEU C 288 8.69 26.31 -12.35
C LEU C 288 9.68 27.38 -12.73
N THR C 289 9.78 28.39 -11.88
CA THR C 289 10.70 29.50 -12.07
C THR C 289 11.83 29.35 -11.07
N ALA C 290 13.00 28.99 -11.56
CA ALA C 290 14.16 28.67 -10.74
C ALA C 290 15.05 29.88 -10.61
N MET C 291 15.57 30.10 -9.41
CA MET C 291 16.56 31.14 -9.17
C MET C 291 17.54 30.63 -8.13
N GLY C 292 18.80 31.01 -8.28
CA GLY C 292 19.82 30.59 -7.33
C GLY C 292 19.69 31.36 -6.03
N HIS C 293 19.76 30.64 -4.92
CA HIS C 293 19.50 31.25 -3.62
C HIS C 293 20.20 30.45 -2.54
N SER C 294 20.99 31.12 -1.72
CA SER C 294 21.65 30.50 -0.59
C SER C 294 21.30 31.28 0.67
N HIS C 295 20.75 30.59 1.66
CA HIS C 295 20.34 31.21 2.91
C HIS C 295 21.50 31.17 3.88
N ILE C 296 21.83 32.33 4.45
CA ILE C 296 22.91 32.46 5.41
C ILE C 296 22.32 32.89 6.73
N ASP C 297 22.35 32.00 7.72
CA ASP C 297 21.93 32.37 9.06
C ASP C 297 22.99 33.25 9.70
N SER C 298 22.65 34.53 9.91
CA SER C 298 23.61 35.54 10.36
C SER C 298 24.39 35.14 11.60
N ALA C 299 23.81 34.32 12.47
CA ALA C 299 24.56 33.77 13.59
C ALA C 299 23.87 32.53 14.11
N TRP C 300 24.46 31.37 13.86
CA TRP C 300 23.94 30.11 14.37
C TRP C 300 25.01 29.05 14.17
N LEU C 301 25.45 28.39 15.23
CA LEU C 301 26.52 27.39 15.20
C LEU C 301 27.87 27.98 14.79
N TRP C 302 28.03 29.31 14.84
CA TRP C 302 29.33 29.95 14.64
C TRP C 302 29.25 31.36 15.21
N PRO C 303 30.37 31.96 15.57
CA PRO C 303 30.35 33.35 16.05
C PRO C 303 29.96 34.34 14.97
N VAL C 304 29.49 35.52 15.34
CA VAL C 304 29.07 36.50 14.36
C VAL C 304 30.27 37.06 13.61
N ARG C 305 31.48 36.89 14.14
CA ARG C 305 32.67 37.35 13.43
C ARG C 305 32.99 36.46 12.24
N GLU C 306 32.25 35.36 12.09
CA GLU C 306 32.48 34.45 10.96
C GLU C 306 31.50 34.70 9.83
N THR C 307 30.30 35.21 10.12
CA THR C 307 29.29 35.37 9.09
C THR C 307 29.77 36.30 7.98
N GLU C 308 30.60 37.29 8.33
CA GLU C 308 31.08 38.22 7.31
C GLU C 308 31.85 37.49 6.22
N ARG C 309 32.77 36.62 6.61
CA ARG C 309 33.52 35.84 5.65
C ARG C 309 32.60 34.89 4.89
N LYS C 310 31.57 34.37 5.55
CA LYS C 310 30.64 33.48 4.87
C LYS C 310 29.91 34.21 3.75
N VAL C 311 29.46 35.43 4.03
CA VAL C 311 28.82 36.24 2.99
C VAL C 311 29.78 36.49 1.84
N GLY C 312 31.03 36.85 2.17
CA GLY C 312 32.01 37.07 1.12
C GLY C 312 32.20 35.85 0.24
N ARG C 313 32.39 34.69 0.85
CA ARG C 313 32.61 33.47 0.09
C ARG C 313 31.42 33.15 -0.80
N THR C 314 30.21 33.21 -0.24
CA THR C 314 29.03 32.87 -1.02
C THR C 314 28.89 33.80 -2.21
N VAL C 315 29.06 35.11 -2.00
CA VAL C 315 28.91 36.04 -3.11
C VAL C 315 29.95 35.76 -4.19
N SER C 316 31.19 35.51 -3.78
CA SER C 316 32.22 35.23 -4.78
C SER C 316 31.88 33.98 -5.57
N ASN C 317 31.32 32.97 -4.90
CA ASN C 317 30.86 31.78 -5.62
C ASN C 317 29.78 32.13 -6.62
N ALA C 318 28.91 33.07 -6.26
CA ALA C 318 27.78 33.40 -7.13
C ALA C 318 28.24 34.02 -8.44
N LEU C 319 29.28 34.86 -8.39
CA LEU C 319 29.76 35.51 -9.59
C LEU C 319 30.63 34.61 -10.45
N ALA C 320 31.27 33.62 -9.86
CA ALA C 320 32.04 32.65 -10.62
C ALA C 320 31.15 31.66 -11.35
N LEU C 321 29.84 31.70 -11.11
CA LEU C 321 28.89 30.87 -11.82
C LEU C 321 28.11 31.66 -12.86
N MET C 322 28.28 32.97 -12.91
CA MET C 322 27.69 33.79 -13.94
C MET C 322 28.55 33.88 -15.19
N ASP C 323 29.67 33.16 -15.23
CA ASP C 323 30.45 33.02 -16.45
C ASP C 323 30.61 31.58 -16.87
N ILE C 324 29.89 30.65 -16.26
CA ILE C 324 29.76 29.31 -16.79
C ILE C 324 28.61 29.23 -17.78
N ASP C 325 27.58 30.03 -17.56
CA ASP C 325 26.47 30.13 -18.48
C ASP C 325 25.72 31.44 -18.29
N PRO C 326 25.22 32.02 -19.36
CA PRO C 326 24.33 33.17 -19.21
C PRO C 326 22.97 32.75 -18.70
N ASP C 327 22.03 33.69 -18.68
CA ASP C 327 20.65 33.48 -18.25
C ASP C 327 20.52 32.73 -16.92
N PHE C 328 21.51 32.87 -16.04
CA PHE C 328 21.42 32.32 -14.70
C PHE C 328 21.19 33.46 -13.73
N THR C 329 20.19 33.32 -12.87
CA THR C 329 19.79 34.39 -11.97
C THR C 329 20.04 33.97 -10.52
N TYR C 330 20.32 34.95 -9.67
CA TYR C 330 20.68 34.71 -8.28
C TYR C 330 20.08 35.82 -7.42
N VAL C 331 19.46 35.44 -6.30
CA VAL C 331 18.79 36.38 -5.40
C VAL C 331 19.58 36.46 -4.10
N MET C 332 19.44 37.58 -3.40
CA MET C 332 20.13 37.77 -2.13
C MET C 332 19.38 38.78 -1.28
N SER C 333 19.13 38.42 -0.02
CA SER C 333 18.39 39.24 0.92
C SER C 333 19.31 39.89 1.94
N ALA C 334 18.71 40.47 2.99
CA ALA C 334 19.42 40.87 4.21
C ALA C 334 20.48 41.94 3.94
N ALA C 335 19.99 43.16 3.67
CA ALA C 335 20.84 44.32 3.43
C ALA C 335 22.02 44.42 4.39
N GLN C 336 21.89 43.91 5.61
CA GLN C 336 23.04 43.86 6.51
C GLN C 336 24.17 43.06 5.90
N HIS C 337 23.85 41.99 5.16
CA HIS C 337 24.89 41.21 4.51
C HIS C 337 25.57 42.03 3.42
N PHE C 338 24.81 42.83 2.68
CA PHE C 338 25.41 43.71 1.70
C PHE C 338 26.35 44.70 2.36
N ALA C 339 25.96 45.25 3.51
CA ALA C 339 26.83 46.18 4.21
C ALA C 339 28.11 45.50 4.67
N TRP C 340 28.00 44.30 5.24
CA TRP C 340 29.19 43.57 5.65
C TRP C 340 30.10 43.29 4.47
N LEU C 341 29.53 42.96 3.32
CA LEU C 341 30.32 42.75 2.11
C LEU C 341 31.01 44.03 1.64
N GLU C 342 30.35 45.18 1.82
CA GLU C 342 30.91 46.43 1.32
C GLU C 342 32.21 46.77 2.02
N GLU C 343 32.32 46.42 3.30
CA GLU C 343 33.45 46.81 4.13
C GLU C 343 34.64 45.87 3.98
N ARG C 344 34.41 44.59 3.71
CA ARG C 344 35.45 43.58 3.71
C ARG C 344 36.04 43.30 2.34
N HIS C 345 35.24 43.38 1.28
CA HIS C 345 35.70 43.10 -0.07
C HIS C 345 35.26 44.22 -1.01
N PRO C 346 35.95 45.35 -0.99
CA PRO C 346 35.55 46.46 -1.86
C PRO C 346 35.52 46.09 -3.34
N ASP C 347 36.45 45.26 -3.80
CA ASP C 347 36.45 44.87 -5.21
C ASP C 347 35.25 44.00 -5.55
N LEU C 348 34.87 43.10 -4.64
CA LEU C 348 33.73 42.23 -4.87
C LEU C 348 32.41 42.97 -4.82
N PHE C 349 32.41 44.24 -4.40
CA PHE C 349 31.18 45.01 -4.39
C PHE C 349 30.89 45.59 -5.77
N GLU C 350 31.93 46.05 -6.46
CA GLU C 350 31.71 46.65 -7.77
C GLU C 350 31.39 45.61 -8.83
N ARG C 351 31.73 44.34 -8.58
CA ARG C 351 31.32 43.29 -9.50
C ARG C 351 29.84 42.95 -9.31
N VAL C 352 29.34 43.07 -8.08
CA VAL C 352 27.92 42.86 -7.86
C VAL C 352 27.10 43.93 -8.56
N LYS C 353 27.43 45.20 -8.35
CA LYS C 353 26.67 46.28 -8.95
C LYS C 353 26.67 46.19 -10.47
N ALA C 354 27.70 45.59 -11.06
CA ALA C 354 27.72 45.43 -12.50
C ALA C 354 26.67 44.41 -12.94
N ARG C 355 26.39 43.43 -12.08
CA ARG C 355 25.36 42.45 -12.40
C ARG C 355 23.97 42.97 -12.07
N ILE C 356 23.84 43.80 -11.03
CA ILE C 356 22.54 44.35 -10.66
C ILE C 356 21.94 45.12 -11.82
N ALA C 357 22.73 46.00 -12.43
CA ALA C 357 22.24 46.77 -13.56
C ALA C 357 21.94 45.88 -14.75
N GLU C 358 22.62 44.74 -14.84
CA GLU C 358 22.34 43.81 -15.94
C GLU C 358 20.98 43.15 -15.76
N GLY C 359 20.66 42.72 -14.54
CA GLY C 359 19.38 42.12 -14.25
C GLY C 359 19.45 40.67 -13.84
N ARG C 360 20.63 40.09 -13.67
CA ARG C 360 20.74 38.70 -13.27
C ARG C 360 20.94 38.53 -11.77
N PHE C 361 21.38 39.58 -11.08
CA PHE C 361 21.55 39.57 -9.64
C PHE C 361 20.43 40.40 -9.05
N ILE C 362 19.65 39.82 -8.16
CA ILE C 362 18.45 40.47 -7.64
C ILE C 362 18.52 40.55 -6.12
N PRO C 363 18.54 41.74 -5.54
CA PRO C 363 18.33 41.88 -4.09
C PRO C 363 16.83 41.93 -3.81
N VAL C 364 16.39 41.15 -2.83
CA VAL C 364 14.97 40.96 -2.57
C VAL C 364 14.66 41.34 -1.14
N GLY C 365 13.39 41.68 -0.90
CA GLY C 365 12.89 41.84 0.44
C GLY C 365 13.64 42.85 1.27
N GLY C 366 13.49 44.13 0.97
CA GLY C 366 14.26 45.12 1.69
C GLY C 366 14.04 45.08 3.18
N MET C 367 15.02 44.52 3.90
CA MET C 367 14.98 44.46 5.35
C MET C 367 16.43 44.38 5.81
N TRP C 368 16.67 44.79 7.06
CA TRP C 368 18.04 44.78 7.55
C TRP C 368 18.55 43.36 7.69
N VAL C 369 17.82 42.53 8.43
CA VAL C 369 18.08 41.10 8.51
C VAL C 369 16.75 40.37 8.43
N GLU C 370 16.82 39.06 8.19
CA GLU C 370 15.63 38.23 8.19
C GLU C 370 15.20 38.03 9.64
N SER C 371 14.46 38.99 10.16
CA SER C 371 14.15 39.03 11.59
C SER C 371 13.25 37.88 11.97
N ASP C 372 12.96 37.78 13.26
CA ASP C 372 11.95 36.84 13.72
C ASP C 372 10.58 37.33 13.27
N GLY C 373 9.63 36.41 13.20
CA GLY C 373 8.33 36.74 12.64
C GLY C 373 7.26 37.06 13.65
N THR C 374 7.50 36.82 14.94
CA THR C 374 6.42 37.01 15.90
C THR C 374 6.82 37.80 17.14
N MET C 375 8.08 37.72 17.56
CA MET C 375 8.45 38.32 18.84
C MET C 375 8.66 39.82 18.78
N PRO C 376 9.39 40.40 17.82
CA PRO C 376 9.62 41.84 17.84
C PRO C 376 8.32 42.63 17.83
N CYS C 377 8.38 43.84 18.37
CA CYS C 377 7.17 44.65 18.40
C CYS C 377 6.94 45.26 17.02
N GLY C 378 5.93 46.12 16.94
CA GLY C 378 5.61 46.75 15.67
C GLY C 378 6.69 47.70 15.20
N GLU C 379 7.24 48.48 16.13
CA GLU C 379 8.25 49.45 15.74
C GLU C 379 9.52 48.77 15.27
N SER C 380 9.85 47.61 15.84
CA SER C 380 10.99 46.86 15.35
C SER C 380 10.82 46.51 13.88
N LEU C 381 9.67 45.95 13.51
CA LEU C 381 9.46 45.56 12.13
C LEU C 381 9.45 46.76 11.21
N ILE C 382 8.78 47.83 11.61
CA ILE C 382 8.75 49.02 10.77
C ILE C 382 10.15 49.57 10.56
N ARG C 383 10.96 49.60 11.61
CA ARG C 383 12.31 50.15 11.49
C ARG C 383 13.18 49.24 10.65
N GLN C 384 12.97 47.93 10.73
CA GLN C 384 13.71 47.02 9.86
C GLN C 384 13.41 47.30 8.41
N ILE C 385 12.13 47.37 8.06
CA ILE C 385 11.75 47.66 6.68
C ILE C 385 12.33 48.99 6.24
N SER C 386 12.27 50.00 7.11
CA SER C 386 12.73 51.33 6.71
C SER C 386 14.23 51.35 6.46
N TYR C 387 15.02 50.85 7.41
CA TYR C 387 16.47 50.85 7.22
C TYR C 387 16.87 50.02 6.00
N GLY C 388 16.18 48.92 5.76
CA GLY C 388 16.48 48.13 4.58
C GLY C 388 16.19 48.87 3.28
N LYS C 389 14.98 49.42 3.17
CA LYS C 389 14.63 50.20 1.98
C LYS C 389 15.59 51.35 1.77
N ARG C 390 16.06 51.95 2.87
CA ARG C 390 16.99 53.06 2.75
C ARG C 390 18.34 52.60 2.24
N TYR C 391 18.82 51.45 2.72
CA TYR C 391 20.09 50.95 2.23
C TYR C 391 20.00 50.55 0.77
N PHE C 392 18.94 49.85 0.38
CA PHE C 392 18.78 49.41 -1.01
C PHE C 392 18.63 50.56 -1.99
N LYS C 393 18.44 51.78 -1.52
CA LYS C 393 18.20 52.90 -2.41
C LYS C 393 19.48 53.68 -2.71
N GLU C 394 20.18 54.12 -1.67
CA GLU C 394 21.38 54.90 -1.86
C GLU C 394 22.54 54.08 -2.42
N LYS C 395 22.63 52.79 -2.09
CA LYS C 395 23.74 51.95 -2.53
C LYS C 395 23.46 51.25 -3.86
N LEU C 396 22.43 50.41 -3.89
CA LEU C 396 22.17 49.59 -5.06
C LEU C 396 21.17 50.21 -6.02
N GLY C 397 20.29 51.06 -5.54
CA GLY C 397 19.34 51.70 -6.42
C GLY C 397 18.16 50.84 -6.81
N VAL C 398 17.72 49.95 -5.93
CA VAL C 398 16.61 49.06 -6.22
C VAL C 398 15.49 49.35 -5.23
N VAL C 399 14.27 49.03 -5.62
CA VAL C 399 13.10 49.13 -4.77
C VAL C 399 12.37 47.78 -4.82
N PRO C 400 12.50 46.94 -3.80
CA PRO C 400 11.84 45.64 -3.82
C PRO C 400 10.33 45.77 -3.68
N ASN C 401 9.62 44.71 -4.04
CA ASN C 401 8.16 44.73 -4.09
C ASN C 401 7.55 43.66 -3.19
N GLY C 402 8.36 42.91 -2.48
CA GLY C 402 7.82 41.85 -1.65
C GLY C 402 8.77 41.52 -0.52
N ILE C 403 8.24 40.82 0.47
CA ILE C 403 8.97 40.49 1.69
C ILE C 403 9.47 39.05 1.59
N TRP C 404 10.77 38.86 1.78
CA TRP C 404 11.43 37.57 1.62
C TRP C 404 11.77 37.06 3.01
N LEU C 405 11.04 36.04 3.47
CA LEU C 405 11.20 35.48 4.81
C LEU C 405 10.95 33.98 4.78
N PRO C 406 11.88 33.22 4.24
CA PRO C 406 11.65 31.78 4.10
C PRO C 406 11.80 31.00 5.40
N ASP C 407 12.62 31.51 6.33
CA ASP C 407 12.95 30.80 7.56
C ASP C 407 12.55 31.65 8.75
N SER C 408 11.52 31.19 9.48
CA SER C 408 11.04 31.91 10.65
C SER C 408 10.08 31.02 11.42
N PHE C 409 10.02 31.21 12.73
CA PHE C 409 9.21 30.36 13.62
C PHE C 409 7.79 30.89 13.77
N GLY C 410 7.12 31.13 12.66
CA GLY C 410 5.76 31.61 12.67
C GLY C 410 5.70 33.07 12.31
N TYR C 411 4.49 33.56 12.09
CA TYR C 411 4.31 34.93 11.62
C TYR C 411 3.19 35.57 12.42
N THR C 412 3.38 36.86 12.70
CA THR C 412 2.65 37.49 13.79
C THR C 412 1.16 37.63 13.48
N GLY C 413 0.82 37.87 12.22
CA GLY C 413 -0.55 38.16 11.85
C GLY C 413 -0.84 39.63 11.68
N ALA C 414 0.03 40.50 12.17
CA ALA C 414 0.01 41.91 11.83
C ALA C 414 0.86 42.21 10.61
N TRP C 415 1.50 41.20 10.05
CA TRP C 415 2.36 41.39 8.89
C TRP C 415 1.63 41.93 7.66
N PRO C 416 0.44 41.44 7.28
CA PRO C 416 -0.16 41.94 6.04
C PRO C 416 -0.37 43.44 6.02
N GLN C 417 -0.85 44.02 7.12
CA GLN C 417 -1.10 45.46 7.14
C GLN C 417 0.20 46.24 7.02
N ILE C 418 1.20 45.86 7.80
CA ILE C 418 2.48 46.56 7.75
C ILE C 418 3.08 46.47 6.35
N ALA C 419 3.02 45.29 5.75
CA ALA C 419 3.57 45.11 4.41
C ALA C 419 2.83 45.97 3.39
N LYS C 420 1.50 45.95 3.42
CA LYS C 420 0.75 46.70 2.42
C LYS C 420 0.94 48.20 2.61
N ARG C 421 1.01 48.66 3.86
CA ARG C 421 1.18 50.09 4.09
C ARG C 421 2.63 50.52 3.95
N SER C 422 3.54 49.58 3.73
CA SER C 422 4.93 49.90 3.47
C SER C 422 5.29 49.81 2.00
N GLY C 423 4.31 49.68 1.11
CA GLY C 423 4.57 49.65 -0.31
C GLY C 423 4.79 48.28 -0.92
N TYR C 424 4.58 47.22 -0.15
CA TYR C 424 4.87 45.89 -0.66
C TYR C 424 3.66 45.29 -1.38
N SER C 425 3.93 44.26 -2.17
CA SER C 425 2.89 43.67 -3.02
C SER C 425 2.69 42.18 -2.79
N TRP C 426 3.73 41.45 -2.39
CA TRP C 426 3.60 40.02 -2.15
C TRP C 426 4.45 39.61 -0.97
N PHE C 427 4.41 38.32 -0.64
CA PHE C 427 5.03 37.81 0.57
C PHE C 427 5.48 36.37 0.30
N LEU C 428 6.58 35.95 0.92
CA LEU C 428 7.16 34.63 0.67
C LEU C 428 7.51 33.95 1.99
N THR C 429 7.11 32.70 2.13
CA THR C 429 7.43 31.89 3.31
C THR C 429 7.56 30.43 2.90
N GLN C 430 8.35 29.66 3.64
CA GLN C 430 8.33 28.22 3.49
C GLN C 430 8.41 27.45 4.80
N LYS C 431 8.79 28.10 5.90
CA LYS C 431 9.10 27.34 7.11
C LYS C 431 7.88 26.68 7.71
N LEU C 432 6.68 27.02 7.27
CA LEU C 432 5.50 26.53 7.96
C LEU C 432 5.17 25.09 7.58
N CYS C 433 6.09 24.41 6.89
CA CYS C 433 5.91 23.01 6.53
C CYS C 433 6.23 22.06 7.67
N TRP C 434 7.04 22.48 8.64
CA TRP C 434 7.49 21.59 9.70
C TRP C 434 6.46 21.39 10.79
N ASN C 435 5.24 21.91 10.62
CA ASN C 435 4.21 21.73 11.64
C ASN C 435 4.05 20.26 11.99
N ASP C 436 3.83 19.99 13.27
CA ASP C 436 3.86 18.61 13.72
C ASP C 436 2.54 17.90 13.47
N THR C 437 1.44 18.66 13.36
CA THR C 437 0.13 18.06 13.26
C THR C 437 -0.55 18.34 11.93
N THR C 438 -0.74 19.60 11.57
CA THR C 438 -1.61 19.95 10.46
C THR C 438 -0.82 20.50 9.28
N ARG C 439 -1.33 20.24 8.09
CA ARG C 439 -0.81 20.84 6.86
C ARG C 439 -1.77 21.92 6.40
N LEU C 440 -1.24 23.04 5.96
CA LEU C 440 -2.09 24.12 5.47
C LEU C 440 -2.77 23.69 4.19
N PRO C 441 -3.94 24.26 3.87
CA PRO C 441 -4.67 23.78 2.68
C PRO C 441 -4.01 24.15 1.37
N HIS C 442 -3.47 25.36 1.23
CA HIS C 442 -3.05 25.87 -0.06
C HIS C 442 -1.63 26.40 0.01
N HIS C 443 -0.97 26.47 -1.14
CA HIS C 443 0.37 27.03 -1.27
C HIS C 443 0.37 28.47 -1.71
N SER C 444 -0.51 28.83 -2.64
CA SER C 444 -0.69 30.22 -3.07
C SER C 444 -2.04 30.69 -2.57
N PHE C 445 -2.08 31.82 -1.88
CA PHE C 445 -3.34 32.25 -1.30
C PHE C 445 -3.27 33.74 -0.96
N MET C 446 -4.39 34.26 -0.47
CA MET C 446 -4.51 35.64 -0.04
C MET C 446 -4.57 35.67 1.48
N TRP C 447 -3.57 36.29 2.09
CA TRP C 447 -3.44 36.33 3.53
C TRP C 447 -3.97 37.66 4.03
N GLU C 448 -5.00 37.61 4.88
CA GLU C 448 -5.64 38.79 5.42
C GLU C 448 -5.36 38.86 6.91
N GLY C 449 -4.91 40.01 7.38
CA GLY C 449 -4.55 40.18 8.77
C GLY C 449 -5.75 40.48 9.63
N VAL C 450 -5.46 41.01 10.82
CA VAL C 450 -6.54 41.39 11.73
C VAL C 450 -7.21 42.67 11.25
N ASP C 451 -6.46 43.57 10.62
CA ASP C 451 -7.03 44.82 10.14
C ASP C 451 -8.02 44.57 9.01
N GLY C 452 -7.61 43.79 8.01
CA GLY C 452 -8.46 43.54 6.86
C GLY C 452 -7.71 43.65 5.56
N SER C 453 -6.51 44.21 5.61
CA SER C 453 -5.68 44.29 4.41
C SER C 453 -5.16 42.90 4.06
N GLN C 454 -5.00 42.65 2.77
CA GLN C 454 -4.63 41.33 2.28
C GLN C 454 -3.39 41.42 1.42
N ILE C 455 -2.59 40.37 1.44
CA ILE C 455 -1.33 40.29 0.72
C ILE C 455 -1.26 38.92 0.06
N PHE C 456 -0.70 38.86 -1.15
CA PHE C 456 -0.60 37.58 -1.83
C PHE C 456 0.61 36.82 -1.30
N THR C 457 0.40 35.59 -0.87
CA THR C 457 1.45 34.79 -0.24
C THR C 457 1.62 33.48 -1.00
N HIS C 458 2.84 32.97 -1.02
CA HIS C 458 3.20 31.75 -1.73
C HIS C 458 4.19 30.94 -0.93
N PHE C 459 3.96 29.63 -0.84
CA PHE C 459 5.01 28.76 -0.32
C PHE C 459 5.70 28.07 -1.49
N PRO C 460 7.01 27.98 -1.52
CA PRO C 460 7.67 27.14 -2.51
C PRO C 460 7.30 25.68 -2.28
N PRO C 461 6.71 25.04 -3.29
CA PRO C 461 6.18 23.68 -3.07
C PRO C 461 7.23 22.65 -2.75
N ALA C 462 8.51 22.95 -2.98
CA ALA C 462 9.56 21.98 -2.66
C ALA C 462 9.72 21.78 -1.17
N ASP C 463 8.99 22.54 -0.35
CA ASP C 463 9.02 22.41 1.10
C ASP C 463 10.40 22.64 1.69
N LYS C 464 11.26 23.35 0.98
CA LYS C 464 12.59 23.68 1.45
C LYS C 464 13.17 24.73 0.50
N TYR C 465 14.00 25.61 1.07
CA TYR C 465 14.65 26.64 0.26
C TYR C 465 15.95 26.16 -0.37
N ASP C 466 16.63 25.20 0.25
CA ASP C 466 17.89 24.67 -0.26
C ASP C 466 17.60 23.37 -1.00
N SER C 467 17.39 23.47 -2.31
CA SER C 467 17.25 22.30 -3.15
C SER C 467 18.53 22.13 -3.96
N ASP C 468 18.70 20.96 -4.54
CA ASP C 468 19.87 20.67 -5.37
C ASP C 468 19.50 20.44 -6.83
N MET C 469 18.30 20.84 -7.23
CA MET C 469 17.84 20.69 -8.61
C MET C 469 17.94 19.23 -9.06
N SER C 470 17.50 18.33 -8.20
CA SER C 470 17.51 16.91 -8.50
C SER C 470 16.18 16.50 -9.13
N ALA C 471 16.15 15.28 -9.66
CA ALA C 471 14.90 14.75 -10.15
C ALA C 471 13.92 14.50 -9.02
N ASN C 472 14.44 14.12 -7.84
CA ASN C 472 13.57 13.95 -6.68
C ASN C 472 12.81 15.24 -6.40
N ASP C 473 13.48 16.38 -6.52
CA ASP C 473 12.82 17.64 -6.20
C ASP C 473 11.78 18.01 -7.25
N MET C 474 12.04 17.71 -8.51
CA MET C 474 11.01 17.94 -9.53
C MET C 474 9.79 17.09 -9.27
N ALA C 475 10.00 15.78 -9.09
CA ALA C 475 8.89 14.89 -8.79
C ALA C 475 8.12 15.36 -7.57
N TYR C 476 8.81 15.78 -6.52
CA TYR C 476 8.13 16.21 -5.32
C TYR C 476 7.35 17.50 -5.54
N VAL C 477 7.97 18.48 -6.20
CA VAL C 477 7.30 19.74 -6.44
C VAL C 477 6.00 19.53 -7.20
N GLN C 478 6.04 18.71 -8.25
CA GLN C 478 4.83 18.56 -9.04
C GLN C 478 3.80 17.68 -8.35
N SER C 479 4.24 16.75 -7.51
CA SER C 479 3.33 15.82 -6.86
C SER C 479 2.88 16.28 -5.49
N ASN C 480 3.39 17.41 -5.00
CA ASN C 480 2.98 17.95 -3.72
C ASN C 480 2.23 19.26 -3.82
N TYR C 481 2.40 20.02 -4.90
CA TYR C 481 1.76 21.31 -5.05
C TYR C 481 0.26 21.20 -4.81
N LYS C 482 -0.24 22.02 -3.89
CA LYS C 482 -1.57 21.87 -3.33
C LYS C 482 -2.64 22.64 -4.09
N ASP C 483 -2.31 23.27 -5.21
CA ASP C 483 -3.29 24.02 -5.97
C ASP C 483 -3.14 23.76 -7.46
N LYS C 484 -2.98 22.49 -7.84
CA LYS C 484 -2.70 22.14 -9.22
C LYS C 484 -3.90 22.31 -10.13
N ASP C 485 -5.08 22.62 -9.60
CA ASP C 485 -6.26 22.70 -10.44
C ASP C 485 -6.46 24.10 -11.01
N LEU C 486 -5.85 25.12 -10.43
CA LEU C 486 -6.12 26.48 -10.84
C LEU C 486 -4.91 27.39 -10.87
N SER C 487 -3.71 26.88 -10.62
CA SER C 487 -2.52 27.70 -10.56
C SER C 487 -1.46 27.32 -11.59
N ASP C 488 -1.12 26.03 -11.66
CA ASP C 488 -0.07 25.44 -12.48
C ASP C 488 1.13 26.36 -12.68
N ARG C 489 1.58 26.98 -11.60
CA ARG C 489 2.73 27.86 -11.63
C ARG C 489 3.32 27.92 -10.22
N GLY C 490 4.63 27.72 -10.13
CA GLY C 490 5.27 27.70 -8.83
C GLY C 490 6.68 28.23 -8.94
N ILE C 491 7.29 28.41 -7.78
CA ILE C 491 8.65 28.90 -7.68
C ILE C 491 9.54 27.77 -7.21
N LEU C 492 10.83 27.87 -7.48
CA LEU C 492 11.77 26.82 -7.12
C LEU C 492 13.13 27.44 -6.83
N LEU C 493 13.55 27.34 -5.57
CA LEU C 493 14.84 27.88 -5.14
C LEU C 493 15.81 26.72 -5.03
N PHE C 494 17.07 26.95 -5.39
CA PHE C 494 18.08 25.92 -5.29
C PHE C 494 19.42 26.53 -4.92
N GLY C 495 20.27 25.68 -4.34
CA GLY C 495 21.56 26.11 -3.82
C GLY C 495 21.83 25.47 -2.48
N TYR C 496 23.06 25.53 -2.00
CA TYR C 496 23.38 25.01 -0.69
C TYR C 496 23.27 26.13 0.32
N GLY C 497 22.33 25.98 1.27
CA GLY C 497 21.98 27.05 2.16
C GLY C 497 22.25 26.72 3.62
N ASP C 498 21.81 27.64 4.48
CA ASP C 498 21.85 27.57 5.93
C ASP C 498 23.26 27.82 6.46
N GLY C 499 24.26 27.77 5.59
CA GLY C 499 25.62 28.13 5.97
C GLY C 499 26.38 28.81 4.86
N GLY C 500 25.70 29.13 3.77
CA GLY C 500 26.37 29.66 2.61
C GLY C 500 26.78 28.56 1.64
N GLY C 501 27.57 28.94 0.65
CA GLY C 501 28.02 28.00 -0.35
C GLY C 501 27.38 28.23 -1.70
N GLY C 502 26.11 28.55 -1.72
CA GLY C 502 25.41 28.84 -2.94
C GLY C 502 25.20 27.62 -3.80
N PRO C 503 24.87 27.82 -5.06
CA PRO C 503 24.73 26.71 -5.99
C PRO C 503 26.07 26.36 -6.63
N ILE C 504 26.16 25.11 -7.09
CA ILE C 504 27.36 24.60 -7.73
C ILE C 504 27.07 24.40 -9.21
N ARG C 505 28.14 24.37 -10.00
CA ARG C 505 27.97 24.29 -11.45
C ARG C 505 27.35 23.00 -11.90
N GLU C 506 27.26 21.99 -11.04
CA GLU C 506 26.54 20.78 -11.38
C GLU C 506 25.05 21.00 -11.41
N MET C 507 24.55 21.93 -10.59
CA MET C 507 23.12 22.21 -10.56
C MET C 507 22.67 22.91 -11.84
N THR C 508 23.48 23.84 -12.34
CA THR C 508 23.09 24.62 -13.50
C THR C 508 23.04 23.77 -14.76
N MET C 509 23.93 22.78 -14.87
CA MET C 509 24.01 22.02 -16.10
C MET C 509 23.05 20.84 -16.07
N ARG C 510 22.44 20.57 -14.92
CA ARG C 510 21.31 19.67 -14.87
C ARG C 510 19.99 20.41 -14.87
N GLU C 511 20.02 21.73 -15.08
CA GLU C 511 18.78 22.47 -15.28
C GLU C 511 18.40 22.48 -16.75
N HIS C 512 19.38 22.60 -17.64
CA HIS C 512 19.11 22.59 -19.06
C HIS C 512 18.58 21.24 -19.53
N ARG C 513 18.79 20.19 -18.76
CA ARG C 513 18.20 18.90 -19.08
C ARG C 513 16.73 18.83 -18.71
N PHE C 514 16.31 19.54 -17.67
CA PHE C 514 14.93 19.51 -17.21
C PHE C 514 14.10 20.62 -17.83
N GLU C 515 14.62 21.27 -18.87
CA GLU C 515 13.86 22.35 -19.52
C GLU C 515 12.55 21.83 -20.09
N SER C 516 12.60 20.75 -20.86
CA SER C 516 11.37 20.10 -21.30
C SER C 516 11.22 18.69 -20.73
N PHE C 517 12.12 17.77 -21.09
CA PHE C 517 12.22 16.45 -20.48
C PHE C 517 10.88 15.81 -20.14
N GLU C 518 10.10 15.44 -21.15
CA GLU C 518 8.80 14.80 -20.93
C GLU C 518 8.83 13.84 -19.76
N GLY C 519 7.88 14.02 -18.85
CA GLY C 519 7.81 13.26 -17.63
C GLY C 519 7.98 14.07 -16.37
N MET C 520 8.38 15.33 -16.49
CA MET C 520 8.72 16.17 -15.36
C MET C 520 8.28 17.61 -15.66
N PRO C 521 8.19 18.46 -14.64
CA PRO C 521 7.73 19.83 -14.88
C PRO C 521 8.70 20.60 -15.75
N LYS C 522 8.15 21.56 -16.50
CA LYS C 522 8.99 22.52 -17.21
C LYS C 522 9.66 23.44 -16.21
N VAL C 523 10.90 23.80 -16.49
CA VAL C 523 11.71 24.61 -15.59
C VAL C 523 12.39 25.70 -16.39
N GLU C 524 12.40 26.91 -15.87
CA GLU C 524 13.11 28.00 -16.52
C GLU C 524 13.55 29.02 -15.48
N TYR C 525 14.58 29.77 -15.82
CA TYR C 525 15.06 30.82 -14.92
C TYR C 525 14.09 31.99 -14.93
N GLY C 526 14.18 32.81 -13.89
CA GLY C 526 13.33 33.98 -13.81
C GLY C 526 13.62 34.77 -12.55
N THR C 527 13.00 35.94 -12.48
CA THR C 527 13.15 36.81 -11.34
C THR C 527 11.91 36.73 -10.47
N PRO C 528 12.01 36.97 -9.16
CA PRO C 528 10.83 36.80 -8.30
C PRO C 528 9.70 37.76 -8.61
N ASP C 529 10.01 39.00 -8.97
CA ASP C 529 8.95 39.99 -9.17
C ASP C 529 8.04 39.60 -10.32
N ASP C 530 8.63 39.14 -11.44
CA ASP C 530 7.82 38.79 -12.60
C ASP C 530 7.00 37.54 -12.33
N PHE C 531 7.60 36.53 -11.71
CA PHE C 531 6.85 35.34 -11.34
C PHE C 531 5.65 35.71 -10.49
N PHE C 532 5.88 36.52 -9.44
CA PHE C 532 4.80 36.84 -8.53
C PHE C 532 3.70 37.63 -9.23
N SER C 533 4.08 38.64 -10.02
CA SER C 533 3.09 39.41 -10.77
C SER C 533 2.21 38.50 -11.60
N LYS C 534 2.82 37.72 -12.52
CA LYS C 534 2.01 36.93 -13.44
C LYS C 534 1.25 35.83 -12.72
N ALA C 535 1.85 35.20 -11.72
CA ALA C 535 1.16 34.13 -11.00
C ALA C 535 -0.08 34.65 -10.29
N GLU C 536 0.07 35.77 -9.57
CA GLU C 536 -1.10 36.33 -8.90
C GLU C 536 -2.17 36.72 -9.90
N THR C 537 -1.79 37.41 -10.97
CA THR C 537 -2.82 37.92 -11.88
C THR C 537 -3.55 36.78 -12.58
N GLU C 538 -2.83 35.71 -12.94
CA GLU C 538 -3.50 34.63 -13.65
C GLU C 538 -4.34 33.79 -12.69
N MET C 539 -3.86 33.56 -11.47
CA MET C 539 -4.67 32.83 -10.49
C MET C 539 -5.94 33.61 -10.15
N LYS C 540 -5.84 34.94 -10.04
CA LYS C 540 -7.03 35.75 -9.85
C LYS C 540 -8.00 35.62 -11.01
N ALA C 541 -7.54 35.95 -12.22
CA ALA C 541 -8.43 35.93 -13.38
C ALA C 541 -8.95 34.55 -13.70
N GLU C 542 -8.37 33.51 -13.12
CA GLU C 542 -8.84 32.15 -13.35
C GLU C 542 -9.82 31.67 -12.29
N ALA C 543 -9.44 31.75 -11.01
CA ALA C 543 -10.27 31.20 -9.94
C ALA C 543 -11.60 31.93 -9.84
N GLY C 544 -11.57 33.25 -9.87
CA GLY C 544 -12.77 34.03 -9.63
C GLY C 544 -12.85 34.41 -8.17
N SER C 545 -14.07 34.54 -7.65
CA SER C 545 -14.23 34.79 -6.22
C SER C 545 -14.25 33.48 -5.44
N GLU C 546 -13.26 32.65 -5.75
CA GLU C 546 -12.99 31.37 -5.12
C GLU C 546 -11.54 31.31 -4.69
N MET C 547 -10.87 32.44 -4.76
CA MET C 547 -9.44 32.53 -4.45
C MET C 547 -9.21 32.10 -3.02
N PRO C 548 -8.30 31.18 -2.76
CA PRO C 548 -8.06 30.74 -1.39
C PRO C 548 -7.66 31.91 -0.51
N ARG C 549 -8.06 31.85 0.76
CA ARG C 549 -7.90 32.96 1.68
C ARG C 549 -7.62 32.41 3.06
N TRP C 550 -6.76 33.10 3.81
CA TRP C 550 -6.44 32.75 5.18
C TRP C 550 -6.45 34.02 6.02
N LYS C 551 -7.32 34.07 7.01
CA LYS C 551 -7.42 35.21 7.91
C LYS C 551 -6.90 34.83 9.29
N GLY C 552 -6.01 35.64 9.82
CA GLY C 552 -5.46 35.38 11.14
C GLY C 552 -3.94 35.32 11.13
N GLU C 553 -3.38 34.56 12.05
CA GLU C 553 -1.94 34.42 12.19
C GLU C 553 -1.52 33.02 11.76
N PHE C 554 -0.23 32.88 11.47
CA PHE C 554 0.33 31.57 11.15
C PHE C 554 0.98 31.02 12.40
N TYR C 555 0.23 30.25 13.17
CA TYR C 555 0.78 29.65 14.38
C TYR C 555 1.70 28.51 13.99
N PHE C 556 2.93 28.54 14.50
CA PHE C 556 3.91 27.52 14.17
C PHE C 556 3.78 26.37 15.17
N GLU C 557 3.35 25.21 14.68
CA GLU C 557 3.12 24.05 15.53
C GLU C 557 4.41 23.30 15.79
N LEU C 558 5.43 23.99 16.30
CA LEU C 558 6.73 23.39 16.57
C LEU C 558 7.60 24.45 17.23
N HIS C 559 8.61 24.00 17.96
CA HIS C 559 9.58 24.87 18.60
C HIS C 559 8.89 25.86 19.55
N ARG C 560 8.20 25.30 20.54
CA ARG C 560 7.46 26.15 21.48
C ARG C 560 8.40 26.82 22.47
N LYS C 561 9.54 26.20 22.76
CA LYS C 561 10.43 26.72 23.78
C LYS C 561 11.24 27.91 23.29
N THR C 562 11.11 28.29 22.02
CA THR C 562 11.85 29.43 21.51
C THR C 562 11.35 30.74 22.09
N LEU C 563 10.18 30.73 22.74
CA LEU C 563 9.69 31.92 23.40
C LEU C 563 10.40 32.19 24.71
N THR C 564 11.07 31.18 25.28
CA THR C 564 11.73 31.36 26.57
C THR C 564 13.10 30.69 26.65
N SER C 565 13.78 30.48 25.53
CA SER C 565 15.00 29.67 25.55
C SER C 565 16.13 30.38 26.28
N GLN C 566 16.51 31.57 25.83
CA GLN C 566 17.55 32.37 26.46
C GLN C 566 16.91 33.65 26.95
N GLN C 567 16.62 33.73 28.25
CA GLN C 567 15.77 34.80 28.75
C GLN C 567 16.44 36.16 28.61
N GLU C 568 17.76 36.23 28.76
CA GLU C 568 18.44 37.52 28.73
C GLU C 568 18.38 38.15 27.35
N MET C 569 18.12 37.35 26.31
CA MET C 569 17.92 37.91 24.98
C MET C 569 16.52 38.51 24.85
N LYS C 570 15.52 37.82 25.38
CA LYS C 570 14.16 38.35 25.31
C LYS C 570 14.02 39.59 26.18
N ARG C 571 14.60 39.56 27.38
CA ARG C 571 14.56 40.75 28.23
C ARG C 571 15.34 41.90 27.61
N GLY C 572 16.41 41.59 26.88
CA GLY C 572 17.19 42.64 26.27
C GLY C 572 16.50 43.27 25.08
N CYS C 573 15.75 42.49 24.30
CA CYS C 573 15.08 43.03 23.13
C CYS C 573 14.02 44.04 23.53
N ARG C 574 13.31 43.78 24.63
CA ARG C 574 12.26 44.70 25.04
C ARG C 574 12.81 45.91 25.77
N LYS C 575 13.73 45.70 26.72
CA LYS C 575 14.21 46.81 27.53
C LYS C 575 14.91 47.86 26.67
N GLU C 576 15.70 47.41 25.68
CA GLU C 576 16.36 48.37 24.80
C GLU C 576 15.34 49.10 23.94
N GLU C 577 14.39 48.39 23.37
CA GLU C 577 13.42 49.01 22.50
C GLU C 577 12.36 49.81 23.25
N SER C 578 12.00 49.40 24.46
CA SER C 578 11.03 50.17 25.23
C SER C 578 11.62 51.47 25.71
N MET C 579 12.94 51.61 25.68
CA MET C 579 13.55 52.86 26.09
C MET C 579 14.07 53.68 24.91
N LEU C 580 14.25 53.07 23.75
CA LEU C 580 14.45 53.85 22.55
C LEU C 580 13.27 54.78 22.34
N ARG C 581 12.07 54.35 22.73
CA ARG C 581 10.90 55.20 22.62
C ARG C 581 11.06 56.46 23.44
N THR C 582 11.46 56.31 24.70
CA THR C 582 11.68 57.47 25.56
C THR C 582 12.77 58.37 24.99
N VAL C 583 13.89 57.79 24.58
CA VAL C 583 15.01 58.59 24.11
C VAL C 583 14.63 59.37 22.86
N GLU C 584 13.86 58.77 21.97
CA GLU C 584 13.46 59.47 20.75
C GLU C 584 12.41 60.53 21.05
N TYR C 585 11.52 60.27 22.01
CA TYR C 585 10.55 61.28 22.38
C TYR C 585 11.23 62.49 23.01
N LEU C 586 12.24 62.26 23.85
CA LEU C 586 12.94 63.37 24.46
C LEU C 586 13.66 64.22 23.43
N GLY C 587 14.15 63.59 22.36
CA GLY C 587 14.78 64.36 21.30
C GLY C 587 13.79 65.28 20.61
N VAL C 588 12.52 64.91 20.59
CA VAL C 588 11.50 65.80 20.04
C VAL C 588 11.21 66.94 21.00
N VAL C 589 11.04 66.62 22.28
CA VAL C 589 10.72 67.65 23.26
C VAL C 589 11.87 68.62 23.43
N ALA C 590 13.10 68.12 23.40
CA ALA C 590 14.25 68.99 23.57
C ALA C 590 14.56 69.79 22.32
N SER C 591 14.21 69.31 21.14
CA SER C 591 14.45 70.05 19.91
C SER C 591 13.37 71.09 19.65
N LEU C 592 12.37 71.18 20.49
CA LEU C 592 11.38 72.24 20.42
C LEU C 592 11.59 73.29 21.50
N GLU C 593 12.15 72.91 22.63
CA GLU C 593 12.36 73.84 23.73
C GLU C 593 13.64 74.65 23.57
N SER C 594 14.79 73.98 23.53
CA SER C 594 16.07 74.65 23.47
C SER C 594 16.43 74.99 22.04
N ALA C 595 16.83 76.24 21.81
CA ALA C 595 17.06 76.71 20.45
C ALA C 595 18.31 76.14 19.81
N ASP C 596 19.24 75.60 20.59
CA ASP C 596 20.46 74.97 20.07
C ASP C 596 20.70 73.66 20.79
N TYR C 597 20.36 72.56 20.12
CA TYR C 597 20.56 71.23 20.65
C TYR C 597 20.62 70.26 19.48
N VAL C 598 21.77 69.65 19.27
CA VAL C 598 21.99 68.76 18.14
C VAL C 598 21.55 67.36 18.51
N TYR C 599 20.55 66.85 17.81
CA TYR C 599 20.04 65.52 18.06
C TYR C 599 20.99 64.50 17.46
N PRO C 600 21.53 63.58 18.26
CA PRO C 600 22.57 62.68 17.74
C PRO C 600 22.03 61.60 16.81
N THR C 601 21.87 61.93 15.53
CA THR C 601 21.29 60.97 14.59
C THR C 601 22.15 59.73 14.44
N GLU C 602 23.47 59.90 14.31
CA GLU C 602 24.31 58.76 13.95
C GLU C 602 24.42 57.75 15.09
N ARG C 603 24.55 58.22 16.33
CA ARG C 603 24.58 57.29 17.44
C ARG C 603 23.32 56.47 17.52
N ILE C 604 22.17 57.12 17.34
CA ILE C 604 20.89 56.42 17.39
C ILE C 604 20.78 55.43 16.24
N ASP C 605 21.26 55.81 15.05
CA ASP C 605 21.22 54.89 13.92
C ASP C 605 22.08 53.66 14.18
N ARG C 606 23.27 53.85 14.75
CA ARG C 606 24.13 52.72 15.08
C ARG C 606 23.47 51.82 16.10
N ILE C 607 22.85 52.41 17.13
CA ILE C 607 22.19 51.61 18.15
C ILE C 607 21.04 50.82 17.53
N TRP C 608 20.28 51.45 16.64
CA TRP C 608 19.15 50.77 16.03
C TRP C 608 19.61 49.61 15.16
N LYS C 609 20.67 49.82 14.36
CA LYS C 609 21.17 48.73 13.54
C LYS C 609 21.70 47.59 14.39
N THR C 610 22.43 47.92 15.46
CA THR C 610 22.91 46.88 16.36
C THR C 610 21.75 46.10 16.95
N LEU C 611 20.66 46.78 17.27
CA LEU C 611 19.49 46.09 17.82
C LEU C 611 18.88 45.17 16.78
N LEU C 612 18.62 45.69 15.58
CA LEU C 612 17.99 44.88 14.55
C LEU C 612 18.84 43.70 14.15
N LEU C 613 20.14 43.73 14.41
CA LEU C 613 20.95 42.56 14.14
C LEU C 613 20.75 41.45 15.15
N SER C 614 20.36 41.77 16.38
CA SER C 614 20.15 40.76 17.41
C SER C 614 18.72 40.27 17.44
N GLN C 615 17.96 40.51 16.38
CA GLN C 615 16.61 39.96 16.25
C GLN C 615 16.53 38.97 15.10
N PHE C 616 17.66 38.47 14.64
CA PHE C 616 17.68 37.44 13.62
C PHE C 616 16.92 36.21 14.08
N HIS C 617 16.56 35.35 13.14
CA HIS C 617 15.70 34.21 13.45
C HIS C 617 16.45 33.07 14.09
N ASP C 618 17.61 33.35 14.70
CA ASP C 618 18.42 32.32 15.33
C ASP C 618 18.93 32.74 16.69
N ILE C 619 18.84 34.04 16.98
CA ILE C 619 19.45 34.59 18.17
C ILE C 619 18.42 35.24 19.09
N LEU C 620 17.29 35.70 18.54
CA LEU C 620 16.18 36.06 19.41
C LEU C 620 15.50 34.81 19.97
N PRO C 621 15.24 33.75 19.20
CA PRO C 621 14.76 32.51 19.81
C PRO C 621 15.79 31.89 20.75
N GLY C 622 17.03 32.29 20.62
CA GLY C 622 18.06 31.75 21.48
C GLY C 622 18.34 30.29 21.21
N SER C 623 18.82 29.98 20.03
CA SER C 623 19.13 28.62 19.65
C SER C 623 20.48 28.54 18.94
N ALA C 624 21.41 29.40 19.34
CA ALA C 624 22.75 29.42 18.78
C ALA C 624 23.75 28.98 19.84
N ILE C 625 25.02 28.91 19.44
CA ILE C 625 26.07 28.41 20.31
C ILE C 625 26.31 29.39 21.45
N GLU C 626 27.06 28.94 22.46
CA GLU C 626 27.30 29.79 23.63
C GLU C 626 28.05 31.05 23.25
N TRP C 627 28.88 30.98 22.21
CA TRP C 627 29.67 32.14 21.82
C TRP C 627 28.80 33.28 21.31
N ALA C 628 27.79 32.96 20.49
CA ALA C 628 26.98 34.00 19.87
C ALA C 628 26.19 34.79 20.91
N HIS C 629 25.56 34.07 21.84
CA HIS C 629 24.76 34.75 22.86
C HIS C 629 25.64 35.58 23.78
N ARG C 630 26.83 35.08 24.12
CA ARG C 630 27.73 35.84 24.98
C ARG C 630 28.04 37.20 24.38
N VAL C 631 28.36 37.24 23.09
CA VAL C 631 28.62 38.52 22.44
C VAL C 631 27.34 39.35 22.40
N ALA C 632 26.23 38.74 21.98
CA ALA C 632 25.00 39.51 21.86
C ALA C 632 24.50 40.00 23.21
N ARG C 633 24.79 39.25 24.27
CA ARG C 633 24.35 39.67 25.60
C ARG C 633 25.08 40.93 26.05
N GLU C 634 26.41 40.95 25.92
CA GLU C 634 27.15 42.12 26.37
C GLU C 634 26.92 43.33 25.47
N GLU C 635 26.31 43.13 24.30
CA GLU C 635 25.93 44.28 23.49
C GLU C 635 24.73 45.01 24.08
N TYR C 636 23.76 44.24 24.61
CA TYR C 636 22.62 44.84 25.27
C TYR C 636 23.05 45.65 26.47
N ALA C 637 24.04 45.17 27.21
CA ALA C 637 24.54 45.92 28.36
C ALA C 637 25.16 47.23 27.92
N ARG C 638 25.91 47.21 26.82
CA ARG C 638 26.63 48.41 26.40
C ARG C 638 25.67 49.45 25.85
N ASP C 639 24.70 49.03 25.04
CA ASP C 639 23.81 49.99 24.40
C ASP C 639 22.76 50.51 25.38
N LEU C 640 22.38 49.69 26.37
CA LEU C 640 21.53 50.21 27.43
C LEU C 640 22.22 51.35 28.16
N LYS C 641 23.49 51.19 28.50
CA LYS C 641 24.23 52.23 29.18
C LYS C 641 24.37 53.47 28.30
N ALA C 642 24.79 53.30 27.05
CA ALA C 642 24.92 54.44 26.15
C ALA C 642 23.61 55.14 25.90
N LEU C 643 22.49 54.40 25.90
CA LEU C 643 21.20 55.06 25.70
C LEU C 643 20.85 55.96 26.86
N SER C 644 21.06 55.50 28.10
CA SER C 644 20.77 56.38 29.22
C SER C 644 21.93 57.31 29.50
N ASP C 645 22.47 57.90 28.46
CA ASP C 645 23.29 59.09 28.53
C ASP C 645 22.84 60.11 27.50
N ILE C 646 22.35 59.66 26.35
CA ILE C 646 21.59 60.52 25.47
C ILE C 646 20.36 61.06 26.16
N ALA C 647 19.67 60.24 26.96
CA ALA C 647 18.50 60.71 27.67
C ALA C 647 18.86 61.83 28.65
N ARG C 648 19.80 61.57 29.56
CA ARG C 648 20.09 62.57 30.58
C ARG C 648 20.74 63.80 29.97
N ASP C 649 21.37 63.66 28.80
CA ASP C 649 21.96 64.82 28.15
C ASP C 649 20.90 65.64 27.44
N ALA C 650 19.83 65.00 26.99
CA ALA C 650 18.72 65.74 26.42
C ALA C 650 17.88 66.40 27.51
N ILE C 651 17.67 65.70 28.62
CA ILE C 651 16.87 66.27 29.71
C ILE C 651 17.55 67.50 30.28
N ALA C 652 18.89 67.55 30.21
CA ALA C 652 19.61 68.73 30.65
C ALA C 652 19.22 69.94 29.82
N ALA C 653 18.83 69.72 28.56
CA ALA C 653 18.43 70.85 27.71
C ALA C 653 17.04 71.35 28.08
N ILE C 654 16.10 70.44 28.32
CA ILE C 654 14.77 70.87 28.74
C ILE C 654 14.83 71.53 30.11
N ALA C 655 15.79 71.12 30.94
CA ALA C 655 15.89 71.67 32.28
C ALA C 655 16.28 73.14 32.25
N VAL C 656 17.02 73.57 31.24
CA VAL C 656 17.40 74.97 31.15
C VAL C 656 16.39 75.78 30.37
N ALA C 657 15.54 75.13 29.57
CA ALA C 657 14.56 75.88 28.79
C ALA C 657 13.34 76.25 29.64
N ASN C 658 12.95 75.36 30.55
CA ASN C 658 11.84 75.62 31.48
C ASN C 658 12.44 75.58 32.87
N PRO C 659 13.11 76.64 33.30
CA PRO C 659 14.01 76.59 34.45
C PRO C 659 13.33 76.58 35.81
N ASP C 660 12.01 76.74 35.90
CA ASP C 660 11.42 76.82 37.23
C ASP C 660 10.06 76.14 37.36
N VAL C 661 9.70 75.23 36.46
CA VAL C 661 8.37 74.63 36.49
C VAL C 661 8.26 73.59 37.61
N ALA C 662 9.01 72.50 37.52
CA ALA C 662 9.06 71.45 38.53
C ALA C 662 10.03 70.39 38.04
N ARG C 663 10.60 69.65 38.98
CA ARG C 663 11.43 68.50 38.63
C ARG C 663 11.06 67.37 39.58
N ILE C 664 10.94 66.16 39.05
CA ILE C 664 10.62 64.99 39.85
C ILE C 664 11.65 63.91 39.56
N ALA C 665 12.07 63.23 40.62
CA ALA C 665 12.97 62.10 40.49
C ALA C 665 12.14 60.84 40.28
N LYS C 666 12.72 59.88 39.58
CA LYS C 666 12.05 58.62 39.29
C LYS C 666 10.75 58.87 38.52
N ALA C 667 10.87 59.39 37.30
CA ALA C 667 9.71 59.56 36.44
C ALA C 667 9.67 58.47 35.38
N ARG C 668 8.49 58.27 34.79
CA ARG C 668 8.32 57.27 33.75
C ARG C 668 7.35 57.78 32.69
N ILE C 669 7.89 58.12 31.52
CA ILE C 669 7.07 58.54 30.39
C ILE C 669 6.48 57.28 29.77
N SER C 670 5.21 57.03 30.06
CA SER C 670 4.51 55.86 29.56
C SER C 670 3.36 56.32 28.68
N GLN C 671 3.44 55.99 27.39
CA GLN C 671 2.40 56.37 26.46
C GLN C 671 1.06 55.77 26.83
N PHE C 672 0.00 56.55 26.65
CA PHE C 672 -1.37 56.17 26.95
C PHE C 672 -1.55 55.78 28.42
N ALA C 673 -1.45 56.77 29.29
CA ALA C 673 -1.90 56.58 30.66
C ALA C 673 -3.41 56.79 30.74
N ASP C 674 -3.93 56.85 31.96
CA ASP C 674 -5.37 56.96 32.18
C ASP C 674 -5.85 58.41 32.17
N VAL C 675 -4.98 59.37 32.40
CA VAL C 675 -5.34 60.78 32.46
C VAL C 675 -4.51 61.62 31.50
N ASP C 676 -3.20 61.46 31.51
CA ASP C 676 -2.30 62.25 30.68
C ASP C 676 -1.36 61.32 29.93
N PRO C 677 -1.46 61.28 28.61
CA PRO C 677 -0.81 60.20 27.86
C PRO C 677 0.70 60.18 27.98
N TRP C 678 1.38 61.28 27.69
CA TRP C 678 2.84 61.25 27.70
C TRP C 678 3.43 62.14 28.79
N ARG C 679 2.65 62.53 29.78
CA ARG C 679 3.20 63.28 30.90
C ARG C 679 4.08 62.36 31.73
N PRO C 680 5.24 62.82 32.17
CA PRO C 680 6.14 61.99 33.00
C PRO C 680 5.66 61.81 34.43
N ALA C 681 4.79 60.82 34.62
CA ALA C 681 4.33 60.46 35.96
C ALA C 681 5.48 59.97 36.81
N SER C 682 5.30 60.03 38.13
CA SER C 682 6.32 59.68 39.09
C SER C 682 6.05 58.32 39.71
N LEU C 683 6.92 57.92 40.63
CA LEU C 683 6.74 56.64 41.31
C LEU C 683 6.08 56.77 42.67
N VAL C 684 6.21 57.93 43.32
CA VAL C 684 5.48 58.18 44.55
C VAL C 684 3.99 58.13 44.24
N SER C 685 3.29 57.24 44.93
CA SER C 685 1.89 56.97 44.57
C SER C 685 0.98 58.14 44.91
N CYS C 686 1.13 58.73 46.10
CA CYS C 686 0.30 59.85 46.55
C CYS C 686 -1.18 59.45 46.67
N GLY C 687 -1.46 58.50 47.56
CA GLY C 687 -2.81 58.23 48.01
C GLY C 687 -2.85 58.17 49.52
N GLU C 688 -3.93 57.65 50.09
CA GLU C 688 -3.96 57.39 51.53
C GLU C 688 -3.31 56.04 51.83
N PRO C 689 -2.76 55.88 53.03
CA PRO C 689 -1.99 54.67 53.33
C PRO C 689 -2.80 53.40 53.10
N VAL C 690 -2.09 52.27 53.07
CA VAL C 690 -2.68 50.97 52.83
C VAL C 690 -2.69 50.20 54.14
N GLU C 691 -3.88 49.93 54.66
CA GLU C 691 -3.99 49.26 55.95
C GLU C 691 -3.62 47.79 55.83
N VAL C 692 -2.76 47.34 56.74
CA VAL C 692 -2.26 45.96 56.75
C VAL C 692 -2.76 45.31 58.04
N ASN C 693 -3.28 44.10 57.93
CA ASN C 693 -3.87 43.40 59.06
C ASN C 693 -3.22 42.02 59.19
N ARG C 694 -2.08 41.96 59.87
CA ARG C 694 -1.44 40.68 60.13
C ARG C 694 -2.32 39.83 61.02
N ARG C 695 -2.39 38.53 60.69
CA ARG C 695 -3.13 37.57 61.49
C ARG C 695 -2.16 36.62 62.18
N GLU C 696 -2.68 35.91 63.18
CA GLU C 696 -1.83 35.13 64.07
C GLU C 696 -1.34 33.85 63.42
N ASP C 697 -2.05 33.34 62.42
CA ASP C 697 -1.65 32.08 61.81
C ASP C 697 -0.58 32.25 60.73
N GLY C 698 -0.13 33.47 60.49
CA GLY C 698 0.81 33.74 59.43
C GLY C 698 0.23 34.48 58.25
N SER C 699 -1.07 34.38 58.02
CA SER C 699 -1.69 35.07 56.92
C SER C 699 -1.68 36.58 57.17
N ALA C 700 -1.96 37.33 56.11
CA ALA C 700 -2.03 38.78 56.18
C ALA C 700 -3.16 39.26 55.27
N THR C 701 -3.54 40.52 55.43
CA THR C 701 -4.64 41.10 54.66
C THR C 701 -4.27 42.51 54.24
N LEU C 702 -3.93 42.67 52.97
CA LEU C 702 -3.67 43.98 52.37
C LEU C 702 -4.99 44.53 51.87
N ASP C 703 -5.23 45.82 52.05
CA ASP C 703 -6.51 46.43 51.71
C ASP C 703 -6.29 47.91 51.47
N ASN C 704 -6.22 48.30 50.21
CA ASN C 704 -6.21 49.72 49.86
C ASN C 704 -7.65 50.14 49.58
N GLY C 705 -7.83 51.33 49.02
CA GLY C 705 -9.20 51.74 48.75
C GLY C 705 -9.93 50.88 47.74
N LEU C 706 -9.19 50.20 46.86
CA LEU C 706 -9.77 49.63 45.67
C LEU C 706 -9.67 48.11 45.60
N LEU C 707 -8.81 47.49 46.41
CA LEU C 707 -8.68 46.04 46.41
C LEU C 707 -8.58 45.56 47.84
N CYS C 708 -9.00 44.31 48.05
CA CYS C 708 -8.86 43.64 49.35
C CYS C 708 -8.18 42.31 49.09
N VAL C 709 -6.85 42.28 49.24
CA VAL C 709 -6.04 41.10 48.96
C VAL C 709 -5.80 40.37 50.28
N HIS C 710 -5.90 39.05 50.23
CA HIS C 710 -5.67 38.21 51.40
C HIS C 710 -4.60 37.18 51.07
N VAL C 711 -3.40 37.36 51.62
CA VAL C 711 -2.27 36.50 51.34
C VAL C 711 -2.21 35.40 52.38
N ALA C 712 -2.04 34.16 51.92
CA ALA C 712 -2.06 33.01 52.80
C ALA C 712 -0.72 32.88 53.51
N ALA C 713 -0.55 31.79 54.26
CA ALA C 713 0.66 31.63 55.06
C ALA C 713 1.87 31.39 54.20
N ASP C 714 1.67 30.90 52.97
CA ASP C 714 2.77 30.50 52.10
C ASP C 714 2.59 31.22 50.77
N GLY C 715 3.08 32.45 50.69
CA GLY C 715 2.86 33.31 49.54
C GLY C 715 1.42 33.19 49.07
N THR C 716 1.26 33.11 47.76
CA THR C 716 0.04 32.55 47.15
C THR C 716 -1.23 33.23 47.66
N VAL C 717 -1.41 34.47 47.20
CA VAL C 717 -2.69 35.13 47.36
C VAL C 717 -3.81 34.14 47.05
N ASP C 718 -4.76 34.01 47.98
CA ASP C 718 -5.82 33.03 47.85
C ASP C 718 -7.21 33.62 47.76
N SER C 719 -7.34 34.95 47.79
CA SER C 719 -8.61 35.61 47.54
C SER C 719 -8.31 37.06 47.24
N MET C 720 -8.96 37.61 46.23
CA MET C 720 -8.81 39.01 45.88
C MET C 720 -10.19 39.56 45.56
N ILE C 721 -10.59 40.60 46.28
CA ILE C 721 -11.91 41.20 46.12
C ILE C 721 -11.76 42.48 45.32
N ASP C 722 -12.64 42.68 44.35
CA ASP C 722 -12.73 43.93 43.63
C ASP C 722 -13.75 44.82 44.32
N LEU C 723 -13.29 45.63 45.29
CA LEU C 723 -14.20 46.35 46.16
C LEU C 723 -15.10 47.31 45.40
N LYS C 724 -14.75 47.67 44.17
CA LYS C 724 -15.62 48.54 43.40
C LYS C 724 -16.88 47.81 42.96
N SER C 725 -16.73 46.67 42.30
CA SER C 725 -17.87 45.89 41.83
C SER C 725 -18.32 44.83 42.83
N GLY C 726 -17.41 44.26 43.60
CA GLY C 726 -17.78 43.25 44.57
C GLY C 726 -17.76 41.86 44.00
N ARG C 727 -16.72 41.54 43.25
CA ARG C 727 -16.58 40.24 42.63
C ARG C 727 -15.26 39.61 43.07
N GLU C 728 -15.31 38.34 43.44
CA GLU C 728 -14.10 37.57 43.66
C GLU C 728 -13.27 37.52 42.38
N MET C 729 -11.94 37.56 42.54
CA MET C 729 -11.06 37.57 41.38
C MET C 729 -10.17 36.33 41.29
N VAL C 730 -10.26 35.42 42.25
CA VAL C 730 -9.42 34.22 42.28
C VAL C 730 -10.32 33.01 42.21
N ALA C 731 -10.02 32.09 41.28
CA ALA C 731 -10.83 30.91 41.11
C ALA C 731 -10.81 30.06 42.38
N LYS C 732 -11.98 29.62 42.81
CA LYS C 732 -12.11 28.97 44.10
C LYS C 732 -11.24 27.73 44.19
N ASP C 733 -10.78 27.44 45.41
CA ASP C 733 -9.93 26.28 45.70
C ASP C 733 -8.62 26.31 44.91
N HIS C 734 -8.21 27.50 44.50
CA HIS C 734 -6.92 27.69 43.87
C HIS C 734 -6.27 28.92 44.48
N VAL C 735 -4.96 29.03 44.31
CA VAL C 735 -4.17 30.10 44.89
C VAL C 735 -3.35 30.76 43.80
N MET C 736 -3.23 32.07 43.85
CA MET C 736 -2.54 32.84 42.82
C MET C 736 -1.08 33.03 43.23
N GLY C 737 -0.16 32.55 42.42
CA GLY C 737 1.25 32.66 42.71
C GLY C 737 1.97 31.35 42.93
N ARG C 738 1.29 30.23 42.79
CA ARG C 738 1.93 28.94 42.96
C ARG C 738 2.93 28.71 41.85
N TYR C 739 4.13 28.28 42.21
CA TYR C 739 5.17 28.01 41.23
C TYR C 739 5.17 26.54 40.87
N GLU C 740 5.27 26.24 39.58
CA GLU C 740 5.49 24.89 39.11
C GLU C 740 6.88 24.79 38.52
N ILE C 741 7.40 23.58 38.45
CA ILE C 741 8.67 23.29 37.79
C ILE C 741 8.49 22.03 36.95
N LEU C 742 8.52 22.19 35.64
CA LEU C 742 8.31 21.09 34.71
C LEU C 742 9.62 20.36 34.46
N LYS C 743 9.50 19.15 33.94
CA LYS C 743 10.63 18.30 33.64
C LYS C 743 10.65 18.08 32.14
N ASP C 744 11.38 18.92 31.41
CA ASP C 744 11.37 18.89 29.96
C ASP C 744 12.70 18.36 29.45
N GLU C 745 12.67 17.15 28.88
CA GLU C 745 13.83 16.52 28.26
C GLU C 745 13.37 15.99 26.91
N PRO C 746 13.40 16.83 25.88
CA PRO C 746 12.74 16.48 24.62
C PRO C 746 13.50 15.42 23.84
N GLY C 747 12.87 14.96 22.76
CA GLY C 747 13.48 14.01 21.87
C GLY C 747 14.61 14.63 21.09
N VAL C 748 14.28 15.60 20.24
CA VAL C 748 15.28 16.32 19.45
C VAL C 748 15.07 17.80 19.66
N PHE C 749 16.06 18.60 19.23
CA PHE C 749 16.00 20.05 19.29
C PHE C 749 15.79 20.53 20.73
N ASP C 750 16.80 20.24 21.56
CA ASP C 750 16.65 20.47 23.00
C ASP C 750 16.33 21.91 23.32
N ALA C 751 17.07 22.85 22.75
CA ALA C 751 16.84 24.27 23.03
C ALA C 751 15.66 24.84 22.26
N TRP C 752 14.97 24.03 21.46
CA TRP C 752 13.96 24.55 20.55
C TRP C 752 12.54 24.33 21.07
N ASP C 753 12.16 23.09 21.37
CA ASP C 753 10.76 22.77 21.53
C ASP C 753 10.48 22.12 22.89
N VAL C 754 9.20 22.06 23.21
CA VAL C 754 8.68 21.50 24.45
C VAL C 754 7.86 20.26 24.13
N GLU C 755 8.12 19.17 24.83
CA GLU C 755 7.23 18.03 24.80
C GLU C 755 5.89 18.41 25.38
N ARG C 756 4.82 17.77 24.89
CA ARG C 756 3.58 17.85 25.64
C ARG C 756 3.68 17.07 26.95
N ASP C 757 4.55 16.06 26.98
CA ASP C 757 4.72 15.25 28.18
C ASP C 757 5.06 16.10 29.38
N ALA C 758 5.84 17.16 29.19
CA ALA C 758 6.20 18.03 30.30
C ALA C 758 4.99 18.58 31.01
N PHE C 759 3.94 18.91 30.26
CA PHE C 759 2.76 19.50 30.89
C PHE C 759 2.07 18.52 31.81
N LEU C 760 2.44 17.25 31.76
CA LEU C 760 1.89 16.24 32.64
C LEU C 760 2.71 16.04 33.91
N CYS C 761 3.96 16.47 33.93
CA CYS C 761 4.88 16.10 35.00
C CYS C 761 5.08 17.21 36.03
N ALA C 762 4.46 18.37 35.82
CA ALA C 762 4.75 19.53 36.65
C ALA C 762 4.37 19.29 38.09
N THR C 763 5.19 19.81 39.01
CA THR C 763 4.99 19.67 40.44
C THR C 763 5.02 21.04 41.08
N ALA C 764 3.99 21.37 41.86
CA ALA C 764 3.92 22.66 42.53
C ALA C 764 4.90 22.70 43.69
N LEU C 765 5.30 23.91 44.06
CA LEU C 765 6.19 24.13 45.20
C LEU C 765 5.35 24.54 46.40
N ALA C 766 4.69 23.56 47.01
CA ALA C 766 3.76 23.85 48.09
C ALA C 766 4.45 24.40 49.32
N ASP C 767 5.69 24.00 49.58
CA ASP C 767 6.45 24.56 50.68
C ASP C 767 6.71 26.04 50.42
N GLY C 768 6.80 26.81 51.49
CA GLY C 768 7.05 28.24 51.37
C GLY C 768 6.55 28.96 52.61
N HIS C 769 6.82 30.25 52.65
CA HIS C 769 6.43 31.04 53.80
C HIS C 769 6.59 32.52 53.48
N ILE C 770 5.94 33.35 54.29
CA ILE C 770 6.14 34.79 54.23
C ILE C 770 7.37 35.13 55.06
N VAL C 771 8.32 35.80 54.44
CA VAL C 771 9.54 36.19 55.15
C VAL C 771 9.27 37.49 55.88
N SER C 772 8.65 38.45 55.21
CA SER C 772 8.49 39.77 55.81
C SER C 772 7.19 40.40 55.36
N ILE C 773 6.63 41.23 56.25
CA ILE C 773 5.47 42.05 55.94
C ILE C 773 5.83 43.46 56.38
N GLU C 774 5.69 44.43 55.48
CA GLU C 774 6.05 45.78 55.86
C GLU C 774 5.27 46.80 55.04
N THR C 775 5.45 48.06 55.41
CA THR C 775 4.96 49.19 54.64
C THR C 775 6.14 50.11 54.36
N THR C 776 5.96 51.01 53.42
CA THR C 776 7.04 51.89 53.00
C THR C 776 6.66 53.34 53.23
N ALA C 777 7.52 54.24 52.74
CA ALA C 777 7.35 55.65 53.02
C ALA C 777 6.15 56.22 52.29
N ASP C 778 5.97 55.84 51.01
CA ASP C 778 4.84 56.35 50.24
C ASP C 778 3.52 55.93 50.84
N GLY C 779 3.43 54.69 51.33
CA GLY C 779 2.21 54.21 51.93
C GLY C 779 1.80 52.87 51.38
N SER C 780 2.55 52.37 50.41
CA SER C 780 2.28 51.06 49.84
C SER C 780 2.65 49.96 50.83
N ALA C 781 2.07 48.79 50.64
CA ALA C 781 2.34 47.64 51.49
C ALA C 781 3.09 46.59 50.67
N VAL C 782 4.08 45.95 51.30
CA VAL C 782 4.91 44.96 50.62
C VAL C 782 4.94 43.68 51.46
N ILE C 783 4.96 42.55 50.77
CA ILE C 783 5.10 41.24 51.39
C ILE C 783 6.22 40.52 50.67
N VAL C 784 7.16 39.97 51.43
CA VAL C 784 8.35 39.32 50.90
C VAL C 784 8.29 37.85 51.25
N THR C 785 8.44 37.01 50.23
CA THR C 785 8.24 35.57 50.28
C THR C 785 9.52 34.87 49.84
N LYS C 786 9.68 33.61 50.25
CA LYS C 786 10.79 32.80 49.79
C LYS C 786 10.28 31.42 49.37
N ASN C 787 10.97 30.82 48.41
CA ASN C 787 10.60 29.52 47.87
C ASN C 787 11.84 28.86 47.31
N SER C 788 11.88 27.53 47.37
CA SER C 788 13.09 26.80 46.99
C SER C 788 12.72 25.44 46.41
N TYR C 789 13.52 24.99 45.44
CA TYR C 789 13.40 23.63 44.93
C TYR C 789 14.78 23.03 44.77
N ARG C 790 15.28 22.45 45.84
CA ARG C 790 16.37 21.47 45.84
C ARG C 790 17.74 22.05 45.54
N ASP C 791 17.81 23.20 44.87
CA ASP C 791 19.06 23.96 44.83
C ASP C 791 18.82 25.47 44.77
N ASP C 792 17.73 25.88 44.12
CA ASP C 792 17.56 27.27 43.75
C ASP C 792 16.46 27.92 44.56
N GLU C 793 16.42 29.25 44.50
CA GLU C 793 15.62 30.06 45.41
C GLU C 793 14.81 31.07 44.61
N ILE C 794 13.56 31.25 45.01
CA ILE C 794 12.67 32.23 44.40
C ILE C 794 12.15 33.11 45.52
N SER C 795 12.43 34.39 45.46
CA SER C 795 11.98 35.36 46.45
C SER C 795 11.08 36.37 45.75
N THR C 796 9.82 36.40 46.12
CA THR C 796 8.82 37.24 45.49
C THR C 796 8.52 38.45 46.38
N THR C 797 8.10 39.54 45.77
CA THR C 797 7.66 40.72 46.48
C THR C 797 6.32 41.18 45.92
N ILE C 798 5.28 41.11 46.74
CA ILE C 798 3.93 41.48 46.36
C ILE C 798 3.65 42.86 46.94
N THR C 799 3.26 43.79 46.08
CA THR C 799 3.10 45.18 46.45
C THR C 799 1.68 45.64 46.17
N LEU C 800 1.16 46.47 47.06
CA LEU C 800 -0.13 47.12 46.87
C LEU C 800 0.06 48.61 47.09
N ARG C 801 -0.25 49.40 46.08
CA ARG C 801 0.01 50.83 46.14
C ARG C 801 -1.28 51.59 46.31
N PRO C 802 -1.26 52.75 46.95
CA PRO C 802 -2.50 53.50 47.15
C PRO C 802 -3.00 54.09 45.84
N GLY C 803 -4.29 53.90 45.60
CA GLY C 803 -4.93 54.49 44.45
C GLY C 803 -4.73 53.77 43.13
N LYS C 804 -4.39 52.48 43.16
CA LYS C 804 -4.21 51.70 41.94
C LYS C 804 -4.91 50.37 42.11
N SER C 805 -5.74 50.00 41.14
CA SER C 805 -6.50 48.76 41.17
C SER C 805 -5.73 47.66 40.45
N GLN C 806 -4.56 47.34 40.99
CA GLN C 806 -3.75 46.29 40.41
C GLN C 806 -2.80 45.75 41.46
N LEU C 807 -2.44 44.48 41.32
CA LEU C 807 -1.52 43.82 42.23
C LEU C 807 -0.23 43.54 41.49
N ASP C 808 0.90 43.88 42.09
CA ASP C 808 2.20 43.78 41.44
C ASP C 808 3.04 42.67 42.06
N PHE C 809 3.64 41.85 41.20
CA PHE C 809 4.55 40.79 41.61
C PHE C 809 5.91 41.05 40.99
N HIS C 810 6.96 40.79 41.75
CA HIS C 810 8.34 40.94 41.29
C HIS C 810 9.18 39.82 41.90
N ALA C 811 9.73 38.97 41.04
CA ALA C 811 10.42 37.76 41.48
C ALA C 811 11.89 37.79 41.08
N ASP C 812 12.75 37.32 41.97
CA ASP C 812 14.17 37.18 41.73
C ASP C 812 14.55 35.72 41.86
N VAL C 813 15.07 35.14 40.78
CA VAL C 813 15.33 33.71 40.69
C VAL C 813 16.84 33.48 40.67
N GLU C 814 17.27 32.42 41.35
CA GLU C 814 18.67 32.02 41.41
C GLU C 814 18.81 30.64 40.79
N TRP C 815 18.20 30.49 39.61
CA TRP C 815 18.17 29.25 38.84
C TRP C 815 19.53 28.57 38.77
N ASN C 816 19.58 27.30 39.18
CA ASN C 816 20.83 26.55 39.18
C ASN C 816 20.74 25.16 38.58
N VAL C 817 19.55 24.59 38.45
CA VAL C 817 19.39 23.20 38.04
C VAL C 817 19.03 23.16 36.56
N PRO C 818 19.78 22.43 35.74
CA PRO C 818 19.46 22.34 34.32
C PRO C 818 18.30 21.38 34.07
N GLU C 819 17.82 21.40 32.82
CA GLU C 819 16.79 20.47 32.35
C GLU C 819 15.46 20.67 33.06
N LYS C 820 15.21 21.88 33.55
CA LYS C 820 13.96 22.19 34.23
C LYS C 820 13.36 23.43 33.59
N LEU C 821 12.08 23.65 33.87
CA LEU C 821 11.35 24.78 33.34
C LEU C 821 10.41 25.32 34.40
N LEU C 822 10.49 26.62 34.66
CA LEU C 822 9.73 27.28 35.70
C LEU C 822 8.59 28.08 35.09
N LYS C 823 7.46 28.16 35.80
CA LYS C 823 6.39 29.05 35.41
C LYS C 823 5.45 29.30 36.58
N VAL C 824 4.77 30.44 36.53
CA VAL C 824 3.83 30.86 37.55
C VAL C 824 2.43 30.79 36.96
N ASP C 825 1.42 30.68 37.82
CA ASP C 825 0.05 30.56 37.37
C ASP C 825 -0.81 31.66 37.98
N ILE C 826 -1.87 32.02 37.27
CA ILE C 826 -2.82 33.03 37.72
C ILE C 826 -4.21 32.46 37.50
N PRO C 827 -4.80 31.83 38.51
CA PRO C 827 -6.16 31.29 38.33
C PRO C 827 -7.21 32.39 38.46
N MET C 828 -7.97 32.55 37.38
CA MET C 828 -8.95 33.62 37.29
C MET C 828 -10.35 33.08 37.54
N ALA C 829 -11.14 33.85 38.27
CA ALA C 829 -12.49 33.44 38.62
C ALA C 829 -13.50 33.69 37.52
N LEU C 830 -13.05 33.87 36.29
CA LEU C 830 -13.92 34.19 35.17
C LEU C 830 -13.72 33.16 34.08
N SER C 831 -14.82 32.62 33.56
CA SER C 831 -14.77 31.54 32.59
C SER C 831 -15.29 32.04 31.25
N ALA C 832 -14.56 31.72 30.19
CA ALA C 832 -14.92 32.13 28.85
C ALA C 832 -14.46 31.05 27.88
N SER C 833 -14.85 31.21 26.61
CA SER C 833 -14.50 30.20 25.62
C SER C 833 -13.24 30.53 24.86
N ARG C 834 -12.76 31.78 24.92
CA ARG C 834 -11.54 32.16 24.23
C ARG C 834 -10.75 33.15 25.06
N ALA C 835 -9.42 33.10 24.91
CA ALA C 835 -8.51 33.98 25.59
C ALA C 835 -8.08 35.10 24.65
N GLN C 836 -7.66 36.22 25.21
CA GLN C 836 -7.32 37.41 24.42
C GLN C 836 -5.87 37.80 24.70
N TYR C 837 -5.05 37.79 23.66
CA TYR C 837 -3.68 38.27 23.72
C TYR C 837 -3.59 39.52 22.87
N GLU C 838 -2.40 40.07 22.73
CA GLU C 838 -2.20 41.19 21.84
C GLU C 838 -1.16 40.86 20.80
N CYS C 839 -1.27 41.52 19.65
CA CYS C 839 -0.28 41.42 18.60
C CYS C 839 0.58 42.69 18.60
N GLN C 840 1.39 42.84 17.56
CA GLN C 840 2.17 44.06 17.39
C GLN C 840 1.27 45.29 17.38
N TYR C 841 0.23 45.27 16.55
CA TYR C 841 -0.77 46.33 16.59
C TYR C 841 -2.13 45.64 16.54
N GLY C 842 -2.77 45.54 17.68
CA GLY C 842 -4.09 44.96 17.75
C GLY C 842 -4.13 43.80 18.71
N LEU C 843 -5.08 42.91 18.47
CA LEU C 843 -5.39 41.81 19.37
C LEU C 843 -5.76 40.59 18.56
N ILE C 844 -5.65 39.42 19.20
CA ILE C 844 -6.12 38.16 18.66
C ILE C 844 -6.74 37.36 19.80
N GLU C 845 -7.48 36.32 19.42
CA GLU C 845 -8.03 35.40 20.39
C GLU C 845 -7.72 33.96 19.96
N ARG C 846 -7.42 33.13 20.95
CA ARG C 846 -7.16 31.72 20.73
C ARG C 846 -8.05 30.90 21.64
N PRO C 847 -8.41 29.69 21.23
CA PRO C 847 -9.28 28.86 22.07
C PRO C 847 -8.63 28.54 23.40
N ILE C 848 -9.48 28.25 24.39
CA ILE C 848 -9.04 27.82 25.70
C ILE C 848 -9.11 26.31 25.84
N VAL C 849 -10.27 25.73 25.52
CA VAL C 849 -10.42 24.28 25.50
C VAL C 849 -10.21 23.80 24.07
N LYS C 850 -9.18 23.00 23.87
CA LYS C 850 -8.77 22.56 22.54
C LYS C 850 -9.51 21.28 22.15
N ASN C 851 -10.35 21.38 21.13
CA ASN C 851 -11.27 20.30 20.76
C ASN C 851 -10.65 19.30 19.79
N THR C 852 -10.19 19.76 18.64
CA THR C 852 -9.71 18.88 17.60
C THR C 852 -8.24 18.53 17.83
N GLU C 853 -7.70 17.69 16.94
CA GLU C 853 -6.30 17.30 17.03
C GLU C 853 -5.37 18.46 16.73
N GLY C 854 -5.76 19.31 15.78
CA GLY C 854 -4.92 20.45 15.44
C GLY C 854 -4.90 21.52 16.51
N GLU C 855 -5.99 21.66 17.27
CA GLU C 855 -6.01 22.66 18.33
C GLU C 855 -5.13 22.28 19.50
N GLU C 856 -5.04 20.99 19.81
CA GLU C 856 -4.17 20.56 20.91
C GLU C 856 -2.71 20.80 20.59
N ALA C 857 -2.39 21.17 19.35
CA ALA C 857 -1.02 21.53 19.00
C ALA C 857 -0.67 22.95 19.39
N MET C 858 -1.63 23.71 19.90
CA MET C 858 -1.40 25.10 20.30
C MET C 858 -1.30 25.24 21.81
N PHE C 859 -0.68 24.28 22.48
CA PHE C 859 -0.76 24.21 23.94
C PHE C 859 0.11 25.27 24.61
N GLU C 860 0.90 26.00 23.83
CA GLU C 860 1.68 27.11 24.36
C GLU C 860 1.83 28.17 23.28
N SER C 861 1.67 29.44 23.66
CA SER C 861 1.56 30.50 22.68
C SER C 861 2.27 31.76 23.16
N CYS C 862 2.43 32.70 22.24
CA CYS C 862 3.07 33.97 22.56
C CYS C 862 2.07 34.94 23.18
N SER C 863 2.60 35.94 23.86
CA SER C 863 1.80 37.01 24.43
C SER C 863 2.68 38.23 24.70
N HIS C 864 2.47 39.28 23.92
CA HIS C 864 3.21 40.53 24.10
C HIS C 864 2.52 41.33 25.19
N ARG C 865 3.14 41.38 26.37
CA ARG C 865 2.85 42.40 27.37
C ARG C 865 1.52 42.28 28.09
N PHE C 866 0.60 41.42 27.64
CA PHE C 866 -0.60 41.13 28.44
C PHE C 866 -1.51 40.06 27.85
N VAL C 867 -2.27 39.42 28.73
CA VAL C 867 -3.29 38.44 28.39
C VAL C 867 -4.55 38.78 29.18
N ARG C 868 -5.69 38.76 28.50
CA ARG C 868 -6.96 39.15 29.10
C ARG C 868 -7.99 38.05 28.92
N ILE C 869 -8.70 37.71 30.00
CA ILE C 869 -9.80 36.76 29.97
C ILE C 869 -11.05 37.53 30.37
N HIS C 870 -12.01 37.63 29.46
CA HIS C 870 -13.14 38.50 29.69
C HIS C 870 -14.43 37.84 29.23
N ASP C 871 -15.53 38.53 29.47
CA ASP C 871 -16.85 38.09 29.06
C ASP C 871 -17.63 39.33 28.60
N SER C 872 -18.95 39.19 28.53
CA SER C 872 -19.80 40.27 28.06
C SER C 872 -19.65 41.55 28.87
N SER C 873 -19.42 41.44 30.19
CA SER C 873 -19.43 42.63 31.04
C SER C 873 -18.31 42.71 32.04
N TYR C 874 -17.32 41.83 31.99
CA TYR C 874 -16.25 41.86 32.98
C TYR C 874 -15.02 41.19 32.38
N GLY C 875 -13.90 41.33 33.08
CA GLY C 875 -12.67 40.72 32.62
C GLY C 875 -11.50 40.92 33.57
N ILE C 876 -10.54 40.01 33.52
CA ILE C 876 -9.33 40.07 34.32
C ILE C 876 -8.14 39.97 33.39
N GLY C 877 -7.11 40.77 33.65
CA GLY C 877 -5.94 40.83 32.80
C GLY C 877 -4.65 40.69 33.59
N VAL C 878 -3.61 40.21 32.92
CA VAL C 878 -2.30 40.09 33.51
C VAL C 878 -1.28 40.62 32.51
N ALA C 879 -0.43 41.54 32.96
CA ALA C 879 0.57 42.18 32.12
C ALA C 879 1.95 41.84 32.65
N ASN C 880 2.91 41.67 31.76
CA ASN C 880 4.23 41.23 32.16
C ASN C 880 5.31 42.18 31.67
N GLY C 881 6.52 41.94 32.15
CA GLY C 881 7.66 42.77 31.78
C GLY C 881 8.52 42.17 30.69
N SER C 882 8.90 40.89 30.81
CA SER C 882 9.82 40.33 29.84
C SER C 882 9.60 38.86 29.52
N THR C 883 8.38 38.34 29.62
CA THR C 883 8.22 36.88 29.61
C THR C 883 8.03 36.31 28.21
N TYR C 884 7.03 36.80 27.47
CA TYR C 884 6.83 36.46 26.06
C TYR C 884 6.14 35.11 25.84
N GLY C 885 5.89 34.36 26.91
CA GLY C 885 5.34 33.03 26.76
C GLY C 885 4.29 32.71 27.80
N SER C 886 3.33 31.88 27.41
CA SER C 886 2.23 31.52 28.30
C SER C 886 1.43 30.36 27.72
N ASP C 887 0.37 30.00 28.46
CA ASP C 887 -0.61 29.00 28.03
C ASP C 887 -1.81 29.10 28.95
N VAL C 888 -3.00 28.81 28.42
CA VAL C 888 -4.24 28.93 29.17
C VAL C 888 -4.97 27.60 29.15
N SER C 889 -5.78 27.37 30.18
CA SER C 889 -6.62 26.17 30.27
C SER C 889 -7.69 26.41 31.31
N SER C 890 -8.79 25.67 31.19
CA SER C 890 -9.91 25.84 32.11
C SER C 890 -9.60 25.16 33.44
N LEU C 891 -10.31 25.61 34.47
CA LEU C 891 -10.12 25.13 35.83
C LEU C 891 -11.43 24.56 36.34
N ARG C 892 -11.34 23.41 37.03
CA ARG C 892 -12.51 22.68 37.49
C ARG C 892 -12.40 22.51 39.00
N ASP C 893 -13.49 22.82 39.70
CA ASP C 893 -13.50 22.79 41.15
C ASP C 893 -13.40 21.36 41.66
N ARG C 894 -13.15 21.23 42.97
CA ARG C 894 -12.98 19.91 43.58
C ARG C 894 -14.27 19.12 43.63
N ASP C 895 -15.42 19.79 43.63
CA ASP C 895 -16.70 19.12 43.47
C ASP C 895 -17.07 18.98 41.99
N ASP C 896 -16.15 19.32 41.09
CA ASP C 896 -16.30 19.13 39.65
C ASP C 896 -17.38 20.04 39.08
N ALA C 897 -17.35 21.30 39.48
CA ALA C 897 -18.08 22.36 38.81
C ALA C 897 -17.08 23.33 38.23
N LEU C 898 -17.51 24.10 37.23
CA LEU C 898 -16.61 25.05 36.60
C LEU C 898 -16.17 26.11 37.59
N ALA C 899 -14.87 26.36 37.64
CA ALA C 899 -14.29 27.33 38.56
C ALA C 899 -13.80 28.59 37.88
N GLY C 900 -13.06 28.49 36.81
CA GLY C 900 -12.52 29.64 36.14
C GLY C 900 -11.54 29.22 35.05
N THR C 901 -10.47 29.99 34.94
CA THR C 901 -9.45 29.76 33.92
C THR C 901 -8.08 29.95 34.55
N MET C 902 -7.14 29.08 34.18
CA MET C 902 -5.77 29.17 34.66
C MET C 902 -4.90 29.78 33.57
N VAL C 903 -4.14 30.79 33.93
CA VAL C 903 -3.19 31.43 33.04
C VAL C 903 -1.79 31.21 33.61
N ARG C 904 -1.00 30.39 32.92
CA ARG C 904 0.38 30.14 33.32
C ARG C 904 1.30 30.81 32.31
N MET C 905 2.34 31.47 32.81
CA MET C 905 3.29 32.11 31.92
C MET C 905 4.70 31.65 32.26
N SER C 906 5.43 31.23 31.22
CA SER C 906 6.74 30.65 31.38
C SER C 906 7.77 31.73 31.70
N LEU C 907 8.62 31.44 32.68
CA LEU C 907 9.60 32.41 33.15
C LEU C 907 11.01 32.11 32.65
N VAL C 908 11.54 30.92 32.92
CA VAL C 908 12.92 30.60 32.55
C VAL C 908 13.06 29.10 32.37
N ALA C 909 13.75 28.71 31.30
CA ALA C 909 14.09 27.33 31.03
C ALA C 909 15.60 27.21 30.87
N ALA C 910 16.10 25.99 31.00
CA ALA C 910 17.53 25.71 30.87
C ALA C 910 17.74 24.51 29.97
N PRO C 911 17.88 24.74 28.67
CA PRO C 911 18.28 23.64 27.78
C PRO C 911 19.72 23.26 28.01
N THR C 912 20.23 22.37 27.15
CA THR C 912 21.63 22.00 27.20
C THR C 912 22.29 21.78 25.84
N ALA C 913 21.54 21.84 24.74
CA ALA C 913 22.09 21.31 23.50
C ALA C 913 23.17 22.18 22.88
N PRO C 914 22.90 23.42 22.41
CA PRO C 914 23.98 24.19 21.80
C PRO C 914 24.79 24.94 22.84
N ASP C 915 24.16 25.18 23.98
CA ASP C 915 24.80 25.89 25.08
C ASP C 915 24.77 25.01 26.33
N PRO C 916 25.93 24.53 26.79
CA PRO C 916 25.92 23.66 27.98
C PRO C 916 25.52 24.37 29.25
N ARG C 917 25.74 25.66 29.36
CA ARG C 917 25.57 26.40 30.61
C ARG C 917 24.63 27.58 30.40
N THR C 918 23.48 27.31 29.79
CA THR C 918 22.53 28.35 29.43
C THR C 918 21.60 28.70 30.59
N ASP C 919 21.45 30.00 30.82
CA ASP C 919 20.51 30.53 31.81
C ASP C 919 20.80 30.00 33.20
N ILE C 920 21.93 30.38 33.74
CA ILE C 920 22.32 30.00 35.10
C ILE C 920 22.49 31.27 35.91
N GLY C 921 21.53 31.56 36.77
CA GLY C 921 21.73 32.51 37.86
C GLY C 921 21.07 33.86 37.64
N HIS C 922 20.27 34.24 38.63
CA HIS C 922 19.83 35.62 38.86
C HIS C 922 19.06 36.21 37.69
N HIS C 923 17.82 35.77 37.52
CA HIS C 923 16.90 36.40 36.60
C HIS C 923 15.88 37.22 37.39
N GLU C 924 15.40 38.32 36.81
CA GLU C 924 14.33 39.12 37.40
C GLU C 924 13.07 38.99 36.57
N PHE C 925 11.92 39.14 37.22
CA PHE C 925 10.65 39.15 36.53
C PHE C 925 9.69 40.10 37.22
N ASP C 926 8.84 40.76 36.44
CA ASP C 926 7.83 41.67 36.95
C ASP C 926 6.52 41.40 36.23
N TRP C 927 5.40 41.45 36.95
CA TRP C 927 4.10 41.37 36.31
C TRP C 927 3.05 41.95 37.24
N THR C 928 1.83 42.08 36.72
CA THR C 928 0.75 42.71 37.45
C THR C 928 -0.58 42.17 36.99
N VAL C 929 -1.55 42.16 37.90
CA VAL C 929 -2.88 41.62 37.65
C VAL C 929 -3.90 42.72 37.90
N LEU C 930 -4.87 42.85 37.00
CA LEU C 930 -5.88 43.90 37.02
C LEU C 930 -7.27 43.33 36.82
N PRO C 931 -8.26 43.91 37.49
CA PRO C 931 -9.64 43.75 37.02
C PRO C 931 -9.97 44.83 36.00
N CYS C 932 -10.40 44.43 34.79
CA CYS C 932 -10.61 45.41 33.73
C CYS C 932 -11.85 45.01 32.95
N ALA C 933 -12.89 45.86 32.98
CA ALA C 933 -14.06 45.62 32.16
C ALA C 933 -13.74 45.81 30.68
N SER C 934 -13.22 46.98 30.33
CA SER C 934 -12.75 47.26 28.99
C SER C 934 -11.27 46.93 28.89
N VAL C 935 -10.66 47.19 27.74
CA VAL C 935 -9.27 46.89 27.51
C VAL C 935 -8.35 48.07 27.79
N ALA C 936 -8.89 49.29 27.91
CA ALA C 936 -8.04 50.47 28.10
C ALA C 936 -7.15 50.38 29.34
N PRO C 937 -7.66 50.07 30.53
CA PRO C 937 -6.77 50.01 31.70
C PRO C 937 -5.70 48.94 31.57
N LEU C 938 -5.97 47.86 30.85
CA LEU C 938 -4.93 46.84 30.63
C LEU C 938 -3.81 47.38 29.77
N VAL C 939 -4.14 48.12 28.71
CA VAL C 939 -3.11 48.73 27.87
C VAL C 939 -2.32 49.75 28.68
N ALA C 940 -3.01 50.53 29.51
CA ALA C 940 -2.30 51.51 30.32
C ALA C 940 -1.35 50.83 31.29
N ALA C 941 -1.77 49.73 31.92
CA ALA C 941 -0.91 49.04 32.86
C ALA C 941 0.29 48.41 32.17
N ALA C 942 0.08 47.83 30.99
CA ALA C 942 1.21 47.25 30.25
C ALA C 942 2.21 48.31 29.87
N GLY C 943 1.74 49.42 29.30
CA GLY C 943 2.64 50.51 28.97
C GLY C 943 3.36 51.06 30.19
N GLU C 944 2.69 51.07 31.33
CA GLU C 944 3.29 51.69 32.51
C GLU C 944 4.28 50.75 33.19
N ILE C 945 4.11 49.44 32.99
CA ILE C 945 5.07 48.51 33.56
C ILE C 945 6.28 48.31 32.66
N ASN C 946 6.15 48.57 31.36
CA ASN C 946 7.27 48.36 30.47
C ASN C 946 8.13 49.60 30.25
N ALA C 947 7.77 50.73 30.84
CA ALA C 947 8.50 51.97 30.58
C ALA C 947 9.74 52.07 31.46
N PRO C 948 10.84 52.63 30.96
CA PRO C 948 12.03 52.80 31.80
C PRO C 948 11.89 54.02 32.69
N THR C 949 12.76 54.09 33.70
CA THR C 949 12.76 55.19 34.64
C THR C 949 13.92 56.14 34.33
N ILE C 950 13.72 57.41 34.64
CA ILE C 950 14.72 58.45 34.44
C ILE C 950 14.68 59.39 35.63
N GLU C 951 15.66 60.29 35.70
CA GLU C 951 15.86 61.13 36.86
C GLU C 951 15.84 62.61 36.48
N ASN C 952 15.26 63.42 37.36
CA ASN C 952 15.27 64.88 37.24
C ASN C 952 14.62 65.34 35.95
N MET C 953 13.39 64.89 35.73
CA MET C 953 12.66 65.17 34.49
C MET C 953 11.60 66.22 34.74
N PRO C 954 11.72 67.41 34.16
CA PRO C 954 10.68 68.42 34.32
C PRO C 954 9.37 68.00 33.68
N ASP C 955 8.29 68.13 34.44
CA ASP C 955 6.97 67.68 34.01
C ASP C 955 6.28 68.74 33.16
N ILE C 956 6.18 68.48 31.86
CA ILE C 956 5.54 69.39 30.92
C ILE C 956 4.60 68.59 30.03
N ALA C 957 3.51 69.23 29.63
CA ALA C 957 2.51 68.58 28.80
C ALA C 957 3.12 68.15 27.48
N ALA C 958 2.58 67.07 26.93
CA ALA C 958 3.08 66.55 25.67
C ALA C 958 2.75 67.52 24.54
N PRO C 959 3.58 67.59 23.50
CA PRO C 959 3.25 68.45 22.36
C PRO C 959 2.05 67.95 21.56
N ILE C 960 1.99 66.66 21.25
CA ILE C 960 0.91 66.08 20.48
C ILE C 960 -0.03 65.39 21.46
N THR C 961 -1.33 65.64 21.30
CA THR C 961 -2.33 65.07 22.18
C THR C 961 -3.60 64.84 21.39
N LEU C 962 -4.32 63.77 21.71
CA LEU C 962 -5.62 63.53 21.10
C LEU C 962 -6.67 63.40 22.18
N GLU C 963 -7.80 64.07 21.96
CA GLU C 963 -8.93 64.06 22.87
C GLU C 963 -9.94 63.03 22.37
N PRO C 964 -10.19 61.98 23.11
CA PRO C 964 -11.01 60.88 22.57
C PRO C 964 -12.49 61.20 22.55
N ILE C 965 -13.03 61.42 21.35
CA ILE C 965 -14.46 61.60 21.20
C ILE C 965 -15.18 60.26 21.32
N GLU C 966 -14.58 59.21 20.76
CA GLU C 966 -15.17 57.89 20.81
C GLU C 966 -14.07 56.85 20.56
N GLY C 967 -14.14 55.75 21.28
CA GLY C 967 -13.17 54.69 21.11
C GLY C 967 -11.87 54.97 21.82
N THR C 968 -10.88 54.14 21.52
CA THR C 968 -9.56 54.19 22.17
C THR C 968 -8.46 54.25 21.12
N PRO C 969 -8.11 55.44 20.66
CA PRO C 969 -6.93 55.59 19.79
C PRO C 969 -5.70 55.88 20.64
N VAL C 970 -4.56 55.32 20.24
CA VAL C 970 -3.33 55.40 21.03
C VAL C 970 -2.21 55.88 20.13
N ILE C 971 -1.52 56.93 20.56
CA ILE C 971 -0.31 57.42 19.91
C ILE C 971 0.86 56.64 20.47
N ASP C 972 1.62 56.00 19.59
CA ASP C 972 2.63 55.04 20.02
C ASP C 972 4.05 55.57 20.02
N TRP C 973 4.51 56.19 18.93
CA TRP C 973 5.94 56.41 18.74
C TRP C 973 6.23 57.80 18.21
N ILE C 974 5.80 58.85 18.91
CA ILE C 974 6.26 60.20 18.57
C ILE C 974 7.77 60.18 18.41
N LYS C 975 8.26 60.69 17.28
CA LYS C 975 9.68 60.71 16.99
C LYS C 975 9.98 61.80 15.97
N LEU C 976 11.27 62.00 15.73
CA LEU C 976 11.70 63.03 14.79
C LEU C 976 11.79 62.45 13.39
N ALA C 977 11.81 63.33 12.39
CA ALA C 977 11.89 62.87 11.02
C ALA C 977 13.29 62.40 10.71
N ASP C 978 13.40 61.57 9.67
CA ASP C 978 14.71 61.04 9.31
C ASP C 978 15.37 61.87 8.20
N ASP C 979 14.63 62.82 7.64
CA ASP C 979 15.19 63.63 6.57
C ASP C 979 15.99 64.81 7.09
N GLY C 980 16.12 64.97 8.40
CA GLY C 980 16.84 66.08 8.97
C GLY C 980 16.18 67.43 8.77
N SER C 981 14.99 67.46 8.19
CA SER C 981 14.30 68.72 7.92
C SER C 981 13.71 69.35 9.17
N GLY C 982 13.38 68.55 10.18
CA GLY C 982 12.80 69.07 11.41
C GLY C 982 11.35 68.76 11.61
N ASP C 983 10.76 67.87 10.81
CA ASP C 983 9.37 67.52 10.97
C ASP C 983 9.20 66.57 12.15
N ILE C 984 7.95 66.37 12.55
CA ILE C 984 7.58 65.42 13.59
C ILE C 984 6.79 64.31 12.93
N VAL C 985 7.00 63.07 13.38
CA VAL C 985 6.27 61.93 12.87
C VAL C 985 5.69 61.16 14.05
N ALA C 986 4.37 61.00 14.05
CA ALA C 986 3.68 60.23 15.08
C ALA C 986 3.04 59.02 14.44
N ARG C 987 3.07 57.90 15.13
CA ARG C 987 2.50 56.65 14.64
C ARG C 987 1.39 56.23 15.57
N LEU C 988 0.14 56.42 15.16
CA LEU C 988 -0.98 56.18 16.04
C LEU C 988 -1.86 55.09 15.45
N TYR C 989 -2.48 54.32 16.34
CA TYR C 989 -3.28 53.18 15.93
C TYR C 989 -4.48 53.06 16.86
N GLU C 990 -5.23 51.98 16.70
CA GLU C 990 -6.43 51.73 17.49
C GLU C 990 -6.25 50.39 18.19
N ALA C 991 -6.47 50.39 19.50
CA ALA C 991 -6.12 49.23 20.32
C ALA C 991 -7.30 48.75 21.14
N ALA C 992 -8.49 48.73 20.55
CA ALA C 992 -9.64 48.16 21.21
C ALA C 992 -10.52 47.31 20.30
N GLY C 993 -10.33 47.37 18.99
CA GLY C 993 -11.16 46.61 18.08
C GLY C 993 -12.47 47.25 17.72
N ALA C 994 -12.61 48.56 17.94
CA ALA C 994 -13.81 49.29 17.58
C ALA C 994 -13.40 50.60 16.94
N LYS C 995 -14.26 51.11 16.05
CA LYS C 995 -13.94 52.35 15.37
C LYS C 995 -13.77 53.47 16.39
N ALA C 996 -12.81 54.35 16.11
CA ALA C 996 -12.44 55.41 17.04
C ALA C 996 -12.43 56.75 16.33
N LYS C 997 -13.04 57.75 16.94
CA LYS C 997 -13.06 59.11 16.43
C LYS C 997 -12.37 60.00 17.45
N ALA C 998 -11.41 60.79 16.98
CA ALA C 998 -10.67 61.68 17.86
C ALA C 998 -10.32 62.94 17.10
N MET C 999 -9.72 63.89 17.80
CA MET C 999 -9.24 65.13 17.18
C MET C 999 -7.93 65.53 17.85
N LEU C 1000 -7.13 66.30 17.12
CA LEU C 1000 -5.77 66.59 17.52
C LEU C 1000 -5.68 67.94 18.23
N HIS C 1001 -4.99 67.95 19.36
CA HIS C 1001 -4.66 69.18 20.07
C HIS C 1001 -3.15 69.27 20.22
N VAL C 1002 -2.60 70.45 19.96
CA VAL C 1002 -1.17 70.66 20.00
C VAL C 1002 -0.84 71.75 21.00
N GLY C 1003 0.32 71.61 21.61
CA GLY C 1003 0.79 72.56 22.60
C GLY C 1003 1.24 73.86 21.97
N GLY C 1004 1.45 74.86 22.82
CA GLY C 1004 1.82 76.17 22.36
C GLY C 1004 3.22 76.31 21.83
N THR C 1005 3.90 75.20 21.52
CA THR C 1005 5.24 75.25 20.98
C THR C 1005 5.30 74.96 19.49
N LEU C 1006 4.24 74.42 18.90
CA LEU C 1006 4.22 74.14 17.48
C LEU C 1006 2.88 74.52 16.85
N ASP C 1007 2.27 75.59 17.34
CA ASP C 1007 1.08 76.12 16.69
C ASP C 1007 1.42 76.68 15.32
N GLY C 1008 0.40 76.76 14.46
CA GLY C 1008 0.61 77.15 13.09
C GLY C 1008 1.17 76.06 12.21
N TRP C 1009 1.50 74.90 12.77
CA TRP C 1009 2.03 73.80 12.00
C TRP C 1009 0.92 73.08 11.25
N THR C 1010 1.30 72.41 10.16
CA THR C 1010 0.38 71.63 9.36
C THR C 1010 0.51 70.16 9.74
N VAL C 1011 -0.45 69.36 9.29
CA VAL C 1011 -0.44 67.92 9.51
C VAL C 1011 -0.83 67.26 8.20
N ARG C 1012 -0.32 66.06 7.97
CA ARG C 1012 -0.70 65.30 6.78
C ARG C 1012 -0.46 63.82 6.99
N GLU C 1013 -0.95 63.04 6.03
CA GLU C 1013 -0.94 61.59 6.11
C GLU C 1013 0.17 61.05 5.22
N THR C 1014 0.84 60.00 5.69
CA THR C 1014 1.93 59.38 4.96
C THR C 1014 1.74 57.87 4.96
N ASN C 1015 2.75 57.16 4.50
CA ASN C 1015 2.80 55.73 4.71
C ASN C 1015 3.75 55.45 5.87
N THR C 1016 4.05 54.17 6.14
CA THR C 1016 4.90 53.89 7.29
C THR C 1016 6.34 54.34 7.09
N LEU C 1017 6.75 54.66 5.87
CA LEU C 1017 8.11 55.10 5.59
C LEU C 1017 8.22 56.61 5.52
N GLU C 1018 7.18 57.34 5.93
CA GLU C 1018 7.20 58.80 5.99
C GLU C 1018 7.40 59.39 4.60
N GLN C 1019 6.57 58.93 3.66
CA GLN C 1019 6.59 59.40 2.28
C GLN C 1019 5.16 59.60 1.80
N ASP C 1020 4.98 60.56 0.90
CA ASP C 1020 3.64 60.89 0.39
C ASP C 1020 3.23 59.88 -0.68
N GLU C 1021 2.77 58.73 -0.20
CA GLU C 1021 2.29 57.66 -1.06
C GLU C 1021 0.98 57.12 -0.52
N SER C 1022 -0.04 57.10 -1.38
CA SER C 1022 -1.36 56.59 -1.03
C SER C 1022 -1.61 55.29 -1.77
N TYR C 1023 -2.46 54.46 -1.19
CA TYR C 1023 -2.80 53.19 -1.81
C TYR C 1023 -4.30 53.01 -1.82
N PRO C 1024 -4.89 52.66 -2.96
CA PRO C 1024 -6.36 52.68 -3.05
C PRO C 1024 -7.04 51.64 -2.18
N ASP C 1025 -6.36 50.55 -1.86
CA ASP C 1025 -6.95 49.50 -1.03
C ASP C 1025 -6.67 49.66 0.44
N GLU C 1026 -6.30 50.85 0.90
CA GLU C 1026 -6.00 51.08 2.30
C GLU C 1026 -6.72 52.33 2.78
N PRO C 1027 -7.53 52.25 3.84
CA PRO C 1027 -8.13 53.46 4.40
C PRO C 1027 -7.07 54.39 4.97
N ALA C 1028 -7.45 55.64 5.17
CA ALA C 1028 -6.57 56.67 5.71
C ALA C 1028 -7.09 57.14 7.05
N GLY C 1029 -6.22 57.80 7.82
CA GLY C 1029 -6.63 58.34 9.10
C GLY C 1029 -7.31 59.68 8.98
N LEU C 1030 -6.60 60.67 8.43
CA LEU C 1030 -7.14 62.02 8.35
C LEU C 1030 -8.35 62.08 7.43
N ILE C 1031 -9.17 63.09 7.66
CA ILE C 1031 -10.29 63.42 6.78
C ILE C 1031 -9.92 64.69 6.05
N GLY C 1032 -9.66 64.56 4.75
CA GLY C 1032 -9.17 65.68 3.97
C GLY C 1032 -7.75 65.42 3.51
N GLY C 1033 -6.96 66.49 3.38
CA GLY C 1033 -5.57 66.33 2.95
C GLY C 1033 -4.59 66.90 3.95
N LYS C 1034 -3.78 67.85 3.51
CA LYS C 1034 -2.88 68.59 4.38
C LYS C 1034 -3.59 69.83 4.87
N GLN C 1035 -3.77 69.94 6.19
CA GLN C 1035 -4.49 71.06 6.77
C GLN C 1035 -3.81 71.44 8.09
N GLN C 1036 -4.37 72.44 8.74
CA GLN C 1036 -3.85 72.89 10.03
C GLN C 1036 -3.90 71.76 11.04
N ALA C 1037 -2.88 71.69 11.89
CA ALA C 1037 -2.80 70.60 12.87
C ALA C 1037 -3.80 70.80 14.00
N GLU C 1038 -3.95 72.04 14.47
CA GLU C 1038 -4.80 72.29 15.61
C GLU C 1038 -6.27 72.12 15.23
N GLY C 1039 -6.83 70.96 15.55
CA GLY C 1039 -8.22 70.72 15.29
C GLY C 1039 -8.51 69.69 14.22
N ALA C 1040 -7.49 69.07 13.63
CA ALA C 1040 -7.72 68.05 12.63
C ALA C 1040 -8.29 66.79 13.27
N GLU C 1041 -9.27 66.20 12.61
CA GLU C 1041 -9.96 65.05 13.17
C GLU C 1041 -9.48 63.76 12.54
N LEU C 1042 -9.74 62.65 13.22
CA LEU C 1042 -9.18 61.35 12.88
C LEU C 1042 -10.28 60.32 13.07
N ALA C 1043 -10.45 59.44 12.08
CA ALA C 1043 -11.34 58.31 12.17
C ALA C 1043 -10.53 57.05 11.87
N LEU C 1044 -10.65 56.05 12.74
CA LEU C 1044 -9.83 54.86 12.67
C LEU C 1044 -10.74 53.64 12.73
N ASN C 1045 -10.76 52.86 11.67
CA ASN C 1045 -11.48 51.61 11.67
C ASN C 1045 -10.69 50.56 12.45
N PRO C 1046 -11.34 49.50 12.97
CA PRO C 1046 -10.68 48.62 13.93
C PRO C 1046 -9.29 48.15 13.52
N PHE C 1047 -8.34 48.26 14.45
CA PHE C 1047 -6.97 47.81 14.26
C PHE C 1047 -6.30 48.48 13.05
N GLN C 1048 -6.50 49.78 12.93
CA GLN C 1048 -5.88 50.55 11.87
C GLN C 1048 -4.59 51.18 12.36
N LEU C 1049 -3.62 51.29 11.47
CA LEU C 1049 -2.31 51.85 11.78
C LEU C 1049 -2.05 53.02 10.85
N THR C 1050 -2.05 54.24 11.38
CA THR C 1050 -1.81 55.40 10.54
C THR C 1050 -0.62 56.18 11.09
N THR C 1051 -0.07 57.02 10.21
CA THR C 1051 1.14 57.77 10.48
C THR C 1051 0.91 59.22 10.11
N LEU C 1052 1.05 60.11 11.09
CA LEU C 1052 0.87 61.53 10.91
C LEU C 1052 2.22 62.21 10.81
N ARG C 1053 2.32 63.20 9.94
CA ARG C 1053 3.52 63.98 9.75
C ARG C 1053 3.19 65.45 9.94
N LEU C 1054 3.90 66.10 10.86
CA LEU C 1054 3.70 67.51 11.17
C LEU C 1054 4.89 68.31 10.67
N SER C 1055 4.62 69.35 9.89
CA SER C 1055 5.64 70.20 9.30
C SER C 1055 5.48 71.61 9.79
N ARG C 1056 6.60 72.34 9.84
CA ARG C 1056 6.55 73.73 10.26
C ARG C 1056 5.73 74.57 9.29
N ALA C 1057 5.82 74.25 8.01
CA ALA C 1057 4.98 74.90 7.01
C ALA C 1057 4.67 73.93 5.88
N LEU D 26 2.63 10.66 13.31
CA LEU D 26 1.83 10.33 14.47
C LEU D 26 2.61 10.52 15.75
N LYS D 27 1.90 10.67 16.87
CA LYS D 27 2.55 10.99 18.14
C LYS D 27 3.44 9.84 18.60
N VAL D 28 3.02 8.60 18.35
CA VAL D 28 3.77 7.47 18.87
C VAL D 28 5.12 7.34 18.19
N ASN D 29 5.17 7.47 16.86
CA ASN D 29 6.44 7.36 16.15
C ASN D 29 7.43 8.40 16.63
N ARG D 30 6.95 9.60 16.95
CA ARG D 30 7.83 10.62 17.53
C ARG D 30 8.15 10.32 18.98
N GLU D 31 7.33 9.51 19.64
CA GLU D 31 7.66 9.08 20.99
C GLU D 31 8.66 7.94 20.99
N ILE D 32 8.80 7.23 19.88
CA ILE D 32 9.82 6.19 19.81
C ILE D 32 11.21 6.81 19.73
N ASP D 33 11.34 7.91 18.99
CA ASP D 33 12.64 8.57 18.89
C ASP D 33 13.10 9.10 20.25
N ARG D 34 12.18 9.66 21.02
CA ARG D 34 12.53 10.14 22.35
C ARG D 34 13.01 8.99 23.23
N CYS D 35 12.35 7.84 23.12
CA CYS D 35 12.74 6.70 23.96
C CYS D 35 14.10 6.16 23.54
N LYS D 36 14.36 6.11 22.23
CA LYS D 36 15.66 5.62 21.78
C LYS D 36 16.78 6.56 22.20
N ARG D 37 16.54 7.87 22.12
CA ARG D 37 17.57 8.80 22.56
C ARG D 37 17.76 8.74 24.07
N VAL D 38 16.69 8.49 24.82
CA VAL D 38 16.82 8.29 26.25
C VAL D 38 17.69 7.10 26.54
N MET D 39 17.43 5.98 25.85
CA MET D 39 18.30 4.82 25.98
C MET D 39 19.75 5.18 25.69
N ARG D 40 19.98 5.90 24.60
CA ARG D 40 21.36 6.12 24.14
C ARG D 40 22.13 7.11 25.01
N GLU D 41 21.47 8.09 25.62
CA GLU D 41 22.21 9.12 26.33
C GLU D 41 21.91 9.19 27.82
N ARG D 42 20.67 8.95 28.25
CA ARG D 42 20.34 9.11 29.65
C ARG D 42 20.39 7.80 30.43
N VAL D 43 20.54 6.66 29.76
CA VAL D 43 20.50 5.38 30.45
C VAL D 43 21.80 4.62 30.20
N TRP D 44 22.25 4.60 28.96
CA TRP D 44 23.43 3.80 28.63
C TRP D 44 24.70 4.24 29.33
N PRO D 45 25.06 5.53 29.34
CA PRO D 45 26.32 5.90 30.01
C PRO D 45 26.35 5.57 31.49
N HIS D 46 25.21 5.62 32.17
CA HIS D 46 25.20 5.32 33.60
C HIS D 46 25.09 3.82 33.87
N ILE D 47 25.96 3.04 33.23
CA ILE D 47 25.99 1.61 33.48
C ILE D 47 27.37 1.24 34.00
N HIS D 48 28.41 1.71 33.33
CA HIS D 48 29.78 1.52 33.74
C HIS D 48 30.24 2.79 34.46
N GLN D 49 30.29 2.73 35.78
CA GLN D 49 30.76 3.85 36.58
C GLN D 49 32.27 3.79 36.70
N VAL D 50 32.96 4.75 36.10
CA VAL D 50 34.42 4.71 36.05
C VAL D 50 34.99 5.02 37.43
N LEU D 51 35.94 4.20 37.87
CA LEU D 51 36.56 4.34 39.18
C LEU D 51 37.97 4.90 39.10
N ALA D 52 38.84 4.27 38.31
CA ALA D 52 40.22 4.71 38.18
C ALA D 52 40.76 4.22 36.86
N GLN D 53 41.80 4.88 36.37
CA GLN D 53 42.44 4.51 35.11
C GLN D 53 43.82 3.93 35.36
N CYS D 54 44.30 3.17 34.37
CA CYS D 54 45.46 2.31 34.54
C CYS D 54 46.63 2.83 33.71
N THR D 55 47.84 2.65 34.24
CA THR D 55 49.04 2.94 33.48
C THR D 55 49.24 1.87 32.41
N VAL D 56 49.82 2.27 31.29
CA VAL D 56 49.92 1.41 30.11
C VAL D 56 51.29 1.59 29.49
N GLY D 57 51.86 0.50 28.99
CA GLY D 57 53.06 0.52 28.17
C GLY D 57 52.98 -0.54 27.11
N ALA D 58 53.48 -0.28 25.90
CA ALA D 58 53.28 -1.16 24.78
C ALA D 58 54.56 -1.36 23.98
N VAL D 59 54.62 -2.49 23.29
CA VAL D 59 55.68 -2.80 22.33
C VAL D 59 55.04 -3.23 21.02
N LYS D 60 55.50 -2.65 19.93
CA LYS D 60 54.90 -2.82 18.61
C LYS D 60 55.74 -3.76 17.76
N ASN D 61 55.06 -4.46 16.84
CA ASN D 61 55.76 -5.38 15.96
C ASN D 61 55.01 -5.50 14.64
N PRO D 62 55.56 -4.98 13.54
CA PRO D 62 54.88 -5.05 12.26
C PRO D 62 55.16 -6.33 11.48
N GLY D 63 56.00 -7.22 11.99
CA GLY D 63 56.33 -8.45 11.29
C GLY D 63 55.26 -9.50 11.48
N GLU D 64 55.66 -10.74 11.24
CA GLU D 64 54.77 -11.86 11.46
C GLU D 64 54.72 -12.19 12.94
N PRO D 65 53.56 -12.51 13.50
CA PRO D 65 53.46 -12.70 14.95
C PRO D 65 54.06 -14.02 15.39
N GLU D 66 54.44 -14.07 16.66
CA GLU D 66 54.94 -15.29 17.27
C GLU D 66 53.91 -15.85 18.24
N MET D 67 54.17 -17.05 18.72
CA MET D 67 53.23 -17.72 19.61
C MET D 67 53.16 -16.97 20.93
N PRO D 68 51.98 -16.74 21.48
CA PRO D 68 51.89 -15.98 22.74
C PRO D 68 52.66 -16.59 23.89
N ALA D 69 52.60 -17.92 24.04
CA ALA D 69 53.26 -18.55 25.17
C ALA D 69 54.76 -18.27 25.17
N ALA D 70 55.37 -18.26 24.00
CA ALA D 70 56.80 -17.98 23.93
C ALA D 70 57.13 -16.50 24.16
N PHE D 71 56.15 -15.61 24.04
CA PHE D 71 56.37 -14.20 24.33
C PHE D 71 56.18 -13.86 25.79
N ILE D 72 55.15 -14.41 26.44
CA ILE D 72 54.87 -14.08 27.83
C ILE D 72 56.06 -14.44 28.70
N THR D 73 56.48 -15.71 28.68
CA THR D 73 57.61 -16.13 29.50
C THR D 73 58.86 -15.31 29.17
N ARG D 74 58.96 -14.82 27.95
CA ARG D 74 60.05 -13.93 27.59
C ARG D 74 59.77 -12.49 28.01
N ALA D 75 58.51 -12.18 28.34
CA ALA D 75 58.12 -10.83 28.73
C ALA D 75 57.95 -10.71 30.23
N VAL D 76 58.18 -11.79 30.97
CA VAL D 76 58.10 -11.77 32.42
C VAL D 76 59.48 -11.59 33.05
N SER D 77 60.53 -12.06 32.39
CA SER D 77 61.84 -12.02 33.04
C SER D 77 62.48 -10.63 32.93
N GLY D 78 62.98 -10.27 31.75
CA GLY D 78 63.37 -8.88 31.57
C GLY D 78 63.36 -8.35 30.16
N GLN D 79 63.06 -9.21 29.19
CA GLN D 79 63.55 -9.02 27.83
C GLN D 79 62.66 -8.14 26.98
N VAL D 80 61.81 -7.33 27.59
CA VAL D 80 60.98 -6.37 26.88
C VAL D 80 60.99 -5.07 27.65
N ILE D 81 60.83 -3.95 26.94
CA ILE D 81 61.03 -2.65 27.58
C ILE D 81 59.70 -1.94 27.83
N PHE D 82 58.73 -2.08 26.92
CA PHE D 82 57.39 -1.53 27.09
C PHE D 82 57.41 0.00 27.23
N GLN D 83 57.87 0.66 26.19
CA GLN D 83 57.86 2.12 26.20
C GLN D 83 56.42 2.62 26.19
N PRO D 84 56.08 3.57 27.07
CA PRO D 84 54.68 3.98 27.22
C PRO D 84 54.01 4.41 25.92
N LEU D 85 52.68 4.34 25.92
CA LEU D 85 51.87 4.69 24.77
C LEU D 85 51.63 6.19 24.71
N ALA D 86 51.06 6.63 23.60
CA ALA D 86 50.70 8.02 23.39
C ALA D 86 49.20 8.13 23.22
N VAL D 87 48.57 8.96 24.06
CA VAL D 87 47.12 9.11 24.03
C VAL D 87 46.73 9.88 22.78
N GLY D 88 45.97 9.24 21.90
CA GLY D 88 45.50 9.88 20.70
C GLY D 88 46.30 9.60 19.45
N GLU D 89 46.99 8.46 19.38
CA GLU D 89 47.73 8.08 18.19
C GLU D 89 47.50 6.61 17.90
N PRO D 90 47.63 6.21 16.64
CA PRO D 90 47.45 4.79 16.31
C PRO D 90 48.47 3.92 17.03
N TRP D 91 47.97 2.87 17.68
CA TRP D 91 48.79 1.99 18.50
C TRP D 91 49.34 0.81 17.73
N GLY D 92 49.48 0.93 16.42
CA GLY D 92 50.05 -0.18 15.65
C GLY D 92 50.17 0.19 14.20
N THR D 93 50.59 -0.80 13.42
CA THR D 93 50.63 -0.72 11.96
C THR D 93 49.78 -1.83 11.37
N SER D 94 49.49 -1.71 10.08
CA SER D 94 48.58 -2.65 9.44
C SER D 94 49.14 -4.06 9.45
N TRP D 95 48.28 -5.02 9.80
CA TRP D 95 48.67 -6.43 9.89
C TRP D 95 49.82 -6.63 10.86
N GLY D 96 49.81 -5.87 11.95
CA GLY D 96 50.84 -5.96 12.96
C GLY D 96 50.24 -6.34 14.31
N THR D 97 51.13 -6.57 15.28
CA THR D 97 50.72 -6.97 16.61
C THR D 97 51.36 -6.05 17.64
N THR D 98 50.56 -5.58 18.59
CA THR D 98 51.07 -4.74 19.67
C THR D 98 50.75 -5.41 20.99
N TRP D 99 51.75 -5.57 21.84
CA TRP D 99 51.56 -6.16 23.15
C TRP D 99 51.54 -5.04 24.18
N ILE D 100 50.56 -5.07 25.06
CA ILE D 100 50.31 -3.99 26.01
C ILE D 100 50.30 -4.57 27.41
N ARG D 101 51.10 -3.99 28.30
CA ARG D 101 51.10 -4.39 29.69
C ARG D 101 50.31 -3.36 30.49
N VAL D 102 49.20 -3.80 31.09
CA VAL D 102 48.31 -2.95 31.85
C VAL D 102 48.50 -3.25 33.32
N GLU D 103 48.62 -2.21 34.13
CA GLU D 103 48.71 -2.34 35.57
C GLU D 103 47.75 -1.37 36.24
N GLY D 104 46.89 -1.90 37.11
CA GLY D 104 45.96 -1.06 37.84
C GLY D 104 46.17 -1.17 39.33
N GLN D 105 45.25 -0.59 40.11
CA GLN D 105 45.38 -0.59 41.56
C GLN D 105 44.20 -1.17 42.30
N LEU D 106 43.01 -1.16 41.70
CA LEU D 106 41.80 -1.67 42.33
C LEU D 106 41.61 -1.02 43.70
N PRO D 107 41.23 0.27 43.73
CA PRO D 107 41.20 0.99 45.00
C PRO D 107 40.11 0.47 45.91
N GLU D 108 40.17 0.92 47.17
CA GLU D 108 39.14 0.57 48.15
C GLU D 108 37.91 1.44 47.90
N THR D 109 36.96 1.37 48.82
CA THR D 109 35.68 2.06 48.68
C THR D 109 35.03 1.72 47.34
N LEU D 110 35.09 0.46 46.95
CA LEU D 110 34.38 0.00 45.78
C LEU D 110 32.91 -0.23 46.12
N PRO D 111 31.99 0.10 45.19
CA PRO D 111 30.57 -0.05 45.48
C PRO D 111 30.22 -1.47 45.90
N GLU D 112 29.21 -1.58 46.75
CA GLU D 112 28.85 -2.85 47.35
C GLU D 112 28.00 -3.69 46.41
N GLY D 113 28.25 -4.99 46.40
CA GLY D 113 27.48 -5.91 45.58
C GLY D 113 27.52 -5.63 44.10
N ARG D 114 28.52 -4.90 43.61
CA ARG D 114 28.63 -4.56 42.20
C ARG D 114 29.90 -5.18 41.64
N ALA D 115 29.86 -5.56 40.38
CA ALA D 115 31.00 -6.17 39.72
C ALA D 115 31.99 -5.11 39.26
N ILE D 116 33.25 -5.50 39.19
CA ILE D 116 34.34 -4.61 38.77
C ILE D 116 34.97 -5.22 37.53
N GLU D 117 35.16 -4.41 36.49
CA GLU D 117 35.69 -4.93 35.24
C GLU D 117 36.48 -3.85 34.52
N LEU D 118 37.48 -4.29 33.78
CA LEU D 118 38.24 -3.38 32.94
C LEU D 118 37.46 -3.06 31.68
N VAL D 119 37.71 -1.88 31.13
CA VAL D 119 37.06 -1.42 29.91
C VAL D 119 38.15 -0.94 28.96
N PHE D 120 38.19 -1.53 27.77
CA PHE D 120 39.19 -1.29 26.74
C PHE D 120 38.51 -0.56 25.60
N ASN D 121 38.78 0.73 25.47
CA ASN D 121 38.24 1.52 24.37
C ASN D 121 39.40 2.01 23.50
N LEU D 122 39.81 1.15 22.58
CA LEU D 122 40.99 1.35 21.75
C LEU D 122 40.67 1.98 20.40
N GLY D 123 39.67 2.85 20.35
CA GLY D 123 39.31 3.47 19.09
C GLY D 123 38.44 2.60 18.22
N TRP D 124 37.41 1.99 18.80
CA TRP D 124 36.60 1.04 18.04
C TRP D 124 35.62 1.76 17.13
N LEU D 125 35.32 1.12 16.02
CA LEU D 125 34.12 1.43 15.26
C LEU D 125 33.01 0.49 15.70
N GLU D 126 31.91 0.48 14.95
CA GLU D 126 30.79 -0.37 15.29
C GLU D 126 30.34 -1.28 14.16
N TRP D 127 30.51 -0.86 12.91
CA TRP D 127 29.87 -1.58 11.82
C TRP D 127 30.46 -2.97 11.66
N PRO D 128 31.74 -3.14 11.33
CA PRO D 128 32.27 -4.50 11.20
C PRO D 128 32.85 -4.99 12.52
N VAL D 129 32.38 -6.14 12.97
CA VAL D 129 32.81 -6.65 14.26
C VAL D 129 34.07 -7.49 14.06
N GLY D 130 34.00 -8.47 13.17
CA GLY D 130 35.16 -9.28 12.85
C GLY D 130 36.07 -8.69 11.80
N GLY D 131 35.82 -7.47 11.35
CA GLY D 131 36.62 -6.91 10.27
C GLY D 131 37.86 -6.18 10.71
N HIS D 132 37.71 -5.14 11.53
CA HIS D 132 38.84 -4.33 11.94
C HIS D 132 39.39 -4.85 13.28
N ILE D 133 40.16 -4.00 13.96
CA ILE D 133 41.07 -4.41 15.01
C ILE D 133 40.42 -5.30 16.07
N GLU D 134 41.24 -6.20 16.64
CA GLU D 134 40.78 -7.06 17.73
C GLU D 134 41.89 -7.15 18.77
N ALA D 135 41.64 -7.93 19.82
CA ALA D 135 42.60 -8.08 20.89
C ALA D 135 42.25 -9.29 21.74
N MET D 136 43.21 -9.70 22.56
CA MET D 136 43.05 -10.86 23.43
C MET D 136 43.87 -10.65 24.70
N ALA D 137 43.22 -10.79 25.85
CA ALA D 137 43.86 -10.50 27.13
C ALA D 137 44.31 -11.80 27.79
N TYR D 138 45.54 -11.82 28.27
CA TYR D 138 46.13 -12.99 28.90
C TYR D 138 46.47 -12.71 30.35
N ARG D 139 46.58 -13.77 31.14
CA ARG D 139 47.11 -13.68 32.49
C ARG D 139 48.62 -13.82 32.46
N ALA D 140 49.26 -13.46 33.57
CA ALA D 140 50.72 -13.50 33.61
C ALA D 140 51.24 -14.90 33.95
N ASP D 141 50.67 -15.88 33.27
CA ASP D 141 51.26 -17.21 33.18
C ASP D 141 51.10 -17.82 31.79
N GLY D 142 50.28 -17.25 30.93
CA GLY D 142 50.06 -17.77 29.60
C GLY D 142 48.66 -18.27 29.37
N THR D 143 47.74 -17.86 30.24
CA THR D 143 46.35 -18.33 30.22
C THR D 143 45.44 -17.22 29.73
N VAL D 144 44.46 -17.58 28.92
CA VAL D 144 43.54 -16.61 28.34
C VAL D 144 42.49 -16.21 29.36
N ILE D 145 42.12 -14.93 29.36
CA ILE D 145 41.03 -14.45 30.20
C ILE D 145 39.79 -14.26 29.34
N LYS D 146 39.87 -13.37 28.36
CA LYS D 146 38.74 -13.08 27.49
C LYS D 146 39.24 -12.26 26.31
N ALA D 147 38.51 -12.32 25.21
CA ALA D 147 38.86 -11.58 24.02
C ALA D 147 38.16 -10.23 23.98
N LEU D 148 38.67 -9.34 23.14
CA LEU D 148 38.18 -7.97 23.05
C LEU D 148 37.77 -7.71 21.61
N HIS D 149 36.53 -7.29 21.42
CA HIS D 149 35.96 -7.07 20.10
C HIS D 149 35.27 -5.71 20.09
N PRO D 150 34.88 -5.21 18.92
CA PRO D 150 34.26 -3.87 18.86
C PRO D 150 33.08 -3.68 19.80
N ARG D 151 32.10 -4.56 19.80
CA ARG D 151 30.93 -4.38 20.66
C ARG D 151 31.03 -5.14 21.96
N ASN D 152 32.09 -5.92 22.16
CA ASN D 152 32.29 -6.72 23.37
C ASN D 152 33.69 -6.43 23.87
N HIS D 153 33.85 -5.34 24.64
CA HIS D 153 35.18 -4.94 25.10
C HIS D 153 35.10 -4.65 26.60
N TRP D 154 35.31 -5.69 27.40
CA TRP D 154 35.26 -5.60 28.85
C TRP D 154 35.79 -6.90 29.41
N MET D 155 36.46 -6.84 30.54
CA MET D 155 37.06 -8.04 31.11
C MET D 155 36.73 -8.14 32.58
N PRO D 156 36.20 -9.26 33.05
CA PRO D 156 35.83 -9.35 34.47
C PRO D 156 37.02 -9.35 35.41
N LEU D 157 37.03 -8.43 36.37
CA LEU D 157 37.97 -8.48 37.48
C LEU D 157 37.35 -9.15 38.70
N VAL D 158 36.26 -8.58 39.21
CA VAL D 158 35.53 -9.11 40.35
C VAL D 158 34.07 -9.26 39.95
N SER D 159 33.44 -10.34 40.40
CA SER D 159 32.15 -10.78 39.87
C SER D 159 30.97 -10.43 40.77
N ALA D 160 30.98 -9.26 41.40
CA ALA D 160 29.82 -8.75 42.14
C ALA D 160 29.42 -9.67 43.28
N ASP D 161 30.35 -10.54 43.69
CA ASP D 161 30.06 -11.47 44.78
C ASP D 161 31.24 -11.63 45.73
N GLY D 162 32.22 -10.74 45.69
CA GLY D 162 33.34 -10.82 46.60
C GLY D 162 34.39 -11.83 46.23
N VAL D 163 34.32 -12.41 45.04
CA VAL D 163 35.35 -13.34 44.56
C VAL D 163 36.07 -12.70 43.39
N LYS D 164 37.39 -12.72 43.45
CA LYS D 164 38.24 -12.04 42.49
C LYS D 164 38.83 -13.06 41.50
N ASP D 165 39.25 -12.57 40.36
CA ASP D 165 39.96 -13.43 39.43
C ASP D 165 41.33 -13.78 40.00
N ARG D 166 41.98 -14.77 39.38
CA ARG D 166 43.26 -15.22 39.90
C ARG D 166 44.35 -14.17 39.71
N VAL D 167 44.16 -13.26 38.75
CA VAL D 167 45.15 -12.20 38.52
C VAL D 167 44.70 -11.02 39.38
N VAL D 168 44.96 -11.16 40.68
CA VAL D 168 44.82 -10.10 41.68
C VAL D 168 45.75 -10.49 42.82
N ASN D 169 46.59 -9.57 43.24
CA ASN D 169 47.50 -9.84 44.35
C ASN D 169 46.71 -9.83 45.65
N PRO D 170 47.37 -10.13 46.78
CA PRO D 170 46.68 -9.94 48.07
C PRO D 170 46.13 -8.53 48.27
N ASP D 171 46.83 -7.52 47.80
CA ASP D 171 46.28 -6.18 47.74
C ASP D 171 45.58 -5.99 46.39
N GLY D 172 45.27 -4.74 46.04
CA GLY D 172 44.57 -4.53 44.79
C GLY D 172 45.43 -4.53 43.55
N SER D 173 46.71 -4.87 43.64
CA SER D 173 47.58 -4.81 42.48
C SER D 173 47.24 -5.94 41.51
N PHE D 174 47.37 -5.66 40.21
CA PHE D 174 47.18 -6.68 39.19
C PHE D 174 47.94 -6.27 37.95
N VAL D 175 48.06 -7.22 37.01
CA VAL D 175 48.85 -7.04 35.81
C VAL D 175 48.30 -7.90 34.69
N VAL D 176 48.05 -7.30 33.54
CA VAL D 176 47.41 -7.96 32.41
C VAL D 176 48.26 -7.73 31.17
N TYR D 177 48.37 -8.74 30.32
CA TYR D 177 49.00 -8.60 29.02
C TYR D 177 47.92 -8.72 27.95
N VAL D 178 47.95 -7.82 26.98
CA VAL D 178 46.95 -7.77 25.92
C VAL D 178 47.66 -7.80 24.58
N GLU D 179 47.34 -8.81 23.77
CA GLU D 179 47.86 -8.92 22.41
C GLU D 179 46.82 -8.35 21.47
N GLY D 180 47.14 -7.24 20.82
CA GLY D 180 46.20 -6.51 20.00
C GLY D 180 46.60 -6.60 18.53
N ALA D 181 45.65 -7.04 17.71
CA ALA D 181 45.85 -7.21 16.29
C ALA D 181 45.25 -6.01 15.57
N TYR D 182 46.11 -5.25 14.88
CA TYR D 182 45.73 -4.03 14.18
C TYR D 182 45.34 -4.35 12.74
N ASN D 183 44.34 -5.18 12.60
CA ASN D 183 43.89 -5.62 11.28
C ASN D 183 43.17 -4.49 10.57
N PRO D 184 43.52 -4.18 9.32
CA PRO D 184 42.79 -3.14 8.60
C PRO D 184 41.41 -3.60 8.19
N ASN D 185 40.54 -2.63 7.95
CA ASN D 185 39.20 -2.91 7.44
C ASN D 185 39.25 -2.96 5.92
N VAL D 186 39.06 -4.15 5.36
CA VAL D 186 39.17 -4.38 3.93
C VAL D 186 37.76 -4.29 3.33
N PRO D 187 37.51 -3.37 2.42
CA PRO D 187 36.20 -3.32 1.76
C PRO D 187 35.91 -4.57 0.95
N SER D 188 34.63 -4.89 0.74
CA SER D 188 34.28 -6.13 0.05
C SER D 188 34.67 -6.06 -1.42
N PHE D 189 34.07 -5.14 -2.16
CA PHE D 189 34.39 -4.95 -3.58
C PHE D 189 34.85 -3.52 -3.79
N THR D 190 36.16 -3.32 -3.76
CA THR D 190 36.79 -2.02 -3.98
C THR D 190 38.28 -2.26 -4.15
N VAL D 191 38.87 -1.61 -5.16
CA VAL D 191 40.30 -1.76 -5.39
C VAL D 191 41.04 -1.22 -4.18
N THR D 192 41.99 -2.01 -3.67
CA THR D 192 42.73 -1.63 -2.49
C THR D 192 44.08 -2.31 -2.51
N GLU D 193 44.99 -1.79 -1.69
CA GLU D 193 46.32 -2.35 -1.53
C GLU D 193 46.49 -2.97 -0.15
N LEU D 194 45.39 -3.18 0.58
CA LEU D 194 45.51 -3.59 1.96
C LEU D 194 45.62 -5.11 2.09
N GLY D 195 45.02 -5.84 1.17
CA GLY D 195 45.03 -7.29 1.28
C GLY D 195 46.20 -7.96 0.59
N THR D 196 47.38 -7.36 0.66
CA THR D 196 48.55 -7.90 -0.01
C THR D 196 49.61 -8.38 0.98
N LYS D 197 50.03 -7.54 1.90
CA LYS D 197 51.15 -7.85 2.77
C LYS D 197 51.21 -6.81 3.88
N PRO D 198 51.89 -7.08 4.99
CA PRO D 198 52.09 -6.06 6.01
C PRO D 198 52.75 -4.81 5.44
N THR D 199 52.06 -3.67 5.58
CA THR D 199 52.58 -2.43 5.03
C THR D 199 53.58 -1.75 5.96
N GLY D 200 53.34 -1.82 7.26
CA GLY D 200 54.15 -1.10 8.21
C GLY D 200 53.66 0.29 8.50
N LYS D 201 52.52 0.69 7.95
CA LYS D 201 51.93 2.00 8.16
C LYS D 201 50.53 1.85 8.72
N ALA D 202 50.08 2.86 9.45
CA ALA D 202 48.74 2.86 10.03
C ALA D 202 47.81 3.60 9.09
N ASP D 203 47.09 2.84 8.25
CA ASP D 203 46.21 3.45 7.28
C ASP D 203 44.95 4.00 7.94
N GLU D 204 44.19 3.15 8.61
CA GLU D 204 43.02 3.57 9.37
C GLU D 204 43.46 3.89 10.79
N ARG D 205 43.23 5.12 11.22
CA ARG D 205 43.67 5.59 12.52
C ARG D 205 42.73 5.10 13.60
N TYR D 206 43.29 4.42 14.61
CA TYR D 206 42.55 3.99 15.78
C TYR D 206 43.32 4.43 17.01
N GLU D 207 42.66 5.17 17.88
CA GLU D 207 43.31 5.83 19.00
C GLU D 207 43.52 4.86 20.15
N PHE D 208 44.12 5.36 21.23
CA PHE D 208 44.26 4.53 22.42
C PHE D 208 43.20 4.82 23.47
N SER D 209 43.11 6.05 23.95
CA SER D 209 41.97 6.54 24.73
C SER D 209 41.73 5.78 26.02
N SER D 210 42.75 5.62 26.86
CA SER D 210 42.56 5.49 28.31
C SER D 210 41.72 4.27 28.70
N ILE D 211 42.33 3.09 28.57
CA ILE D 211 41.83 1.89 29.25
C ILE D 211 41.54 2.23 30.71
N ASP D 212 40.44 1.71 31.26
CA ASP D 212 40.05 2.13 32.61
C ASP D 212 39.36 0.99 33.36
N ILE D 213 38.95 1.28 34.59
CA ILE D 213 38.29 0.33 35.48
C ILE D 213 36.90 0.86 35.80
N ALA D 214 35.90 -0.03 35.84
CA ALA D 214 34.53 0.41 36.00
C ALA D 214 33.75 -0.55 36.86
N ALA D 215 32.79 -0.01 37.59
CA ALA D 215 31.80 -0.80 38.32
C ALA D 215 30.54 -0.92 37.50
N LEU D 216 29.96 -2.11 37.48
CA LEU D 216 28.78 -2.40 36.68
C LEU D 216 27.53 -2.33 37.53
N ASP D 217 26.52 -1.63 37.03
CA ASP D 217 25.23 -1.52 37.69
C ASP D 217 24.24 -2.45 37.00
N GLN D 218 23.79 -3.48 37.71
CA GLN D 218 22.93 -4.47 37.09
C GLN D 218 21.52 -3.96 36.92
N ASP D 219 21.07 -3.05 37.79
CA ASP D 219 19.70 -2.58 37.70
C ASP D 219 19.50 -1.65 36.52
N MET D 220 20.39 -0.68 36.35
CA MET D 220 20.34 0.16 35.16
C MET D 220 20.47 -0.70 33.90
N PHE D 221 21.23 -1.78 33.98
CA PHE D 221 21.45 -2.62 32.82
C PHE D 221 20.19 -3.40 32.48
N ASP D 222 19.50 -3.92 33.49
CA ASP D 222 18.20 -4.53 33.27
C ASP D 222 17.20 -3.54 32.71
N TYR D 223 17.22 -2.30 33.21
CA TYR D 223 16.29 -1.30 32.71
C TYR D 223 16.54 -0.99 31.24
N TRP D 224 17.81 -0.85 30.87
CA TRP D 224 18.14 -0.63 29.47
C TRP D 224 17.69 -1.80 28.62
N ALA D 225 17.88 -3.02 29.11
CA ALA D 225 17.44 -4.19 28.35
C ALA D 225 15.93 -4.17 28.14
N ASP D 226 15.18 -3.86 29.20
CA ASP D 226 13.72 -3.81 29.08
C ASP D 226 13.28 -2.74 28.09
N LEU D 227 13.88 -1.55 28.18
CA LEU D 227 13.58 -0.51 27.21
C LEU D 227 13.86 -0.98 25.79
N ASP D 228 15.03 -1.60 25.58
CA ASP D 228 15.39 -2.08 24.25
C ASP D 228 14.38 -3.09 23.72
N VAL D 229 13.97 -4.03 24.57
CA VAL D 229 12.98 -5.02 24.15
C VAL D 229 11.68 -4.34 23.77
N VAL D 230 11.24 -3.37 24.59
CA VAL D 230 9.94 -2.77 24.36
C VAL D 230 9.96 -1.89 23.13
N THR D 231 10.94 -0.99 23.03
CA THR D 231 10.95 -0.03 21.94
C THR D 231 11.18 -0.68 20.59
N GLY D 232 11.82 -1.84 20.53
CA GLY D 232 12.02 -2.51 19.26
C GLY D 232 10.80 -3.25 18.79
N SER D 233 9.81 -3.45 19.65
CA SER D 233 8.57 -4.11 19.28
C SER D 233 7.55 -3.15 18.69
N LEU D 234 7.77 -1.84 18.82
CA LEU D 234 6.80 -0.89 18.29
C LEU D 234 7.00 -0.67 16.80
N GLU D 235 8.21 -0.89 16.30
CA GLU D 235 8.46 -0.79 14.87
C GLU D 235 7.87 -1.95 14.09
N ASN D 236 7.52 -3.05 14.76
CA ASN D 236 7.14 -4.26 14.07
C ASN D 236 5.71 -4.68 14.30
N MET D 237 5.03 -4.09 15.28
CA MET D 237 3.62 -4.35 15.47
C MET D 237 2.80 -3.44 14.58
N ASN D 238 1.50 -3.73 14.50
CA ASN D 238 0.56 -2.89 13.80
C ASN D 238 -0.34 -2.20 14.80
N ASP D 239 -0.77 -0.99 14.44
CA ASP D 239 -1.66 -0.22 15.33
C ASP D 239 -3.10 -0.71 15.23
N ALA D 240 -3.28 -2.00 15.40
CA ALA D 240 -4.62 -2.58 15.41
C ALA D 240 -4.87 -3.43 16.64
N ASP D 241 -3.85 -4.10 17.14
CA ASP D 241 -4.02 -4.81 18.39
C ASP D 241 -3.87 -3.79 19.52
N PRO D 242 -4.65 -3.91 20.59
CA PRO D 242 -4.47 -2.97 21.70
C PRO D 242 -3.12 -3.10 22.39
N ARG D 243 -2.33 -4.13 22.08
CA ARG D 243 -1.01 -4.22 22.71
C ARG D 243 -0.08 -3.14 22.19
N TYR D 244 -0.21 -2.77 20.92
CA TYR D 244 0.61 -1.69 20.38
C TYR D 244 0.43 -0.40 21.18
N TRP D 245 -0.79 -0.17 21.67
CA TRP D 245 -1.06 1.06 22.39
C TRP D 245 -0.82 0.92 23.88
N LYS D 246 -1.05 -0.26 24.44
CA LYS D 246 -0.77 -0.47 25.85
C LYS D 246 0.72 -0.51 26.11
N LEU D 247 1.51 -0.86 25.09
CA LEU D 247 2.96 -0.77 25.20
C LEU D 247 3.43 0.67 25.09
N ALA D 248 3.00 1.37 24.04
CA ALA D 248 3.49 2.72 23.80
C ALA D 248 3.05 3.68 24.88
N LYS D 249 2.10 3.28 25.72
CA LYS D 249 1.73 4.10 26.85
C LYS D 249 2.68 3.86 28.02
N ALA D 250 3.03 2.60 28.29
CA ALA D 250 3.94 2.31 29.38
C ALA D 250 5.34 2.81 29.09
N MET D 251 5.79 2.70 27.84
CA MET D 251 7.07 3.27 27.46
C MET D 251 7.10 4.76 27.74
N GLN D 252 5.99 5.45 27.51
CA GLN D 252 5.95 6.89 27.74
C GLN D 252 5.91 7.21 29.23
N ARG D 253 5.16 6.43 30.00
CA ARG D 253 5.06 6.69 31.43
C ARG D 253 6.38 6.47 32.14
N SER D 254 7.19 5.55 31.64
CA SER D 254 8.44 5.24 32.31
C SER D 254 9.48 6.33 32.10
N ILE D 255 9.77 6.66 30.84
CA ILE D 255 10.78 7.66 30.56
C ILE D 255 10.38 9.05 31.04
N ASN D 256 9.11 9.26 31.34
CA ASN D 256 8.67 10.48 32.01
C ASN D 256 8.92 10.45 33.51
N LEU D 257 9.47 9.37 34.02
CA LEU D 257 9.61 9.19 35.46
C LEU D 257 11.05 8.98 35.90
N TRP D 258 11.97 8.79 34.97
CA TRP D 258 13.36 8.49 35.28
C TRP D 258 14.17 9.78 35.17
N ASP D 259 14.69 10.24 36.29
CA ASP D 259 15.51 11.45 36.35
C ASP D 259 16.93 11.05 36.74
N GLU D 260 17.87 11.21 35.82
CA GLU D 260 19.22 10.71 36.04
C GLU D 260 19.96 11.47 37.11
N LYS D 261 19.34 12.46 37.74
CA LYS D 261 19.93 13.18 38.86
C LYS D 261 19.29 12.80 40.19
N ASP D 262 18.52 11.72 40.22
CA ASP D 262 17.94 11.22 41.46
C ASP D 262 17.78 9.71 41.30
N TYR D 263 18.75 8.96 41.83
CA TYR D 263 18.79 7.53 41.61
C TYR D 263 17.53 6.83 42.13
N ASN D 264 16.90 7.37 43.16
CA ASN D 264 15.75 6.69 43.75
C ASN D 264 14.58 6.61 42.78
N THR D 265 14.61 7.41 41.70
CA THR D 265 13.55 7.33 40.73
C THR D 265 13.67 6.12 39.83
N LEU D 266 14.86 5.51 39.75
CA LEU D 266 15.02 4.33 38.91
C LEU D 266 14.03 3.24 39.29
N ALA D 267 13.95 2.93 40.58
CA ALA D 267 13.00 1.91 41.03
C ALA D 267 11.56 2.28 40.69
N LEU D 268 11.27 3.58 40.58
CA LEU D 268 9.92 3.97 40.18
C LEU D 268 9.70 3.76 38.69
N ALA D 269 10.75 3.92 37.87
CA ALA D 269 10.57 3.84 36.43
C ALA D 269 10.41 2.40 35.97
N ARG D 270 11.07 1.46 36.64
CA ARG D 270 10.98 0.07 36.23
C ARG D 270 9.59 -0.49 36.52
N LYS D 271 8.97 -0.06 37.62
CA LYS D 271 7.66 -0.58 37.97
C LYS D 271 6.60 -0.17 36.96
N ALA D 272 6.78 0.96 36.29
CA ALA D 272 5.84 1.35 35.24
C ALA D 272 5.98 0.46 34.02
N LEU D 273 7.22 0.09 33.69
CA LEU D 273 7.48 -0.81 32.57
C LEU D 273 7.53 -2.26 33.05
N ASP D 274 6.50 -2.63 33.82
CA ASP D 274 6.30 -3.99 34.27
C ASP D 274 4.88 -4.47 34.09
N LYS D 275 3.90 -3.58 34.03
CA LYS D 275 2.53 -3.96 33.78
C LYS D 275 2.33 -4.55 32.39
N VAL D 276 3.36 -4.54 31.55
CA VAL D 276 3.26 -5.04 30.18
C VAL D 276 4.33 -6.07 29.86
N MET D 277 5.31 -6.28 30.73
CA MET D 277 6.38 -7.21 30.41
C MET D 277 5.97 -8.66 30.66
N HIS D 278 4.99 -8.88 31.54
CA HIS D 278 4.56 -10.24 31.87
C HIS D 278 3.17 -10.45 31.29
N ASN D 279 3.14 -10.87 30.02
CA ASN D 279 1.91 -11.16 29.33
C ASN D 279 2.15 -12.45 28.55
N PRO D 280 1.41 -13.51 28.83
CA PRO D 280 1.70 -14.80 28.21
C PRO D 280 1.48 -14.75 26.70
N ALA D 281 2.39 -15.41 25.98
CA ALA D 281 2.35 -15.41 24.53
C ALA D 281 1.01 -15.94 24.02
N ASN D 282 0.72 -15.62 22.75
CA ASN D 282 -0.53 -16.03 22.14
C ASN D 282 -0.62 -17.55 22.08
N ALA D 283 -1.80 -18.04 21.74
CA ALA D 283 -2.02 -19.49 21.74
C ALA D 283 -1.33 -20.17 20.57
N SER D 284 -1.34 -19.54 19.39
CA SER D 284 -0.85 -20.17 18.18
C SER D 284 0.58 -19.75 17.83
N ALA D 285 1.26 -19.02 18.71
CA ALA D 285 2.58 -18.50 18.39
C ALA D 285 3.56 -19.64 18.14
N MET D 286 4.52 -19.40 17.26
CA MET D 286 5.55 -20.39 16.97
C MET D 286 6.46 -20.59 18.17
N THR D 287 7.35 -21.56 18.05
CA THR D 287 8.37 -21.82 19.06
C THR D 287 9.72 -21.92 18.38
N LEU D 288 10.67 -21.09 18.82
CA LEU D 288 12.00 -21.04 18.24
C LEU D 288 13.01 -21.61 19.21
N THR D 289 13.96 -22.35 18.64
CA THR D 289 15.04 -22.95 19.40
C THR D 289 16.32 -22.20 19.09
N ALA D 290 16.79 -21.42 20.05
CA ALA D 290 17.91 -20.52 19.86
C ALA D 290 19.19 -21.18 20.36
N MET D 291 20.27 -21.00 19.62
CA MET D 291 21.59 -21.45 20.04
C MET D 291 22.61 -20.44 19.57
N GLY D 292 23.64 -20.24 20.37
CA GLY D 292 24.70 -19.30 20.01
C GLY D 292 25.58 -19.87 18.94
N HIS D 293 25.86 -19.06 17.92
CA HIS D 293 26.59 -19.56 16.75
C HIS D 293 27.29 -18.39 16.07
N SER D 294 28.59 -18.53 15.85
CA SER D 294 29.37 -17.55 15.12
C SER D 294 30.08 -18.24 13.98
N HIS D 295 29.86 -17.75 12.76
CA HIS D 295 30.43 -18.32 11.56
C HIS D 295 31.78 -17.67 11.31
N ILE D 296 32.81 -18.47 11.13
CA ILE D 296 34.17 -17.98 10.86
C ILE D 296 34.57 -18.46 9.47
N ASP D 297 34.69 -17.54 8.54
CA ASP D 297 35.21 -17.88 7.21
C ASP D 297 36.71 -18.12 7.31
N SER D 298 37.12 -19.37 7.12
CA SER D 298 38.50 -19.79 7.35
C SER D 298 39.52 -18.93 6.62
N ALA D 299 39.17 -18.35 5.48
CA ALA D 299 40.05 -17.39 4.83
C ALA D 299 39.24 -16.53 3.88
N TRP D 300 39.05 -15.27 4.24
CA TRP D 300 38.35 -14.31 3.38
C TRP D 300 38.57 -12.93 3.96
N LEU D 301 39.14 -12.01 3.18
CA LEU D 301 39.50 -10.65 3.62
C LEU D 301 40.55 -10.64 4.71
N TRP D 302 41.29 -11.73 4.92
CA TRP D 302 42.44 -11.75 5.81
C TRP D 302 43.28 -12.97 5.47
N PRO D 303 44.57 -12.96 5.79
CA PRO D 303 45.40 -14.14 5.54
C PRO D 303 45.01 -15.33 6.40
N VAL D 304 45.37 -16.54 6.00
CA VAL D 304 45.00 -17.72 6.75
C VAL D 304 45.78 -17.79 8.06
N ARG D 305 46.86 -17.02 8.19
CA ARG D 305 47.60 -17.01 9.45
C ARG D 305 46.84 -16.22 10.51
N GLU D 306 45.74 -15.58 10.14
CA GLU D 306 44.95 -14.82 11.11
C GLU D 306 43.75 -15.62 11.62
N THR D 307 43.24 -16.56 10.83
CA THR D 307 42.04 -17.28 11.24
C THR D 307 42.26 -18.04 12.55
N GLU D 308 43.49 -18.50 12.79
CA GLU D 308 43.75 -19.25 14.02
C GLU D 308 43.46 -18.39 15.24
N ARG D 309 43.96 -17.16 15.25
CA ARG D 309 43.69 -16.26 16.36
C ARG D 309 42.21 -15.92 16.44
N LYS D 310 41.54 -15.83 15.29
CA LYS D 310 40.10 -15.54 15.30
C LYS D 310 39.32 -16.65 15.98
N VAL D 311 39.67 -17.90 15.68
CA VAL D 311 39.03 -19.03 16.34
C VAL D 311 39.30 -18.98 17.84
N GLY D 312 40.54 -18.70 18.22
CA GLY D 312 40.85 -18.59 19.65
C GLY D 312 40.02 -17.54 20.35
N ARG D 313 39.94 -16.34 19.76
CA ARG D 313 39.20 -15.26 20.37
C ARG D 313 37.72 -15.62 20.50
N THR D 314 37.13 -16.12 19.43
CA THR D 314 35.71 -16.46 19.48
C THR D 314 35.42 -17.49 20.55
N VAL D 315 36.23 -18.55 20.61
CA VAL D 315 35.97 -19.58 21.60
C VAL D 315 36.10 -19.01 23.00
N SER D 316 37.12 -18.18 23.25
CA SER D 316 37.26 -17.61 24.58
C SER D 316 36.06 -16.74 24.93
N ASN D 317 35.53 -16.01 23.96
CA ASN D 317 34.31 -15.25 24.19
C ASN D 317 33.15 -16.17 24.55
N ALA D 318 33.09 -17.35 23.93
CA ALA D 318 31.97 -18.25 24.15
C ALA D 318 31.94 -18.75 25.59
N LEU D 319 33.10 -19.03 26.16
CA LEU D 319 33.15 -19.56 27.53
C LEU D 319 32.97 -18.47 28.58
N ALA D 320 33.31 -17.23 28.26
CA ALA D 320 33.07 -16.13 29.17
C ALA D 320 31.60 -15.74 29.23
N LEU D 321 30.77 -16.32 28.38
CA LEU D 321 29.34 -16.10 28.42
C LEU D 321 28.58 -17.27 29.02
N MET D 322 29.28 -18.36 29.31
CA MET D 322 28.67 -19.49 30.01
C MET D 322 28.74 -19.34 31.51
N ASP D 323 29.23 -18.21 32.01
CA ASP D 323 29.15 -17.90 33.44
C ASP D 323 28.43 -16.60 33.70
N ILE D 324 27.78 -16.02 32.70
CA ILE D 324 26.83 -14.95 32.92
C ILE D 324 25.44 -15.51 33.19
N ASP D 325 25.13 -16.65 32.58
CA ASP D 325 23.89 -17.35 32.84
C ASP D 325 24.01 -18.81 32.46
N PRO D 326 23.36 -19.69 33.20
CA PRO D 326 23.28 -21.09 32.78
C PRO D 326 22.33 -21.26 31.61
N ASP D 327 22.06 -22.50 31.23
CA ASP D 327 21.15 -22.86 30.16
C ASP D 327 21.38 -22.08 28.87
N PHE D 328 22.61 -21.67 28.61
CA PHE D 328 22.98 -21.04 27.35
C PHE D 328 23.80 -22.05 26.55
N THR D 329 23.42 -22.26 25.30
CA THR D 329 24.03 -23.26 24.45
C THR D 329 24.75 -22.60 23.29
N TYR D 330 25.83 -23.23 22.81
CA TYR D 330 26.68 -22.69 21.78
C TYR D 330 27.14 -23.84 20.88
N VAL D 331 27.07 -23.63 19.56
CA VAL D 331 27.44 -24.65 18.58
C VAL D 331 28.71 -24.21 17.86
N MET D 332 29.45 -25.18 17.33
CA MET D 332 30.68 -24.87 16.61
C MET D 332 30.99 -26.00 15.63
N SER D 333 31.28 -25.63 14.39
CA SER D 333 31.55 -26.57 13.31
C SER D 333 33.04 -26.61 12.98
N ALA D 334 33.37 -27.26 11.86
CA ALA D 334 34.68 -27.15 11.21
C ALA D 334 35.81 -27.67 12.11
N ALA D 335 35.85 -29.00 12.24
CA ALA D 335 36.88 -29.68 13.01
C ALA D 335 38.28 -29.13 12.80
N GLN D 336 38.57 -28.58 11.61
CA GLN D 336 39.84 -27.91 11.42
C GLN D 336 40.03 -26.77 12.40
N HIS D 337 38.96 -26.07 12.74
CA HIS D 337 39.06 -25.00 13.72
C HIS D 337 39.39 -25.55 15.09
N PHE D 338 38.80 -26.69 15.45
CA PHE D 338 39.15 -27.34 16.71
C PHE D 338 40.62 -27.72 16.73
N ALA D 339 41.15 -28.24 15.62
CA ALA D 339 42.56 -28.59 15.57
C ALA D 339 43.44 -27.35 15.73
N TRP D 340 43.11 -26.27 15.03
CA TRP D 340 43.88 -25.04 15.17
C TRP D 340 43.85 -24.54 16.61
N LEU D 341 42.70 -24.65 17.27
CA LEU D 341 42.61 -24.26 18.67
C LEU D 341 43.44 -25.15 19.57
N GLU D 342 43.55 -26.44 19.25
CA GLU D 342 44.28 -27.37 20.11
C GLU D 342 45.75 -27.00 20.20
N GLU D 343 46.31 -26.49 19.11
CA GLU D 343 47.74 -26.23 19.02
C GLU D 343 48.14 -24.89 19.62
N ARG D 344 47.25 -23.89 19.57
CA ARG D 344 47.59 -22.54 19.96
C ARG D 344 47.22 -22.19 21.40
N HIS D 345 46.14 -22.75 21.92
CA HIS D 345 45.68 -22.46 23.28
C HIS D 345 45.38 -23.77 23.99
N PRO D 346 46.40 -24.47 24.47
CA PRO D 346 46.17 -25.74 25.16
C PRO D 346 45.25 -25.62 26.36
N ASP D 347 45.33 -24.52 27.12
CA ASP D 347 44.47 -24.36 28.27
C ASP D 347 43.01 -24.16 27.85
N LEU D 348 42.79 -23.41 26.78
CA LEU D 348 41.44 -23.17 26.30
C LEU D 348 40.81 -24.41 25.69
N PHE D 349 41.57 -25.48 25.50
CA PHE D 349 41.01 -26.71 24.97
C PHE D 349 40.35 -27.52 26.08
N GLU D 350 40.99 -27.55 27.25
CA GLU D 350 40.44 -28.35 28.33
C GLU D 350 39.22 -27.69 28.96
N ARG D 351 39.03 -26.40 28.75
CA ARG D 351 37.80 -25.76 29.20
C ARG D 351 36.65 -26.09 28.26
N VAL D 352 36.94 -26.25 26.98
CA VAL D 352 35.89 -26.67 26.04
C VAL D 352 35.41 -28.07 26.37
N LYS D 353 36.32 -29.02 26.53
CA LYS D 353 35.93 -30.40 26.80
C LYS D 353 35.13 -30.51 28.09
N ALA D 354 35.35 -29.61 29.03
CA ALA D 354 34.56 -29.63 30.26
C ALA D 354 33.12 -29.24 29.98
N ARG D 355 32.90 -28.39 28.99
CA ARG D 355 31.53 -28.02 28.62
C ARG D 355 30.90 -29.05 27.71
N ILE D 356 31.68 -29.72 26.86
CA ILE D 356 31.13 -30.72 25.96
C ILE D 356 30.46 -31.82 26.75
N ALA D 357 31.14 -32.33 27.79
CA ALA D 357 30.54 -33.39 28.61
C ALA D 357 29.33 -32.87 29.37
N GLU D 358 29.28 -31.58 29.64
CA GLU D 358 28.13 -31.00 30.32
C GLU D 358 26.91 -30.99 29.42
N GLY D 359 27.09 -30.60 28.15
CA GLY D 359 26.01 -30.60 27.19
C GLY D 359 25.62 -29.23 26.68
N ARG D 360 26.34 -28.17 27.06
CA ARG D 360 26.00 -26.84 26.59
C ARG D 360 26.82 -26.41 25.39
N PHE D 361 27.95 -27.06 25.14
CA PHE D 361 28.79 -26.79 23.99
C PHE D 361 28.62 -27.95 23.03
N ILE D 362 28.23 -27.67 21.80
CA ILE D 362 27.87 -28.70 20.84
C ILE D 362 28.72 -28.55 19.59
N PRO D 363 29.56 -29.54 19.25
CA PRO D 363 30.18 -29.57 17.93
C PRO D 363 29.23 -30.24 16.94
N VAL D 364 29.04 -29.62 15.78
CA VAL D 364 28.02 -30.05 14.83
C VAL D 364 28.67 -30.34 13.49
N GLY D 365 28.00 -31.18 12.70
CA GLY D 365 28.36 -31.37 11.32
C GLY D 365 29.78 -31.82 11.11
N GLY D 366 30.09 -33.07 11.44
CA GLY D 366 31.45 -33.52 11.34
C GLY D 366 32.01 -33.39 9.94
N MET D 367 32.86 -32.38 9.75
CA MET D 367 33.52 -32.15 8.49
C MET D 367 34.81 -31.38 8.78
N TRP D 368 35.78 -31.48 7.89
CA TRP D 368 37.04 -30.81 8.16
C TRP D 368 36.87 -29.30 8.10
N VAL D 369 36.32 -28.79 6.99
CA VAL D 369 35.92 -27.40 6.89
C VAL D 369 34.56 -27.34 6.20
N GLU D 370 33.92 -26.19 6.28
CA GLU D 370 32.66 -25.99 5.58
C GLU D 370 32.98 -25.80 4.09
N SER D 371 33.12 -26.92 3.40
CA SER D 371 33.61 -26.92 2.03
C SER D 371 32.61 -26.24 1.10
N ASP D 372 32.99 -26.12 -0.16
CA ASP D 372 32.06 -25.68 -1.17
C ASP D 372 31.03 -26.77 -1.41
N GLY D 373 29.88 -26.38 -1.94
CA GLY D 373 28.79 -27.32 -2.07
C GLY D 373 28.63 -27.95 -3.42
N THR D 374 29.33 -27.47 -4.45
CA THR D 374 29.10 -28.00 -5.78
C THR D 374 30.36 -28.37 -6.54
N MET D 375 31.47 -27.69 -6.30
CA MET D 375 32.65 -27.90 -7.12
C MET D 375 33.44 -29.15 -6.78
N PRO D 376 33.77 -29.45 -5.51
CA PRO D 376 34.60 -30.63 -5.23
C PRO D 376 33.96 -31.90 -5.78
N CYS D 377 34.81 -32.89 -6.07
CA CYS D 377 34.29 -34.14 -6.58
C CYS D 377 33.69 -34.96 -5.44
N GLY D 378 33.27 -36.18 -5.76
CA GLY D 378 32.68 -37.03 -4.75
C GLY D 378 33.67 -37.46 -3.69
N GLU D 379 34.89 -37.80 -4.12
CA GLU D 379 35.88 -38.26 -3.15
C GLU D 379 36.29 -37.15 -2.21
N SER D 380 36.30 -35.91 -2.68
CA SER D 380 36.58 -34.79 -1.78
C SER D 380 35.57 -34.74 -0.65
N LEU D 381 34.28 -34.80 -0.98
CA LEU D 381 33.25 -34.72 0.04
C LEU D 381 33.33 -35.91 0.99
N ILE D 382 33.51 -37.10 0.44
CA ILE D 382 33.58 -38.29 1.30
C ILE D 382 34.77 -38.17 2.25
N ARG D 383 35.92 -37.70 1.75
CA ARG D 383 37.10 -37.61 2.59
C ARG D 383 36.93 -36.53 3.64
N GLN D 384 36.23 -35.45 3.30
CA GLN D 384 35.96 -34.41 4.29
C GLN D 384 35.13 -34.99 5.43
N ILE D 385 34.04 -35.66 5.10
CA ILE D 385 33.19 -36.26 6.13
C ILE D 385 33.99 -37.24 6.96
N SER D 386 34.83 -38.05 6.32
CA SER D 386 35.56 -39.08 7.05
C SER D 386 36.56 -38.46 8.01
N TYR D 387 37.40 -37.54 7.53
CA TYR D 387 38.38 -36.93 8.41
C TYR D 387 37.72 -36.18 9.56
N GLY D 388 36.58 -35.53 9.28
CA GLY D 388 35.87 -34.85 10.35
C GLY D 388 35.34 -35.79 11.40
N LYS D 389 34.62 -36.84 10.97
CA LYS D 389 34.11 -37.83 11.92
C LYS D 389 35.24 -38.45 12.72
N ARG D 390 36.40 -38.65 12.09
CA ARG D 390 37.53 -39.24 12.79
C ARG D 390 38.08 -38.29 13.85
N TYR D 391 38.17 -37.00 13.52
CA TYR D 391 38.65 -36.05 14.52
C TYR D 391 37.68 -35.92 15.68
N PHE D 392 36.38 -35.82 15.39
CA PHE D 392 35.39 -35.66 16.44
C PHE D 392 35.29 -36.88 17.35
N LYS D 393 35.93 -37.99 17.02
CA LYS D 393 35.79 -39.21 17.80
C LYS D 393 36.94 -39.36 18.79
N GLU D 394 38.17 -39.32 18.31
CA GLU D 394 39.32 -39.50 19.17
C GLU D 394 39.55 -38.33 20.12
N LYS D 395 39.21 -37.11 19.72
CA LYS D 395 39.45 -35.93 20.55
C LYS D 395 38.27 -35.59 21.44
N LEU D 396 37.12 -35.30 20.87
CA LEU D 396 35.98 -34.84 21.64
C LEU D 396 35.03 -35.95 22.05
N GLY D 397 34.98 -37.04 21.30
CA GLY D 397 34.11 -38.14 21.66
C GLY D 397 32.66 -37.95 21.30
N VAL D 398 32.38 -37.24 20.22
CA VAL D 398 31.01 -36.98 19.79
C VAL D 398 30.80 -37.60 18.42
N VAL D 399 29.54 -37.90 18.11
CA VAL D 399 29.14 -38.40 16.81
C VAL D 399 27.99 -37.53 16.32
N PRO D 400 28.22 -36.61 15.40
CA PRO D 400 27.13 -35.75 14.93
C PRO D 400 26.14 -36.52 14.08
N ASN D 401 24.97 -35.93 13.89
CA ASN D 401 23.86 -36.59 13.21
C ASN D 401 23.37 -35.81 12.00
N GLY D 402 24.00 -34.68 11.71
CA GLY D 402 23.55 -33.87 10.59
C GLY D 402 24.67 -33.03 10.05
N ILE D 403 24.45 -32.50 8.85
CA ILE D 403 25.46 -31.74 8.13
C ILE D 403 25.15 -30.26 8.28
N TRP D 404 26.13 -29.49 8.74
CA TRP D 404 25.97 -28.08 9.04
C TRP D 404 26.70 -27.29 7.95
N LEU D 405 25.93 -26.65 7.07
CA LEU D 405 26.46 -25.92 5.92
C LEU D 405 25.60 -24.70 5.64
N PRO D 406 25.69 -23.68 6.46
CA PRO D 406 24.81 -22.52 6.28
C PRO D 406 25.23 -21.61 5.15
N ASP D 407 26.51 -21.58 4.82
CA ASP D 407 27.07 -20.64 3.85
C ASP D 407 27.74 -21.42 2.72
N SER D 408 27.13 -21.39 1.53
CA SER D 408 27.67 -22.09 0.38
C SER D 408 26.95 -21.62 -0.87
N PHE D 409 27.64 -21.66 -2.00
CA PHE D 409 27.10 -21.14 -3.27
C PHE D 409 26.36 -22.23 -4.04
N GLY D 410 25.40 -22.87 -3.39
CA GLY D 410 24.61 -23.90 -4.02
C GLY D 410 25.03 -25.27 -3.55
N TYR D 411 24.23 -26.27 -3.91
CA TYR D 411 24.47 -27.62 -3.41
C TYR D 411 24.32 -28.58 -4.58
N THR D 412 25.17 -29.61 -4.58
CA THR D 412 25.44 -30.36 -5.79
C THR D 412 24.24 -31.18 -6.24
N GLY D 413 23.46 -31.69 -5.30
CA GLY D 413 22.40 -32.60 -5.63
C GLY D 413 22.74 -34.06 -5.45
N ALA D 414 24.02 -34.40 -5.32
CA ALA D 414 24.45 -35.70 -4.86
C ALA D 414 24.61 -35.75 -3.35
N TRP D 415 24.36 -34.63 -2.68
CA TRP D 415 24.51 -34.57 -1.23
C TRP D 415 23.60 -35.52 -0.47
N PRO D 416 22.30 -35.66 -0.81
CA PRO D 416 21.45 -36.52 0.03
C PRO D 416 21.94 -37.96 0.13
N GLN D 417 22.41 -38.54 -0.98
CA GLN D 417 22.85 -39.92 -0.93
C GLN D 417 24.11 -40.06 -0.09
N ILE D 418 25.09 -39.18 -0.31
CA ILE D 418 26.32 -39.25 0.46
C ILE D 418 26.03 -39.07 1.95
N ALA D 419 25.16 -38.13 2.29
CA ALA D 419 24.83 -37.89 3.69
C ALA D 419 24.15 -39.11 4.30
N LYS D 420 23.16 -39.68 3.62
CA LYS D 420 22.44 -40.81 4.18
C LYS D 420 23.34 -42.03 4.31
N ARG D 421 24.21 -42.26 3.34
CA ARG D 421 25.09 -43.41 3.40
C ARG D 421 26.28 -43.17 4.30
N SER D 422 26.44 -41.96 4.82
CA SER D 422 27.49 -41.66 5.78
C SER D 422 26.99 -41.62 7.21
N GLY D 423 25.76 -42.04 7.46
CA GLY D 423 25.23 -42.09 8.81
C GLY D 423 24.49 -40.85 9.26
N TYR D 424 24.25 -39.89 8.37
CA TYR D 424 23.62 -38.64 8.78
C TYR D 424 22.10 -38.75 8.72
N SER D 425 21.44 -37.82 9.40
CA SER D 425 19.99 -37.85 9.55
C SER D 425 19.30 -36.59 9.06
N TRP D 426 19.94 -35.43 9.14
CA TRP D 426 19.33 -34.19 8.69
C TRP D 426 20.38 -33.30 8.05
N PHE D 427 19.94 -32.13 7.57
CA PHE D 427 20.77 -31.25 6.79
C PHE D 427 20.34 -29.82 7.06
N LEU D 428 21.28 -28.88 7.02
CA LEU D 428 21.00 -27.48 7.36
C LEU D 428 21.63 -26.55 6.32
N THR D 429 20.85 -25.59 5.83
CA THR D 429 21.32 -24.59 4.89
C THR D 429 20.57 -23.29 5.12
N GLN D 430 21.18 -22.16 4.77
CA GLN D 430 20.46 -20.90 4.71
C GLN D 430 20.82 -20.03 3.53
N LYS D 431 21.94 -20.29 2.84
CA LYS D 431 22.44 -19.33 1.87
C LYS D 431 21.54 -19.20 0.66
N LEU D 432 20.58 -20.10 0.49
CA LEU D 432 19.83 -20.09 -0.76
C LEU D 432 18.76 -19.01 -0.77
N CYS D 433 18.79 -18.09 0.19
CA CYS D 433 17.85 -16.97 0.23
C CYS D 433 18.24 -15.84 -0.70
N TRP D 434 19.51 -15.74 -1.07
CA TRP D 434 20.00 -14.62 -1.87
C TRP D 434 19.67 -14.75 -3.35
N ASN D 435 18.92 -15.77 -3.75
CA ASN D 435 18.57 -15.94 -5.15
C ASN D 435 17.98 -14.66 -5.71
N ASP D 436 18.33 -14.36 -6.96
CA ASP D 436 17.96 -13.06 -7.51
C ASP D 436 16.54 -13.05 -8.04
N THR D 437 16.01 -14.22 -8.40
CA THR D 437 14.70 -14.29 -9.04
C THR D 437 13.66 -15.00 -8.20
N THR D 438 13.90 -16.25 -7.83
CA THR D 438 12.85 -17.09 -7.26
C THR D 438 13.10 -17.37 -5.79
N ARG D 439 12.01 -17.52 -5.05
CA ARG D 439 12.04 -17.97 -3.66
C ARG D 439 11.57 -19.41 -3.61
N LEU D 440 12.26 -20.23 -2.83
CA LEU D 440 11.85 -21.62 -2.69
C LEU D 440 10.52 -21.71 -1.99
N PRO D 441 9.74 -22.77 -2.22
CA PRO D 441 8.39 -22.82 -1.62
C PRO D 441 8.39 -23.02 -0.12
N HIS D 442 9.27 -23.86 0.41
CA HIS D 442 9.16 -24.30 1.79
C HIS D 442 10.49 -24.13 2.51
N HIS D 443 10.43 -24.06 3.84
CA HIS D 443 11.62 -23.97 4.68
C HIS D 443 12.03 -25.31 5.25
N SER D 444 11.08 -26.13 5.65
CA SER D 444 11.35 -27.49 6.11
C SER D 444 10.79 -28.45 5.06
N PHE D 445 11.61 -29.38 4.60
CA PHE D 445 11.15 -30.26 3.52
C PHE D 445 12.02 -31.50 3.45
N MET D 446 11.67 -32.40 2.54
CA MET D 446 12.40 -33.62 2.28
C MET D 446 13.12 -33.48 0.96
N TRP D 447 14.45 -33.52 1.00
CA TRP D 447 15.28 -33.32 -0.17
C TRP D 447 15.72 -34.67 -0.69
N GLU D 448 15.35 -34.97 -1.92
CA GLU D 448 15.67 -36.23 -2.56
C GLU D 448 16.65 -35.98 -3.70
N GLY D 449 17.73 -36.75 -3.73
CA GLY D 449 18.76 -36.55 -4.72
C GLY D 449 18.44 -37.25 -6.02
N VAL D 450 19.47 -37.45 -6.82
CA VAL D 450 19.28 -38.14 -8.09
C VAL D 450 19.11 -39.65 -7.86
N ASP D 451 19.76 -40.18 -6.83
CA ASP D 451 19.64 -41.60 -6.55
C ASP D 451 18.24 -41.96 -6.10
N GLY D 452 17.70 -41.23 -5.13
CA GLY D 452 16.39 -41.52 -4.62
C GLY D 452 16.34 -41.44 -3.10
N SER D 453 17.50 -41.41 -2.47
CA SER D 453 17.57 -41.25 -1.03
C SER D 453 17.16 -39.84 -0.65
N GLN D 454 16.52 -39.71 0.51
CA GLN D 454 15.99 -38.44 0.95
C GLN D 454 16.52 -38.08 2.33
N ILE D 455 16.66 -36.78 2.57
CA ILE D 455 17.21 -36.25 3.80
C ILE D 455 16.32 -35.09 4.24
N PHE D 456 16.11 -34.93 5.54
CA PHE D 456 15.28 -33.83 6.02
C PHE D 456 16.11 -32.56 6.07
N THR D 457 15.64 -31.50 5.44
CA THR D 457 16.38 -30.25 5.33
C THR D 457 15.55 -29.12 5.89
N HIS D 458 16.22 -28.12 6.45
CA HIS D 458 15.58 -26.98 7.07
C HIS D 458 16.37 -25.71 6.78
N PHE D 459 15.66 -24.64 6.42
CA PHE D 459 16.32 -23.34 6.40
C PHE D 459 15.94 -22.57 7.64
N PRO D 460 16.87 -21.90 8.32
CA PRO D 460 16.50 -20.99 9.39
C PRO D 460 15.69 -19.83 8.83
N PRO D 461 14.46 -19.64 9.32
CA PRO D 461 13.58 -18.66 8.69
C PRO D 461 14.07 -17.23 8.82
N ALA D 462 15.04 -16.96 9.69
CA ALA D 462 15.56 -15.60 9.81
C ALA D 462 16.32 -15.16 8.58
N ASP D 463 16.53 -16.05 7.62
CA ASP D 463 17.21 -15.75 6.36
C ASP D 463 18.63 -15.27 6.57
N LYS D 464 19.23 -15.61 7.71
CA LYS D 464 20.61 -15.26 8.01
C LYS D 464 21.04 -16.04 9.24
N TYR D 465 22.32 -16.39 9.28
CA TYR D 465 22.86 -17.12 10.43
C TYR D 465 23.30 -16.19 11.55
N ASP D 466 23.70 -14.98 11.24
CA ASP D 466 24.15 -14.00 12.24
C ASP D 466 23.00 -13.06 12.57
N SER D 467 22.23 -13.41 13.59
CA SER D 467 21.19 -12.54 14.09
C SER D 467 21.66 -11.93 15.40
N ASP D 468 20.98 -10.88 15.84
CA ASP D 468 21.31 -10.23 17.09
C ASP D 468 20.21 -10.35 18.13
N MET D 469 19.30 -11.30 17.95
CA MET D 469 18.20 -11.54 18.88
C MET D 469 17.40 -10.26 19.12
N SER D 470 17.11 -9.54 18.05
CA SER D 470 16.33 -8.31 18.14
C SER D 470 14.85 -8.61 17.97
N ALA D 471 14.02 -7.61 18.25
CA ALA D 471 12.60 -7.76 17.98
C ALA D 471 12.33 -7.82 16.49
N ASN D 472 13.14 -7.12 15.69
CA ASN D 472 13.00 -7.20 14.24
C ASN D 472 13.13 -8.64 13.78
N ASP D 473 14.07 -9.38 14.36
CA ASP D 473 14.30 -10.75 13.92
C ASP D 473 13.17 -11.67 14.35
N MET D 474 12.60 -11.45 15.53
CA MET D 474 11.43 -12.23 15.92
C MET D 474 10.27 -11.99 14.97
N ALA D 475 9.94 -10.71 14.76
CA ALA D 475 8.86 -10.36 13.84
C ALA D 475 9.10 -10.97 12.47
N TYR D 476 10.34 -10.91 11.97
CA TYR D 476 10.61 -11.44 10.64
C TYR D 476 10.48 -12.95 10.61
N VAL D 477 11.04 -13.64 11.62
CA VAL D 477 11.00 -15.09 11.65
C VAL D 477 9.55 -15.57 11.63
N GLN D 478 8.70 -14.95 12.44
CA GLN D 478 7.33 -15.45 12.51
C GLN D 478 6.52 -15.04 11.28
N SER D 479 6.86 -13.92 10.66
CA SER D 479 6.09 -13.42 9.54
C SER D 479 6.65 -13.84 8.19
N ASN D 480 7.76 -14.56 8.18
CA ASN D 480 8.33 -15.06 6.94
C ASN D 480 8.30 -16.57 6.82
N TYR D 481 8.23 -17.30 7.93
CA TYR D 481 8.24 -18.75 7.90
C TYR D 481 7.21 -19.28 6.92
N LYS D 482 7.65 -20.13 5.99
CA LYS D 482 6.87 -20.52 4.83
C LYS D 482 6.03 -21.77 5.04
N ASP D 483 6.01 -22.31 6.26
CA ASP D 483 5.22 -23.51 6.52
C ASP D 483 4.47 -23.39 7.83
N LYS D 484 3.84 -22.25 8.08
CA LYS D 484 3.21 -21.99 9.35
C LYS D 484 1.93 -22.79 9.57
N ASP D 485 1.46 -23.52 8.55
CA ASP D 485 0.20 -24.22 8.70
C ASP D 485 0.37 -25.62 9.27
N LEU D 486 1.57 -26.18 9.20
CA LEU D 486 1.76 -27.57 9.60
C LEU D 486 3.06 -27.84 10.33
N SER D 487 3.84 -26.82 10.65
CA SER D 487 5.13 -27.02 11.30
C SER D 487 5.25 -26.34 12.66
N ASP D 488 4.90 -25.05 12.73
CA ASP D 488 5.01 -24.16 13.89
C ASP D 488 6.21 -24.48 14.77
N ARG D 489 7.36 -24.69 14.14
CA ARG D 489 8.60 -24.96 14.85
C ARG D 489 9.75 -24.58 13.95
N GLY D 490 10.69 -23.81 14.49
CA GLY D 490 11.81 -23.35 13.70
C GLY D 490 13.04 -23.20 14.55
N ILE D 491 14.14 -22.95 13.89
CA ILE D 491 15.43 -22.78 14.53
C ILE D 491 15.82 -21.31 14.44
N LEU D 492 16.71 -20.88 15.32
CA LEU D 492 17.11 -19.49 15.36
C LEU D 492 18.55 -19.39 15.85
N LEU D 493 19.46 -18.96 14.97
CA LEU D 493 20.86 -18.81 15.31
C LEU D 493 21.13 -17.34 15.56
N PHE D 494 21.99 -17.04 16.52
CA PHE D 494 22.33 -15.66 16.81
C PHE D 494 23.79 -15.55 17.23
N GLY D 495 24.35 -14.37 17.05
CA GLY D 495 25.75 -14.10 17.30
C GLY D 495 26.34 -13.26 16.20
N TYR D 496 27.52 -12.69 16.41
CA TYR D 496 28.19 -11.93 15.38
C TYR D 496 29.10 -12.84 14.59
N GLY D 497 28.80 -13.00 13.30
CA GLY D 497 29.46 -14.00 12.49
C GLY D 497 30.24 -13.41 11.34
N ASP D 498 30.75 -14.31 10.50
CA ASP D 498 31.48 -14.04 9.26
C ASP D 498 32.90 -13.58 9.54
N GLY D 499 33.19 -13.20 10.78
CA GLY D 499 34.55 -12.87 11.17
C GLY D 499 34.86 -13.28 12.59
N GLY D 500 33.96 -14.00 13.23
CA GLY D 500 34.11 -14.32 14.64
C GLY D 500 33.45 -13.27 15.53
N GLY D 501 33.71 -13.40 16.81
CA GLY D 501 33.13 -12.50 17.78
C GLY D 501 32.09 -13.14 18.65
N GLY D 502 31.27 -14.00 18.06
CA GLY D 502 30.27 -14.71 18.81
C GLY D 502 29.15 -13.82 19.28
N PRO D 503 28.36 -14.32 20.23
CA PRO D 503 27.31 -13.50 20.82
C PRO D 503 27.83 -12.68 21.99
N ILE D 504 27.12 -11.59 22.27
CA ILE D 504 27.46 -10.69 23.34
C ILE D 504 26.43 -10.81 24.45
N ARG D 505 26.81 -10.42 25.66
CA ARG D 505 25.94 -10.62 26.81
C ARG D 505 24.67 -9.80 26.73
N GLU D 506 24.60 -8.83 25.82
CA GLU D 506 23.35 -8.11 25.60
C GLU D 506 22.31 -8.99 24.91
N MET D 507 22.77 -9.92 24.07
CA MET D 507 21.83 -10.80 23.38
C MET D 507 21.17 -11.78 24.33
N THR D 508 21.95 -12.31 25.28
CA THR D 508 21.41 -13.32 26.18
C THR D 508 20.38 -12.75 27.12
N MET D 509 20.55 -11.49 27.54
CA MET D 509 19.65 -10.93 28.53
C MET D 509 18.43 -10.31 27.88
N ARG D 510 18.43 -10.19 26.56
CA ARG D 510 17.21 -9.89 25.84
C ARG D 510 16.57 -11.13 25.28
N GLU D 511 17.06 -12.31 25.64
CA GLU D 511 16.36 -13.54 25.29
C GLU D 511 15.35 -13.91 26.36
N HIS D 512 15.70 -13.69 27.63
CA HIS D 512 14.77 -13.97 28.72
C HIS D 512 13.56 -13.08 28.67
N ARG D 513 13.63 -11.94 27.99
CA ARG D 513 12.46 -11.11 27.81
C ARG D 513 11.51 -11.65 26.75
N PHE D 514 12.03 -12.34 25.74
CA PHE D 514 11.22 -12.87 24.65
C PHE D 514 10.78 -14.29 24.91
N GLU D 515 10.94 -14.77 26.15
CA GLU D 515 10.53 -16.14 26.46
C GLU D 515 9.04 -16.34 26.24
N SER D 516 8.21 -15.45 26.78
CA SER D 516 6.78 -15.48 26.47
C SER D 516 6.33 -14.22 25.73
N PHE D 517 6.42 -13.05 26.37
CA PHE D 517 6.21 -11.75 25.72
C PHE D 517 5.10 -11.74 24.69
N GLU D 518 3.85 -11.89 25.11
CA GLU D 518 2.71 -11.86 24.21
C GLU D 518 2.89 -10.84 23.09
N GLY D 519 2.72 -11.30 21.86
CA GLY D 519 2.93 -10.51 20.68
C GLY D 519 4.05 -11.00 19.78
N MET D 520 4.85 -11.95 20.25
CA MET D 520 6.03 -12.42 19.56
C MET D 520 6.19 -13.91 19.77
N PRO D 521 7.02 -14.58 18.96
CA PRO D 521 7.15 -16.03 19.11
C PRO D 521 7.78 -16.40 20.45
N LYS D 522 7.42 -17.59 20.93
CA LYS D 522 8.11 -18.16 22.08
C LYS D 522 9.52 -18.55 21.67
N VAL D 523 10.47 -18.37 22.58
CA VAL D 523 11.88 -18.61 22.30
C VAL D 523 12.46 -19.38 23.47
N GLU D 524 13.28 -20.39 23.18
CA GLU D 524 13.96 -21.12 24.23
C GLU D 524 15.26 -21.70 23.69
N TYR D 525 16.19 -21.95 24.58
CA TYR D 525 17.45 -22.55 24.18
C TYR D 525 17.25 -24.03 23.85
N GLY D 526 18.20 -24.58 23.11
CA GLY D 526 18.12 -25.99 22.78
C GLY D 526 19.30 -26.40 21.94
N THR D 527 19.40 -27.71 21.70
CA THR D 527 20.47 -28.28 20.91
C THR D 527 19.94 -28.64 19.54
N PRO D 528 20.76 -28.63 18.50
CA PRO D 528 20.24 -28.90 17.15
C PRO D 528 19.67 -30.29 16.98
N ASP D 529 20.27 -31.30 17.60
CA ASP D 529 19.82 -32.67 17.37
C ASP D 529 18.39 -32.88 17.86
N ASP D 530 18.08 -32.37 19.05
CA ASP D 530 16.74 -32.55 19.59
C ASP D 530 15.71 -31.77 18.79
N PHE D 531 16.02 -30.52 18.44
CA PHE D 531 15.11 -29.75 17.60
C PHE D 531 14.82 -30.51 16.31
N PHE D 532 15.85 -30.99 15.64
CA PHE D 532 15.64 -31.64 14.36
C PHE D 532 14.83 -32.92 14.52
N SER D 533 15.16 -33.74 15.50
CA SER D 533 14.40 -34.95 15.75
C SER D 533 12.91 -34.65 15.92
N LYS D 534 12.58 -33.79 16.90
CA LYS D 534 11.16 -33.57 17.19
C LYS D 534 10.47 -32.84 16.06
N ALA D 535 11.13 -31.88 15.41
CA ALA D 535 10.50 -31.15 14.32
C ALA D 535 10.16 -32.07 13.16
N GLU D 536 11.13 -32.90 12.74
CA GLU D 536 10.84 -33.84 11.66
C GLU D 536 9.71 -34.78 12.05
N THR D 537 9.77 -35.37 13.24
CA THR D 537 8.78 -36.39 13.57
C THR D 537 7.38 -35.79 13.67
N GLU D 538 7.26 -34.57 14.20
CA GLU D 538 5.93 -33.99 14.33
C GLU D 538 5.40 -33.50 12.99
N MET D 539 6.27 -32.92 12.15
CA MET D 539 5.83 -32.52 10.82
C MET D 539 5.40 -33.73 10.00
N LYS D 540 6.11 -34.84 10.12
CA LYS D 540 5.68 -36.07 9.46
C LYS D 540 4.33 -36.52 9.96
N ALA D 541 4.21 -36.76 11.27
CA ALA D 541 2.97 -37.30 11.82
C ALA D 541 1.80 -36.33 11.66
N GLU D 542 2.06 -35.07 11.32
CA GLU D 542 0.99 -34.11 11.11
C GLU D 542 0.58 -33.98 9.66
N ALA D 543 1.54 -33.74 8.75
CA ALA D 543 1.21 -33.48 7.36
C ALA D 543 0.59 -34.69 6.69
N GLY D 544 1.18 -35.86 6.90
CA GLY D 544 0.75 -37.06 6.20
C GLY D 544 1.58 -37.25 4.95
N SER D 545 0.99 -37.82 3.91
CA SER D 545 1.69 -37.95 2.64
C SER D 545 1.48 -36.69 1.80
N GLU D 546 1.72 -35.56 2.45
CA GLU D 546 1.65 -34.22 1.89
C GLU D 546 2.92 -33.47 2.23
N MET D 547 3.89 -34.18 2.76
CA MET D 547 5.14 -33.59 3.23
C MET D 547 5.84 -32.93 2.06
N PRO D 548 6.24 -31.67 2.17
CA PRO D 548 6.92 -31.01 1.05
C PRO D 548 8.17 -31.76 0.65
N ARG D 549 8.47 -31.71 -0.65
CA ARG D 549 9.54 -32.52 -1.22
C ARG D 549 10.20 -31.74 -2.33
N TRP D 550 11.52 -31.88 -2.46
CA TRP D 550 12.28 -31.25 -3.52
C TRP D 550 13.25 -32.28 -4.08
N LYS D 551 13.13 -32.58 -5.37
CA LYS D 551 14.00 -33.53 -6.04
C LYS D 551 14.90 -32.79 -7.01
N GLY D 552 16.20 -33.04 -6.92
CA GLY D 552 17.14 -32.40 -7.80
C GLY D 552 18.23 -31.68 -7.06
N GLU D 553 18.79 -30.64 -7.67
CA GLU D 553 19.87 -29.86 -7.09
C GLU D 553 19.34 -28.49 -6.69
N PHE D 554 20.09 -27.82 -5.81
CA PHE D 554 19.78 -26.46 -5.42
C PHE D 554 20.65 -25.53 -6.24
N TYR D 555 20.13 -25.07 -7.37
CA TYR D 555 20.87 -24.15 -8.21
C TYR D 555 20.86 -22.78 -7.56
N PHE D 556 22.05 -22.20 -7.38
CA PHE D 556 22.17 -20.89 -6.75
C PHE D 556 22.05 -19.82 -7.81
N GLU D 557 20.97 -19.04 -7.75
CA GLU D 557 20.72 -17.99 -8.74
C GLU D 557 21.49 -16.72 -8.42
N LEU D 558 22.80 -16.83 -8.26
CA LEU D 558 23.64 -15.69 -7.92
C LEU D 558 25.08 -16.16 -7.93
N HIS D 559 26.00 -15.21 -8.10
CA HIS D 559 27.43 -15.49 -8.06
C HIS D 559 27.83 -16.54 -9.09
N ARG D 560 27.56 -16.24 -10.35
CA ARG D 560 27.85 -17.18 -11.41
C ARG D 560 29.34 -17.25 -11.72
N LYS D 561 30.06 -16.15 -11.48
CA LYS D 561 31.47 -16.10 -11.84
C LYS D 561 32.36 -16.85 -10.87
N THR D 562 31.79 -17.40 -9.79
CA THR D 562 32.59 -18.16 -8.85
C THR D 562 33.08 -19.47 -9.44
N LEU D 563 32.54 -19.88 -10.57
CA LEU D 563 33.02 -21.08 -11.23
C LEU D 563 34.32 -20.85 -11.97
N THR D 564 34.67 -19.59 -12.24
CA THR D 564 35.88 -19.28 -13.00
C THR D 564 36.64 -18.08 -12.48
N SER D 565 36.50 -17.73 -11.19
CA SER D 565 37.05 -16.47 -10.72
C SER D 565 38.57 -16.50 -10.69
N GLN D 566 39.16 -17.46 -9.96
CA GLN D 566 40.61 -17.62 -9.89
C GLN D 566 40.94 -18.99 -10.46
N GLN D 567 41.40 -19.02 -11.71
CA GLN D 567 41.49 -20.29 -12.43
C GLN D 567 42.52 -21.21 -11.80
N GLU D 568 43.62 -20.67 -11.27
CA GLU D 568 44.68 -21.52 -10.74
C GLU D 568 44.23 -22.28 -9.50
N MET D 569 43.16 -21.82 -8.85
CA MET D 569 42.60 -22.57 -7.73
C MET D 569 41.75 -23.74 -8.23
N LYS D 570 40.95 -23.50 -9.28
CA LYS D 570 40.15 -24.58 -9.83
C LYS D 570 41.03 -25.63 -10.50
N ARG D 571 42.05 -25.20 -11.23
CA ARG D 571 42.96 -26.17 -11.83
C ARG D 571 43.74 -26.92 -10.77
N GLY D 572 44.05 -26.26 -9.65
CA GLY D 572 44.78 -26.93 -8.61
C GLY D 572 43.95 -27.95 -7.85
N CYS D 573 42.67 -27.68 -7.65
CA CYS D 573 41.82 -28.60 -6.91
C CYS D 573 41.67 -29.92 -7.66
N ARG D 574 41.57 -29.87 -8.99
CA ARG D 574 41.41 -31.10 -9.74
C ARG D 574 42.72 -31.83 -9.95
N LYS D 575 43.77 -31.12 -10.33
CA LYS D 575 45.03 -31.79 -10.64
C LYS D 575 45.58 -32.52 -9.42
N GLU D 576 45.48 -31.90 -8.24
CA GLU D 576 45.96 -32.57 -7.03
C GLU D 576 45.11 -33.78 -6.70
N GLU D 577 43.80 -33.63 -6.79
CA GLU D 577 42.91 -34.73 -6.44
C GLU D 577 42.85 -35.81 -7.51
N SER D 578 43.00 -35.46 -8.78
CA SER D 578 43.00 -36.47 -9.83
C SER D 578 44.26 -37.31 -9.78
N MET D 579 45.29 -36.84 -9.08
CA MET D 579 46.50 -37.64 -8.96
C MET D 579 46.65 -38.29 -7.60
N LEU D 580 45.95 -37.79 -6.59
CA LEU D 580 45.84 -38.57 -5.36
C LEU D 580 45.27 -39.94 -5.65
N ARG D 581 44.38 -40.04 -6.64
CA ARG D 581 43.82 -41.33 -7.01
C ARG D 581 44.91 -42.27 -7.49
N THR D 582 45.78 -41.80 -8.38
CA THR D 582 46.87 -42.63 -8.86
C THR D 582 47.80 -43.02 -7.72
N VAL D 583 48.18 -42.06 -6.88
CA VAL D 583 49.14 -42.33 -5.82
C VAL D 583 48.57 -43.35 -4.84
N GLU D 584 47.29 -43.26 -4.53
CA GLU D 584 46.69 -44.21 -3.60
C GLU D 584 46.53 -45.58 -4.24
N TYR D 585 46.23 -45.62 -5.54
CA TYR D 585 46.14 -46.91 -6.22
C TYR D 585 47.49 -47.60 -6.26
N LEU D 586 48.55 -46.85 -6.51
CA LEU D 586 49.88 -47.45 -6.55
C LEU D 586 50.27 -48.01 -5.19
N GLY D 587 49.84 -47.37 -4.11
CA GLY D 587 50.11 -47.91 -2.80
C GLY D 587 49.45 -49.25 -2.57
N VAL D 588 48.32 -49.48 -3.24
CA VAL D 588 47.67 -50.79 -3.16
C VAL D 588 48.44 -51.81 -3.99
N VAL D 589 48.81 -51.45 -5.21
CA VAL D 589 49.51 -52.38 -6.09
C VAL D 589 50.89 -52.70 -5.54
N ALA D 590 51.56 -51.72 -4.95
CA ALA D 590 52.89 -51.97 -4.42
C ALA D 590 52.87 -52.69 -3.10
N SER D 591 51.79 -52.57 -2.32
CA SER D 591 51.69 -53.28 -1.06
C SER D 591 51.22 -54.71 -1.22
N LEU D 592 50.92 -55.13 -2.45
CA LEU D 592 50.63 -56.53 -2.73
C LEU D 592 51.78 -57.23 -3.42
N GLU D 593 52.61 -56.50 -4.17
CA GLU D 593 53.71 -57.09 -4.89
C GLU D 593 54.94 -57.27 -4.01
N SER D 594 55.49 -56.16 -3.49
CA SER D 594 56.72 -56.20 -2.72
C SER D 594 56.41 -56.52 -1.27
N ALA D 595 57.15 -57.48 -0.71
CA ALA D 595 56.85 -57.98 0.63
C ALA D 595 57.21 -56.99 1.73
N ASP D 596 58.06 -56.00 1.45
CA ASP D 596 58.43 -54.98 2.44
C ASP D 596 58.39 -53.61 1.76
N TYR D 597 57.32 -52.87 2.03
CA TYR D 597 57.14 -51.53 1.51
C TYR D 597 56.17 -50.80 2.42
N VAL D 598 56.65 -49.77 3.09
CA VAL D 598 55.86 -49.03 4.06
C VAL D 598 55.11 -47.92 3.34
N TYR D 599 53.79 -48.01 3.39
CA TYR D 599 52.94 -47.02 2.75
C TYR D 599 52.90 -45.76 3.60
N PRO D 600 53.29 -44.61 3.08
CA PRO D 600 53.41 -43.42 3.93
C PRO D 600 52.07 -42.82 4.32
N THR D 601 51.46 -43.34 5.38
CA THR D 601 50.14 -42.86 5.77
C THR D 601 50.15 -41.39 6.17
N GLU D 602 51.14 -40.98 6.96
CA GLU D 602 51.09 -39.64 7.54
C GLU D 602 51.29 -38.56 6.50
N ARG D 603 52.21 -38.76 5.55
CA ARG D 603 52.39 -37.77 4.50
C ARG D 603 51.10 -37.60 3.70
N ILE D 604 50.45 -38.71 3.37
CA ILE D 604 49.21 -38.65 2.60
C ILE D 604 48.12 -37.96 3.40
N ASP D 605 48.06 -38.24 4.71
CA ASP D 605 47.06 -37.58 5.54
C ASP D 605 47.28 -36.07 5.59
N ARG D 606 48.53 -35.65 5.72
CA ARG D 606 48.84 -34.23 5.73
C ARG D 606 48.47 -33.58 4.40
N ILE D 607 48.78 -34.25 3.30
CA ILE D 607 48.43 -33.71 1.99
C ILE D 607 46.92 -33.59 1.84
N TRP D 608 46.18 -34.60 2.30
CA TRP D 608 44.73 -34.57 2.19
C TRP D 608 44.14 -33.45 3.02
N LYS D 609 44.62 -33.27 4.25
CA LYS D 609 44.11 -32.18 5.07
C LYS D 609 44.42 -30.82 4.45
N THR D 610 45.64 -30.66 3.95
CA THR D 610 45.99 -29.41 3.28
C THR D 610 45.07 -29.16 2.10
N LEU D 611 44.72 -30.21 1.36
CA LEU D 611 43.83 -30.04 0.23
C LEU D 611 42.43 -29.62 0.69
N LEU D 612 41.87 -30.35 1.66
CA LEU D 612 40.54 -30.04 2.13
C LEU D 612 40.45 -28.66 2.76
N LEU D 613 41.56 -28.09 3.18
CA LEU D 613 41.51 -26.73 3.67
C LEU D 613 41.37 -25.71 2.56
N SER D 614 41.83 -26.00 1.35
CA SER D 614 41.75 -25.07 0.24
C SER D 614 40.48 -25.26 -0.56
N GLN D 615 39.49 -25.94 -0.01
CA GLN D 615 38.19 -26.07 -0.63
C GLN D 615 37.10 -25.37 0.18
N PHE D 616 37.50 -24.48 1.09
CA PHE D 616 36.55 -23.68 1.85
C PHE D 616 35.67 -22.88 0.90
N HIS D 617 34.55 -22.40 1.43
CA HIS D 617 33.57 -21.72 0.59
C HIS D 617 33.94 -20.29 0.27
N ASP D 618 35.23 -19.95 0.36
CA ASP D 618 35.68 -18.59 0.09
C ASP D 618 36.93 -18.58 -0.76
N ILE D 619 37.58 -19.72 -0.90
CA ILE D 619 38.88 -19.80 -1.55
C ILE D 619 38.85 -20.72 -2.77
N LEU D 620 37.94 -21.69 -2.79
CA LEU D 620 37.70 -22.39 -4.05
C LEU D 620 36.93 -21.52 -5.04
N PRO D 621 35.88 -20.79 -4.63
CA PRO D 621 35.28 -19.82 -5.56
C PRO D 621 36.23 -18.70 -5.92
N GLY D 622 37.29 -18.52 -5.15
CA GLY D 622 38.24 -17.47 -5.44
C GLY D 622 37.67 -16.09 -5.26
N SER D 623 37.29 -15.75 -4.04
CA SER D 623 36.73 -14.45 -3.73
C SER D 623 37.35 -13.88 -2.45
N ALA D 624 38.62 -14.18 -2.23
CA ALA D 624 39.36 -13.67 -1.08
C ALA D 624 40.44 -12.71 -1.54
N ILE D 625 41.16 -12.13 -0.59
CA ILE D 625 42.15 -11.11 -0.88
C ILE D 625 43.33 -11.74 -1.60
N GLU D 626 44.19 -10.89 -2.16
CA GLU D 626 45.33 -11.37 -2.92
C GLU D 626 46.26 -12.22 -2.07
N TRP D 627 46.34 -11.92 -0.78
CA TRP D 627 47.24 -12.64 0.11
C TRP D 627 46.83 -14.10 0.25
N ALA D 628 45.53 -14.37 0.39
CA ALA D 628 45.09 -15.73 0.67
C ALA D 628 45.35 -16.65 -0.51
N HIS D 629 45.03 -16.19 -1.72
CA HIS D 629 45.25 -17.01 -2.90
C HIS D 629 46.73 -17.24 -3.16
N ARG D 630 47.56 -16.22 -2.92
CA ARG D 630 48.99 -16.38 -3.11
C ARG D 630 49.53 -17.53 -2.26
N VAL D 631 49.14 -17.59 -1.00
CA VAL D 631 49.57 -18.70 -0.14
C VAL D 631 48.97 -20.00 -0.64
N ALA D 632 47.67 -20.01 -0.92
CA ALA D 632 47.02 -21.25 -1.33
C ALA D 632 47.54 -21.73 -2.67
N ARG D 633 47.97 -20.81 -3.54
CA ARG D 633 48.48 -21.21 -4.84
C ARG D 633 49.81 -21.95 -4.71
N GLU D 634 50.73 -21.40 -3.94
CA GLU D 634 52.03 -22.05 -3.79
C GLU D 634 51.94 -23.33 -2.99
N GLU D 635 50.82 -23.59 -2.32
CA GLU D 635 50.64 -24.88 -1.66
C GLU D 635 50.36 -25.97 -2.68
N TYR D 636 49.56 -25.65 -3.70
CA TYR D 636 49.31 -26.62 -4.76
C TYR D 636 50.59 -26.99 -5.48
N ALA D 637 51.47 -26.03 -5.68
CA ALA D 637 52.75 -26.32 -6.33
C ALA D 637 53.58 -27.27 -5.48
N ARG D 638 53.58 -27.07 -4.16
CA ARG D 638 54.44 -27.85 -3.29
C ARG D 638 53.92 -29.27 -3.15
N ASP D 639 52.60 -29.44 -2.99
CA ASP D 639 52.04 -30.76 -2.78
C ASP D 639 51.96 -31.56 -4.08
N LEU D 640 51.82 -30.89 -5.22
CA LEU D 640 51.95 -31.59 -6.49
C LEU D 640 53.33 -32.21 -6.63
N LYS D 641 54.37 -31.45 -6.29
CA LYS D 641 55.73 -31.97 -6.38
C LYS D 641 55.95 -33.12 -5.41
N ALA D 642 55.55 -32.94 -4.15
CA ALA D 642 55.71 -33.99 -3.16
C ALA D 642 54.90 -35.23 -3.52
N LEU D 643 53.76 -35.08 -4.16
CA LEU D 643 52.97 -36.25 -4.55
C LEU D 643 53.70 -37.06 -5.60
N SER D 644 54.27 -36.41 -6.62
CA SER D 644 54.99 -37.17 -7.63
C SER D 644 56.42 -37.45 -7.16
N ASP D 645 56.55 -37.87 -5.93
CA ASP D 645 57.73 -38.56 -5.43
C ASP D 645 57.34 -39.80 -4.65
N ILE D 646 56.21 -39.75 -3.95
CA ILE D 646 55.57 -40.96 -3.46
C ILE D 646 55.24 -41.90 -4.61
N ALA D 647 54.76 -41.38 -5.74
CA ALA D 647 54.46 -42.22 -6.88
C ALA D 647 55.69 -42.93 -7.39
N ARG D 648 56.73 -42.17 -7.74
CA ARG D 648 57.90 -42.80 -8.34
C ARG D 648 58.63 -43.68 -7.34
N ASP D 649 58.45 -43.43 -6.04
CA ASP D 649 59.09 -44.28 -5.04
C ASP D 649 58.30 -45.56 -4.86
N ALA D 650 57.00 -45.52 -5.09
CA ALA D 650 56.21 -46.75 -5.06
C ALA D 650 56.41 -47.57 -6.32
N ILE D 651 56.51 -46.90 -7.47
CA ILE D 651 56.70 -47.62 -8.72
C ILE D 651 58.04 -48.34 -8.72
N ALA D 652 59.01 -47.80 -7.99
CA ALA D 652 60.30 -48.48 -7.86
C ALA D 652 60.13 -49.83 -7.19
N ALA D 653 59.12 -49.97 -6.34
CA ALA D 653 58.89 -51.24 -5.66
C ALA D 653 58.27 -52.26 -6.60
N ILE D 654 57.29 -51.83 -7.39
CA ILE D 654 56.69 -52.75 -8.36
C ILE D 654 57.71 -53.14 -9.42
N ALA D 655 58.66 -52.25 -9.70
CA ALA D 655 59.65 -52.52 -10.74
C ALA D 655 60.56 -53.67 -10.34
N VAL D 656 60.81 -53.84 -9.04
CA VAL D 656 61.67 -54.93 -8.61
C VAL D 656 60.88 -56.20 -8.34
N ALA D 657 59.56 -56.10 -8.15
CA ALA D 657 58.78 -57.29 -7.88
C ALA D 657 58.46 -58.05 -9.16
N ASN D 658 58.21 -57.33 -10.25
CA ASN D 658 57.97 -57.92 -11.57
C ASN D 658 59.09 -57.45 -12.48
N PRO D 659 60.27 -58.05 -12.36
CA PRO D 659 61.49 -57.45 -12.92
C PRO D 659 61.66 -57.58 -14.43
N ASP D 660 60.79 -58.29 -15.14
CA ASP D 660 61.05 -58.46 -16.57
C ASP D 660 59.79 -58.44 -17.43
N VAL D 661 58.68 -57.91 -16.96
CA VAL D 661 57.44 -57.95 -17.72
C VAL D 661 57.45 -56.94 -18.87
N ALA D 662 57.48 -55.65 -18.56
CA ALA D 662 57.55 -54.57 -19.53
C ALA D 662 57.56 -53.26 -18.77
N ARG D 663 58.13 -52.23 -19.38
CA ARG D 663 58.07 -50.88 -18.81
C ARG D 663 57.77 -49.92 -19.96
N ILE D 664 56.88 -48.97 -19.71
CA ILE D 664 56.53 -47.97 -20.70
C ILE D 664 56.67 -46.59 -20.08
N ALA D 665 57.22 -45.67 -20.86
CA ALA D 665 57.32 -44.29 -20.45
C ALA D 665 56.04 -43.56 -20.83
N LYS D 666 55.70 -42.54 -20.06
CA LYS D 666 54.50 -41.76 -20.31
C LYS D 666 53.25 -42.65 -20.26
N ALA D 667 52.96 -43.20 -19.11
CA ALA D 667 51.74 -43.98 -18.93
C ALA D 667 50.71 -43.16 -18.17
N ARG D 668 49.44 -43.59 -18.27
CA ARG D 668 48.35 -42.90 -17.59
C ARG D 668 47.34 -43.92 -17.10
N ILE D 669 47.30 -44.13 -15.79
CA ILE D 669 46.32 -45.01 -15.17
C ILE D 669 45.01 -44.22 -15.09
N SER D 670 44.10 -44.52 -16.00
CA SER D 670 42.80 -43.87 -16.07
C SER D 670 41.71 -44.88 -15.83
N GLN D 671 40.99 -44.73 -14.73
CA GLN D 671 39.91 -45.65 -14.40
C GLN D 671 38.84 -45.64 -15.46
N PHE D 672 38.30 -46.83 -15.72
CA PHE D 672 37.26 -47.06 -16.72
C PHE D 672 37.68 -46.61 -18.12
N ALA D 673 38.63 -47.34 -18.70
CA ALA D 673 38.89 -47.19 -20.11
C ALA D 673 37.89 -48.05 -20.91
N ASP D 674 38.14 -48.17 -22.21
CA ASP D 674 37.23 -48.88 -23.09
C ASP D 674 37.50 -50.38 -23.15
N VAL D 675 38.70 -50.81 -22.78
CA VAL D 675 39.08 -52.22 -22.84
C VAL D 675 39.59 -52.73 -21.49
N ASP D 676 40.50 -52.00 -20.87
CA ASP D 676 41.10 -52.41 -19.61
C ASP D 676 41.02 -51.26 -18.61
N PRO D 677 40.28 -51.44 -17.55
CA PRO D 677 39.91 -50.29 -16.71
C PRO D 677 41.09 -49.58 -16.07
N TRP D 678 41.94 -50.29 -15.33
CA TRP D 678 43.02 -49.63 -14.63
C TRP D 678 44.40 -50.01 -15.16
N ARG D 679 44.47 -50.59 -16.33
CA ARG D 679 45.77 -50.86 -16.93
C ARG D 679 46.44 -49.55 -17.32
N PRO D 680 47.73 -49.39 -17.07
CA PRO D 680 48.44 -48.16 -17.43
C PRO D 680 48.71 -48.03 -18.93
N ALA D 681 47.73 -47.51 -19.65
CA ALA D 681 47.89 -47.22 -21.07
C ALA D 681 48.96 -46.17 -21.29
N SER D 682 49.50 -46.14 -22.50
CA SER D 682 50.60 -45.25 -22.86
C SER D 682 50.09 -44.09 -23.70
N LEU D 683 51.02 -43.23 -24.12
CA LEU D 683 50.67 -42.09 -24.94
C LEU D 683 50.92 -42.34 -26.42
N VAL D 684 51.84 -43.22 -26.76
CA VAL D 684 52.02 -43.61 -28.15
C VAL D 684 50.73 -44.26 -28.64
N SER D 685 50.15 -43.69 -29.70
CA SER D 685 48.82 -44.12 -30.11
C SER D 685 48.82 -45.52 -30.71
N CYS D 686 49.78 -45.83 -31.58
CA CYS D 686 49.89 -47.13 -32.25
C CYS D 686 48.68 -47.41 -33.13
N GLY D 687 48.49 -46.58 -34.15
CA GLY D 687 47.58 -46.88 -35.24
C GLY D 687 48.27 -46.66 -36.57
N GLU D 688 47.52 -46.60 -37.66
CA GLU D 688 48.10 -46.21 -38.93
C GLU D 688 48.14 -44.68 -39.05
N PRO D 689 49.07 -44.14 -39.83
CA PRO D 689 49.26 -42.68 -39.85
C PRO D 689 47.99 -41.95 -40.22
N VAL D 690 48.00 -40.64 -39.97
CA VAL D 690 46.86 -39.77 -40.23
C VAL D 690 47.17 -38.93 -41.46
N GLU D 691 46.42 -39.15 -42.54
CA GLU D 691 46.69 -38.44 -43.78
C GLU D 691 46.26 -36.98 -43.68
N VAL D 692 47.14 -36.09 -44.08
CA VAL D 692 46.91 -34.65 -44.03
C VAL D 692 46.90 -34.13 -45.46
N ASN D 693 45.92 -33.29 -45.77
CA ASN D 693 45.74 -32.79 -47.13
C ASN D 693 45.67 -31.27 -47.10
N ARG D 694 46.83 -30.63 -47.12
CA ARG D 694 46.88 -29.17 -47.18
C ARG D 694 46.28 -28.68 -48.48
N ARG D 695 45.50 -27.62 -48.41
CA ARG D 695 44.92 -26.98 -49.58
C ARG D 695 45.57 -25.63 -49.81
N GLU D 696 45.36 -25.11 -51.02
CA GLU D 696 46.09 -23.92 -51.45
C GLU D 696 45.57 -22.64 -50.81
N ASP D 697 44.31 -22.63 -50.38
CA ASP D 697 43.74 -21.41 -49.81
C ASP D 697 44.09 -21.23 -48.34
N GLY D 698 44.85 -22.14 -47.74
CA GLY D 698 45.14 -22.10 -46.34
C GLY D 698 44.44 -23.16 -45.52
N SER D 699 43.31 -23.67 -45.98
CA SER D 699 42.61 -24.71 -45.26
C SER D 699 43.41 -26.01 -45.28
N ALA D 700 43.01 -26.94 -44.41
CA ALA D 700 43.63 -28.25 -44.33
C ALA D 700 42.55 -29.28 -44.05
N THR D 701 42.90 -30.54 -44.21
CA THR D 701 41.95 -31.65 -44.03
C THR D 701 42.64 -32.79 -43.30
N LEU D 702 42.34 -32.94 -42.02
CA LEU D 702 42.82 -34.06 -41.23
C LEU D 702 41.81 -35.20 -41.38
N ASP D 703 42.30 -36.43 -41.49
CA ASP D 703 41.44 -37.58 -41.76
C ASP D 703 42.14 -38.83 -41.25
N ASN D 704 41.75 -39.30 -40.08
CA ASN D 704 42.20 -40.60 -39.60
C ASN D 704 41.17 -41.64 -40.02
N GLY D 705 41.28 -42.85 -39.49
CA GLY D 705 40.31 -43.85 -39.88
C GLY D 705 38.89 -43.54 -39.48
N LEU D 706 38.70 -42.72 -38.45
CA LEU D 706 37.41 -42.62 -37.79
C LEU D 706 36.79 -41.24 -37.87
N LEU D 707 37.55 -40.21 -38.21
CA LEU D 707 37.02 -38.86 -38.33
C LEU D 707 37.58 -38.21 -39.58
N CYS D 708 36.83 -37.25 -40.12
CA CYS D 708 37.28 -36.43 -41.24
C CYS D 708 37.08 -34.98 -40.85
N VAL D 709 38.13 -34.36 -40.33
CA VAL D 709 38.08 -32.98 -39.84
C VAL D 709 38.59 -32.06 -40.93
N HIS D 710 37.90 -30.94 -41.12
CA HIS D 710 38.29 -29.94 -42.11
C HIS D 710 38.45 -28.60 -41.42
N VAL D 711 39.70 -28.16 -41.27
CA VAL D 711 40.03 -26.93 -40.58
C VAL D 711 40.10 -25.79 -41.58
N ALA D 712 39.46 -24.68 -41.25
CA ALA D 712 39.37 -23.56 -42.18
C ALA D 712 40.67 -22.76 -42.13
N ALA D 713 40.68 -21.62 -42.82
CA ALA D 713 41.91 -20.84 -42.94
C ALA D 713 42.29 -20.20 -41.61
N ASP D 714 41.31 -20.00 -40.72
CA ASP D 714 41.52 -19.27 -39.47
C ASP D 714 41.04 -20.16 -38.33
N GLY D 715 41.92 -21.05 -37.88
CA GLY D 715 41.55 -22.05 -36.89
C GLY D 715 40.20 -22.65 -37.21
N THR D 716 39.38 -22.82 -36.19
CA THR D 716 37.93 -22.92 -36.34
C THR D 716 37.54 -24.03 -37.32
N VAL D 717 37.71 -25.26 -36.86
CA VAL D 717 37.13 -26.40 -37.55
C VAL D 717 35.70 -26.05 -37.97
N ASP D 718 35.40 -26.24 -39.25
CA ASP D 718 34.11 -25.85 -39.79
C ASP D 718 33.29 -27.01 -40.33
N SER D 719 33.80 -28.23 -40.25
CA SER D 719 33.01 -29.41 -40.59
C SER D 719 33.73 -30.62 -39.99
N MET D 720 32.99 -31.51 -39.39
CA MET D 720 33.54 -32.74 -38.83
C MET D 720 32.59 -33.88 -39.17
N ILE D 721 33.11 -34.89 -39.86
CA ILE D 721 32.32 -36.02 -40.30
C ILE D 721 32.61 -37.20 -39.39
N ASP D 722 31.55 -37.89 -38.97
CA ASP D 722 31.69 -39.13 -38.22
C ASP D 722 31.65 -40.28 -39.22
N LEU D 723 32.83 -40.66 -39.72
CA LEU D 723 32.90 -41.60 -40.82
C LEU D 723 32.28 -42.96 -40.51
N LYS D 724 32.09 -43.27 -39.23
CA LYS D 724 31.44 -44.53 -38.88
C LYS D 724 29.96 -44.49 -39.22
N SER D 725 29.24 -43.49 -38.74
CA SER D 725 27.81 -43.36 -39.00
C SER D 725 27.51 -42.49 -40.22
N GLY D 726 28.32 -41.49 -40.50
CA GLY D 726 28.09 -40.64 -41.64
C GLY D 726 27.18 -39.47 -41.32
N ARG D 727 27.45 -38.81 -40.19
CA ARG D 727 26.68 -37.67 -39.75
C ARG D 727 27.60 -36.48 -39.55
N GLU D 728 27.17 -35.32 -40.06
CA GLU D 728 27.86 -34.07 -39.74
C GLU D 728 27.82 -33.83 -38.24
N MET D 729 28.89 -33.26 -37.71
CA MET D 729 28.99 -33.02 -36.28
C MET D 729 29.06 -31.55 -35.91
N VAL D 730 29.06 -30.64 -36.89
CA VAL D 730 29.18 -29.21 -36.64
C VAL D 730 27.93 -28.53 -37.19
N ALA D 731 27.30 -27.71 -36.36
CA ALA D 731 26.08 -27.04 -36.78
C ALA D 731 26.36 -26.12 -37.95
N LYS D 732 25.50 -26.20 -38.96
CA LYS D 732 25.76 -25.51 -40.22
C LYS D 732 25.90 -24.01 -40.02
N ASP D 733 26.72 -23.39 -40.87
CA ASP D 733 26.99 -21.95 -40.84
C ASP D 733 27.58 -21.50 -39.51
N HIS D 734 28.21 -22.43 -38.81
CA HIS D 734 28.95 -22.10 -37.59
C HIS D 734 30.29 -22.83 -37.65
N VAL D 735 31.22 -22.37 -36.83
CA VAL D 735 32.58 -22.90 -36.80
C VAL D 735 32.92 -23.26 -35.37
N MET D 736 33.62 -24.36 -35.19
CA MET D 736 33.97 -24.87 -33.87
C MET D 736 35.35 -24.35 -33.47
N GLY D 737 35.42 -23.61 -32.37
CA GLY D 737 36.66 -23.06 -31.90
C GLY D 737 36.73 -21.54 -31.91
N ARG D 738 35.65 -20.86 -32.27
CA ARG D 738 35.64 -19.41 -32.26
C ARG D 738 35.75 -18.91 -30.82
N TYR D 739 36.63 -17.95 -30.60
CA TYR D 739 36.80 -17.37 -29.28
C TYR D 739 35.96 -16.11 -29.16
N GLU D 740 35.27 -15.96 -28.04
CA GLU D 740 34.60 -14.72 -27.69
C GLU D 740 35.30 -14.10 -26.50
N ILE D 741 35.11 -12.79 -26.34
CA ILE D 741 35.60 -12.07 -25.18
C ILE D 741 34.50 -11.14 -24.71
N LEU D 742 33.94 -11.42 -23.55
CA LEU D 742 32.84 -10.66 -22.99
C LEU D 742 33.36 -9.47 -22.22
N LYS D 743 32.47 -8.50 -21.98
CA LYS D 743 32.80 -7.28 -21.26
C LYS D 743 31.96 -7.27 -20.00
N ASP D 744 32.52 -7.79 -18.91
CA ASP D 744 31.77 -7.94 -17.66
C ASP D 744 32.28 -6.95 -16.64
N GLU D 745 31.44 -5.96 -16.32
CA GLU D 745 31.71 -4.97 -15.28
C GLU D 745 30.47 -4.87 -14.42
N PRO D 746 30.35 -5.73 -13.42
CA PRO D 746 29.07 -5.87 -12.71
C PRO D 746 28.79 -4.69 -11.80
N GLY D 747 27.57 -4.71 -11.24
CA GLY D 747 27.16 -3.70 -10.29
C GLY D 747 27.89 -3.85 -8.98
N VAL D 748 27.65 -4.96 -8.29
CA VAL D 748 28.32 -5.26 -7.03
C VAL D 748 28.93 -6.65 -7.12
N PHE D 749 29.80 -6.97 -6.17
CA PHE D 749 30.44 -8.28 -6.06
C PHE D 749 31.21 -8.62 -7.34
N ASP D 750 32.24 -7.81 -7.59
CA ASP D 750 32.95 -7.89 -8.87
C ASP D 750 33.51 -9.28 -9.13
N ALA D 751 34.19 -9.85 -8.14
CA ALA D 751 34.79 -11.17 -8.32
C ALA D 751 33.77 -12.30 -8.18
N TRP D 752 32.51 -11.99 -7.93
CA TRP D 752 31.53 -13.01 -7.59
C TRP D 752 30.63 -13.38 -8.76
N ASP D 753 29.94 -12.41 -9.37
CA ASP D 753 28.84 -12.72 -10.25
C ASP D 753 29.02 -12.10 -11.63
N VAL D 754 28.19 -12.57 -12.57
CA VAL D 754 28.18 -12.14 -13.95
C VAL D 754 26.86 -11.45 -14.24
N GLU D 755 26.93 -10.28 -14.86
CA GLU D 755 25.73 -9.66 -15.40
C GLU D 755 25.19 -10.52 -16.54
N ARG D 756 23.87 -10.50 -16.72
CA ARG D 756 23.35 -11.01 -17.98
C ARG D 756 23.74 -10.12 -19.14
N ASP D 757 23.95 -8.83 -18.87
CA ASP D 757 24.32 -7.88 -19.90
C ASP D 757 25.55 -8.34 -20.67
N ALA D 758 26.51 -8.96 -19.98
CA ALA D 758 27.72 -9.42 -20.64
C ALA D 758 27.40 -10.36 -21.79
N PHE D 759 26.39 -11.21 -21.63
CA PHE D 759 26.08 -12.19 -22.67
C PHE D 759 25.59 -11.51 -23.93
N LEU D 760 25.30 -10.21 -23.86
CA LEU D 760 24.87 -9.45 -25.03
C LEU D 760 26.02 -8.75 -25.74
N CYS D 761 27.15 -8.58 -25.07
CA CYS D 761 28.21 -7.71 -25.58
C CYS D 761 29.36 -8.48 -26.22
N ALA D 762 29.31 -9.81 -26.20
CA ALA D 762 30.46 -10.60 -26.62
C ALA D 762 30.78 -10.37 -28.08
N THR D 763 32.09 -10.36 -28.40
CA THR D 763 32.58 -10.15 -29.75
C THR D 763 33.53 -11.27 -30.11
N ALA D 764 33.29 -11.91 -31.24
CA ALA D 764 34.14 -13.00 -31.69
C ALA D 764 35.47 -12.47 -32.19
N LEU D 765 36.49 -13.32 -32.16
CA LEU D 765 37.82 -12.98 -32.66
C LEU D 765 37.97 -13.57 -34.06
N ALA D 766 37.34 -12.91 -35.03
CA ALA D 766 37.32 -13.44 -36.39
C ALA D 766 38.70 -13.46 -37.02
N ASP D 767 39.57 -12.53 -36.68
CA ASP D 767 40.94 -12.56 -37.18
C ASP D 767 41.65 -13.79 -36.64
N GLY D 768 42.59 -14.30 -37.42
CA GLY D 768 43.34 -15.47 -37.01
C GLY D 768 43.90 -16.17 -38.23
N HIS D 769 44.71 -17.20 -37.97
CA HIS D 769 45.34 -17.93 -39.05
C HIS D 769 45.95 -19.20 -38.50
N ILE D 770 46.24 -20.13 -39.42
CA ILE D 770 46.99 -21.33 -39.09
C ILE D 770 48.47 -20.99 -39.14
N VAL D 771 49.17 -21.22 -38.05
CA VAL D 771 50.60 -20.95 -38.01
C VAL D 771 51.34 -22.13 -38.61
N SER D 772 50.97 -23.34 -38.22
CA SER D 772 51.74 -24.50 -38.64
C SER D 772 50.82 -25.71 -38.83
N ILE D 773 51.20 -26.57 -39.77
CA ILE D 773 50.55 -27.86 -39.98
C ILE D 773 51.66 -28.89 -39.99
N GLU D 774 51.54 -29.93 -39.16
CA GLU D 774 52.60 -30.93 -39.13
C GLU D 774 52.06 -32.27 -38.71
N THR D 775 52.94 -33.27 -38.76
CA THR D 775 52.68 -34.59 -38.21
C THR D 775 53.82 -34.90 -37.26
N THR D 776 53.62 -35.91 -36.43
CA THR D 776 54.61 -36.26 -35.42
C THR D 776 55.08 -37.70 -35.63
N ALA D 777 55.88 -38.16 -34.67
CA ALA D 777 56.51 -39.48 -34.81
C ALA D 777 55.49 -40.60 -34.71
N ASP D 778 54.57 -40.50 -33.75
CA ASP D 778 53.57 -41.55 -33.59
C ASP D 778 52.69 -41.68 -34.81
N GLY D 779 52.33 -40.57 -35.44
CA GLY D 779 51.49 -40.60 -36.61
C GLY D 779 50.32 -39.66 -36.51
N SER D 780 50.18 -39.00 -35.38
CA SER D 780 49.11 -38.04 -35.19
C SER D 780 49.40 -36.78 -35.99
N ALA D 781 48.36 -36.01 -36.26
CA ALA D 781 48.48 -34.76 -37.00
C ALA D 781 48.16 -33.60 -36.06
N VAL D 782 48.92 -32.52 -36.19
CA VAL D 782 48.77 -31.36 -35.32
C VAL D 782 48.65 -30.10 -36.18
N ILE D 783 47.82 -29.18 -35.73
CA ILE D 783 47.65 -27.87 -36.35
C ILE D 783 47.81 -26.83 -35.26
N VAL D 784 48.65 -25.83 -35.53
CA VAL D 784 48.98 -24.80 -34.55
C VAL D 784 48.46 -23.47 -35.08
N THR D 785 47.69 -22.78 -34.23
CA THR D 785 46.94 -21.59 -34.56
C THR D 785 47.37 -20.46 -33.63
N LYS D 786 47.12 -19.22 -34.06
CA LYS D 786 47.36 -18.06 -33.21
C LYS D 786 46.17 -17.12 -33.29
N ASN D 787 45.94 -16.40 -32.20
CA ASN D 787 44.82 -15.47 -32.08
C ASN D 787 45.18 -14.41 -31.07
N SER D 788 44.65 -13.20 -31.26
CA SER D 788 45.03 -12.07 -30.42
C SER D 788 43.87 -11.10 -30.28
N TYR D 789 43.78 -10.47 -29.11
CA TYR D 789 42.83 -9.38 -28.90
C TYR D 789 43.53 -8.26 -28.16
N ARG D 790 44.17 -7.38 -28.90
CA ARG D 790 44.55 -6.03 -28.48
C ARG D 790 45.68 -5.98 -27.46
N ASP D 791 45.91 -7.04 -26.70
CA ASP D 791 47.15 -7.19 -25.96
C ASP D 791 47.62 -8.63 -25.84
N ASP D 792 46.66 -9.56 -25.77
CA ASP D 792 46.97 -10.92 -25.36
C ASP D 792 46.84 -11.89 -26.53
N GLU D 793 47.36 -13.08 -26.32
CA GLU D 793 47.58 -14.04 -27.39
C GLU D 793 47.02 -15.40 -26.99
N ILE D 794 46.37 -16.07 -27.93
CA ILE D 794 45.84 -17.40 -27.72
C ILE D 794 46.39 -18.28 -28.84
N SER D 795 47.15 -19.30 -28.48
CA SER D 795 47.72 -20.23 -29.44
C SER D 795 47.17 -21.61 -29.15
N THR D 796 46.41 -22.16 -30.10
CA THR D 796 45.72 -23.43 -29.95
C THR D 796 46.47 -24.51 -30.71
N THR D 797 46.34 -25.74 -30.25
CA THR D 797 46.88 -26.90 -30.93
C THR D 797 45.81 -27.97 -31.06
N ILE D 798 45.41 -28.26 -32.29
CA ILE D 798 44.38 -29.23 -32.58
C ILE D 798 45.07 -30.51 -33.05
N THR D 799 44.75 -31.62 -32.40
CA THR D 799 45.44 -32.88 -32.62
C THR D 799 44.45 -33.95 -33.02
N LEU D 800 44.87 -34.81 -33.95
CA LEU D 800 44.10 -35.98 -34.34
C LEU D 800 45.01 -37.19 -34.25
N ARG D 801 44.63 -38.15 -33.43
CA ARG D 801 45.49 -39.29 -33.17
C ARG D 801 44.94 -40.52 -33.87
N PRO D 802 45.79 -41.46 -34.26
CA PRO D 802 45.29 -42.65 -34.94
C PRO D 802 44.53 -43.56 -34.00
N GLY D 803 43.35 -43.99 -34.45
CA GLY D 803 42.57 -44.95 -33.72
C GLY D 803 41.75 -44.39 -32.58
N LYS D 804 41.44 -43.08 -32.59
CA LYS D 804 40.63 -42.47 -31.56
C LYS D 804 39.59 -41.57 -32.22
N SER D 805 38.33 -41.74 -31.84
CA SER D 805 37.24 -40.96 -32.42
C SER D 805 36.96 -39.74 -31.55
N GLN D 806 37.96 -38.87 -31.47
CA GLN D 806 37.81 -37.64 -30.70
C GLN D 806 38.82 -36.62 -31.19
N LEU D 807 38.45 -35.35 -31.06
CA LEU D 807 39.30 -34.25 -31.47
C LEU D 807 39.75 -33.51 -30.22
N ASP D 808 41.06 -33.25 -30.13
CA ASP D 808 41.67 -32.66 -28.94
C ASP D 808 42.10 -31.23 -29.19
N PHE D 809 41.76 -30.34 -28.26
CA PHE D 809 42.18 -28.95 -28.30
C PHE D 809 43.00 -28.65 -27.05
N HIS D 810 44.04 -27.86 -27.21
CA HIS D 810 44.91 -27.44 -26.11
C HIS D 810 45.34 -26.00 -26.36
N ALA D 811 44.95 -25.11 -25.45
CA ALA D 811 45.15 -23.68 -25.65
C ALA D 811 46.06 -23.11 -24.57
N ASP D 812 46.93 -22.20 -24.97
CA ASP D 812 47.81 -21.47 -24.07
C ASP D 812 47.51 -19.98 -24.17
N VAL D 813 47.11 -19.38 -23.06
CA VAL D 813 46.64 -18.01 -23.04
C VAL D 813 47.64 -17.14 -22.30
N GLU D 814 47.84 -15.92 -22.80
CA GLU D 814 48.72 -14.94 -22.20
C GLU D 814 47.91 -13.73 -21.77
N TRP D 815 46.81 -14.01 -21.09
CA TRP D 815 45.85 -13.03 -20.60
C TRP D 815 46.53 -11.83 -19.94
N ASN D 816 46.22 -10.62 -20.43
CA ASN D 816 46.81 -9.40 -19.90
C ASN D 816 45.83 -8.29 -19.61
N VAL D 817 44.63 -8.33 -20.16
CA VAL D 817 43.69 -7.21 -20.08
C VAL D 817 42.67 -7.52 -18.98
N PRO D 818 42.49 -6.64 -18.01
CA PRO D 818 41.51 -6.88 -16.95
C PRO D 818 40.09 -6.58 -17.43
N GLU D 819 39.12 -6.96 -16.60
CA GLU D 819 37.71 -6.65 -16.82
C GLU D 819 37.16 -7.32 -18.07
N LYS D 820 37.75 -8.45 -18.47
CA LYS D 820 37.30 -9.20 -19.62
C LYS D 820 37.08 -10.64 -19.23
N LEU D 821 36.36 -11.38 -20.08
CA LEU D 821 36.05 -12.78 -19.83
C LEU D 821 36.11 -13.53 -21.15
N LEU D 822 36.88 -14.61 -21.15
CA LEU D 822 37.13 -15.41 -22.36
C LEU D 822 36.31 -16.70 -22.30
N LYS D 823 35.87 -17.17 -23.45
CA LYS D 823 35.27 -18.49 -23.53
C LYS D 823 35.26 -18.98 -24.98
N VAL D 824 35.24 -20.30 -25.13
CA VAL D 824 35.22 -20.96 -26.42
C VAL D 824 33.85 -21.59 -26.61
N ASP D 825 33.49 -21.84 -27.87
CA ASP D 825 32.17 -22.39 -28.18
C ASP D 825 32.32 -23.66 -29.00
N ILE D 826 31.35 -24.54 -28.87
CA ILE D 826 31.31 -25.80 -29.60
C ILE D 826 29.91 -25.95 -30.18
N PRO D 827 29.69 -25.52 -31.42
CA PRO D 827 28.36 -25.66 -32.02
C PRO D 827 28.12 -27.08 -32.50
N MET D 828 27.08 -27.71 -31.95
CA MET D 828 26.79 -29.10 -32.22
C MET D 828 25.62 -29.20 -33.19
N ALA D 829 25.73 -30.14 -34.12
CA ALA D 829 24.72 -30.33 -35.15
C ALA D 829 23.53 -31.14 -34.67
N LEU D 830 23.33 -31.26 -33.37
CA LEU D 830 22.26 -32.06 -32.81
C LEU D 830 21.41 -31.21 -31.89
N SER D 831 20.10 -31.26 -32.06
CA SER D 831 19.17 -30.41 -31.33
C SER D 831 18.34 -31.25 -30.39
N ALA D 832 18.22 -30.79 -29.15
CA ALA D 832 17.46 -31.47 -28.12
C ALA D 832 16.84 -30.44 -27.20
N SER D 833 15.99 -30.90 -26.28
CA SER D 833 15.30 -29.99 -25.39
C SER D 833 16.03 -29.81 -24.07
N ARG D 834 16.96 -30.70 -23.73
CA ARG D 834 17.70 -30.58 -22.47
C ARG D 834 19.14 -31.01 -22.66
N ALA D 835 20.03 -30.40 -21.89
CA ALA D 835 21.45 -30.69 -21.90
C ALA D 835 21.79 -31.61 -20.74
N GLN D 836 22.87 -32.36 -20.87
CA GLN D 836 23.27 -33.34 -19.88
C GLN D 836 24.65 -33.03 -19.35
N TYR D 837 24.74 -32.78 -18.05
CA TYR D 837 26.01 -32.60 -17.36
C TYR D 837 26.20 -33.78 -16.43
N GLU D 838 27.27 -33.75 -15.65
CA GLU D 838 27.48 -34.78 -14.64
C GLU D 838 27.58 -34.15 -13.27
N CYS D 839 27.22 -34.93 -12.26
CA CYS D 839 27.39 -34.54 -10.87
C CYS D 839 28.59 -35.28 -10.29
N GLN D 840 28.75 -35.19 -8.97
CA GLN D 840 29.78 -35.95 -8.29
C GLN D 840 29.65 -37.43 -8.56
N TYR D 841 28.45 -37.99 -8.37
CA TYR D 841 28.20 -39.36 -8.77
C TYR D 841 26.85 -39.35 -9.49
N GLY D 842 26.90 -39.41 -10.80
CA GLY D 842 25.69 -39.47 -11.59
C GLY D 842 25.62 -38.34 -12.58
N LEU D 843 24.40 -38.00 -12.97
CA LEU D 843 24.14 -37.05 -14.03
C LEU D 843 22.91 -36.22 -13.68
N ILE D 844 22.80 -35.06 -14.31
CA ILE D 844 21.62 -34.22 -14.25
C ILE D 844 21.37 -33.63 -15.62
N GLU D 845 20.18 -33.09 -15.80
CA GLU D 845 19.82 -32.39 -17.02
C GLU D 845 19.22 -31.04 -16.69
N ARG D 846 19.56 -30.04 -17.49
CA ARG D 846 19.03 -28.70 -17.35
C ARG D 846 18.46 -28.25 -18.68
N PRO D 847 17.45 -27.39 -18.67
CA PRO D 847 16.85 -26.93 -19.92
C PRO D 847 17.85 -26.19 -20.78
N ILE D 848 17.58 -26.18 -22.08
CA ILE D 848 18.37 -25.44 -23.05
C ILE D 848 17.72 -24.11 -23.39
N VAL D 849 16.45 -24.14 -23.76
CA VAL D 849 15.68 -22.93 -24.01
C VAL D 849 14.91 -22.59 -22.74
N LYS D 850 15.23 -21.44 -22.15
CA LYS D 850 14.68 -21.05 -20.86
C LYS D 850 13.38 -20.28 -21.07
N ASN D 851 12.27 -20.87 -20.60
CA ASN D 851 10.93 -20.37 -20.86
C ASN D 851 10.47 -19.34 -19.85
N THR D 852 10.44 -19.68 -18.58
CA THR D 852 9.89 -18.81 -17.55
C THR D 852 10.95 -17.83 -17.06
N GLU D 853 10.53 -16.96 -16.14
CA GLU D 853 11.46 -15.98 -15.57
C GLU D 853 12.51 -16.64 -14.71
N GLY D 854 12.13 -17.69 -13.97
CA GLY D 854 13.08 -18.37 -13.12
C GLY D 854 14.11 -19.17 -13.90
N GLU D 855 13.74 -19.68 -15.07
CA GLU D 855 14.69 -20.46 -15.86
C GLU D 855 15.76 -19.57 -16.47
N GLU D 856 15.41 -18.35 -16.86
CA GLU D 856 16.41 -17.45 -17.42
C GLU D 856 17.45 -17.05 -16.40
N ALA D 857 17.24 -17.39 -15.13
CA ALA D 857 18.24 -17.15 -14.10
C ALA D 857 19.32 -18.20 -14.08
N MET D 858 19.20 -19.26 -14.89
CA MET D 858 20.19 -20.32 -14.95
C MET D 858 21.07 -20.22 -16.19
N PHE D 859 21.45 -19.00 -16.57
CA PHE D 859 22.08 -18.81 -17.87
C PHE D 859 23.53 -19.28 -17.88
N GLU D 860 24.07 -19.67 -16.73
CA GLU D 860 25.40 -20.24 -16.64
C GLU D 860 25.44 -21.25 -15.52
N SER D 861 26.07 -22.40 -15.75
CA SER D 861 25.96 -23.52 -14.84
C SER D 861 27.29 -24.26 -14.74
N CYS D 862 27.37 -25.14 -13.75
CA CYS D 862 28.56 -25.94 -13.55
C CYS D 862 28.56 -27.17 -14.45
N SER D 863 29.74 -27.74 -14.65
CA SER D 863 29.90 -28.97 -15.40
C SER D 863 31.22 -29.63 -15.04
N HIS D 864 31.14 -30.75 -14.34
CA HIS D 864 32.33 -31.51 -13.97
C HIS D 864 32.72 -32.40 -15.15
N ARG D 865 33.78 -32.01 -15.84
CA ARG D 865 34.52 -32.92 -16.71
C ARG D 865 33.83 -33.30 -18.02
N PHE D 866 32.55 -33.00 -18.19
CA PHE D 866 31.93 -33.18 -19.51
C PHE D 866 30.49 -32.71 -19.60
N VAL D 867 30.07 -32.37 -20.82
CA VAL D 867 28.70 -31.99 -21.15
C VAL D 867 28.31 -32.75 -22.41
N ARG D 868 27.10 -33.32 -22.40
CA ARG D 868 26.63 -34.15 -23.50
C ARG D 868 25.28 -33.66 -24.00
N ILE D 869 25.15 -33.53 -25.31
CA ILE D 869 23.89 -33.18 -25.95
C ILE D 869 23.50 -34.36 -26.83
N HIS D 870 22.37 -34.99 -26.51
CA HIS D 870 22.02 -36.24 -27.16
C HIS D 870 20.54 -36.27 -27.49
N ASP D 871 20.15 -37.35 -28.16
CA ASP D 871 18.76 -37.60 -28.52
C ASP D 871 18.50 -39.09 -28.36
N SER D 872 17.42 -39.56 -28.97
CA SER D 872 17.03 -40.97 -28.85
C SER D 872 18.12 -41.92 -29.32
N SER D 873 18.89 -41.57 -30.34
CA SER D 873 19.83 -42.52 -30.93
C SER D 873 21.20 -41.97 -31.22
N TYR D 874 21.53 -40.76 -30.79
CA TYR D 874 22.82 -40.17 -31.11
C TYR D 874 23.16 -39.12 -30.06
N GLY D 875 24.40 -38.66 -30.09
CA GLY D 875 24.83 -37.64 -29.15
C GLY D 875 26.25 -37.18 -29.36
N ILE D 876 26.53 -35.94 -28.96
CA ILE D 876 27.87 -35.37 -29.05
C ILE D 876 28.26 -34.87 -27.65
N GLY D 877 29.51 -35.10 -27.27
CA GLY D 877 29.97 -34.73 -25.96
C GLY D 877 31.27 -33.94 -26.01
N VAL D 878 31.50 -33.15 -24.97
CA VAL D 878 32.73 -32.37 -24.84
C VAL D 878 33.22 -32.51 -23.41
N ALA D 879 34.48 -32.90 -23.26
CA ALA D 879 35.10 -33.14 -21.96
C ALA D 879 36.23 -32.16 -21.78
N ASN D 880 36.42 -31.68 -20.55
CA ASN D 880 37.42 -30.66 -20.29
C ASN D 880 38.40 -31.09 -19.21
N GLY D 881 39.44 -30.29 -19.05
CA GLY D 881 40.46 -30.56 -18.07
C GLY D 881 40.31 -29.79 -16.78
N SER D 882 40.08 -28.48 -16.85
CA SER D 882 40.05 -27.69 -15.63
C SER D 882 39.06 -26.52 -15.64
N THR D 883 37.96 -26.58 -16.41
CA THR D 883 37.20 -25.36 -16.67
C THR D 883 36.11 -25.12 -15.63
N TYR D 884 35.21 -26.08 -15.42
CA TYR D 884 34.20 -26.05 -14.36
C TYR D 884 33.00 -25.18 -14.68
N GLY D 885 33.01 -24.50 -15.82
CA GLY D 885 31.94 -23.58 -16.14
C GLY D 885 31.53 -23.63 -17.59
N SER D 886 30.24 -23.36 -17.84
CA SER D 886 29.71 -23.41 -19.20
C SER D 886 28.32 -22.82 -19.25
N ASP D 887 27.74 -22.87 -20.45
CA ASP D 887 26.35 -22.47 -20.69
C ASP D 887 25.95 -22.97 -22.07
N VAL D 888 24.68 -23.30 -22.25
CA VAL D 888 24.18 -23.86 -23.49
C VAL D 888 23.03 -23.01 -24.01
N SER D 889 22.85 -23.03 -25.33
CA SER D 889 21.73 -22.34 -25.96
C SER D 889 21.55 -22.88 -27.38
N SER D 890 20.34 -22.73 -27.90
CA SER D 890 20.05 -23.26 -29.22
C SER D 890 20.63 -22.35 -30.30
N LEU D 891 20.82 -22.94 -31.48
CA LEU D 891 21.43 -22.25 -32.61
C LEU D 891 20.46 -22.26 -33.79
N ARG D 892 20.35 -21.13 -34.46
CA ARG D 892 19.39 -20.93 -35.53
C ARG D 892 20.14 -20.54 -36.79
N ASP D 893 19.82 -21.20 -37.90
CA ASP D 893 20.52 -21.01 -39.15
C ASP D 893 20.21 -19.63 -39.74
N ARG D 894 21.00 -19.23 -40.74
CA ARG D 894 20.85 -17.92 -41.34
C ARG D 894 19.56 -17.78 -42.14
N ASP D 895 18.99 -18.88 -42.63
CA ASP D 895 17.66 -18.87 -43.20
C ASP D 895 16.59 -19.09 -42.14
N ASP D 896 16.99 -19.10 -40.87
CA ASP D 896 16.06 -19.18 -39.73
C ASP D 896 15.38 -20.54 -39.65
N ALA D 897 16.16 -21.60 -39.83
CA ALA D 897 15.74 -22.94 -39.48
C ALA D 897 16.63 -23.44 -38.35
N LEU D 898 16.15 -24.44 -37.63
CA LEU D 898 16.93 -24.96 -36.52
C LEU D 898 18.23 -25.58 -37.02
N ALA D 899 19.32 -25.22 -36.37
CA ALA D 899 20.65 -25.70 -36.75
C ALA D 899 21.23 -26.70 -35.77
N GLY D 900 21.21 -26.41 -34.49
CA GLY D 900 21.78 -27.29 -33.50
C GLY D 900 21.79 -26.61 -32.15
N THR D 901 22.87 -26.84 -31.40
CA THR D 901 23.03 -26.32 -30.06
C THR D 901 24.44 -25.79 -29.89
N MET D 902 24.58 -24.65 -29.22
CA MET D 902 25.88 -24.06 -28.93
C MET D 902 26.25 -24.36 -27.49
N VAL D 903 27.45 -24.87 -27.29
CA VAL D 903 27.99 -25.14 -25.97
C VAL D 903 29.22 -24.25 -25.80
N ARG D 904 29.11 -23.26 -24.92
CA ARG D 904 30.22 -22.37 -24.60
C ARG D 904 30.70 -22.69 -23.20
N MET D 905 32.02 -22.76 -23.02
CA MET D 905 32.57 -23.01 -21.70
C MET D 905 33.58 -21.95 -21.34
N SER D 906 33.43 -21.38 -20.15
CA SER D 906 34.24 -20.25 -19.71
C SER D 906 35.63 -20.72 -19.34
N LEU D 907 36.64 -19.96 -19.78
CA LEU D 907 38.02 -20.34 -19.57
C LEU D 907 38.69 -19.51 -18.48
N VAL D 908 38.70 -18.19 -18.60
CA VAL D 908 39.40 -17.34 -17.65
C VAL D 908 38.76 -15.96 -17.60
N ALA D 909 38.57 -15.44 -16.39
CA ALA D 909 38.07 -14.11 -16.16
C ALA D 909 39.06 -13.35 -15.29
N ALA D 910 38.96 -12.03 -15.31
CA ALA D 910 39.84 -11.16 -14.53
C ALA D 910 39.02 -10.12 -13.80
N PRO D 911 38.58 -10.42 -12.58
CA PRO D 911 37.95 -9.39 -11.75
C PRO D 911 38.97 -8.38 -11.28
N THR D 912 38.53 -7.47 -10.40
CA THR D 912 39.43 -6.51 -9.80
C THR D 912 39.15 -6.20 -8.34
N ALA D 913 38.07 -6.72 -7.76
CA ALA D 913 37.62 -6.17 -6.49
C ALA D 913 38.51 -6.54 -5.30
N PRO D 914 38.62 -7.83 -4.88
CA PRO D 914 39.46 -8.10 -3.71
C PRO D 914 40.91 -8.28 -4.12
N ASP D 915 41.13 -8.63 -5.38
CA ASP D 915 42.46 -8.84 -5.92
C ASP D 915 42.67 -7.91 -7.11
N PRO D 916 43.54 -6.92 -6.99
CA PRO D 916 43.75 -6.00 -8.12
C PRO D 916 44.40 -6.63 -9.33
N ARG D 917 45.20 -7.69 -9.14
CA ARG D 917 46.01 -8.26 -10.21
C ARG D 917 45.72 -9.75 -10.36
N THR D 918 44.45 -10.10 -10.43
CA THR D 918 44.02 -11.49 -10.47
C THR D 918 44.07 -12.06 -11.88
N ASP D 919 44.65 -13.25 -11.98
CA ASP D 919 44.66 -14.01 -13.23
C ASP D 919 45.33 -13.24 -14.36
N ILE D 920 46.63 -13.01 -14.21
CA ILE D 920 47.42 -12.32 -15.22
C ILE D 920 48.52 -13.28 -15.67
N GLY D 921 48.36 -13.85 -16.86
CA GLY D 921 49.46 -14.47 -17.57
C GLY D 921 49.46 -15.98 -17.54
N HIS D 922 49.52 -16.55 -18.74
CA HIS D 922 49.92 -17.94 -18.98
C HIS D 922 49.02 -18.96 -18.29
N HIS D 923 47.82 -19.12 -18.81
CA HIS D 923 46.95 -20.22 -18.40
C HIS D 923 46.94 -21.29 -19.48
N GLU D 924 46.78 -22.56 -19.08
CA GLU D 924 46.63 -23.66 -20.02
C GLU D 924 45.22 -24.21 -19.95
N PHE D 925 44.75 -24.78 -21.07
CA PHE D 925 43.46 -25.43 -21.10
C PHE D 925 43.51 -26.62 -22.06
N ASP D 926 42.78 -27.68 -21.72
CA ASP D 926 42.68 -28.87 -22.56
C ASP D 926 41.23 -29.30 -22.61
N TRP D 927 40.78 -29.74 -23.78
CA TRP D 927 39.45 -30.33 -23.89
C TRP D 927 39.39 -31.20 -25.14
N THR D 928 38.28 -31.91 -25.28
CA THR D 928 38.12 -32.86 -26.37
C THR D 928 36.65 -33.03 -26.71
N VAL D 929 36.38 -33.33 -27.98
CA VAL D 929 35.02 -33.48 -28.49
C VAL D 929 34.88 -34.86 -29.08
N LEU D 930 33.76 -35.53 -28.76
CA LEU D 930 33.49 -36.89 -29.15
C LEU D 930 32.10 -37.03 -29.75
N PRO D 931 31.94 -37.90 -30.73
CA PRO D 931 30.61 -38.43 -31.04
C PRO D 931 30.32 -39.66 -30.19
N CYS D 932 29.24 -39.65 -29.42
CA CYS D 932 28.98 -40.75 -28.50
C CYS D 932 27.49 -41.05 -28.48
N ALA D 933 27.11 -42.25 -28.93
CA ALA D 933 25.72 -42.65 -28.83
C ALA D 933 25.31 -42.87 -27.38
N SER D 934 26.04 -43.72 -26.68
CA SER D 934 25.84 -43.94 -25.26
C SER D 934 26.76 -43.00 -24.48
N VAL D 935 26.74 -43.11 -23.15
CA VAL D 935 27.54 -42.24 -22.30
C VAL D 935 28.89 -42.86 -21.94
N ALA D 936 29.09 -44.16 -22.15
CA ALA D 936 30.33 -44.81 -21.74
C ALA D 936 31.56 -44.19 -22.38
N PRO D 937 31.65 -43.98 -23.70
CA PRO D 937 32.87 -43.38 -24.25
C PRO D 937 33.13 -41.98 -23.75
N LEU D 938 32.09 -41.22 -23.41
CA LEU D 938 32.31 -39.90 -22.83
C LEU D 938 32.96 -40.00 -21.46
N VAL D 939 32.51 -40.93 -20.61
CA VAL D 939 33.12 -41.11 -19.31
C VAL D 939 34.57 -41.56 -19.49
N ALA D 940 34.81 -42.46 -20.44
CA ALA D 940 36.17 -42.92 -20.67
C ALA D 940 37.08 -41.78 -21.11
N ALA D 941 36.58 -40.91 -21.99
CA ALA D 941 37.39 -39.79 -22.46
C ALA D 941 37.66 -38.79 -21.36
N ALA D 942 36.66 -38.51 -20.52
CA ALA D 942 36.88 -37.59 -19.40
C ALA D 942 37.91 -38.14 -18.44
N GLY D 943 37.76 -39.40 -18.03
CA GLY D 943 38.75 -40.01 -17.17
C GLY D 943 40.13 -40.02 -17.78
N GLU D 944 40.22 -40.20 -19.10
CA GLU D 944 41.52 -40.33 -19.74
C GLU D 944 42.18 -38.98 -19.94
N ILE D 945 41.38 -37.91 -20.03
CA ILE D 945 41.97 -36.59 -20.16
C ILE D 945 42.33 -35.99 -18.81
N ASN D 946 41.71 -36.44 -17.72
CA ASN D 946 42.00 -35.87 -16.42
C ASN D 946 43.09 -36.62 -15.65
N ALA D 947 43.61 -37.70 -16.19
CA ALA D 947 44.57 -38.51 -15.44
C ALA D 947 45.98 -37.94 -15.57
N PRO D 948 46.80 -38.02 -14.53
CA PRO D 948 48.17 -37.54 -14.64
C PRO D 948 49.06 -38.57 -15.32
N THR D 949 50.24 -38.12 -15.74
CA THR D 949 51.20 -38.98 -16.40
C THR D 949 52.32 -39.35 -15.45
N ILE D 950 52.90 -40.52 -15.65
CA ILE D 950 53.99 -41.03 -14.84
C ILE D 950 54.98 -41.73 -15.77
N GLU D 951 56.14 -42.09 -15.23
CA GLU D 951 57.25 -42.61 -16.02
C GLU D 951 57.68 -43.97 -15.52
N ASN D 952 58.06 -44.85 -16.46
CA ASN D 952 58.65 -46.15 -16.17
C ASN D 952 57.72 -47.01 -15.32
N MET D 953 56.50 -47.18 -15.80
CA MET D 953 55.46 -47.90 -15.06
C MET D 953 55.25 -49.28 -15.67
N PRO D 954 55.58 -50.35 -14.96
CA PRO D 954 55.33 -51.69 -15.50
C PRO D 954 53.84 -51.97 -15.65
N ASP D 955 53.48 -52.47 -16.82
CA ASP D 955 52.09 -52.71 -17.16
C ASP D 955 51.62 -54.07 -16.65
N ILE D 956 50.77 -54.05 -15.61
CA ILE D 956 50.23 -55.25 -15.01
C ILE D 956 48.73 -55.06 -14.82
N ALA D 957 48.01 -56.18 -14.94
CA ALA D 957 46.56 -56.14 -14.81
C ALA D 957 46.16 -55.65 -13.42
N ALA D 958 45.01 -55.00 -13.36
CA ALA D 958 44.54 -54.48 -12.09
C ALA D 958 44.15 -55.63 -11.17
N PRO D 959 44.28 -55.45 -9.85
CA PRO D 959 43.84 -56.51 -8.93
C PRO D 959 42.33 -56.70 -8.91
N ILE D 960 41.57 -55.61 -8.83
CA ILE D 960 40.12 -55.67 -8.78
C ILE D 960 39.59 -55.35 -10.18
N THR D 961 38.66 -56.17 -10.65
CA THR D 961 38.10 -55.99 -11.98
C THR D 961 36.66 -56.46 -11.97
N LEU D 962 35.81 -55.78 -12.74
CA LEU D 962 34.44 -56.21 -12.88
C LEU D 962 34.13 -56.43 -14.36
N GLU D 963 33.47 -57.56 -14.63
CA GLU D 963 33.07 -57.92 -15.98
C GLU D 963 31.62 -57.53 -16.18
N PRO D 964 31.32 -56.60 -17.08
CA PRO D 964 29.97 -56.06 -17.17
C PRO D 964 28.99 -57.01 -17.83
N ILE D 965 28.09 -57.59 -17.04
CA ILE D 965 27.02 -58.41 -17.62
C ILE D 965 25.96 -57.51 -18.24
N GLU D 966 25.67 -56.39 -17.59
CA GLU D 966 24.66 -55.46 -18.09
C GLU D 966 24.90 -54.10 -17.47
N GLY D 967 24.72 -53.05 -18.26
CA GLY D 967 24.89 -51.70 -17.77
C GLY D 967 26.34 -51.29 -17.70
N THR D 968 26.57 -50.14 -17.04
CA THR D 968 27.90 -49.53 -16.94
C THR D 968 28.22 -49.23 -15.49
N PRO D 969 28.77 -50.20 -14.76
CA PRO D 969 29.29 -49.91 -13.42
C PRO D 969 30.76 -49.53 -13.49
N VAL D 970 31.17 -48.57 -12.65
CA VAL D 970 32.51 -48.00 -12.71
C VAL D 970 33.11 -48.04 -11.32
N ILE D 971 34.30 -48.61 -11.21
CA ILE D 971 35.09 -48.59 -9.99
C ILE D 971 35.90 -47.31 -9.99
N ASP D 972 35.75 -46.52 -8.94
CA ASP D 972 36.29 -45.17 -8.93
C ASP D 972 37.58 -45.01 -8.15
N TRP D 973 37.66 -45.49 -6.92
CA TRP D 973 38.73 -45.08 -6.01
C TRP D 973 39.30 -46.26 -5.23
N ILE D 974 39.79 -47.28 -5.91
CA ILE D 974 40.56 -48.32 -5.22
C ILE D 974 41.61 -47.67 -4.33
N LYS D 975 41.63 -48.05 -3.06
CA LYS D 975 42.56 -47.46 -2.10
C LYS D 975 42.74 -48.42 -0.94
N LEU D 976 43.68 -48.07 -0.06
CA LEU D 976 43.99 -48.90 1.09
C LEU D 976 43.10 -48.52 2.26
N ALA D 977 43.01 -49.43 3.24
CA ALA D 977 42.18 -49.16 4.40
C ALA D 977 42.86 -48.16 5.31
N ASP D 978 42.06 -47.50 6.15
CA ASP D 978 42.62 -46.50 7.05
C ASP D 978 42.93 -47.09 8.41
N ASP D 979 42.51 -48.33 8.66
CA ASP D 979 42.76 -48.94 9.95
C ASP D 979 44.14 -49.57 10.05
N GLY D 980 44.95 -49.48 9.01
CA GLY D 980 46.26 -50.08 9.03
C GLY D 980 46.27 -51.59 9.04
N SER D 981 45.11 -52.22 8.95
CA SER D 981 45.02 -53.67 9.00
C SER D 981 45.48 -54.33 7.71
N GLY D 982 45.40 -53.65 6.57
CA GLY D 982 45.80 -54.22 5.31
C GLY D 982 44.67 -54.55 4.37
N ASP D 983 43.45 -54.12 4.66
CA ASP D 983 42.33 -54.41 3.77
C ASP D 983 42.37 -53.49 2.56
N ILE D 984 41.55 -53.82 1.57
CA ILE D 984 41.38 -53.00 0.37
C ILE D 984 39.97 -52.44 0.40
N VAL D 985 39.80 -51.20 -0.04
CA VAL D 985 38.49 -50.58 -0.11
C VAL D 985 38.30 -50.00 -1.50
N ALA D 986 37.25 -50.44 -2.18
CA ALA D 986 36.91 -49.94 -3.50
C ALA D 986 35.57 -49.22 -3.43
N ARG D 987 35.45 -48.12 -4.16
CA ARG D 987 34.23 -47.34 -4.16
C ARG D 987 33.68 -47.33 -5.57
N LEU D 988 32.62 -48.10 -5.81
CA LEU D 988 32.11 -48.27 -7.15
C LEU D 988 30.69 -47.77 -7.23
N TYR D 989 30.33 -47.25 -8.40
CA TYR D 989 29.02 -46.64 -8.60
C TYR D 989 28.54 -46.95 -10.01
N GLU D 990 27.42 -46.35 -10.37
CA GLU D 990 26.81 -46.55 -11.68
C GLU D 990 26.70 -45.20 -12.36
N ALA D 991 27.19 -45.12 -13.59
CA ALA D 991 27.35 -43.84 -14.27
C ALA D 991 26.66 -43.82 -15.61
N ALA D 992 25.47 -44.42 -15.71
CA ALA D 992 24.69 -44.33 -16.93
C ALA D 992 23.20 -44.07 -16.68
N GLY D 993 22.72 -44.22 -15.46
CA GLY D 993 21.31 -44.01 -15.20
C GLY D 993 20.45 -45.22 -15.45
N ALA D 994 21.03 -46.41 -15.54
CA ALA D 994 20.27 -47.63 -15.74
C ALA D 994 20.83 -48.70 -14.82
N LYS D 995 19.98 -49.65 -14.43
CA LYS D 995 20.42 -50.69 -13.53
C LYS D 995 21.55 -51.48 -14.17
N ALA D 996 22.52 -51.88 -13.34
CA ALA D 996 23.73 -52.53 -13.82
C ALA D 996 23.97 -53.81 -13.03
N LYS D 997 24.26 -54.88 -13.74
CA LYS D 997 24.60 -56.17 -13.14
C LYS D 997 26.02 -56.53 -13.56
N ALA D 998 26.85 -56.87 -12.57
CA ALA D 998 28.24 -57.21 -12.85
C ALA D 998 28.67 -58.28 -11.87
N MET D 999 29.89 -58.77 -12.05
CA MET D 999 30.49 -59.72 -11.12
C MET D 999 31.97 -59.43 -10.99
N LEU D 1000 32.54 -59.84 -9.88
CA LEU D 1000 33.90 -59.45 -9.50
C LEU D 1000 34.91 -60.51 -9.89
N HIS D 1001 35.99 -60.09 -10.52
CA HIS D 1001 37.13 -60.94 -10.80
C HIS D 1001 38.37 -60.33 -10.17
N VAL D 1002 39.17 -61.17 -9.53
CA VAL D 1002 40.35 -60.72 -8.82
C VAL D 1002 41.58 -61.42 -9.38
N GLY D 1003 42.69 -60.70 -9.35
CA GLY D 1003 43.95 -61.22 -9.84
C GLY D 1003 44.54 -62.25 -8.91
N GLY D 1004 45.57 -62.94 -9.41
CA GLY D 1004 46.20 -64.00 -8.66
C GLY D 1004 47.04 -63.56 -7.49
N THR D 1005 46.90 -62.31 -7.03
CA THR D 1005 47.65 -61.83 -5.88
C THR D 1005 46.83 -61.74 -4.61
N LEU D 1006 45.50 -61.80 -4.72
CA LEU D 1006 44.65 -61.74 -3.54
C LEU D 1006 43.51 -62.75 -3.62
N ASP D 1007 43.77 -63.91 -4.20
CA ASP D 1007 42.80 -64.99 -4.18
C ASP D 1007 42.61 -65.51 -2.76
N GLY D 1008 41.47 -66.13 -2.52
CA GLY D 1008 41.11 -66.56 -1.19
C GLY D 1008 40.61 -65.46 -0.28
N TRP D 1009 40.62 -64.22 -0.76
CA TRP D 1009 40.14 -63.09 0.03
C TRP D 1009 38.62 -63.05 0.03
N THR D 1010 38.07 -62.43 1.07
CA THR D 1010 36.64 -62.24 1.19
C THR D 1010 36.28 -60.83 0.75
N VAL D 1011 34.98 -60.60 0.56
CA VAL D 1011 34.47 -59.28 0.21
C VAL D 1011 33.23 -59.02 1.04
N ARG D 1012 32.96 -57.76 1.34
CA ARG D 1012 31.75 -57.42 2.07
C ARG D 1012 31.38 -55.97 1.83
N GLU D 1013 30.19 -55.62 2.30
CA GLU D 1013 29.61 -54.30 2.07
C GLU D 1013 29.75 -53.44 3.31
N THR D 1014 30.02 -52.17 3.11
CA THR D 1014 30.18 -51.22 4.20
C THR D 1014 29.38 -49.97 3.91
N ASN D 1015 29.59 -48.95 4.72
CA ASN D 1015 29.10 -47.62 4.40
C ASN D 1015 30.26 -46.82 3.84
N THR D 1016 30.06 -45.52 3.59
CA THR D 1016 31.13 -44.74 2.99
C THR D 1016 32.31 -44.53 3.93
N LEU D 1017 32.15 -44.79 5.23
CA LEU D 1017 33.22 -44.61 6.19
C LEU D 1017 33.94 -45.91 6.49
N GLU D 1018 33.69 -46.97 5.72
CA GLU D 1018 34.37 -48.25 5.86
C GLU D 1018 34.09 -48.87 7.23
N GLN D 1019 32.81 -48.94 7.58
CA GLN D 1019 32.34 -49.53 8.82
C GLN D 1019 31.12 -50.38 8.54
N ASP D 1020 30.95 -51.43 9.35
CA ASP D 1020 29.86 -52.39 9.17
C ASP D 1020 28.57 -51.81 9.74
N GLU D 1021 27.95 -50.93 8.96
CA GLU D 1021 26.70 -50.29 9.33
C GLU D 1021 25.75 -50.33 8.15
N SER D 1022 24.56 -50.86 8.37
CA SER D 1022 23.52 -50.95 7.35
C SER D 1022 22.39 -50.01 7.70
N TYR D 1023 21.68 -49.57 6.67
CA TYR D 1023 20.56 -48.67 6.87
C TYR D 1023 19.35 -49.18 6.11
N PRO D 1024 18.18 -49.27 6.75
CA PRO D 1024 17.06 -49.95 6.10
C PRO D 1024 16.52 -49.22 4.88
N ASP D 1025 16.70 -47.90 4.80
CA ASP D 1025 16.21 -47.13 3.68
C ASP D 1025 17.22 -46.96 2.56
N GLU D 1026 18.25 -47.81 2.51
CA GLU D 1026 19.28 -47.70 1.48
C GLU D 1026 19.53 -49.06 0.87
N PRO D 1027 19.43 -49.22 -0.45
CA PRO D 1027 19.79 -50.48 -1.08
C PRO D 1027 21.27 -50.77 -0.92
N ALA D 1028 21.64 -52.03 -1.13
CA ALA D 1028 23.02 -52.48 -1.01
C ALA D 1028 23.52 -52.97 -2.36
N GLY D 1029 24.84 -53.06 -2.50
CA GLY D 1029 25.40 -53.56 -3.74
C GLY D 1029 25.44 -55.07 -3.81
N LEU D 1030 26.12 -55.71 -2.86
CA LEU D 1030 26.28 -57.15 -2.89
C LEU D 1030 24.94 -57.86 -2.70
N ILE D 1031 24.88 -59.09 -3.17
CA ILE D 1031 23.76 -59.99 -2.94
C ILE D 1031 24.23 -61.05 -1.95
N GLY D 1032 23.73 -60.98 -0.73
CA GLY D 1032 24.21 -61.85 0.32
C GLY D 1032 24.92 -61.06 1.40
N GLY D 1033 25.92 -61.66 2.03
CA GLY D 1033 26.66 -60.97 3.06
C GLY D 1033 28.15 -60.91 2.78
N LYS D 1034 28.95 -61.46 3.68
CA LYS D 1034 30.38 -61.60 3.46
C LYS D 1034 30.65 -62.96 2.85
N GLN D 1035 31.21 -62.96 1.65
CA GLN D 1035 31.47 -64.21 0.92
C GLN D 1035 32.79 -64.08 0.19
N GLN D 1036 33.15 -65.13 -0.54
CA GLN D 1036 34.38 -65.13 -1.32
C GLN D 1036 34.34 -64.02 -2.37
N ALA D 1037 35.50 -63.41 -2.58
CA ALA D 1037 35.56 -62.29 -3.52
C ALA D 1037 35.47 -62.77 -4.96
N GLU D 1038 36.14 -63.86 -5.28
CA GLU D 1038 36.18 -64.33 -6.66
C GLU D 1038 34.82 -64.87 -7.08
N GLY D 1039 34.05 -64.04 -7.78
CA GLY D 1039 32.76 -64.48 -8.28
C GLY D 1039 31.57 -63.82 -7.65
N ALA D 1040 31.76 -62.90 -6.71
CA ALA D 1040 30.64 -62.22 -6.09
C ALA D 1040 29.98 -61.29 -7.08
N GLU D 1041 28.66 -61.27 -7.09
CA GLU D 1041 27.91 -60.49 -8.05
C GLU D 1041 27.39 -59.21 -7.42
N LEU D 1042 27.05 -58.25 -8.29
CA LEU D 1042 26.71 -56.89 -7.88
C LEU D 1042 25.53 -56.44 -8.72
N ALA D 1043 24.53 -55.86 -8.06
CA ALA D 1043 23.39 -55.24 -8.73
C ALA D 1043 23.31 -53.80 -8.23
N LEU D 1044 23.20 -52.86 -9.16
CA LEU D 1044 23.25 -51.44 -8.84
C LEU D 1044 22.07 -50.76 -9.50
N ASN D 1045 21.19 -50.20 -8.69
CA ASN D 1045 20.09 -49.41 -9.23
C ASN D 1045 20.61 -48.04 -9.64
N PRO D 1046 19.92 -47.32 -10.52
CA PRO D 1046 20.50 -46.12 -11.15
C PRO D 1046 21.11 -45.14 -10.14
N PHE D 1047 22.33 -44.70 -10.46
CA PHE D 1047 23.07 -43.71 -9.67
C PHE D 1047 23.26 -44.17 -8.22
N GLN D 1048 23.63 -45.43 -8.05
CA GLN D 1048 23.90 -45.97 -6.73
C GLN D 1048 25.39 -45.89 -6.43
N LEU D 1049 25.72 -45.67 -5.17
CA LEU D 1049 27.09 -45.55 -4.71
C LEU D 1049 27.34 -46.59 -3.64
N THR D 1050 28.14 -47.61 -3.93
CA THR D 1050 28.42 -48.64 -2.96
C THR D 1050 29.92 -48.74 -2.72
N THR D 1051 30.26 -49.35 -1.60
CA THR D 1051 31.64 -49.45 -1.14
C THR D 1051 31.93 -50.89 -0.75
N LEU D 1052 32.91 -51.49 -1.41
CA LEU D 1052 33.32 -52.86 -1.17
C LEU D 1052 34.56 -52.86 -0.31
N ARG D 1053 34.64 -53.82 0.61
CA ARG D 1053 35.80 -54.01 1.46
C ARG D 1053 36.29 -55.44 1.32
N LEU D 1054 37.57 -55.58 0.97
CA LEU D 1054 38.20 -56.88 0.78
C LEU D 1054 39.19 -57.13 1.90
N SER D 1055 39.05 -58.27 2.57
CA SER D 1055 39.90 -58.64 3.69
C SER D 1055 40.65 -59.92 3.37
N ARG D 1056 41.83 -60.05 3.97
CA ARG D 1056 42.63 -61.26 3.76
C ARG D 1056 41.90 -62.48 4.29
N ALA D 1057 41.18 -62.33 5.40
CA ALA D 1057 40.35 -63.40 5.93
C ALA D 1057 39.13 -62.82 6.61
ZN ZN E . -15.57 -19.08 -26.43
ZN ZN F . -33.22 6.71 12.52
ZN ZN G . 17.79 30.20 8.73
ZN ZN H . 31.00 -17.84 5.18
#